data_9Q0W
#
_entry.id   9Q0W
#
_cell.length_a   1.00
_cell.length_b   1.00
_cell.length_c   1.00
_cell.angle_alpha   90.00
_cell.angle_beta   90.00
_cell.angle_gamma   90.00
#
_symmetry.space_group_name_H-M   'P 1'
#
loop_
_entity.id
_entity.type
_entity.pdbx_description
1 polymer 'HIV-1 BG505 DS-SOSIP gp120'
2 polymer 'BG505 DS-SOSIP GP41'
3 polymer 'DFPH-a.01_10R59P_LC Fab heavy chain'
4 polymer 'DFPH-a.01_10R59P_LC Fab light chain'
5 branched 2-acetamido-2-deoxy-beta-D-glucopyranose-(1-4)-2-acetamido-2-deoxy-beta-D-glucopyranose
6 branched alpha-D-mannopyranose-(1-2)-alpha-D-mannopyranose-(1-3)-beta-D-mannopyranose-(1-4)-2-acetamido-2-deoxy-beta-D-glucopyranose-(1-4)-2-acetamido-2-deoxy-beta-D-glucopyranose
7 non-polymer 2-acetamido-2-deoxy-beta-D-glucopyranose
#
loop_
_entity_poly.entity_id
_entity_poly.type
_entity_poly.pdbx_seq_one_letter_code
_entity_poly.pdbx_strand_id
1 'polypeptide(L)'
;AENLWVTVYYGVPVWKDAETTLFCASDAKAYETEKHNVWATHACVPTDPNPQEIHLENVTEEFNMWKNNMVEQMHTDIIS
LWDQSLKPCVKLTPLCVTLQCTNVTNNITDDMRGELKNCSFNMTTELRDKKQKVYSLFYRLDVVQINENQGNRSNNSNKE
YRLINCNTSACTQACPKVSFEPIPIHYCAPAGFAILKCKDKKFNGTGPCPSVSTVQCTHGIKPVVSTQLLLNGSLAEEEV
MIRSENITNNAKNILVQFNTPVQINCTRPNNNTRKSIRIGPGQAFYATGDIIGDIRQAHCNVSKATWNETLGKVVKQLRK
HFGNNTIIRFANSSGGDLEVTTHSFNCGGEFFYCNTSGLFNSTWISNTSVQGSNSTGSNDSITLPCRIKQIINMWQRIGQ
CMYAPPIQGVIRCVSNITGLILTRDGGSTNSTTETFRPGGGDMRDNWRSELYKYKVVKIEPLGVAPTRCKRRVVGRRRRR
R
;
A,C,E
2 'polypeptide(L)'
;AVGIGAVFLGFLGAAGSTMGAASMTLTVQARNLLSGIVQQQSNLLRAPEAQQHLLKLTVWGIKQLQARVLAVERYLRDQQ
LLGIWGCSGKLICCTNVPWNSSWSNRNLSEIWDNMTWLQWDKEISNYTQIIYGLLEESQNQQEKNEQDLLALD
;
B,D,F
3 'polypeptide(L)'
;QVQLQVSGPGVVKASETLSLTCDVSSASNTRDYFYWSWVRQSPGKGLEWIGGVYSNSDTSNKNPSLESRVTISKDTSKNR
FFLRLNSVTAADTAVYYCSSRAKIYFAVGYDSGGRIDVWGPGVLVTVATASTKGPSVFPLAPSSRSTSESTAALGCLVKD
YFPEPVTVSWNSGSLTSGVHTFPAVLQSSGLYSLSSVVTVPSSSLGTQTYVCNVNHKPSNTKVDKRVEIKTCG
;
G,I,K
4 'polypeptide(L)'
;DIQMTQSPSRLSASVGDRVTVTCRASQDIDKDLSWFQQKPGKAPTLLIFTASSLQTGVPSRFSGSGSGTEFTLTISSLQP
EDFATYFCQQDYSFPLTFGGGTKVDLKRTVAAPSVFIFPPSEDQVKSGTVSVVCLLNNFYPREASVKWKVDGALKTGNSQ
ESVTEQDSKDNTYSLSSTLTLSSTEYQSHKVYACEVTHQGLSSPVTKSFNRGEC
;
H,J,L
#
loop_
_chem_comp.id
_chem_comp.type
_chem_comp.name
_chem_comp.formula
BMA D-saccharide, beta linking beta-D-mannopyranose 'C6 H12 O6'
MAN D-saccharide, alpha linking alpha-D-mannopyranose 'C6 H12 O6'
NAG D-saccharide, beta linking 2-acetamido-2-deoxy-beta-D-glucopyranose 'C8 H15 N O6'
#
# COMPACT_ATOMS: atom_id res chain seq x y z
N ALA A 1 -9.60 -31.15 39.10
CA ALA A 1 -10.19 -29.89 39.57
C ALA A 1 -9.15 -28.77 39.58
N GLU A 2 -8.20 -28.86 38.64
CA GLU A 2 -7.16 -27.82 38.57
C GLU A 2 -7.77 -26.47 38.19
N ASN A 3 -8.72 -26.46 37.27
CA ASN A 3 -9.37 -25.23 36.80
C ASN A 3 -8.34 -24.24 36.27
N LEU A 4 -7.45 -24.74 35.40
CA LEU A 4 -6.47 -23.92 34.71
C LEU A 4 -6.90 -23.78 33.25
N TRP A 5 -6.90 -22.54 32.76
CA TRP A 5 -7.45 -22.22 31.46
C TRP A 5 -6.48 -21.32 30.69
N VAL A 6 -6.58 -21.37 29.37
CA VAL A 6 -5.65 -20.66 28.51
C VAL A 6 -5.98 -19.17 28.52
N THR A 7 -4.93 -18.35 28.58
CA THR A 7 -5.03 -16.90 28.47
C THR A 7 -4.03 -16.43 27.44
N VAL A 8 -4.47 -15.52 26.57
CA VAL A 8 -3.69 -15.06 25.43
C VAL A 8 -3.09 -13.70 25.77
N TYR A 9 -1.77 -13.59 25.60
CA TYR A 9 -1.03 -12.36 25.85
C TYR A 9 -0.48 -11.86 24.53
N TYR A 10 -0.79 -10.61 24.18
CA TYR A 10 -0.27 -9.95 23.00
C TYR A 10 0.78 -8.93 23.42
N GLY A 11 1.92 -8.94 22.73
CA GLY A 11 3.05 -8.12 23.13
C GLY A 11 4.06 -8.84 24.00
N VAL A 12 4.04 -10.16 24.01
CA VAL A 12 4.96 -10.94 24.85
C VAL A 12 6.39 -10.71 24.36
N PRO A 13 7.38 -10.47 25.25
CA PRO A 13 8.76 -10.29 24.77
C PRO A 13 9.46 -11.61 24.46
N VAL A 14 9.17 -12.15 23.29
CA VAL A 14 9.76 -13.40 22.81
C VAL A 14 10.19 -13.19 21.36
N TRP A 15 11.35 -13.74 21.01
CA TRP A 15 11.90 -13.59 19.67
C TRP A 15 12.41 -14.93 19.18
N LYS A 16 12.52 -15.04 17.85
CA LYS A 16 13.00 -16.23 17.17
C LYS A 16 14.06 -15.83 16.15
N ASP A 17 14.87 -16.80 15.75
CA ASP A 17 15.87 -16.55 14.72
C ASP A 17 15.20 -16.39 13.37
N ALA A 18 15.57 -15.33 12.65
CA ALA A 18 14.95 -15.03 11.37
C ALA A 18 15.90 -14.16 10.54
N GLU A 19 15.63 -14.10 9.25
CA GLU A 19 16.38 -13.28 8.31
C GLU A 19 15.44 -12.28 7.66
N THR A 20 15.89 -11.03 7.56
CA THR A 20 15.08 -9.96 7.00
C THR A 20 15.96 -9.09 6.11
N THR A 21 15.41 -7.97 5.66
CA THR A 21 16.12 -7.01 4.80
C THR A 21 16.31 -5.71 5.60
N LEU A 22 17.49 -5.56 6.18
CA LEU A 22 17.82 -4.33 6.89
C LEU A 22 18.00 -3.17 5.91
N PHE A 23 17.67 -1.97 6.38
CA PHE A 23 17.82 -0.74 5.62
C PHE A 23 18.98 0.07 6.18
N CYS A 24 19.25 1.19 5.52
CA CYS A 24 20.45 1.98 5.75
C CYS A 24 20.28 2.93 6.93
N ALA A 25 21.42 3.39 7.44
CA ALA A 25 21.45 4.51 8.38
C ALA A 25 22.87 5.05 8.41
N SER A 26 23.03 6.34 8.10
CA SER A 26 24.36 6.93 7.95
C SER A 26 24.31 8.38 8.41
N ASP A 27 25.50 8.91 8.69
CA ASP A 27 25.63 10.30 9.14
C ASP A 27 25.75 11.24 7.95
N HIS A 36 31.44 13.48 -4.37
CA HIS A 36 30.72 12.22 -4.52
C HIS A 36 31.53 11.07 -3.92
N ASN A 37 30.83 9.97 -3.62
CA ASN A 37 31.45 8.79 -3.05
C ASN A 37 30.92 7.54 -3.74
N VAL A 38 31.75 6.51 -3.79
CA VAL A 38 31.31 5.23 -4.34
C VAL A 38 30.20 4.66 -3.46
N TRP A 39 30.30 4.83 -2.15
CA TRP A 39 29.31 4.35 -1.20
C TRP A 39 28.24 5.43 -1.08
N ALA A 40 27.23 5.34 -1.95
CA ALA A 40 26.21 6.38 -2.01
C ALA A 40 25.40 6.40 -0.72
N THR A 41 25.22 7.61 -0.17
CA THR A 41 24.41 7.82 1.03
C THR A 41 23.16 8.64 0.76
N HIS A 42 22.99 9.18 -0.46
CA HIS A 42 21.77 9.90 -0.78
C HIS A 42 20.55 8.99 -0.73
N ALA A 43 20.72 7.71 -1.09
CA ALA A 43 19.66 6.72 -0.99
C ALA A 43 19.67 5.98 0.35
N CYS A 44 20.19 6.61 1.40
CA CYS A 44 20.31 6.01 2.71
C CYS A 44 19.60 6.87 3.74
N VAL A 45 18.95 6.23 4.70
CA VAL A 45 18.26 6.93 5.78
C VAL A 45 19.31 7.63 6.63
N PRO A 46 19.02 8.75 7.29
CA PRO A 46 19.99 9.31 8.22
C PRO A 46 19.92 8.66 9.60
N THR A 47 21.07 8.63 10.27
CA THR A 47 21.16 8.03 11.60
C THR A 47 20.63 8.99 12.66
N ASP A 48 20.03 8.42 13.70
CA ASP A 48 19.57 9.22 14.81
C ASP A 48 20.76 9.71 15.64
N PRO A 49 20.68 10.90 16.23
CA PRO A 49 21.83 11.41 16.99
C PRO A 49 22.19 10.56 18.20
N ASN A 50 21.20 9.97 18.87
CA ASN A 50 21.41 9.22 20.11
C ASN A 50 20.71 7.88 20.00
N PRO A 51 21.32 6.88 19.35
CA PRO A 51 20.70 5.56 19.27
C PRO A 51 20.52 4.96 20.66
N GLN A 52 19.42 4.22 20.84
CA GLN A 52 19.06 3.64 22.12
C GLN A 52 19.52 2.18 22.16
N GLU A 53 20.24 1.83 23.22
CA GLU A 53 20.74 0.47 23.45
C GLU A 53 20.24 0.02 24.81
N ILE A 54 19.31 -0.93 24.82
CA ILE A 54 18.70 -1.43 26.04
C ILE A 54 19.36 -2.76 26.40
N HIS A 55 20.05 -2.81 27.53
CA HIS A 55 20.74 -4.01 27.96
C HIS A 55 19.73 -5.01 28.53
N LEU A 56 19.67 -6.21 27.95
CA LEU A 56 18.74 -7.23 28.38
C LEU A 56 19.41 -8.08 29.45
N GLU A 57 18.90 -8.01 30.68
CA GLU A 57 19.46 -8.74 31.80
C GLU A 57 18.76 -10.09 31.94
N ASN A 58 19.45 -11.03 32.60
CA ASN A 58 18.91 -12.36 32.87
C ASN A 58 18.51 -13.09 31.59
N VAL A 59 19.32 -12.95 30.55
CA VAL A 59 19.07 -13.62 29.28
C VAL A 59 20.39 -14.04 28.66
N THR A 60 20.43 -15.25 28.13
CA THR A 60 21.57 -15.79 27.40
C THR A 60 21.11 -16.11 25.98
N GLU A 61 21.81 -15.57 24.98
CA GLU A 61 21.41 -15.68 23.59
C GLU A 61 22.47 -16.45 22.81
N GLU A 62 22.03 -17.39 21.99
CA GLU A 62 22.95 -18.21 21.20
C GLU A 62 23.32 -17.46 19.93
N PHE A 63 24.61 -17.14 19.79
CA PHE A 63 25.14 -16.44 18.63
C PHE A 63 25.95 -17.39 17.77
N ASN A 64 25.88 -17.17 16.45
CA ASN A 64 26.62 -17.96 15.47
C ASN A 64 27.07 -17.00 14.37
N MET A 65 28.36 -16.65 14.38
CA MET A 65 28.88 -15.69 13.42
C MET A 65 28.78 -16.21 11.99
N TRP A 66 29.11 -17.48 11.78
CA TRP A 66 29.34 -17.98 10.44
C TRP A 66 28.06 -18.28 9.67
N LYS A 67 26.91 -18.34 10.35
CA LYS A 67 25.61 -18.55 9.71
C LYS A 67 24.75 -17.30 9.84
N ASN A 68 25.37 -16.13 9.71
CA ASN A 68 24.70 -14.84 9.85
C ASN A 68 24.32 -14.31 8.48
N ASN A 69 23.03 -14.05 8.27
CA ASN A 69 22.57 -13.47 7.02
C ASN A 69 22.96 -12.01 6.87
N MET A 70 23.38 -11.35 7.96
CA MET A 70 23.79 -9.95 7.88
C MET A 70 25.01 -9.81 6.98
N VAL A 71 25.94 -10.76 7.05
CA VAL A 71 27.12 -10.71 6.19
C VAL A 71 26.73 -10.79 4.73
N GLU A 72 25.81 -11.71 4.40
CA GLU A 72 25.36 -11.84 3.02
C GLU A 72 24.67 -10.57 2.55
N GLN A 73 23.82 -9.99 3.41
CA GLN A 73 23.15 -8.75 3.04
C GLN A 73 24.17 -7.64 2.79
N MET A 74 25.18 -7.55 3.66
CA MET A 74 26.20 -6.51 3.49
C MET A 74 26.97 -6.71 2.18
N HIS A 75 27.32 -7.96 1.87
CA HIS A 75 28.04 -8.22 0.63
C HIS A 75 27.22 -7.84 -0.58
N THR A 76 25.94 -8.24 -0.59
CA THR A 76 25.07 -7.93 -1.72
C THR A 76 24.87 -6.42 -1.86
N ASP A 77 24.66 -5.72 -0.75
CA ASP A 77 24.45 -4.28 -0.80
C ASP A 77 25.71 -3.56 -1.26
N ILE A 78 26.89 -4.01 -0.82
CA ILE A 78 28.14 -3.40 -1.24
C ILE A 78 28.34 -3.59 -2.74
N ILE A 79 28.05 -4.80 -3.25
CA ILE A 79 28.18 -5.04 -4.69
C ILE A 79 27.21 -4.15 -5.45
N SER A 80 25.97 -4.01 -4.96
CA SER A 80 24.99 -3.18 -5.64
C SER A 80 25.43 -1.71 -5.65
N LEU A 81 25.98 -1.22 -4.54
CA LEU A 81 26.47 0.15 -4.49
C LEU A 81 27.65 0.34 -5.44
N TRP A 82 28.55 -0.64 -5.52
CA TRP A 82 29.66 -0.53 -6.45
C TRP A 82 29.16 -0.45 -7.88
N ASP A 83 28.21 -1.30 -8.25
CA ASP A 83 27.65 -1.27 -9.59
C ASP A 83 26.95 0.05 -9.88
N GLN A 84 26.15 0.54 -8.92
CA GLN A 84 25.41 1.78 -9.15
C GLN A 84 26.36 2.97 -9.30
N SER A 85 27.41 3.02 -8.47
CA SER A 85 28.39 4.09 -8.59
C SER A 85 29.13 4.00 -9.92
N LEU A 86 29.42 2.79 -10.38
CA LEU A 86 30.12 2.62 -11.65
C LEU A 86 29.22 2.90 -12.86
N LYS A 87 27.90 2.84 -12.68
CA LYS A 87 27.00 2.92 -13.83
C LYS A 87 27.11 4.23 -14.60
N PRO A 88 26.98 5.40 -13.98
CA PRO A 88 26.97 6.66 -14.77
C PRO A 88 28.38 7.16 -15.09
N CYS A 89 29.14 6.34 -15.80
CA CYS A 89 30.51 6.67 -16.20
C CYS A 89 30.75 6.16 -17.62
N VAL A 90 31.95 6.40 -18.12
CA VAL A 90 32.30 6.10 -19.50
C VAL A 90 32.63 4.62 -19.62
N LYS A 91 32.15 4.00 -20.69
CA LYS A 91 32.47 2.61 -21.02
C LYS A 91 33.64 2.60 -21.99
N LEU A 92 34.72 1.91 -21.60
CA LEU A 92 35.95 1.91 -22.38
C LEU A 92 35.94 0.78 -23.42
N THR A 93 35.02 0.91 -24.37
CA THR A 93 34.97 0.00 -25.51
C THR A 93 36.00 0.38 -26.57
N PRO A 94 36.19 1.67 -26.90
CA PRO A 94 37.25 2.00 -27.88
C PRO A 94 38.65 1.64 -27.42
N LEU A 95 38.87 1.45 -26.12
CA LEU A 95 40.21 1.18 -25.62
C LEU A 95 40.80 -0.11 -26.21
N CYS A 96 39.94 -1.06 -26.60
CA CYS A 96 40.41 -2.35 -27.10
C CYS A 96 40.90 -2.17 -28.53
N VAL A 97 42.16 -1.74 -28.65
CA VAL A 97 42.83 -1.58 -29.93
C VAL A 97 44.26 -2.07 -29.79
N THR A 98 44.88 -2.37 -30.93
CA THR A 98 46.27 -2.80 -30.92
C THR A 98 47.17 -1.66 -30.43
N LEU A 99 48.10 -2.01 -29.54
CA LEU A 99 48.97 -1.04 -28.88
C LEU A 99 50.41 -1.33 -29.26
N GLN A 100 51.13 -0.29 -29.68
CA GLN A 100 52.56 -0.37 -29.97
C GLN A 100 53.31 0.09 -28.72
N CYS A 101 53.91 -0.86 -28.00
CA CYS A 101 54.45 -0.61 -26.68
C CYS A 101 55.98 -0.72 -26.67
N THR A 102 56.61 0.22 -25.97
CA THR A 102 58.04 0.22 -25.71
C THR A 102 58.27 0.27 -24.20
N ASN A 103 59.51 0.02 -23.80
CA ASN A 103 59.86 0.02 -22.39
C ASN A 103 60.13 1.43 -21.89
N VAL A 104 59.57 1.75 -20.73
CA VAL A 104 59.90 3.00 -20.04
C VAL A 104 61.19 2.77 -19.26
N THR A 105 62.22 3.57 -19.56
CA THR A 105 63.55 3.30 -19.03
C THR A 105 64.28 4.57 -18.58
N ASN A 106 63.56 5.67 -18.33
CA ASN A 106 64.18 6.91 -17.85
C ASN A 106 64.11 6.98 -16.32
N ASN A 107 65.29 7.15 -15.70
CA ASN A 107 65.42 7.36 -14.26
C ASN A 107 64.67 6.27 -13.47
N ILE A 108 64.75 5.04 -13.96
CA ILE A 108 64.07 3.91 -13.33
C ILE A 108 65.04 3.16 -12.44
N THR A 109 64.49 2.44 -11.48
CA THR A 109 65.24 1.56 -10.60
C THR A 109 65.20 0.13 -11.11
N ASP A 110 66.11 -0.70 -10.59
CA ASP A 110 66.17 -2.10 -11.02
C ASP A 110 64.91 -2.86 -10.63
N ASP A 111 64.33 -2.54 -9.47
CA ASP A 111 63.15 -3.27 -9.02
C ASP A 111 61.95 -3.05 -9.96
N MET A 112 61.79 -1.83 -10.45
CA MET A 112 60.65 -1.46 -11.29
C MET A 112 60.93 -1.68 -12.78
N ARG A 113 62.02 -2.35 -13.13
CA ARG A 113 62.36 -2.55 -14.53
C ARG A 113 61.30 -3.40 -15.21
N GLY A 114 60.79 -2.91 -16.34
CA GLY A 114 59.82 -3.64 -17.12
C GLY A 114 58.40 -3.60 -16.62
N GLU A 115 58.12 -2.87 -15.54
CA GLU A 115 56.79 -2.81 -14.97
C GLU A 115 55.89 -1.76 -15.63
N LEU A 116 56.45 -0.89 -16.46
CA LEU A 116 55.70 0.15 -17.16
C LEU A 116 55.98 0.07 -18.65
N LYS A 117 54.94 0.29 -19.46
CA LYS A 117 55.04 0.24 -20.91
C LYS A 117 54.46 1.51 -21.48
N ASN A 118 55.26 2.19 -22.31
CA ASN A 118 54.81 3.37 -23.05
C ASN A 118 54.18 2.88 -24.34
N CYS A 119 52.85 2.93 -24.41
CA CYS A 119 52.09 2.34 -25.51
C CYS A 119 51.39 3.44 -26.30
N SER A 120 51.65 3.47 -27.60
CA SER A 120 50.99 4.39 -28.52
C SER A 120 49.93 3.63 -29.32
N PHE A 121 48.82 4.30 -29.59
CA PHE A 121 47.72 3.67 -30.30
C PHE A 121 46.85 4.75 -30.95
N ASN A 122 46.15 4.35 -32.01
CA ASN A 122 45.12 5.17 -32.60
C ASN A 122 43.87 5.16 -31.73
N MET A 123 43.06 6.21 -31.86
CA MET A 123 41.86 6.34 -31.05
C MET A 123 40.85 7.21 -31.78
N THR A 124 39.58 6.97 -31.47
CA THR A 124 38.51 7.79 -32.03
C THR A 124 38.46 9.15 -31.34
N THR A 125 37.96 10.14 -32.07
CA THR A 125 37.78 11.50 -31.59
C THR A 125 36.29 11.80 -31.45
N GLU A 126 35.99 13.03 -31.03
CA GLU A 126 34.59 13.44 -30.90
C GLU A 126 33.86 13.33 -32.23
N LEU A 127 34.56 13.54 -33.34
CA LEU A 127 34.00 13.35 -34.67
C LEU A 127 34.19 11.90 -35.10
N ARG A 128 33.14 11.30 -35.66
CA ARG A 128 33.21 9.89 -36.03
C ARG A 128 34.23 9.64 -37.13
N ASP A 129 34.44 10.62 -38.02
CA ASP A 129 35.27 10.45 -39.20
C ASP A 129 36.69 10.99 -39.00
N LYS A 130 37.18 10.99 -37.76
CA LYS A 130 38.54 11.45 -37.47
C LYS A 130 39.18 10.52 -36.45
N LYS A 131 40.51 10.43 -36.50
CA LYS A 131 41.29 9.60 -35.60
C LYS A 131 42.47 10.40 -35.07
N GLN A 132 42.95 10.02 -33.88
CA GLN A 132 44.06 10.67 -33.23
C GLN A 132 45.03 9.63 -32.70
N LYS A 133 46.33 9.86 -32.90
CA LYS A 133 47.37 9.00 -32.36
C LYS A 133 47.78 9.51 -30.99
N VAL A 134 47.51 8.70 -29.95
CA VAL A 134 47.79 9.09 -28.58
C VAL A 134 48.70 8.02 -27.95
N TYR A 135 49.17 8.30 -26.74
CA TYR A 135 50.03 7.37 -26.02
C TYR A 135 49.68 7.43 -24.53
N SER A 136 50.01 6.34 -23.84
CA SER A 136 49.72 6.22 -22.42
C SER A 136 50.71 5.24 -21.79
N LEU A 137 50.90 5.37 -20.48
CA LEU A 137 51.75 4.47 -19.71
C LEU A 137 50.87 3.44 -19.02
N PHE A 138 51.06 2.17 -19.36
CA PHE A 138 50.28 1.06 -18.83
C PHE A 138 51.17 0.15 -18.00
N TYR A 139 50.64 -0.30 -16.86
CA TYR A 139 51.38 -1.23 -16.02
C TYR A 139 51.47 -2.59 -16.70
N ARG A 140 52.55 -3.33 -16.38
CA ARG A 140 52.79 -4.61 -17.03
C ARG A 140 51.67 -5.60 -16.78
N LEU A 141 51.03 -5.52 -15.62
CA LEU A 141 49.92 -6.42 -15.30
C LEU A 141 48.66 -6.11 -16.09
N ASP A 142 48.60 -4.96 -16.77
CA ASP A 142 47.39 -4.56 -17.50
C ASP A 142 47.42 -4.95 -18.96
N VAL A 143 48.60 -5.04 -19.57
CA VAL A 143 48.73 -5.31 -21.01
C VAL A 143 49.34 -6.70 -21.19
N VAL A 144 48.96 -7.33 -22.29
CA VAL A 144 49.43 -8.67 -22.65
C VAL A 144 49.80 -8.66 -24.13
N GLN A 145 50.91 -9.31 -24.46
CA GLN A 145 51.38 -9.35 -25.83
C GLN A 145 50.44 -10.17 -26.70
N ILE A 146 50.30 -9.76 -27.96
CA ILE A 146 49.48 -10.48 -28.93
C ILE A 146 50.31 -11.64 -29.47
N LYS A 159 55.94 -6.43 -29.83
CA LYS A 159 55.67 -5.01 -29.67
C LYS A 159 54.16 -4.72 -29.69
N GLU A 160 53.38 -5.65 -30.24
CA GLU A 160 51.93 -5.51 -30.29
C GLU A 160 51.33 -6.07 -29.01
N TYR A 161 50.58 -5.23 -28.30
CA TYR A 161 49.98 -5.58 -27.01
C TYR A 161 48.50 -5.20 -27.03
N ARG A 162 47.77 -5.74 -26.06
CA ARG A 162 46.36 -5.40 -25.89
C ARG A 162 46.01 -5.48 -24.42
N LEU A 163 44.93 -4.80 -24.04
CA LEU A 163 44.48 -4.85 -22.66
C LEU A 163 44.04 -6.26 -22.30
N ILE A 164 44.28 -6.64 -21.04
CA ILE A 164 44.02 -8.02 -20.61
C ILE A 164 42.54 -8.35 -20.68
N ASN A 165 41.66 -7.37 -20.42
CA ASN A 165 40.23 -7.62 -20.35
C ASN A 165 39.56 -7.69 -21.71
N CYS A 166 40.28 -7.43 -22.80
CA CYS A 166 39.63 -7.35 -24.11
C CYS A 166 39.00 -8.67 -24.51
N ASN A 167 39.67 -9.78 -24.25
CA ASN A 167 39.14 -11.09 -24.61
C ASN A 167 38.18 -11.65 -23.56
N THR A 168 37.81 -10.85 -22.55
CA THR A 168 36.83 -11.25 -21.55
C THR A 168 35.57 -10.40 -21.63
N SER A 169 35.69 -9.08 -21.52
CA SER A 169 34.54 -8.19 -21.56
C SER A 169 35.04 -6.76 -21.60
N ALA A 170 34.10 -5.83 -21.82
CA ALA A 170 34.43 -4.42 -21.81
C ALA A 170 34.57 -3.91 -20.37
N CYS A 171 35.21 -2.75 -20.24
CA CYS A 171 35.49 -2.13 -18.95
C CYS A 171 34.78 -0.79 -18.84
N THR A 172 34.33 -0.48 -17.63
CA THR A 172 33.70 0.80 -17.32
C THR A 172 34.67 1.61 -16.48
N GLN A 173 35.07 2.77 -17.00
CA GLN A 173 35.99 3.64 -16.28
C GLN A 173 35.31 4.27 -15.07
N ALA A 174 36.09 4.49 -14.02
CA ALA A 174 35.56 5.14 -12.83
C ALA A 174 35.46 6.65 -13.06
N CYS A 175 34.36 7.23 -12.61
CA CYS A 175 34.21 8.68 -12.70
C CYS A 175 35.20 9.35 -11.76
N PRO A 176 35.99 10.33 -12.22
CA PRO A 176 37.01 10.91 -11.34
C PRO A 176 36.46 11.60 -10.10
N LYS A 177 35.19 12.02 -10.13
CA LYS A 177 34.64 12.79 -9.01
C LYS A 177 34.39 11.90 -7.79
N VAL A 178 33.93 10.65 -8.02
CA VAL A 178 33.61 9.78 -6.91
C VAL A 178 34.91 9.32 -6.23
N SER A 179 34.80 9.04 -4.93
CA SER A 179 35.94 8.61 -4.11
C SER A 179 35.69 7.21 -3.58
N PHE A 180 36.79 6.49 -3.36
CA PHE A 180 36.76 5.13 -2.84
C PHE A 180 36.93 5.06 -1.33
N GLU A 181 36.89 6.20 -0.65
CA GLU A 181 37.10 6.19 0.80
C GLU A 181 35.95 5.46 1.48
N PRO A 182 36.22 4.49 2.35
CA PRO A 182 35.11 3.87 3.11
C PRO A 182 34.39 4.90 3.98
N ILE A 183 33.08 4.74 4.08
CA ILE A 183 32.23 5.58 4.92
C ILE A 183 31.48 4.64 5.87
N PRO A 184 31.43 4.92 7.17
CA PRO A 184 30.68 4.02 8.06
C PRO A 184 29.21 3.95 7.69
N ILE A 185 28.64 2.76 7.80
CA ILE A 185 27.24 2.52 7.48
C ILE A 185 26.65 1.60 8.55
N HIS A 186 25.45 1.94 9.02
CA HIS A 186 24.71 1.15 9.98
C HIS A 186 23.54 0.48 9.29
N TYR A 187 23.30 -0.80 9.64
CA TYR A 187 22.21 -1.59 9.08
C TYR A 187 21.15 -1.76 10.16
N CYS A 188 19.95 -1.24 9.92
CA CYS A 188 18.87 -1.28 10.89
C CYS A 188 17.68 -2.05 10.32
N ALA A 189 17.17 -3.00 11.11
CA ALA A 189 16.11 -3.86 10.65
C ALA A 189 14.77 -3.11 10.61
N PRO A 190 13.78 -3.61 9.86
CA PRO A 190 12.48 -2.92 9.82
C PRO A 190 11.67 -3.13 11.09
N ALA A 191 10.44 -2.63 11.11
CA ALA A 191 9.57 -2.84 12.25
C ALA A 191 9.24 -4.32 12.42
N GLY A 192 9.08 -4.74 13.67
CA GLY A 192 8.85 -6.12 14.00
C GLY A 192 10.10 -6.97 14.14
N PHE A 193 11.28 -6.39 13.92
CA PHE A 193 12.54 -7.09 14.05
C PHE A 193 13.44 -6.33 15.02
N ALA A 194 14.36 -7.05 15.64
CA ALA A 194 15.29 -6.49 16.61
C ALA A 194 16.70 -6.94 16.29
N ILE A 195 17.67 -6.10 16.66
CA ILE A 195 19.09 -6.38 16.50
C ILE A 195 19.67 -6.62 17.89
N LEU A 196 20.17 -7.83 18.10
CA LEU A 196 20.76 -8.23 19.37
C LEU A 196 22.28 -8.18 19.26
N LYS A 197 22.91 -7.48 20.21
CA LYS A 197 24.34 -7.31 20.29
C LYS A 197 24.86 -8.04 21.52
N CYS A 198 25.97 -8.77 21.34
CA CYS A 198 26.60 -9.49 22.44
C CYS A 198 27.71 -8.63 23.02
N LYS A 199 27.49 -8.11 24.23
CA LYS A 199 28.47 -7.25 24.89
C LYS A 199 29.54 -8.02 25.64
N ASP A 200 29.44 -9.35 25.73
CA ASP A 200 30.39 -10.12 26.51
C ASP A 200 31.72 -10.20 25.77
N LYS A 201 32.79 -9.84 26.46
CA LYS A 201 34.13 -9.90 25.89
C LYS A 201 34.66 -11.33 25.94
N LYS A 202 35.82 -11.54 25.31
CA LYS A 202 36.43 -12.86 25.20
C LYS A 202 35.52 -13.84 24.46
N PHE A 203 34.66 -13.31 23.58
CA PHE A 203 33.68 -14.11 22.87
C PHE A 203 34.22 -14.48 21.50
N ASN A 204 34.14 -15.77 21.15
CA ASN A 204 34.69 -16.28 19.89
C ASN A 204 33.62 -16.48 18.83
N GLY A 205 32.44 -15.90 19.01
CA GLY A 205 31.46 -15.79 17.95
C GLY A 205 30.55 -16.98 17.75
N THR A 206 30.70 -18.04 18.55
CA THR A 206 29.88 -19.24 18.42
C THR A 206 29.59 -19.77 19.82
N GLY A 207 28.34 -19.66 20.25
CA GLY A 207 27.92 -20.19 21.53
C GLY A 207 26.99 -19.25 22.27
N PRO A 208 26.78 -19.51 23.58
CA PRO A 208 25.87 -18.66 24.36
C PRO A 208 26.55 -17.41 24.92
N CYS A 209 26.01 -16.25 24.58
CA CYS A 209 26.45 -14.98 25.12
C CYS A 209 25.55 -14.60 26.30
N PRO A 210 26.07 -14.42 27.53
CA PRO A 210 25.18 -14.07 28.64
C PRO A 210 24.86 -12.58 28.73
N SER A 211 25.80 -11.74 28.28
CA SER A 211 25.63 -10.29 28.31
C SER A 211 25.13 -9.84 26.94
N VAL A 212 23.84 -9.52 26.87
CA VAL A 212 23.18 -9.21 25.60
C VAL A 212 22.44 -7.87 25.73
N SER A 213 22.27 -7.21 24.59
CA SER A 213 21.50 -5.97 24.53
C SER A 213 20.75 -5.95 23.21
N THR A 214 19.71 -5.12 23.17
CA THR A 214 18.99 -4.83 21.93
C THR A 214 19.31 -3.40 21.53
N VAL A 215 19.78 -3.23 20.30
CA VAL A 215 20.25 -1.95 19.80
C VAL A 215 19.27 -1.44 18.75
N GLN A 216 19.23 -0.12 18.59
CA GLN A 216 18.51 0.45 17.46
C GLN A 216 19.09 -0.08 16.15
N CYS A 217 20.42 -0.09 16.05
CA CYS A 217 21.13 -0.85 15.02
C CYS A 217 22.63 -0.73 15.28
N THR A 218 23.40 -1.39 14.43
CA THR A 218 24.83 -1.58 14.67
C THR A 218 25.58 -0.26 14.62
N HIS A 219 26.87 -0.34 14.95
CA HIS A 219 27.75 0.81 14.91
C HIS A 219 28.19 1.08 13.47
N GLY A 220 29.07 2.07 13.30
CA GLY A 220 29.55 2.42 11.98
C GLY A 220 30.58 1.44 11.46
N ILE A 221 30.19 0.66 10.45
CA ILE A 221 31.07 -0.35 9.86
C ILE A 221 31.57 0.20 8.52
N LYS A 222 32.87 0.43 8.42
CA LYS A 222 33.46 0.94 7.19
C LYS A 222 33.69 -0.22 6.22
N PRO A 223 33.13 -0.18 5.00
CA PRO A 223 33.37 -1.32 4.08
C PRO A 223 34.76 -1.30 3.46
N VAL A 224 35.74 -1.71 4.26
CA VAL A 224 37.13 -1.72 3.82
C VAL A 224 37.37 -2.98 3.00
N VAL A 225 37.87 -2.81 1.77
CA VAL A 225 38.17 -3.91 0.87
C VAL A 225 39.67 -4.18 0.98
N SER A 226 40.03 -5.31 1.59
CA SER A 226 41.43 -5.67 1.77
C SER A 226 41.53 -7.19 1.84
N THR A 227 42.74 -7.69 1.57
CA THR A 227 43.02 -9.12 1.54
C THR A 227 44.28 -9.40 2.35
N GLN A 228 44.20 -10.45 3.18
CA GLN A 228 45.30 -10.91 4.04
C GLN A 228 45.57 -9.98 5.23
N LEU A 229 44.88 -8.84 5.30
CA LEU A 229 45.13 -7.87 6.36
C LEU A 229 43.89 -7.01 6.49
N LEU A 230 43.19 -7.12 7.62
CA LEU A 230 42.02 -6.31 7.88
C LEU A 230 42.47 -4.90 8.28
N LEU A 231 42.04 -3.90 7.52
CA LEU A 231 42.49 -2.53 7.69
C LEU A 231 41.35 -1.65 8.18
N ASN A 232 41.68 -0.74 9.11
CA ASN A 232 40.71 0.22 9.63
C ASN A 232 39.50 -0.48 10.23
N GLY A 233 39.73 -1.61 10.90
CA GLY A 233 38.68 -2.37 11.54
C GLY A 233 38.64 -2.15 13.05
N SER A 234 37.69 -2.83 13.68
CA SER A 234 37.53 -2.76 15.12
C SER A 234 38.60 -3.58 15.82
N LEU A 235 38.93 -3.18 17.05
CA LEU A 235 39.96 -3.83 17.85
C LEU A 235 39.35 -4.47 19.08
N ALA A 236 39.87 -5.62 19.46
CA ALA A 236 39.41 -6.30 20.67
C ALA A 236 39.76 -5.47 21.90
N GLU A 237 38.84 -5.43 22.86
CA GLU A 237 39.00 -4.60 24.04
C GLU A 237 39.83 -5.26 25.14
N GLU A 238 40.06 -6.57 25.06
CA GLU A 238 40.77 -7.29 26.11
C GLU A 238 42.08 -7.90 25.62
N GLU A 239 42.06 -8.68 24.55
CA GLU A 239 43.26 -9.34 24.06
C GLU A 239 43.01 -9.79 22.62
N VAL A 240 44.06 -10.33 21.99
CA VAL A 240 43.93 -10.83 20.64
C VAL A 240 42.93 -11.97 20.60
N MET A 241 42.02 -11.93 19.65
CA MET A 241 40.92 -12.90 19.55
C MET A 241 41.13 -13.77 18.32
N ILE A 242 40.98 -15.08 18.51
CA ILE A 242 41.07 -16.07 17.43
C ILE A 242 39.69 -16.69 17.26
N ARG A 243 39.19 -16.70 16.02
CA ARG A 243 37.86 -17.23 15.72
C ARG A 243 37.94 -18.12 14.49
N SER A 244 37.10 -19.16 14.49
CA SER A 244 37.02 -20.09 13.37
C SER A 244 35.76 -20.92 13.52
N GLU A 245 35.15 -21.25 12.38
CA GLU A 245 33.98 -22.13 12.40
C GLU A 245 34.34 -23.50 12.95
N ASN A 246 35.50 -24.03 12.56
CA ASN A 246 35.95 -25.34 13.02
C ASN A 246 37.48 -25.31 13.03
N ILE A 247 38.07 -25.03 14.20
CA ILE A 247 39.51 -24.88 14.29
C ILE A 247 40.23 -26.17 13.92
N THR A 248 39.60 -27.33 14.17
CA THR A 248 40.22 -28.59 13.82
C THR A 248 40.25 -28.85 12.32
N ASN A 249 39.55 -28.04 11.52
CA ASN A 249 39.54 -28.19 10.07
C ASN A 249 40.47 -27.17 9.44
N ASN A 250 41.39 -27.65 8.60
CA ASN A 250 42.33 -26.78 7.92
C ASN A 250 41.70 -26.00 6.77
N ALA A 251 40.50 -26.41 6.32
CA ALA A 251 39.83 -25.72 5.21
C ALA A 251 39.06 -24.49 5.64
N LYS A 252 38.91 -24.25 6.94
CA LYS A 252 38.16 -23.12 7.46
C LYS A 252 39.12 -21.97 7.78
N ASN A 253 38.79 -20.78 7.29
CA ASN A 253 39.65 -19.62 7.53
C ASN A 253 39.58 -19.19 8.99
N ILE A 254 40.73 -18.81 9.53
CA ILE A 254 40.86 -18.33 10.90
C ILE A 254 40.90 -16.81 10.87
N LEU A 255 40.02 -16.18 11.63
CA LEU A 255 39.95 -14.72 11.74
C LEU A 255 40.64 -14.31 13.04
N VAL A 256 41.62 -13.43 12.92
CA VAL A 256 42.37 -12.92 14.07
C VAL A 256 42.07 -11.44 14.22
N GLN A 257 41.70 -11.03 15.43
CA GLN A 257 41.45 -9.63 15.76
C GLN A 257 42.51 -9.16 16.76
N PHE A 258 43.16 -8.05 16.44
CA PHE A 258 44.21 -7.49 17.28
C PHE A 258 43.60 -6.66 18.40
N ASN A 259 44.23 -6.73 19.58
CA ASN A 259 43.85 -5.85 20.68
C ASN A 259 44.34 -4.43 20.45
N THR A 260 45.46 -4.26 19.76
CA THR A 260 46.02 -2.96 19.42
C THR A 260 46.36 -2.92 17.94
N PRO A 261 46.26 -1.77 17.29
CA PRO A 261 46.52 -1.70 15.85
C PRO A 261 48.02 -1.65 15.56
N VAL A 262 48.34 -1.97 14.31
CA VAL A 262 49.70 -1.85 13.79
C VAL A 262 49.67 -0.83 12.66
N GLN A 263 50.46 0.23 12.79
CA GLN A 263 50.47 1.29 11.79
C GLN A 263 51.24 0.85 10.56
N ILE A 264 50.63 1.01 9.39
CA ILE A 264 51.25 0.69 8.10
C ILE A 264 51.19 1.93 7.21
N ASN A 265 52.32 2.28 6.62
CA ASN A 265 52.44 3.47 5.76
C ASN A 265 52.72 3.01 4.34
N CYS A 266 51.76 3.24 3.44
CA CYS A 266 51.88 2.83 2.04
C CYS A 266 52.03 4.07 1.16
N THR A 267 52.82 3.94 0.10
CA THR A 267 53.14 5.08 -0.75
C THR A 267 53.42 4.63 -2.18
N ARG A 268 53.09 5.51 -3.11
CA ARG A 268 53.50 5.38 -4.52
C ARG A 268 54.35 6.60 -4.88
N PRO A 269 55.69 6.50 -4.80
CA PRO A 269 56.50 7.72 -4.93
C PRO A 269 56.42 8.40 -6.29
N ASN A 270 55.95 7.71 -7.33
CA ASN A 270 55.93 8.30 -8.66
C ASN A 270 54.98 9.49 -8.71
N ASN A 271 55.44 10.58 -9.34
CA ASN A 271 54.63 11.78 -9.54
C ASN A 271 53.88 11.62 -10.87
N ASN A 272 52.78 10.88 -10.81
CA ASN A 272 52.00 10.59 -12.01
C ASN A 272 51.35 11.84 -12.55
N THR A 273 51.12 11.85 -13.87
CA THR A 273 50.45 12.94 -14.56
C THR A 273 49.26 12.38 -15.32
N ARG A 274 48.10 13.01 -15.14
CA ARG A 274 46.85 12.58 -15.75
C ARG A 274 46.51 13.52 -16.90
N LYS A 275 46.21 12.94 -18.07
CA LYS A 275 45.81 13.71 -19.24
C LYS A 275 44.52 13.14 -19.79
N SER A 276 43.63 14.03 -20.23
CA SER A 276 42.32 13.66 -20.75
C SER A 276 42.38 13.57 -22.27
N ILE A 277 41.87 12.48 -22.82
CA ILE A 277 41.78 12.25 -24.25
C ILE A 277 40.31 12.14 -24.62
N ARG A 278 39.87 12.94 -25.59
CA ARG A 278 38.48 12.98 -26.01
C ARG A 278 38.22 11.77 -26.90
N ILE A 279 37.57 10.74 -26.35
CA ILE A 279 37.32 9.50 -27.08
C ILE A 279 35.93 9.46 -27.69
N GLY A 280 35.13 10.51 -27.52
CA GLY A 280 33.80 10.55 -28.07
C GLY A 280 33.04 11.78 -27.61
N PRO A 281 31.76 11.88 -27.97
CA PRO A 281 30.97 13.02 -27.49
C PRO A 281 30.74 12.98 -25.99
N GLY A 282 31.39 13.88 -25.26
CA GLY A 282 31.26 13.89 -23.82
C GLY A 282 31.92 12.72 -23.12
N GLN A 283 32.86 12.05 -23.77
CA GLN A 283 33.54 10.88 -23.22
C GLN A 283 35.04 11.14 -23.21
N ALA A 284 35.64 11.04 -22.02
CA ALA A 284 37.05 11.31 -21.82
C ALA A 284 37.72 10.10 -21.19
N PHE A 285 38.92 9.77 -21.68
CA PHE A 285 39.76 8.72 -21.12
C PHE A 285 40.97 9.37 -20.45
N TYR A 286 41.20 9.00 -19.19
CA TYR A 286 42.26 9.58 -18.39
C TYR A 286 43.48 8.67 -18.45
N ALA A 287 44.51 9.12 -19.17
CA ALA A 287 45.73 8.37 -19.36
C ALA A 287 46.85 8.92 -18.49
N THR A 288 47.83 8.07 -18.21
CA THR A 288 49.02 8.45 -17.44
C THR A 288 50.03 9.03 -18.43
N GLY A 289 50.17 10.35 -18.42
CA GLY A 289 51.07 11.02 -19.34
C GLY A 289 52.52 10.67 -19.12
N ASP A 290 53.08 11.12 -17.99
CA ASP A 290 54.48 10.88 -17.69
C ASP A 290 54.69 10.99 -16.18
N ILE A 291 55.78 10.41 -15.72
CA ILE A 291 56.19 10.53 -14.32
C ILE A 291 57.17 11.69 -14.24
N ILE A 292 56.87 12.65 -13.36
CA ILE A 292 57.67 13.87 -13.23
C ILE A 292 58.72 13.59 -12.17
N GLY A 293 59.92 13.20 -12.62
CA GLY A 293 61.04 12.90 -11.76
C GLY A 293 61.44 11.44 -11.85
N ASP A 294 62.02 10.94 -10.77
CA ASP A 294 62.47 9.55 -10.74
C ASP A 294 61.29 8.60 -10.63
N ILE A 295 61.50 7.38 -11.10
CA ILE A 295 60.50 6.30 -11.05
C ILE A 295 60.98 5.27 -10.04
N ARG A 296 60.13 4.97 -9.06
CA ARG A 296 60.45 4.01 -8.01
C ARG A 296 59.21 3.17 -7.73
N GLN A 297 59.45 2.01 -7.14
CA GLN A 297 58.37 1.06 -6.86
C GLN A 297 57.57 1.53 -5.64
N ALA A 298 56.24 1.47 -5.77
CA ALA A 298 55.37 1.73 -4.62
C ALA A 298 55.58 0.66 -3.57
N HIS A 299 55.51 1.05 -2.30
CA HIS A 299 55.85 0.13 -1.22
C HIS A 299 55.14 0.53 0.06
N CYS A 300 55.10 -0.40 1.00
CA CYS A 300 54.51 -0.18 2.32
C CYS A 300 55.54 -0.48 3.40
N ASN A 301 55.43 0.22 4.52
CA ASN A 301 56.29 0.06 5.68
C ASN A 301 55.45 -0.37 6.88
N VAL A 302 55.93 -1.36 7.62
CA VAL A 302 55.30 -1.82 8.85
C VAL A 302 56.37 -1.86 9.93
N SER A 303 56.06 -1.31 11.11
CA SER A 303 57.02 -1.29 12.21
C SER A 303 57.41 -2.72 12.58
N LYS A 304 58.73 -2.96 12.69
CA LYS A 304 59.21 -4.31 12.93
C LYS A 304 58.91 -4.77 14.35
N ALA A 305 59.17 -3.91 15.35
CA ALA A 305 58.91 -4.28 16.73
C ALA A 305 57.43 -4.49 16.99
N THR A 306 56.59 -3.60 16.45
CA THR A 306 55.14 -3.74 16.64
C THR A 306 54.63 -5.02 15.99
N TRP A 307 55.10 -5.33 14.77
CA TRP A 307 54.69 -6.55 14.12
C TRP A 307 55.17 -7.78 14.90
N ASN A 308 56.39 -7.71 15.43
CA ASN A 308 56.94 -8.84 16.18
C ASN A 308 56.11 -9.11 17.44
N GLU A 309 55.78 -8.05 18.19
CA GLU A 309 55.00 -8.26 19.42
C GLU A 309 53.57 -8.69 19.09
N THR A 310 52.99 -8.16 18.00
CA THR A 310 51.66 -8.59 17.61
C THR A 310 51.66 -10.07 17.21
N LEU A 311 52.67 -10.50 16.47
CA LEU A 311 52.77 -11.91 16.11
C LEU A 311 53.01 -12.78 17.33
N GLY A 312 53.76 -12.26 18.31
CA GLY A 312 53.92 -12.99 19.56
C GLY A 312 52.60 -13.18 20.30
N LYS A 313 51.78 -12.11 20.35
CA LYS A 313 50.45 -12.23 20.96
C LYS A 313 49.59 -13.23 20.20
N VAL A 314 49.63 -13.18 18.86
CA VAL A 314 48.85 -14.13 18.06
C VAL A 314 49.31 -15.55 18.32
N VAL A 315 50.62 -15.77 18.43
CA VAL A 315 51.15 -17.08 18.73
C VAL A 315 50.69 -17.55 20.11
N LYS A 316 50.71 -16.65 21.09
CA LYS A 316 50.26 -17.01 22.44
C LYS A 316 48.80 -17.43 22.42
N GLN A 317 47.96 -16.70 21.68
CA GLN A 317 46.55 -17.06 21.60
C GLN A 317 46.35 -18.37 20.84
N LEU A 318 47.10 -18.58 19.77
CA LEU A 318 46.94 -19.79 18.97
C LEU A 318 47.40 -21.03 19.72
N ARG A 319 48.37 -20.88 20.62
CA ARG A 319 48.86 -22.04 21.38
C ARG A 319 47.77 -22.68 22.23
N LYS A 320 46.73 -21.93 22.59
CA LYS A 320 45.63 -22.49 23.35
C LYS A 320 44.81 -23.50 22.55
N HIS A 321 44.91 -23.47 21.22
CA HIS A 321 44.12 -24.34 20.35
C HIS A 321 44.92 -25.46 19.70
N PHE A 322 46.23 -25.30 19.53
CA PHE A 322 47.07 -26.25 18.82
C PHE A 322 48.22 -26.75 19.69
N GLY A 323 47.91 -27.11 20.93
CA GLY A 323 48.87 -27.75 21.79
C GLY A 323 49.66 -26.77 22.65
N ASN A 324 50.14 -27.28 23.78
CA ASN A 324 50.85 -26.46 24.75
C ASN A 324 52.27 -26.14 24.29
N ASN A 325 52.81 -26.92 23.34
CA ASN A 325 54.23 -26.89 22.99
C ASN A 325 54.53 -26.86 21.50
N THR A 326 53.52 -26.82 20.63
CA THR A 326 53.75 -27.02 19.21
C THR A 326 54.48 -25.83 18.59
N ILE A 327 55.22 -26.12 17.52
CA ILE A 327 55.89 -25.09 16.73
C ILE A 327 54.82 -24.33 15.94
N ILE A 328 54.93 -23.01 15.90
CA ILE A 328 53.97 -22.18 15.16
C ILE A 328 54.74 -21.41 14.10
N ARG A 329 54.44 -21.71 12.83
CA ARG A 329 55.19 -21.17 11.69
C ARG A 329 54.30 -20.26 10.86
N PHE A 330 54.82 -19.08 10.50
CA PHE A 330 54.17 -18.16 9.58
C PHE A 330 55.01 -18.13 8.30
N ALA A 331 54.37 -18.36 7.16
CA ALA A 331 55.09 -18.67 5.93
C ALA A 331 54.40 -17.98 4.75
N ASN A 332 54.80 -18.38 3.55
CA ASN A 332 54.28 -17.85 2.30
C ASN A 332 52.76 -18.03 2.22
N SER A 333 52.16 -17.36 1.23
CA SER A 333 50.86 -17.75 0.74
C SER A 333 51.01 -18.89 -0.25
N SER A 334 50.01 -19.77 -0.29
CA SER A 334 50.12 -20.99 -1.09
C SER A 334 50.22 -20.66 -2.58
N GLY A 335 49.30 -19.85 -3.08
CA GLY A 335 49.29 -19.50 -4.49
C GLY A 335 47.88 -19.26 -4.98
N GLY A 336 47.80 -18.74 -6.20
CA GLY A 336 46.53 -18.40 -6.82
C GLY A 336 46.59 -17.09 -7.58
N ASP A 337 45.45 -16.40 -7.68
CA ASP A 337 45.42 -15.12 -8.38
C ASP A 337 46.15 -14.06 -7.55
N LEU A 338 46.56 -12.98 -8.22
CA LEU A 338 47.27 -11.91 -7.55
C LEU A 338 46.44 -11.26 -6.44
N GLU A 339 45.11 -11.34 -6.53
CA GLU A 339 44.26 -10.77 -5.49
C GLU A 339 44.45 -11.49 -4.16
N VAL A 340 44.57 -12.80 -4.18
CA VAL A 340 44.62 -13.59 -2.95
C VAL A 340 46.05 -13.83 -2.48
N THR A 341 46.99 -14.03 -3.39
CA THR A 341 48.37 -14.32 -2.99
C THR A 341 49.07 -13.10 -2.39
N THR A 342 48.59 -11.89 -2.67
CA THR A 342 49.21 -10.68 -2.19
C THR A 342 48.17 -9.83 -1.47
N HIS A 343 48.65 -8.96 -0.58
CA HIS A 343 47.78 -8.05 0.16
C HIS A 343 47.25 -7.01 -0.81
N SER A 344 46.01 -7.19 -1.26
CA SER A 344 45.37 -6.29 -2.20
C SER A 344 44.49 -5.29 -1.45
N PHE A 345 44.57 -4.03 -1.86
CA PHE A 345 43.77 -2.99 -1.22
C PHE A 345 43.80 -1.76 -2.12
N ASN A 346 43.20 -0.67 -1.64
CA ASN A 346 43.13 0.60 -2.35
C ASN A 346 43.72 1.70 -1.48
N CYS A 347 44.43 2.63 -2.11
CA CYS A 347 45.04 3.77 -1.42
C CYS A 347 44.89 4.98 -2.33
N GLY A 348 44.10 5.96 -1.88
CA GLY A 348 43.96 7.22 -2.60
C GLY A 348 43.49 7.07 -4.03
N GLY A 349 42.76 6.00 -4.33
CA GLY A 349 42.25 5.75 -5.67
C GLY A 349 43.09 4.81 -6.51
N GLU A 350 44.27 4.41 -6.03
CA GLU A 350 45.15 3.48 -6.74
C GLU A 350 45.16 2.14 -6.04
N PHE A 351 45.04 1.08 -6.83
CA PHE A 351 44.90 -0.27 -6.29
C PHE A 351 46.27 -0.92 -6.13
N PHE A 352 46.62 -1.22 -4.88
CA PHE A 352 47.92 -1.76 -4.51
C PHE A 352 47.80 -3.27 -4.30
N TYR A 353 48.84 -4.00 -4.70
CA TYR A 353 49.00 -5.41 -4.38
C TYR A 353 50.40 -5.58 -3.82
N CYS A 354 50.50 -5.84 -2.52
CA CYS A 354 51.76 -5.84 -1.80
C CYS A 354 52.19 -7.27 -1.47
N ASN A 355 53.48 -7.53 -1.69
CA ASN A 355 54.08 -8.85 -1.47
C ASN A 355 54.35 -9.02 0.02
N THR A 356 53.42 -9.68 0.71
CA THR A 356 53.51 -9.86 2.16
C THR A 356 54.36 -11.09 2.48
N SER A 357 55.64 -11.01 2.11
CA SER A 357 56.62 -12.06 2.36
C SER A 357 57.43 -11.81 3.62
N GLY A 358 57.73 -10.55 3.94
CA GLY A 358 58.50 -10.23 5.13
C GLY A 358 57.70 -10.23 6.42
N LEU A 359 56.37 -10.30 6.34
CA LEU A 359 55.53 -10.33 7.52
C LEU A 359 55.34 -11.76 8.03
N PHE A 360 54.78 -12.63 7.19
CA PHE A 360 54.50 -14.02 7.57
C PHE A 360 55.68 -14.89 7.14
N ASN A 361 56.81 -14.67 7.84
CA ASN A 361 58.03 -15.44 7.58
C ASN A 361 58.78 -15.55 8.91
N SER A 362 58.50 -16.63 9.64
CA SER A 362 59.09 -16.82 10.96
C SER A 362 58.64 -18.16 11.51
N THR A 363 59.40 -18.66 12.49
CA THR A 363 59.04 -19.83 13.27
C THR A 363 59.06 -19.46 14.75
N TRP A 364 58.13 -20.03 15.51
CA TRP A 364 57.96 -19.74 16.92
C TRP A 364 58.06 -21.04 17.71
N ILE A 365 59.06 -21.09 18.59
CA ILE A 365 59.35 -22.23 19.46
C ILE A 365 58.45 -22.14 20.69
N SER A 366 58.41 -23.21 21.48
CA SER A 366 57.79 -23.20 22.79
C SER A 366 58.87 -23.21 23.86
N ASN A 367 58.77 -22.28 24.81
CA ASN A 367 59.76 -22.16 25.86
C ASN A 367 59.15 -21.52 27.11
N SER A 378 64.73 -2.04 16.73
CA SER A 378 64.92 -0.72 17.31
C SER A 378 64.00 0.29 16.65
N ASN A 379 64.35 0.71 15.44
CA ASN A 379 63.53 1.65 14.67
C ASN A 379 63.38 1.26 13.20
N ASP A 380 64.01 0.18 12.74
CA ASP A 380 63.84 -0.26 11.37
C ASP A 380 62.44 -0.81 11.15
N SER A 381 62.01 -0.81 9.90
CA SER A 381 60.68 -1.25 9.51
C SER A 381 60.77 -2.23 8.35
N ILE A 382 59.85 -3.19 8.33
CA ILE A 382 59.75 -4.15 7.24
C ILE A 382 59.11 -3.45 6.05
N THR A 383 59.76 -3.57 4.89
CA THR A 383 59.32 -2.94 3.64
C THR A 383 58.74 -4.01 2.73
N LEU A 384 57.48 -3.83 2.35
CA LEU A 384 56.79 -4.73 1.42
C LEU A 384 56.68 -4.03 0.07
N PRO A 385 57.32 -4.52 -1.00
CA PRO A 385 57.10 -3.91 -2.31
C PRO A 385 55.68 -4.16 -2.78
N CYS A 386 55.16 -3.20 -3.55
CA CYS A 386 53.78 -3.23 -4.02
C CYS A 386 53.71 -2.89 -5.49
N ARG A 387 52.81 -3.57 -6.19
CA ARG A 387 52.54 -3.34 -7.61
C ARG A 387 51.18 -2.64 -7.73
N ILE A 388 51.13 -1.60 -8.55
CA ILE A 388 49.91 -0.85 -8.79
C ILE A 388 49.19 -1.46 -9.98
N LYS A 389 47.86 -1.54 -9.90
CA LYS A 389 47.05 -2.09 -10.98
C LYS A 389 45.90 -1.14 -11.28
N GLN A 390 45.60 -1.01 -12.58
CA GLN A 390 44.52 -0.15 -13.06
C GLN A 390 43.27 -0.93 -13.44
N ILE A 391 43.43 -2.07 -14.10
CA ILE A 391 42.29 -2.94 -14.42
C ILE A 391 41.99 -3.80 -13.20
N ILE A 392 40.78 -3.66 -12.67
CA ILE A 392 40.40 -4.24 -11.39
C ILE A 392 39.17 -5.10 -11.56
N ASN A 393 39.21 -6.30 -10.99
CA ASN A 393 38.03 -7.14 -10.78
C ASN A 393 37.94 -7.35 -9.28
N MET A 394 37.30 -6.39 -8.59
CA MET A 394 37.32 -6.38 -7.13
C MET A 394 36.64 -7.62 -6.56
N TRP A 395 35.44 -7.93 -7.04
CA TRP A 395 34.70 -9.10 -6.58
C TRP A 395 35.02 -10.29 -7.46
N GLN A 396 34.70 -11.49 -6.94
CA GLN A 396 34.96 -12.73 -7.66
C GLN A 396 33.91 -12.92 -8.76
N ARG A 397 34.03 -12.08 -9.79
CA ARG A 397 33.13 -12.10 -10.93
C ARG A 397 33.95 -12.05 -12.22
N ILE A 398 33.53 -12.84 -13.20
CA ILE A 398 34.16 -12.90 -14.52
C ILE A 398 33.21 -12.26 -15.52
N GLY A 399 33.74 -11.35 -16.33
CA GLY A 399 32.95 -10.63 -17.31
C GLY A 399 32.53 -9.23 -16.89
N GLN A 400 33.04 -8.71 -15.78
CA GLN A 400 32.73 -7.36 -15.31
C GLN A 400 34.02 -6.76 -14.73
N CYS A 401 34.75 -6.04 -15.57
CA CYS A 401 36.02 -5.43 -15.19
C CYS A 401 35.83 -3.93 -14.94
N MET A 402 36.87 -3.32 -14.38
CA MET A 402 36.83 -1.93 -13.95
C MET A 402 38.22 -1.32 -14.12
N TYR A 403 38.25 -0.06 -14.54
CA TYR A 403 39.49 0.68 -14.77
C TYR A 403 39.60 1.80 -13.74
N ALA A 404 40.78 1.90 -13.10
CA ALA A 404 41.05 2.95 -12.14
C ALA A 404 41.85 4.06 -12.81
N PRO A 405 41.31 5.28 -12.97
CA PRO A 405 42.11 6.33 -13.59
C PRO A 405 43.33 6.65 -12.75
N PRO A 406 44.42 7.11 -13.38
CA PRO A 406 45.61 7.46 -12.60
C PRO A 406 45.35 8.65 -11.70
N ILE A 407 46.05 8.67 -10.57
CA ILE A 407 45.93 9.72 -9.57
C ILE A 407 47.11 10.66 -9.72
N GLN A 408 46.83 11.94 -9.95
CA GLN A 408 47.89 12.93 -10.12
C GLN A 408 48.65 13.12 -8.81
N GLY A 409 49.97 13.24 -8.91
CA GLY A 409 50.81 13.49 -7.75
C GLY A 409 51.19 12.23 -7.01
N VAL A 410 51.94 12.42 -5.93
CA VAL A 410 52.40 11.33 -5.09
C VAL A 410 51.35 11.06 -4.03
N ILE A 411 50.98 9.79 -3.87
CA ILE A 411 49.94 9.37 -2.93
C ILE A 411 50.59 8.60 -1.80
N ARG A 412 50.20 8.93 -0.56
CA ARG A 412 50.62 8.24 0.64
C ARG A 412 49.40 8.06 1.54
N CYS A 413 49.34 6.92 2.23
CA CYS A 413 48.25 6.65 3.16
C CYS A 413 48.79 5.92 4.37
N VAL A 414 48.08 6.10 5.50
CA VAL A 414 48.39 5.46 6.76
C VAL A 414 47.16 4.67 7.20
N SER A 415 47.37 3.42 7.60
CA SER A 415 46.27 2.54 7.94
C SER A 415 46.60 1.75 9.20
N ASN A 416 45.55 1.27 9.85
CA ASN A 416 45.65 0.41 11.02
C ASN A 416 45.39 -1.04 10.60
N ILE A 417 46.39 -1.89 10.73
CA ILE A 417 46.18 -3.33 10.65
C ILE A 417 45.62 -3.77 12.01
N THR A 418 44.37 -4.23 12.01
CA THR A 418 43.69 -4.65 13.23
C THR A 418 43.32 -6.13 13.21
N GLY A 419 43.60 -6.85 12.14
CA GLY A 419 43.25 -8.25 12.09
C GLY A 419 43.89 -8.94 10.91
N LEU A 420 43.75 -10.27 10.89
CA LEU A 420 44.35 -11.13 9.90
C LEU A 420 43.38 -12.24 9.51
N ILE A 421 43.58 -12.75 8.29
CA ILE A 421 42.88 -13.94 7.81
C ILE A 421 43.96 -14.99 7.52
N LEU A 422 43.86 -16.14 8.19
CA LEU A 422 44.89 -17.17 8.13
C LEU A 422 44.27 -18.50 7.73
N THR A 423 45.13 -19.38 7.23
CA THR A 423 44.74 -20.74 6.87
C THR A 423 45.83 -21.70 7.33
N ARG A 424 45.41 -22.81 7.95
CA ARG A 424 46.35 -23.81 8.42
C ARG A 424 46.75 -24.74 7.27
N ASP A 425 48.04 -24.97 7.12
CA ASP A 425 48.57 -25.80 6.04
C ASP A 425 48.61 -27.26 6.46
N GLY A 426 48.27 -28.14 5.53
CA GLY A 426 48.30 -29.56 5.82
C GLY A 426 47.30 -29.93 6.90
N GLY A 427 47.79 -30.60 7.94
CA GLY A 427 46.95 -31.07 9.03
C GLY A 427 47.23 -32.49 9.45
N SER A 428 48.22 -33.13 8.83
CA SER A 428 48.57 -34.49 9.18
C SER A 428 49.14 -34.56 10.60
N THR A 429 48.94 -35.69 11.25
CA THR A 429 49.40 -35.92 12.61
C THR A 429 50.84 -36.44 12.66
N ASN A 430 51.49 -36.66 11.51
CA ASN A 430 52.85 -37.18 11.52
C ASN A 430 53.80 -36.20 12.18
N SER A 431 53.66 -34.90 11.86
CA SER A 431 54.52 -33.87 12.40
C SER A 431 53.84 -33.14 13.55
N THR A 432 54.64 -32.36 14.28
CA THR A 432 54.17 -31.55 15.40
C THR A 432 54.26 -30.06 15.11
N THR A 433 54.29 -29.67 13.83
CA THR A 433 54.40 -28.28 13.41
C THR A 433 53.13 -27.85 12.71
N GLU A 434 52.58 -26.72 13.12
CA GLU A 434 51.40 -26.13 12.51
C GLU A 434 51.83 -24.85 11.79
N THR A 435 51.56 -24.79 10.49
CA THR A 435 51.96 -23.67 9.65
C THR A 435 50.72 -22.88 9.25
N PHE A 436 50.74 -21.58 9.51
CA PHE A 436 49.67 -20.66 9.15
C PHE A 436 50.13 -19.77 8.01
N ARG A 437 49.27 -19.60 7.01
CA ARG A 437 49.56 -18.81 5.83
C ARG A 437 48.48 -17.75 5.64
N PRO A 438 48.82 -16.59 5.08
CA PRO A 438 47.79 -15.57 4.86
C PRO A 438 46.79 -16.01 3.80
N GLY A 439 45.56 -15.52 3.94
CA GLY A 439 44.49 -15.89 3.05
C GLY A 439 43.47 -14.78 2.92
N GLY A 440 42.44 -15.05 2.10
CA GLY A 440 41.38 -14.09 1.88
C GLY A 440 40.67 -14.31 0.56
N GLY A 441 40.46 -13.24 -0.18
CA GLY A 441 39.79 -13.30 -1.48
C GLY A 441 38.30 -13.09 -1.40
N ASP A 442 37.64 -13.80 -0.50
CA ASP A 442 36.20 -13.64 -0.27
C ASP A 442 36.00 -12.48 0.70
N MET A 443 35.25 -11.48 0.28
CA MET A 443 34.99 -10.31 1.11
C MET A 443 33.88 -10.54 2.13
N ARG A 444 33.21 -11.68 2.08
CA ARG A 444 32.24 -12.01 3.12
C ARG A 444 32.91 -12.12 4.47
N ASP A 445 34.11 -12.72 4.52
CA ASP A 445 34.84 -12.80 5.78
C ASP A 445 35.26 -11.42 6.27
N ASN A 446 35.53 -10.49 5.36
CA ASN A 446 35.90 -9.14 5.76
C ASN A 446 34.77 -8.47 6.54
N TRP A 447 33.53 -8.63 6.07
CA TRP A 447 32.39 -8.09 6.81
C TRP A 447 32.07 -8.95 8.02
N ARG A 448 32.44 -10.23 7.99
CA ARG A 448 32.17 -11.12 9.11
C ARG A 448 32.93 -10.70 10.36
N SER A 449 34.10 -10.07 10.19
CA SER A 449 34.89 -9.64 11.34
C SER A 449 34.25 -8.48 12.09
N GLU A 450 33.29 -7.79 11.48
CA GLU A 450 32.63 -6.64 12.09
C GLU A 450 31.22 -6.97 12.59
N LEU A 451 30.47 -7.78 11.85
CA LEU A 451 29.13 -8.18 12.24
C LEU A 451 29.12 -9.45 13.08
N TYR A 452 30.24 -9.79 13.72
CA TYR A 452 30.31 -11.03 14.49
C TYR A 452 29.43 -10.98 15.73
N LYS A 453 29.30 -9.81 16.35
CA LYS A 453 28.58 -9.66 17.62
C LYS A 453 27.11 -9.30 17.44
N TYR A 454 26.63 -9.19 16.21
CA TYR A 454 25.26 -8.76 15.93
C TYR A 454 24.46 -9.89 15.31
N LYS A 455 23.19 -9.98 15.67
CA LYS A 455 22.26 -10.89 15.03
C LYS A 455 20.89 -10.23 14.93
N VAL A 456 20.07 -10.75 14.00
CA VAL A 456 18.73 -10.23 13.74
C VAL A 456 17.73 -11.26 14.22
N VAL A 457 16.67 -10.81 14.89
CA VAL A 457 15.66 -11.69 15.45
C VAL A 457 14.27 -11.12 15.14
N LYS A 458 13.32 -12.02 14.92
CA LYS A 458 11.93 -11.68 14.64
C LYS A 458 11.13 -11.77 15.94
N ILE A 459 10.38 -10.72 16.23
CA ILE A 459 9.61 -10.66 17.48
C ILE A 459 8.33 -11.49 17.32
N GLU A 460 7.99 -12.22 18.38
CA GLU A 460 6.77 -13.04 18.44
C GLU A 460 5.90 -12.49 19.57
N PRO A 461 4.95 -11.58 19.28
CA PRO A 461 4.19 -10.95 20.36
C PRO A 461 3.07 -11.80 20.94
N LEU A 462 2.73 -12.94 20.35
CA LEU A 462 1.62 -13.75 20.80
C LEU A 462 2.10 -14.88 21.70
N GLY A 463 1.39 -15.09 22.81
CA GLY A 463 1.69 -16.18 23.71
C GLY A 463 0.43 -16.67 24.39
N VAL A 464 0.50 -17.90 24.90
CA VAL A 464 -0.60 -18.53 25.63
C VAL A 464 -0.05 -19.09 26.93
N ALA A 465 -0.73 -18.81 28.03
CA ALA A 465 -0.27 -19.25 29.35
C ALA A 465 -1.45 -19.69 30.19
N PRO A 466 -1.23 -20.53 31.20
CA PRO A 466 -2.34 -20.96 32.06
C PRO A 466 -2.63 -19.97 33.16
N THR A 467 -3.92 -19.77 33.43
CA THR A 467 -4.37 -18.90 34.52
C THR A 467 -5.64 -19.50 35.10
N ARG A 468 -6.26 -18.79 36.05
CA ARG A 468 -7.46 -19.24 36.74
C ARG A 468 -8.71 -18.46 36.32
N CYS A 469 -8.65 -17.73 35.20
CA CYS A 469 -9.71 -16.84 34.79
C CYS A 469 -10.68 -17.53 33.83
N LYS A 470 -11.90 -16.99 33.77
CA LYS A 470 -12.98 -17.53 32.94
C LYS A 470 -13.62 -16.39 32.16
N ARG A 471 -13.56 -16.48 30.84
CA ARG A 471 -14.18 -15.47 29.97
C ARG A 471 -15.68 -15.41 30.22
N ALA B 1 13.65 4.30 49.94
CA ALA B 1 14.62 5.29 49.49
C ALA B 1 13.90 6.53 48.94
N VAL B 2 13.96 7.63 49.70
CA VAL B 2 13.35 8.87 49.27
C VAL B 2 14.24 9.57 48.26
N GLY B 3 13.63 10.16 47.24
CA GLY B 3 14.38 10.87 46.22
C GLY B 3 15.14 9.92 45.30
N ILE B 4 14.42 9.09 44.55
CA ILE B 4 15.01 8.12 43.65
C ILE B 4 14.67 8.41 42.19
N GLY B 5 13.48 8.92 41.92
CA GLY B 5 13.06 9.20 40.56
C GLY B 5 12.36 8.02 39.92
N ALA B 6 12.42 7.91 38.59
CA ALA B 6 11.82 6.78 37.91
C ALA B 6 12.27 6.76 36.46
N VAL B 7 12.64 5.57 35.98
CA VAL B 7 12.89 5.33 34.56
C VAL B 7 12.24 4.00 34.19
N PHE B 8 11.57 3.97 33.05
CA PHE B 8 10.79 2.82 32.62
C PHE B 8 11.52 2.08 31.50
N LEU B 9 11.42 0.75 31.52
CA LEU B 9 12.16 -0.07 30.58
C LEU B 9 11.66 0.15 29.15
N GLY B 10 12.51 -0.21 28.20
CA GLY B 10 12.24 0.05 26.79
C GLY B 10 11.58 -1.10 26.06
N PHE B 11 12.08 -1.39 24.86
CA PHE B 11 11.41 -2.33 23.96
C PHE B 11 11.37 -3.73 24.57
N LEU B 12 12.54 -4.33 24.80
CA LEU B 12 12.65 -5.71 25.25
C LEU B 12 13.36 -5.81 26.60
N GLY B 13 13.22 -4.79 27.44
CA GLY B 13 13.89 -4.81 28.73
C GLY B 13 13.44 -5.96 29.62
N ALA B 14 12.16 -6.33 29.53
CA ALA B 14 11.60 -7.40 30.35
C ALA B 14 11.72 -8.77 29.68
N ALA B 15 12.63 -8.92 28.71
CA ALA B 15 12.77 -10.20 28.02
C ALA B 15 13.24 -11.29 28.99
N GLY B 16 14.22 -10.98 29.83
CA GLY B 16 14.78 -11.91 30.78
C GLY B 16 14.11 -11.92 32.14
N SER B 17 13.03 -11.17 32.33
CA SER B 17 12.31 -11.12 33.59
C SER B 17 11.24 -12.22 33.64
N THR B 18 10.64 -12.37 34.81
CA THR B 18 9.61 -13.38 34.99
C THR B 18 8.37 -13.01 34.18
N MET B 19 7.56 -14.03 33.88
CA MET B 19 6.37 -13.82 33.05
C MET B 19 5.38 -12.88 33.74
N GLY B 20 5.18 -13.05 35.04
CA GLY B 20 4.29 -12.16 35.76
C GLY B 20 4.75 -10.72 35.72
N ALA B 21 6.05 -10.50 35.89
CA ALA B 21 6.59 -9.15 35.79
C ALA B 21 6.61 -8.66 34.35
N ALA B 22 6.94 -9.55 33.40
CA ALA B 22 7.00 -9.17 32.00
C ALA B 22 5.62 -8.84 31.43
N SER B 23 4.54 -9.28 32.08
CA SER B 23 3.19 -9.00 31.60
C SER B 23 2.82 -7.52 31.72
N MET B 24 3.61 -6.72 32.44
CA MET B 24 3.31 -5.30 32.56
C MET B 24 3.76 -4.48 31.37
N THR B 25 4.62 -5.04 30.51
CA THR B 25 5.23 -4.31 29.40
C THR B 25 4.67 -4.75 28.04
N LEU B 26 3.43 -5.26 28.03
CA LEU B 26 2.84 -5.71 26.77
C LEU B 26 2.67 -4.55 25.79
N THR B 27 2.23 -3.40 26.28
CA THR B 27 1.98 -2.26 25.40
C THR B 27 3.26 -1.79 24.72
N VAL B 28 4.38 -1.81 25.45
CA VAL B 28 5.64 -1.33 24.90
C VAL B 28 6.06 -2.17 23.70
N GLN B 29 5.98 -3.49 23.83
CA GLN B 29 6.30 -4.36 22.71
C GLN B 29 5.26 -4.23 21.60
N ALA B 30 4.00 -4.04 21.98
CA ALA B 30 2.94 -3.96 20.97
C ALA B 30 3.10 -2.74 20.07
N ARG B 31 3.45 -1.60 20.65
CA ARG B 31 3.53 -0.38 19.85
C ARG B 31 4.70 -0.38 18.87
N ASN B 32 5.68 -1.25 19.06
CA ASN B 32 6.88 -1.28 18.24
C ASN B 32 6.77 -2.24 17.05
N LEU B 33 5.63 -2.90 16.87
CA LEU B 33 5.48 -3.88 15.81
C LEU B 33 5.15 -3.27 14.45
N LEU B 34 4.84 -1.97 14.39
CA LEU B 34 4.48 -1.30 13.15
C LEU B 34 5.48 -0.24 12.72
N SER B 35 6.27 0.31 13.63
CA SER B 35 7.24 1.34 13.28
C SER B 35 8.35 1.42 14.33
N THR B 58 16.23 2.43 -6.88
CA THR B 58 14.98 1.90 -7.41
C THR B 58 14.77 0.46 -6.97
N VAL B 59 15.81 -0.37 -7.15
CA VAL B 59 15.73 -1.76 -6.71
C VAL B 59 15.58 -1.83 -5.20
N TRP B 60 16.33 -1.00 -4.46
CA TRP B 60 16.15 -0.95 -3.02
C TRP B 60 14.76 -0.45 -2.65
N GLY B 61 14.15 0.38 -3.48
CA GLY B 61 12.75 0.72 -3.27
C GLY B 61 11.87 -0.51 -3.28
N ILE B 62 12.13 -1.42 -4.23
CA ILE B 62 11.35 -2.66 -4.30
C ILE B 62 11.60 -3.51 -3.07
N LYS B 63 12.86 -3.63 -2.65
CA LYS B 63 13.17 -4.45 -1.48
C LYS B 63 12.51 -3.90 -0.22
N GLN B 64 12.58 -2.58 -0.02
CA GLN B 64 11.96 -1.97 1.15
C GLN B 64 10.44 -2.09 1.10
N LEU B 65 9.86 -1.94 -0.10
CA LEU B 65 8.42 -2.13 -0.23
C LEU B 65 8.01 -3.54 0.13
N GLN B 66 8.77 -4.54 -0.33
CA GLN B 66 8.49 -5.92 0.05
C GLN B 66 8.58 -6.10 1.56
N ALA B 67 9.62 -5.52 2.18
CA ALA B 67 9.81 -5.68 3.62
C ALA B 67 8.63 -5.09 4.39
N ARG B 68 8.26 -3.85 4.08
CA ARG B 68 7.19 -3.20 4.85
C ARG B 68 5.84 -3.84 4.55
N VAL B 69 5.61 -4.28 3.31
CA VAL B 69 4.35 -4.96 2.99
C VAL B 69 4.26 -6.27 3.77
N LEU B 70 5.36 -7.03 3.84
CA LEU B 70 5.33 -8.28 4.59
C LEU B 70 5.14 -8.01 6.08
N ALA B 71 5.72 -6.93 6.59
CA ALA B 71 5.48 -6.57 7.99
C ALA B 71 4.01 -6.28 8.24
N VAL B 72 3.37 -5.54 7.32
CA VAL B 72 1.95 -5.27 7.45
C VAL B 72 1.15 -6.56 7.40
N GLU B 73 1.52 -7.47 6.50
CA GLU B 73 0.81 -8.74 6.40
C GLU B 73 0.94 -9.55 7.68
N ARG B 74 2.13 -9.58 8.28
CA ARG B 74 2.31 -10.29 9.53
C ARG B 74 1.50 -9.66 10.66
N TYR B 75 1.47 -8.32 10.72
CA TYR B 75 0.68 -7.65 11.75
C TYR B 75 -0.80 -7.99 11.59
N LEU B 76 -1.30 -7.97 10.35
CA LEU B 76 -2.69 -8.33 10.13
C LEU B 76 -2.95 -9.80 10.42
N ARG B 77 -1.97 -10.67 10.17
CA ARG B 77 -2.12 -12.06 10.53
C ARG B 77 -2.30 -12.20 12.04
N ASP B 78 -1.47 -11.50 12.82
CA ASP B 78 -1.59 -11.55 14.27
C ASP B 78 -2.94 -11.00 14.72
N GLN B 79 -3.38 -9.89 14.13
CA GLN B 79 -4.65 -9.28 14.52
C GLN B 79 -5.81 -10.22 14.23
N GLN B 80 -5.82 -10.84 13.05
CA GLN B 80 -6.90 -11.77 12.71
C GLN B 80 -6.83 -13.03 13.56
N LEU B 81 -5.63 -13.50 13.90
CA LEU B 81 -5.50 -14.66 14.78
C LEU B 81 -6.10 -14.36 16.15
N LEU B 82 -5.85 -13.16 16.67
CA LEU B 82 -6.50 -12.75 17.91
C LEU B 82 -8.01 -12.65 17.73
N GLY B 83 -8.45 -12.08 16.60
CA GLY B 83 -9.87 -11.87 16.40
C GLY B 83 -10.67 -13.15 16.30
N ILE B 84 -10.10 -14.20 15.71
CA ILE B 84 -10.81 -15.47 15.55
C ILE B 84 -10.91 -16.19 16.90
N TRP B 85 -10.26 -15.66 17.93
CA TRP B 85 -10.45 -16.11 19.31
C TRP B 85 -11.35 -15.19 20.12
N GLY B 86 -11.85 -14.10 19.52
CA GLY B 86 -12.64 -13.13 20.26
C GLY B 86 -11.85 -12.19 21.12
N CYS B 87 -10.52 -12.14 20.95
CA CYS B 87 -9.63 -11.31 21.76
C CYS B 87 -9.22 -10.03 21.03
N SER B 88 -10.12 -9.45 20.23
CA SER B 88 -9.79 -8.26 19.47
C SER B 88 -9.60 -7.07 20.41
N GLY B 89 -8.48 -6.37 20.26
CA GLY B 89 -8.23 -5.16 21.01
C GLY B 89 -7.85 -5.37 22.46
N LYS B 90 -7.56 -6.61 22.88
CA LYS B 90 -7.23 -6.93 24.26
C LYS B 90 -5.80 -7.44 24.33
N LEU B 91 -4.99 -6.80 25.18
CA LEU B 91 -3.63 -7.27 25.39
C LEU B 91 -3.62 -8.59 26.15
N ILE B 92 -4.45 -8.70 27.19
CA ILE B 92 -4.62 -9.93 27.96
C ILE B 92 -6.07 -10.35 27.77
N CYS B 93 -6.26 -11.57 27.26
CA CYS B 93 -7.58 -12.10 26.95
C CYS B 93 -7.69 -13.51 27.50
N CYS B 94 -8.70 -13.75 28.32
CA CYS B 94 -8.96 -15.06 28.90
C CYS B 94 -9.87 -15.86 27.97
N THR B 95 -9.67 -17.18 27.98
CA THR B 95 -10.38 -18.09 27.08
C THR B 95 -10.88 -19.29 27.86
N ASN B 96 -11.88 -19.97 27.29
CA ASN B 96 -12.55 -21.08 27.94
C ASN B 96 -11.84 -22.41 27.75
N VAL B 97 -10.74 -22.45 26.99
CA VAL B 97 -10.04 -23.70 26.72
C VAL B 97 -9.36 -24.16 28.00
N PRO B 98 -9.66 -25.36 28.53
CA PRO B 98 -8.94 -25.82 29.72
C PRO B 98 -7.49 -26.14 29.41
N TRP B 99 -6.65 -26.02 30.42
CA TRP B 99 -5.22 -26.30 30.29
C TRP B 99 -4.98 -27.78 30.57
N ASN B 100 -4.74 -28.55 29.53
CA ASN B 100 -4.43 -29.97 29.70
C ASN B 100 -3.08 -30.13 30.39
N SER B 101 -2.99 -31.12 31.28
CA SER B 101 -1.80 -31.26 32.12
C SER B 101 -0.57 -31.64 31.29
N SER B 102 -0.74 -32.50 30.28
CA SER B 102 0.41 -32.99 29.53
C SER B 102 1.13 -31.88 28.79
N TRP B 103 0.47 -30.76 28.52
CA TRP B 103 1.16 -29.62 27.93
C TRP B 103 2.25 -29.10 28.86
N SER B 104 1.95 -29.01 30.14
CA SER B 104 2.92 -28.57 31.14
C SER B 104 2.41 -28.97 32.52
N ASN B 105 3.24 -29.67 33.29
CA ASN B 105 2.88 -30.11 34.63
C ASN B 105 3.33 -29.13 35.71
N ARG B 106 3.89 -27.98 35.33
CA ARG B 106 4.35 -27.00 36.31
C ARG B 106 3.17 -26.24 36.91
N ASN B 107 3.34 -25.80 38.15
CA ASN B 107 2.33 -25.02 38.82
C ASN B 107 2.43 -23.54 38.43
N LEU B 108 1.42 -22.76 38.83
CA LEU B 108 1.40 -21.34 38.50
C LEU B 108 2.56 -20.59 39.14
N SER B 109 2.93 -20.93 40.38
CA SER B 109 4.04 -20.25 41.04
C SER B 109 5.35 -20.47 40.32
N GLU B 110 5.60 -21.69 39.82
CA GLU B 110 6.84 -21.97 39.12
C GLU B 110 6.86 -21.35 37.72
N ILE B 111 5.70 -21.03 37.15
CA ILE B 111 5.65 -20.47 35.80
C ILE B 111 5.74 -18.95 35.84
N TRP B 112 4.95 -18.31 36.70
CA TRP B 112 4.83 -16.85 36.71
C TRP B 112 5.82 -16.16 37.62
N ASP B 113 6.67 -16.89 38.34
CA ASP B 113 7.61 -16.28 39.27
C ASP B 113 8.99 -16.91 39.29
N ASN B 114 9.29 -17.86 38.40
CA ASN B 114 10.59 -18.52 38.39
C ASN B 114 11.18 -18.71 36.99
N MET B 115 10.53 -18.22 35.94
CA MET B 115 11.09 -18.34 34.60
C MET B 115 10.45 -17.30 33.70
N THR B 116 11.09 -17.06 32.55
CA THR B 116 10.71 -16.00 31.65
C THR B 116 9.78 -16.52 30.55
N TRP B 117 9.42 -15.62 29.64
CA TRP B 117 8.53 -15.99 28.52
C TRP B 117 9.26 -16.78 27.44
N LEU B 118 10.55 -16.52 27.24
CA LEU B 118 11.30 -17.24 26.21
C LEU B 118 11.37 -18.73 26.53
N GLN B 119 11.67 -19.07 27.78
CA GLN B 119 11.70 -20.48 28.17
C GLN B 119 10.32 -21.11 28.05
N TRP B 120 9.28 -20.34 28.38
CA TRP B 120 7.92 -20.84 28.22
C TRP B 120 7.62 -21.18 26.77
N ASP B 121 7.91 -20.25 25.86
CA ASP B 121 7.65 -20.49 24.44
C ASP B 121 8.46 -21.68 23.94
N LYS B 122 9.71 -21.80 24.39
CA LYS B 122 10.52 -22.95 24.01
C LYS B 122 9.87 -24.24 24.50
N GLU B 123 9.28 -24.22 25.69
CA GLU B 123 8.67 -25.42 26.24
C GLU B 123 7.42 -25.82 25.47
N ILE B 124 6.54 -24.86 25.17
CA ILE B 124 5.25 -25.15 24.56
C ILE B 124 5.29 -24.97 23.04
N SER B 125 6.49 -24.99 22.44
CA SER B 125 6.57 -24.90 20.99
C SER B 125 5.91 -26.09 20.31
N ASN B 126 5.94 -27.26 20.95
CA ASN B 126 5.32 -28.45 20.36
C ASN B 126 3.81 -28.37 20.39
N TYR B 127 3.23 -27.78 21.44
CA TYR B 127 1.79 -27.76 21.66
C TYR B 127 1.15 -26.44 21.25
N THR B 128 1.75 -25.73 20.29
CA THR B 128 1.25 -24.40 19.94
C THR B 128 0.09 -24.50 18.95
N GLN B 129 0.27 -25.26 17.86
CA GLN B 129 -0.75 -25.32 16.82
C GLN B 129 -2.02 -26.00 17.32
N ILE B 130 -1.87 -27.07 18.12
CA ILE B 130 -3.04 -27.75 18.65
C ILE B 130 -3.82 -26.83 19.58
N ILE B 131 -3.11 -26.06 20.42
CA ILE B 131 -3.77 -25.12 21.30
C ILE B 131 -4.49 -24.04 20.49
N TYR B 132 -3.84 -23.55 19.44
CA TYR B 132 -4.46 -22.54 18.59
C TYR B 132 -5.74 -23.08 17.95
N GLY B 133 -5.70 -24.31 17.46
CA GLY B 133 -6.90 -24.92 16.90
C GLY B 133 -8.00 -25.09 17.94
N LEU B 134 -7.61 -25.46 19.16
CA LEU B 134 -8.60 -25.60 20.22
C LEU B 134 -9.28 -24.27 20.53
N LEU B 135 -8.49 -23.20 20.65
CA LEU B 135 -9.08 -21.89 20.88
C LEU B 135 -9.97 -21.47 19.72
N GLU B 136 -9.52 -21.75 18.49
CA GLU B 136 -10.28 -21.38 17.30
C GLU B 136 -11.64 -22.06 17.29
N GLU B 137 -11.68 -23.38 17.52
CA GLU B 137 -12.95 -24.08 17.54
C GLU B 137 -13.81 -23.67 18.73
N SER B 138 -13.19 -23.37 19.87
CA SER B 138 -13.96 -22.90 21.02
C SER B 138 -14.65 -21.58 20.70
N GLN B 139 -13.94 -20.64 20.08
CA GLN B 139 -14.55 -19.37 19.72
C GLN B 139 -15.63 -19.56 18.66
N ASN B 140 -15.42 -20.49 17.72
CA ASN B 140 -16.44 -20.80 16.73
C ASN B 140 -17.72 -21.31 17.40
N GLN B 141 -17.57 -22.24 18.35
CA GLN B 141 -18.73 -22.74 19.08
C GLN B 141 -19.40 -21.62 19.87
N GLN B 142 -18.60 -20.74 20.49
CA GLN B 142 -19.16 -19.64 21.26
C GLN B 142 -19.97 -18.70 20.40
N GLU B 143 -19.47 -18.34 19.22
CA GLU B 143 -20.22 -17.43 18.37
C GLU B 143 -21.47 -18.11 17.82
N LYS B 144 -21.40 -19.40 17.52
CA LYS B 144 -22.61 -20.11 17.08
C LYS B 144 -23.66 -20.11 18.18
N ASN B 145 -23.24 -20.38 19.43
CA ASN B 145 -24.18 -20.38 20.54
C ASN B 145 -24.77 -18.99 20.77
N GLU B 146 -23.94 -17.95 20.65
CA GLU B 146 -24.43 -16.59 20.81
C GLU B 146 -25.45 -16.25 19.74
N GLN B 147 -25.19 -16.64 18.49
CA GLN B 147 -26.15 -16.38 17.41
C GLN B 147 -27.45 -17.12 17.65
N ASP B 148 -27.36 -18.38 18.09
CA ASP B 148 -28.58 -19.14 18.38
C ASP B 148 -29.37 -18.51 19.50
N LEU B 149 -28.69 -18.06 20.56
CA LEU B 149 -29.39 -17.42 21.68
C LEU B 149 -30.05 -16.12 21.24
N LEU B 150 -29.35 -15.30 20.45
CA LEU B 150 -29.91 -14.05 19.99
C LEU B 150 -31.00 -14.23 18.95
N ALA B 151 -31.07 -15.41 18.32
CA ALA B 151 -32.14 -15.66 17.36
C ALA B 151 -33.50 -15.61 18.02
N LEU B 152 -33.61 -16.19 19.22
CA LEU B 152 -34.88 -16.18 19.96
C LEU B 152 -35.16 -14.79 20.51
N ALA C 1 -45.68 -0.92 12.63
CA ALA C 1 -46.13 -2.22 13.13
C ALA C 1 -45.12 -3.31 12.78
N GLU C 2 -44.57 -3.24 11.56
CA GLU C 2 -43.61 -4.23 11.14
C GLU C 2 -42.33 -4.17 11.98
N ASN C 3 -41.87 -2.96 12.30
CA ASN C 3 -40.65 -2.75 13.07
C ASN C 3 -39.46 -3.45 12.40
N LEU C 4 -39.17 -3.02 11.17
CA LEU C 4 -38.09 -3.56 10.37
C LEU C 4 -36.87 -2.66 10.50
N TRP C 5 -35.71 -3.28 10.73
CA TRP C 5 -34.46 -2.56 10.94
C TRP C 5 -33.37 -3.24 10.12
N VAL C 6 -32.30 -2.48 9.86
CA VAL C 6 -31.20 -2.98 9.06
C VAL C 6 -30.35 -3.92 9.88
N THR C 7 -29.94 -5.03 9.27
CA THR C 7 -29.00 -5.99 9.85
C THR C 7 -27.87 -6.19 8.86
N VAL C 8 -26.64 -6.08 9.35
CA VAL C 8 -25.44 -6.17 8.53
C VAL C 8 -24.94 -7.60 8.57
N TYR C 9 -24.81 -8.22 7.41
CA TYR C 9 -24.30 -9.58 7.25
C TYR C 9 -22.93 -9.53 6.61
N TYR C 10 -21.94 -10.10 7.27
CA TYR C 10 -20.58 -10.21 6.77
C TYR C 10 -20.34 -11.62 6.25
N GLY C 11 -19.47 -11.73 5.25
CA GLY C 11 -19.25 -13.00 4.61
C GLY C 11 -20.39 -13.44 3.71
N VAL C 12 -21.19 -12.51 3.22
CA VAL C 12 -22.33 -12.85 2.38
C VAL C 12 -21.82 -13.50 1.10
N PRO C 13 -22.38 -14.64 0.65
CA PRO C 13 -21.86 -15.26 -0.59
C PRO C 13 -22.35 -14.56 -1.86
N VAL C 14 -21.75 -13.41 -2.14
CA VAL C 14 -22.05 -12.61 -3.32
C VAL C 14 -20.74 -12.19 -3.98
N TRP C 15 -20.69 -12.31 -5.30
CA TRP C 15 -19.54 -11.89 -6.09
C TRP C 15 -20.01 -10.95 -7.19
N LYS C 16 -19.04 -10.31 -7.84
CA LYS C 16 -19.32 -9.37 -8.91
C LYS C 16 -18.21 -9.47 -9.96
N ASP C 17 -18.59 -9.29 -11.22
CA ASP C 17 -17.62 -9.30 -12.30
C ASP C 17 -16.62 -8.17 -12.11
N ALA C 18 -15.33 -8.50 -12.20
CA ALA C 18 -14.28 -7.52 -11.96
C ALA C 18 -13.00 -7.99 -12.62
N GLU C 19 -12.06 -7.06 -12.76
CA GLU C 19 -10.74 -7.33 -13.34
C GLU C 19 -9.69 -7.04 -12.29
N THR C 20 -8.75 -7.98 -12.13
CA THR C 20 -7.67 -7.85 -11.16
C THR C 20 -6.41 -8.47 -11.76
N THR C 21 -5.32 -8.42 -10.99
CA THR C 21 -4.02 -8.92 -11.42
C THR C 21 -3.82 -10.31 -10.84
N LEU C 22 -3.64 -11.29 -11.72
CA LEU C 22 -3.46 -12.69 -11.33
C LEU C 22 -1.97 -13.01 -11.33
N PHE C 23 -1.46 -13.46 -10.20
CA PHE C 23 -0.07 -13.88 -10.09
C PHE C 23 0.09 -15.31 -10.58
N CYS C 24 1.33 -15.80 -10.60
CA CYS C 24 1.65 -17.11 -11.15
C CYS C 24 1.89 -18.11 -10.04
N ALA C 25 1.41 -19.34 -10.26
CA ALA C 25 1.71 -20.48 -9.40
C ALA C 25 2.07 -21.66 -10.29
N SER C 26 3.00 -22.48 -9.80
CA SER C 26 3.51 -23.62 -10.56
C SER C 26 4.26 -24.52 -9.60
N ASP C 27 4.86 -25.57 -10.13
CA ASP C 27 5.63 -26.52 -9.33
C ASP C 27 7.04 -26.00 -9.08
N HIS C 36 17.53 -22.29 -16.86
CA HIS C 36 17.07 -21.02 -17.41
C HIS C 36 15.95 -21.25 -18.43
N ASN C 37 14.82 -20.57 -18.23
CA ASN C 37 13.67 -20.67 -19.11
C ASN C 37 13.13 -19.28 -19.38
N VAL C 38 12.49 -19.12 -20.54
CA VAL C 38 11.87 -17.84 -20.88
C VAL C 38 10.75 -17.53 -19.91
N TRP C 39 9.99 -18.54 -19.50
CA TRP C 39 8.89 -18.39 -18.55
C TRP C 39 9.46 -18.62 -17.15
N ALA C 40 9.44 -17.58 -16.32
CA ALA C 40 10.12 -17.63 -15.03
C ALA C 40 9.36 -18.51 -14.04
N THR C 41 9.73 -19.79 -13.98
CA THR C 41 9.16 -20.70 -12.99
C THR C 41 9.78 -20.47 -11.62
N HIS C 42 11.06 -20.08 -11.57
CA HIS C 42 11.74 -19.87 -10.29
C HIS C 42 11.09 -18.75 -9.48
N ALA C 43 10.44 -17.79 -10.14
CA ALA C 43 9.84 -16.64 -9.49
C ALA C 43 8.32 -16.77 -9.37
N CYS C 44 7.84 -17.98 -9.10
CA CYS C 44 6.41 -18.25 -9.00
C CYS C 44 6.10 -18.94 -7.68
N VAL C 45 4.88 -18.71 -7.19
CA VAL C 45 4.39 -19.28 -5.94
C VAL C 45 4.32 -20.80 -6.12
N PRO C 46 4.57 -21.62 -5.10
CA PRO C 46 4.38 -23.07 -5.27
C PRO C 46 2.91 -23.44 -5.17
N THR C 47 2.44 -24.24 -6.13
CA THR C 47 1.03 -24.59 -6.20
C THR C 47 0.66 -25.57 -5.09
N ASP C 48 -0.63 -25.58 -4.76
CA ASP C 48 -1.16 -26.50 -3.76
C ASP C 48 -1.14 -27.92 -4.33
N PRO C 49 -0.48 -28.90 -3.67
CA PRO C 49 -0.51 -30.26 -4.22
C PRO C 49 -1.91 -30.87 -4.27
N ASN C 50 -2.86 -30.35 -3.50
CA ASN C 50 -4.25 -30.82 -3.48
C ASN C 50 -5.13 -29.63 -3.80
N PRO C 51 -5.40 -29.34 -5.08
CA PRO C 51 -6.28 -28.22 -5.42
C PRO C 51 -7.66 -28.39 -4.80
N GLN C 52 -8.23 -27.29 -4.30
CA GLN C 52 -9.48 -27.31 -3.55
C GLN C 52 -10.59 -26.72 -4.42
N GLU C 53 -11.39 -27.60 -5.03
CA GLU C 53 -12.48 -27.21 -5.94
C GLU C 53 -13.77 -27.18 -5.12
N ILE C 54 -14.70 -26.32 -5.51
CA ILE C 54 -16.01 -26.25 -4.87
C ILE C 54 -17.07 -26.20 -5.97
N HIS C 55 -18.11 -27.04 -5.85
CA HIS C 55 -19.27 -26.96 -6.71
C HIS C 55 -20.20 -25.85 -6.20
N LEU C 56 -20.55 -24.92 -7.08
CA LEU C 56 -21.53 -23.89 -6.77
C LEU C 56 -22.89 -24.41 -7.18
N GLU C 57 -23.46 -25.25 -6.31
CA GLU C 57 -24.77 -25.83 -6.57
C GLU C 57 -25.83 -24.73 -6.52
N ASN C 58 -26.86 -24.88 -7.34
CA ASN C 58 -27.98 -23.94 -7.39
C ASN C 58 -27.56 -22.58 -7.97
N VAL C 59 -26.47 -22.54 -8.75
CA VAL C 59 -25.90 -21.31 -9.28
C VAL C 59 -25.86 -21.38 -10.79
N THR C 60 -26.16 -20.26 -11.44
CA THR C 60 -25.99 -20.08 -12.88
C THR C 60 -25.31 -18.75 -13.13
N GLU C 61 -24.26 -18.76 -13.94
CA GLU C 61 -23.47 -17.57 -14.24
C GLU C 61 -23.27 -17.46 -15.74
N GLU C 62 -23.24 -16.22 -16.23
CA GLU C 62 -23.06 -15.95 -17.65
C GLU C 62 -21.58 -15.74 -17.95
N PHE C 63 -21.06 -16.52 -18.90
CA PHE C 63 -19.67 -16.45 -19.32
C PHE C 63 -19.58 -15.89 -20.74
N ASN C 64 -18.41 -15.32 -21.05
CA ASN C 64 -18.13 -14.79 -22.39
C ASN C 64 -16.62 -14.91 -22.61
N MET C 65 -16.22 -15.96 -23.32
CA MET C 65 -14.80 -16.21 -23.55
C MET C 65 -14.17 -15.14 -24.44
N TRP C 66 -14.95 -14.52 -25.31
CA TRP C 66 -14.40 -13.60 -26.30
C TRP C 66 -14.14 -12.21 -25.75
N LYS C 67 -14.51 -11.93 -24.50
CA LYS C 67 -14.24 -10.66 -23.84
C LYS C 67 -13.68 -10.90 -22.44
N ASN C 68 -12.86 -11.94 -22.29
CA ASN C 68 -12.27 -12.29 -21.01
C ASN C 68 -10.97 -11.52 -20.81
N ASN C 69 -10.85 -10.85 -19.66
CA ASN C 69 -9.63 -10.12 -19.35
C ASN C 69 -8.45 -11.06 -19.09
N MET C 70 -8.72 -12.32 -18.74
CA MET C 70 -7.64 -13.27 -18.48
C MET C 70 -6.80 -13.50 -19.73
N VAL C 71 -7.43 -13.54 -20.90
CA VAL C 71 -6.69 -13.75 -22.14
C VAL C 71 -5.73 -12.60 -22.39
N GLU C 72 -6.22 -11.36 -22.23
CA GLU C 72 -5.36 -10.20 -22.44
C GLU C 72 -4.24 -10.15 -21.41
N GLN C 73 -4.54 -10.49 -20.15
CA GLN C 73 -3.51 -10.51 -19.12
C GLN C 73 -2.44 -11.55 -19.45
N MET C 74 -2.85 -12.73 -19.90
CA MET C 74 -1.88 -13.76 -20.26
C MET C 74 -1.03 -13.32 -21.44
N HIS C 75 -1.64 -12.68 -22.43
CA HIS C 75 -0.87 -12.19 -23.58
C HIS C 75 0.17 -11.17 -23.14
N THR C 76 -0.24 -10.22 -22.28
CA THR C 76 0.70 -9.22 -21.79
C THR C 76 1.82 -9.85 -20.98
N ASP C 77 1.48 -10.81 -20.11
CA ASP C 77 2.49 -11.46 -19.30
C ASP C 77 3.49 -12.23 -20.15
N ILE C 78 3.00 -12.93 -21.17
CA ILE C 78 3.89 -13.70 -22.04
C ILE C 78 4.80 -12.76 -22.83
N ILE C 79 4.26 -11.65 -23.34
CA ILE C 79 5.10 -10.70 -24.06
C ILE C 79 6.16 -10.12 -23.14
N SER C 80 5.77 -9.78 -21.90
CA SER C 80 6.73 -9.23 -20.95
C SER C 80 7.82 -10.25 -20.62
N LEU C 81 7.44 -11.51 -20.44
CA LEU C 81 8.44 -12.55 -20.17
C LEU C 81 9.40 -12.71 -21.33
N TRP C 82 8.88 -12.71 -22.56
CA TRP C 82 9.76 -12.85 -23.72
C TRP C 82 10.71 -11.67 -23.83
N ASP C 83 10.21 -10.45 -23.56
CA ASP C 83 11.08 -9.28 -23.58
C ASP C 83 12.14 -9.38 -22.49
N GLN C 84 11.77 -9.85 -21.30
CA GLN C 84 12.72 -9.98 -20.21
C GLN C 84 13.81 -10.99 -20.56
N SER C 85 13.45 -12.12 -21.14
CA SER C 85 14.42 -13.18 -21.38
C SER C 85 15.46 -12.78 -22.42
N LEU C 86 15.12 -11.88 -23.33
CA LEU C 86 15.99 -11.51 -24.43
C LEU C 86 16.91 -10.34 -24.12
N LYS C 87 16.78 -9.74 -22.93
CA LYS C 87 17.57 -8.55 -22.60
C LYS C 87 19.02 -8.89 -22.28
N PRO C 88 19.30 -9.81 -21.34
CA PRO C 88 20.70 -10.02 -20.91
C PRO C 88 21.46 -11.01 -21.79
N CYS C 89 21.61 -10.68 -23.07
CA CYS C 89 22.55 -11.36 -23.95
C CYS C 89 22.78 -10.49 -25.17
N VAL C 90 23.65 -10.97 -26.06
CA VAL C 90 24.21 -10.13 -27.12
C VAL C 90 23.12 -9.64 -28.07
N LYS C 91 23.30 -8.41 -28.55
CA LYS C 91 22.51 -7.84 -29.64
C LYS C 91 23.40 -7.81 -30.87
N LEU C 92 22.91 -8.37 -31.98
CA LEU C 92 23.72 -8.56 -33.18
C LEU C 92 23.62 -7.35 -34.11
N THR C 93 24.03 -6.19 -33.59
CA THR C 93 24.12 -5.01 -34.44
C THR C 93 25.14 -5.16 -35.56
N PRO C 94 26.38 -5.61 -35.31
CA PRO C 94 27.37 -5.66 -36.40
C PRO C 94 27.07 -6.74 -37.46
N LEU C 95 26.11 -7.63 -37.22
CA LEU C 95 25.82 -8.68 -38.19
C LEU C 95 25.33 -8.12 -39.52
N CYS C 96 24.84 -6.89 -39.55
CA CYS C 96 24.32 -6.30 -40.78
C CYS C 96 25.49 -5.84 -41.64
N VAL C 97 25.88 -6.69 -42.59
CA VAL C 97 26.98 -6.39 -43.52
C VAL C 97 26.68 -7.09 -44.83
N THR C 98 27.43 -6.71 -45.87
CA THR C 98 27.27 -7.36 -47.17
C THR C 98 27.79 -8.80 -47.08
N LEU C 99 26.99 -9.74 -47.57
CA LEU C 99 27.28 -11.16 -47.49
C LEU C 99 27.58 -11.70 -48.88
N GLN C 100 28.73 -12.37 -49.02
CA GLN C 100 29.11 -13.02 -50.27
C GLN C 100 28.73 -14.48 -50.16
N CYS C 101 27.65 -14.88 -50.83
CA CYS C 101 27.04 -16.18 -50.63
C CYS C 101 27.13 -17.05 -51.86
N THR C 102 27.21 -18.36 -51.63
CA THR C 102 27.17 -19.36 -52.67
C THR C 102 26.12 -20.42 -52.32
N ASN C 103 25.62 -21.09 -53.34
CA ASN C 103 24.62 -22.13 -53.13
C ASN C 103 25.29 -23.37 -52.53
N VAL C 104 24.63 -23.96 -51.53
CA VAL C 104 25.08 -25.22 -50.96
C VAL C 104 24.63 -26.34 -51.89
N THR C 105 25.60 -27.09 -52.44
CA THR C 105 25.32 -28.08 -53.47
C THR C 105 26.02 -29.41 -53.20
N ASN C 106 26.52 -29.64 -51.99
CA ASN C 106 27.22 -30.88 -51.64
C ASN C 106 26.34 -31.68 -50.69
N ASN C 107 25.99 -32.90 -51.10
CA ASN C 107 25.17 -33.82 -50.30
C ASN C 107 23.85 -33.16 -49.90
N ILE C 108 23.05 -32.83 -50.91
CA ILE C 108 21.73 -32.22 -50.72
C ILE C 108 20.71 -32.99 -51.53
N THR C 109 19.46 -32.83 -51.13
CA THR C 109 18.33 -33.47 -51.81
C THR C 109 17.75 -32.52 -52.86
N ASP C 110 17.00 -33.10 -53.80
CA ASP C 110 16.37 -32.29 -54.84
C ASP C 110 15.39 -31.27 -54.25
N ASP C 111 14.82 -31.56 -53.10
CA ASP C 111 13.85 -30.66 -52.47
C ASP C 111 14.50 -29.61 -51.58
N MET C 112 15.83 -29.62 -51.45
CA MET C 112 16.56 -28.64 -50.66
C MET C 112 17.61 -27.93 -51.53
N ARG C 113 17.26 -27.65 -52.78
CA ARG C 113 18.14 -26.95 -53.69
C ARG C 113 17.96 -25.44 -53.48
N GLY C 114 19.00 -24.78 -53.00
CA GLY C 114 18.96 -23.35 -52.76
C GLY C 114 18.44 -22.94 -51.41
N GLU C 115 18.00 -23.90 -50.58
CA GLU C 115 17.48 -23.54 -49.26
C GLU C 115 18.58 -22.94 -48.38
N LEU C 116 19.77 -23.54 -48.42
CA LEU C 116 20.89 -23.10 -47.60
C LEU C 116 21.89 -22.31 -48.43
N LYS C 117 22.38 -21.21 -47.87
CA LYS C 117 23.36 -20.35 -48.51
C LYS C 117 24.60 -20.29 -47.64
N ASN C 118 25.76 -20.57 -48.24
CA ASN C 118 27.05 -20.50 -47.55
C ASN C 118 27.59 -19.09 -47.78
N CYS C 119 27.51 -18.25 -46.74
CA CYS C 119 27.81 -16.83 -46.85
C CYS C 119 29.07 -16.51 -46.07
N SER C 120 30.06 -15.93 -46.76
CA SER C 120 31.27 -15.41 -46.16
C SER C 120 31.15 -13.90 -46.03
N PHE C 121 31.67 -13.37 -44.93
CA PHE C 121 31.59 -11.94 -44.65
C PHE C 121 32.68 -11.55 -43.67
N ASN C 122 32.99 -10.26 -43.66
CA ASN C 122 33.86 -9.69 -42.65
C ASN C 122 33.08 -9.45 -41.36
N MET C 123 33.78 -9.55 -40.23
CA MET C 123 33.17 -9.44 -38.92
C MET C 123 34.12 -8.71 -38.00
N THR C 124 33.54 -7.94 -37.07
CA THR C 124 34.33 -7.17 -36.12
C THR C 124 35.07 -8.12 -35.16
N THR C 125 36.33 -7.81 -34.91
CA THR C 125 37.17 -8.56 -34.00
C THR C 125 37.04 -7.94 -32.60
N GLU C 126 37.51 -8.69 -31.59
CA GLU C 126 37.52 -8.16 -30.23
C GLU C 126 38.26 -6.83 -30.16
N LEU C 127 39.34 -6.69 -30.93
CA LEU C 127 39.99 -5.40 -31.08
C LEU C 127 39.21 -4.53 -32.05
N ARG C 128 39.07 -3.25 -31.72
CA ARG C 128 38.26 -2.34 -32.53
C ARG C 128 38.89 -2.02 -33.88
N ASP C 129 40.17 -2.33 -34.08
CA ASP C 129 40.88 -1.98 -35.31
C ASP C 129 41.27 -3.23 -36.11
N LYS C 130 40.50 -4.31 -35.98
CA LYS C 130 40.78 -5.55 -36.70
C LYS C 130 39.48 -6.14 -37.21
N LYS C 131 39.58 -6.90 -38.31
CA LYS C 131 38.45 -7.57 -38.92
C LYS C 131 38.84 -9.02 -39.22
N GLN C 132 37.84 -9.91 -39.18
CA GLN C 132 38.04 -11.33 -39.42
C GLN C 132 37.07 -11.80 -40.49
N LYS C 133 37.58 -12.56 -41.47
CA LYS C 133 36.75 -13.13 -42.52
C LYS C 133 36.20 -14.47 -42.03
N VAL C 134 34.88 -14.53 -41.84
CA VAL C 134 34.21 -15.72 -41.32
C VAL C 134 33.15 -16.14 -42.32
N TYR C 135 32.57 -17.32 -42.07
CA TYR C 135 31.51 -17.85 -42.93
C TYR C 135 30.44 -18.49 -42.05
N SER C 136 29.23 -18.59 -42.61
CA SER C 136 28.11 -19.17 -41.90
C SER C 136 27.09 -19.67 -42.91
N LEU C 137 26.25 -20.60 -42.47
CA LEU C 137 25.16 -21.14 -43.28
C LEU C 137 23.86 -20.47 -42.87
N PHE C 138 23.16 -19.87 -43.84
CA PHE C 138 21.94 -19.14 -43.61
C PHE C 138 20.81 -19.72 -44.45
N TYR C 139 19.63 -19.82 -43.87
CA TYR C 139 18.46 -20.27 -44.62
C TYR C 139 18.01 -19.18 -45.59
N ARG C 140 17.42 -19.60 -46.71
CA ARG C 140 17.07 -18.66 -47.76
C ARG C 140 16.05 -17.63 -47.28
N LEU C 141 15.20 -17.99 -46.32
CA LEU C 141 14.22 -17.03 -45.80
C LEU C 141 14.87 -15.91 -45.00
N ASP C 142 16.12 -16.08 -44.59
CA ASP C 142 16.80 -15.09 -43.75
C ASP C 142 17.61 -14.07 -44.54
N VAL C 143 17.89 -14.34 -45.82
CA VAL C 143 18.77 -13.51 -46.64
C VAL C 143 18.00 -12.99 -47.84
N VAL C 144 18.24 -11.74 -48.20
CA VAL C 144 17.62 -11.08 -49.34
C VAL C 144 18.71 -10.42 -50.17
N GLN C 145 18.57 -10.51 -51.49
CA GLN C 145 19.57 -9.97 -52.40
C GLN C 145 19.55 -8.44 -52.40
N ILE C 146 20.73 -7.85 -52.51
CA ILE C 146 20.87 -6.39 -52.56
C ILE C 146 20.59 -5.94 -53.99
N LYS C 159 24.87 -12.35 -56.06
CA LYS C 159 25.73 -13.01 -55.09
C LYS C 159 25.76 -12.26 -53.76
N GLU C 160 25.45 -10.96 -53.80
CA GLU C 160 25.44 -10.13 -52.60
C GLU C 160 24.10 -10.26 -51.90
N TYR C 161 24.13 -10.50 -50.59
CA TYR C 161 22.94 -10.71 -49.80
C TYR C 161 23.08 -10.00 -48.46
N ARG C 162 21.95 -9.73 -47.82
CA ARG C 162 21.92 -9.14 -46.50
C ARG C 162 20.77 -9.76 -45.70
N LEU C 163 20.88 -9.70 -44.38
CA LEU C 163 19.84 -10.23 -43.52
C LEU C 163 18.55 -9.47 -43.75
N ILE C 164 17.42 -10.19 -43.69
CA ILE C 164 16.13 -9.60 -44.02
C ILE C 164 15.77 -8.49 -43.03
N ASN C 165 16.23 -8.59 -41.79
CA ASN C 165 15.84 -7.63 -40.75
C ASN C 165 16.67 -6.35 -40.79
N CYS C 166 17.71 -6.27 -41.63
CA CYS C 166 18.63 -5.15 -41.55
C CYS C 166 17.93 -3.82 -41.85
N ASN C 167 17.07 -3.78 -42.86
CA ASN C 167 16.37 -2.56 -43.20
C ASN C 167 15.11 -2.36 -42.36
N THR C 168 14.83 -3.26 -41.40
CA THR C 168 13.73 -3.08 -40.45
C THR C 168 14.23 -2.68 -39.07
N SER C 169 15.11 -3.48 -38.48
CA SER C 169 15.70 -3.18 -37.18
C SER C 169 16.74 -4.25 -36.86
N ALA C 170 17.56 -3.95 -35.86
CA ALA C 170 18.56 -4.92 -35.41
C ALA C 170 17.89 -6.07 -34.70
N CYS C 171 18.57 -7.22 -34.71
CA CYS C 171 18.09 -8.45 -34.10
C CYS C 171 18.91 -8.77 -32.86
N THR C 172 18.23 -9.24 -31.82
CA THR C 172 18.86 -9.66 -30.57
C THR C 172 19.01 -11.17 -30.58
N GLN C 173 20.24 -11.65 -30.44
CA GLN C 173 20.47 -13.08 -30.40
C GLN C 173 19.80 -13.68 -29.16
N ALA C 174 19.12 -14.80 -29.36
CA ALA C 174 18.49 -15.49 -28.23
C ALA C 174 19.56 -15.98 -27.27
N CYS C 175 19.27 -15.85 -25.97
CA CYS C 175 20.19 -16.35 -24.96
C CYS C 175 20.37 -17.85 -25.16
N PRO C 176 21.60 -18.37 -25.23
CA PRO C 176 21.76 -19.79 -25.60
C PRO C 176 21.32 -20.76 -24.52
N LYS C 177 21.55 -20.43 -23.24
CA LYS C 177 21.20 -21.32 -22.15
C LYS C 177 19.73 -21.22 -21.74
N VAL C 178 18.98 -20.28 -22.31
CA VAL C 178 17.57 -20.11 -22.00
C VAL C 178 16.76 -21.07 -22.87
N SER C 179 15.94 -21.89 -22.23
CA SER C 179 15.14 -22.89 -22.92
C SER C 179 13.77 -22.34 -23.28
N PHE C 180 13.26 -22.79 -24.43
CA PHE C 180 11.96 -22.38 -24.93
C PHE C 180 10.86 -23.39 -24.62
N GLU C 181 11.13 -24.36 -23.76
CA GLU C 181 10.15 -25.38 -23.42
C GLU C 181 8.97 -24.73 -22.72
N PRO C 182 7.73 -24.91 -23.21
CA PRO C 182 6.58 -24.43 -22.43
C PRO C 182 6.50 -25.12 -21.09
N ILE C 183 6.09 -24.37 -20.07
CA ILE C 183 5.91 -24.89 -18.72
C ILE C 183 4.48 -24.54 -18.29
N PRO C 184 3.74 -25.43 -17.62
CA PRO C 184 2.40 -25.04 -17.17
C PRO C 184 2.44 -23.86 -16.22
N ILE C 185 1.46 -22.98 -16.35
CA ILE C 185 1.34 -21.78 -15.53
C ILE C 185 -0.09 -21.72 -14.99
N HIS C 186 -0.22 -21.47 -13.69
CA HIS C 186 -1.51 -21.31 -13.05
C HIS C 186 -1.70 -19.83 -12.71
N TYR C 187 -2.73 -19.21 -13.29
CA TYR C 187 -3.02 -17.81 -13.06
C TYR C 187 -3.99 -17.70 -11.88
N CYS C 188 -3.48 -17.27 -10.74
CA CYS C 188 -4.24 -17.26 -9.50
C CYS C 188 -4.43 -15.85 -8.97
N ALA C 189 -5.67 -15.54 -8.60
CA ALA C 189 -6.07 -14.21 -8.18
C ALA C 189 -5.67 -13.96 -6.73
N PRO C 190 -5.67 -12.71 -6.27
CA PRO C 190 -5.39 -12.42 -4.87
C PRO C 190 -6.58 -12.81 -3.99
N ALA C 191 -6.40 -12.64 -2.69
CA ALA C 191 -7.49 -12.88 -1.76
C ALA C 191 -8.60 -11.85 -1.95
N GLY C 192 -9.82 -12.26 -1.63
CA GLY C 192 -10.98 -11.47 -1.97
C GLY C 192 -11.46 -11.63 -3.39
N PHE C 193 -10.77 -12.45 -4.19
CA PHE C 193 -11.15 -12.75 -5.56
C PHE C 193 -11.15 -14.25 -5.77
N ALA C 194 -12.06 -14.71 -6.63
CA ALA C 194 -12.18 -16.13 -6.94
C ALA C 194 -12.31 -16.29 -8.45
N ILE C 195 -12.10 -17.52 -8.93
CA ILE C 195 -12.25 -17.82 -10.35
C ILE C 195 -13.41 -18.79 -10.52
N LEU C 196 -14.28 -18.50 -11.47
CA LEU C 196 -15.44 -19.33 -11.75
C LEU C 196 -15.18 -20.16 -13.00
N LYS C 197 -15.36 -21.46 -12.86
CA LYS C 197 -15.18 -22.45 -13.91
C LYS C 197 -16.53 -22.98 -14.37
N CYS C 198 -16.71 -23.06 -15.69
CA CYS C 198 -17.92 -23.60 -16.30
C CYS C 198 -17.64 -25.04 -16.69
N LYS C 199 -18.08 -25.97 -15.85
CA LYS C 199 -17.86 -27.39 -16.10
C LYS C 199 -18.90 -28.01 -17.03
N ASP C 200 -19.92 -27.26 -17.41
CA ASP C 200 -20.95 -27.79 -18.29
C ASP C 200 -20.35 -28.18 -19.63
N LYS C 201 -20.57 -29.43 -20.02
CA LYS C 201 -20.10 -29.90 -21.32
C LYS C 201 -21.02 -29.37 -22.41
N LYS C 202 -20.54 -29.45 -23.66
CA LYS C 202 -21.24 -28.89 -24.81
C LYS C 202 -21.40 -27.37 -24.66
N PHE C 203 -20.45 -26.74 -23.97
CA PHE C 203 -20.53 -25.30 -23.75
C PHE C 203 -20.15 -24.55 -25.02
N ASN C 204 -20.78 -23.38 -25.20
CA ASN C 204 -20.73 -22.65 -26.46
C ASN C 204 -19.84 -21.41 -26.39
N GLY C 205 -19.20 -21.16 -25.25
CA GLY C 205 -18.30 -20.04 -25.11
C GLY C 205 -18.96 -18.70 -24.85
N THR C 206 -20.30 -18.65 -24.80
CA THR C 206 -21.02 -17.41 -24.55
C THR C 206 -22.41 -17.74 -24.06
N GLY C 207 -22.79 -17.18 -22.92
CA GLY C 207 -24.12 -17.35 -22.37
C GLY C 207 -24.11 -17.95 -20.98
N PRO C 208 -25.28 -18.33 -20.48
CA PRO C 208 -25.34 -18.97 -19.16
C PRO C 208 -24.67 -20.33 -19.16
N CYS C 209 -24.12 -20.68 -18.00
CA CYS C 209 -23.55 -22.01 -17.75
C CYS C 209 -24.28 -22.62 -16.56
N PRO C 210 -25.20 -23.58 -16.77
CA PRO C 210 -25.90 -24.16 -15.61
C PRO C 210 -24.98 -24.75 -14.56
N SER C 211 -23.88 -25.37 -14.97
CA SER C 211 -22.94 -26.03 -14.05
C SER C 211 -21.76 -25.11 -13.82
N VAL C 212 -21.80 -24.36 -12.70
CA VAL C 212 -20.75 -23.43 -12.33
C VAL C 212 -20.05 -23.97 -11.08
N SER C 213 -18.76 -23.66 -10.98
CA SER C 213 -17.96 -24.02 -9.83
C SER C 213 -17.01 -22.87 -9.52
N THR C 214 -16.56 -22.78 -8.27
CA THR C 214 -15.60 -21.77 -7.86
C THR C 214 -14.29 -22.44 -7.47
N VAL C 215 -13.18 -21.80 -7.84
CA VAL C 215 -11.84 -22.30 -7.56
C VAL C 215 -10.97 -21.14 -7.09
N GLN C 216 -9.94 -21.49 -6.34
CA GLN C 216 -8.89 -20.54 -6.03
C GLN C 216 -8.21 -20.07 -7.32
N CYS C 217 -7.89 -21.00 -8.21
CA CYS C 217 -7.34 -20.66 -9.52
C CYS C 217 -7.35 -21.91 -10.42
N THR C 218 -6.72 -21.78 -11.58
CA THR C 218 -6.95 -22.66 -12.72
C THR C 218 -5.97 -23.82 -12.72
N HIS C 219 -6.01 -24.60 -13.81
CA HIS C 219 -5.10 -25.71 -14.02
C HIS C 219 -3.81 -25.22 -14.66
N GLY C 220 -2.94 -26.17 -15.03
CA GLY C 220 -1.67 -25.83 -15.66
C GLY C 220 -1.81 -25.61 -17.15
N ILE C 221 -1.59 -24.37 -17.59
CA ILE C 221 -1.72 -23.98 -18.99
C ILE C 221 -0.32 -23.74 -19.54
N LYS C 222 0.06 -24.52 -20.55
CA LYS C 222 1.37 -24.36 -21.17
C LYS C 222 1.30 -23.25 -22.21
N PRO C 223 2.16 -22.22 -22.14
CA PRO C 223 2.08 -21.17 -23.19
C PRO C 223 2.69 -21.63 -24.51
N VAL C 224 1.96 -22.51 -25.18
CA VAL C 224 2.43 -23.10 -26.44
C VAL C 224 2.08 -22.15 -27.57
N VAL C 225 3.09 -21.81 -28.38
CA VAL C 225 2.93 -20.94 -29.54
C VAL C 225 2.74 -21.82 -30.76
N SER C 226 1.67 -21.60 -31.50
CA SER C 226 1.40 -22.35 -32.71
C SER C 226 0.33 -21.63 -33.51
N THR C 227 0.42 -21.74 -34.83
CA THR C 227 -0.55 -21.17 -35.76
C THR C 227 -1.12 -22.28 -36.62
N GLN C 228 -2.44 -22.23 -36.83
CA GLN C 228 -3.22 -23.19 -37.61
C GLN C 228 -3.39 -24.53 -36.89
N LEU C 229 -2.76 -24.74 -35.74
CA LEU C 229 -2.87 -25.99 -35.01
C LEU C 229 -2.55 -25.70 -33.55
N LEU C 230 -3.45 -26.07 -32.65
CA LEU C 230 -3.23 -25.91 -31.21
C LEU C 230 -2.56 -27.17 -30.68
N LEU C 231 -1.33 -27.03 -30.18
CA LEU C 231 -0.50 -28.16 -29.79
C LEU C 231 -0.35 -28.23 -28.28
N ASN C 232 -0.35 -29.45 -27.75
CA ASN C 232 -0.13 -29.69 -26.31
C ASN C 232 -1.14 -28.91 -25.46
N GLY C 233 -2.39 -28.87 -25.92
CA GLY C 233 -3.46 -28.19 -25.22
C GLY C 233 -4.38 -29.15 -24.49
N SER C 234 -5.53 -28.62 -24.09
CA SER C 234 -6.56 -29.39 -23.39
C SER C 234 -7.62 -29.85 -24.38
N LEU C 235 -8.03 -31.11 -24.25
CA LEU C 235 -8.98 -31.73 -25.15
C LEU C 235 -10.40 -31.64 -24.59
N ALA C 236 -11.37 -31.73 -25.49
CA ALA C 236 -12.77 -31.74 -25.09
C ALA C 236 -13.13 -33.08 -24.45
N GLU C 237 -14.23 -33.07 -23.70
CA GLU C 237 -14.67 -34.25 -22.95
C GLU C 237 -15.66 -35.10 -23.73
N GLU C 238 -16.72 -34.48 -24.26
CA GLU C 238 -17.80 -35.22 -24.90
C GLU C 238 -17.56 -35.40 -26.39
N GLU C 239 -17.35 -34.31 -27.12
CA GLU C 239 -17.21 -34.36 -28.57
C GLU C 239 -16.42 -33.14 -29.03
N VAL C 240 -16.16 -33.08 -30.33
CA VAL C 240 -15.48 -31.92 -30.90
C VAL C 240 -16.34 -30.69 -30.67
N MET C 241 -15.72 -29.60 -30.22
CA MET C 241 -16.42 -28.39 -29.83
C MET C 241 -16.08 -27.26 -30.79
N ILE C 242 -17.11 -26.65 -31.37
CA ILE C 242 -16.96 -25.50 -32.26
C ILE C 242 -17.33 -24.24 -31.48
N ARG C 243 -16.48 -23.22 -31.54
CA ARG C 243 -16.71 -21.97 -30.85
C ARG C 243 -16.41 -20.81 -31.78
N SER C 244 -17.23 -19.76 -31.69
CA SER C 244 -17.05 -18.57 -32.49
C SER C 244 -17.79 -17.42 -31.84
N GLU C 245 -17.20 -16.23 -31.85
CA GLU C 245 -17.88 -15.06 -31.33
C GLU C 245 -19.15 -14.78 -32.11
N ASN C 246 -19.11 -14.99 -33.43
CA ASN C 246 -20.29 -14.86 -34.28
C ASN C 246 -20.09 -15.80 -35.47
N ILE C 247 -20.73 -16.97 -35.41
CA ILE C 247 -20.52 -17.98 -36.44
C ILE C 247 -21.03 -17.49 -37.79
N THR C 248 -22.07 -16.65 -37.80
CA THR C 248 -22.60 -16.13 -39.05
C THR C 248 -21.66 -15.12 -39.72
N ASN C 249 -20.68 -14.61 -38.97
CA ASN C 249 -19.74 -13.63 -39.50
C ASN C 249 -18.50 -14.33 -40.06
N ASN C 250 -18.14 -14.00 -41.30
CA ASN C 250 -16.98 -14.60 -41.94
C ASN C 250 -15.66 -13.99 -41.47
N ALA C 251 -15.70 -12.87 -40.77
CA ALA C 251 -14.48 -12.21 -40.29
C ALA C 251 -14.05 -12.66 -38.90
N LYS C 252 -14.77 -13.60 -38.29
CA LYS C 252 -14.48 -14.10 -36.94
C LYS C 252 -13.86 -15.48 -37.03
N ASN C 253 -12.75 -15.68 -36.35
CA ASN C 253 -12.08 -16.97 -36.35
C ASN C 253 -12.91 -18.00 -35.59
N ILE C 254 -12.86 -19.24 -36.06
CA ILE C 254 -13.56 -20.36 -35.45
C ILE C 254 -12.52 -21.21 -34.72
N LEU C 255 -12.77 -21.47 -33.43
CA LEU C 255 -11.89 -22.29 -32.61
C LEU C 255 -12.53 -23.67 -32.45
N VAL C 256 -11.79 -24.71 -32.82
CA VAL C 256 -12.25 -26.08 -32.71
C VAL C 256 -11.41 -26.80 -31.67
N GLN C 257 -12.07 -27.46 -30.73
CA GLN C 257 -11.40 -28.25 -29.70
C GLN C 257 -11.70 -29.72 -29.95
N PHE C 258 -10.64 -30.52 -30.10
CA PHE C 258 -10.80 -31.94 -30.36
C PHE C 258 -11.06 -32.70 -29.07
N ASN C 259 -11.70 -33.87 -29.22
CA ASN C 259 -11.90 -34.79 -28.11
C ASN C 259 -10.77 -35.79 -27.96
N THR C 260 -10.08 -36.12 -29.06
CA THR C 260 -8.99 -37.08 -29.06
C THR C 260 -7.80 -36.44 -29.76
N PRO C 261 -6.60 -36.45 -29.17
CA PRO C 261 -5.47 -35.77 -29.81
C PRO C 261 -5.01 -36.50 -31.06
N VAL C 262 -4.34 -35.76 -31.93
CA VAL C 262 -3.70 -36.32 -33.13
C VAL C 262 -2.20 -36.18 -32.95
N GLN C 263 -1.49 -37.31 -33.02
CA GLN C 263 -0.04 -37.29 -32.87
C GLN C 263 0.61 -36.74 -34.13
N ILE C 264 1.50 -35.76 -33.95
CA ILE C 264 2.27 -35.19 -35.05
C ILE C 264 3.75 -35.31 -34.70
N ASN C 265 4.53 -35.88 -35.61
CA ASN C 265 5.96 -36.14 -35.40
C ASN C 265 6.76 -35.21 -36.28
N CYS C 266 7.35 -34.17 -35.70
CA CYS C 266 8.14 -33.20 -36.44
C CYS C 266 9.63 -33.48 -36.24
N THR C 267 10.42 -33.24 -37.29
CA THR C 267 11.84 -33.52 -37.20
C THR C 267 12.61 -32.68 -38.22
N ARG C 268 13.75 -32.15 -37.79
CA ARG C 268 14.79 -31.67 -38.68
C ARG C 268 16.00 -32.60 -38.52
N PRO C 269 16.35 -33.42 -39.51
CA PRO C 269 17.45 -34.38 -39.33
C PRO C 269 18.82 -33.89 -39.78
N ASN C 270 19.00 -32.60 -40.06
CA ASN C 270 20.32 -32.11 -40.41
C ASN C 270 21.20 -32.10 -39.17
N ASN C 271 22.41 -32.66 -39.30
CA ASN C 271 23.36 -32.72 -38.19
C ASN C 271 24.14 -31.41 -38.13
N ASN C 272 23.43 -30.36 -37.72
CA ASN C 272 24.00 -29.02 -37.70
C ASN C 272 25.15 -28.93 -36.71
N THR C 273 26.16 -28.15 -37.07
CA THR C 273 27.32 -27.91 -36.23
C THR C 273 27.35 -26.43 -35.84
N ARG C 274 27.54 -26.17 -34.55
CA ARG C 274 27.52 -24.82 -34.01
C ARG C 274 28.95 -24.37 -33.74
N LYS C 275 29.29 -23.16 -34.18
CA LYS C 275 30.60 -22.58 -33.93
C LYS C 275 30.44 -21.17 -33.40
N SER C 276 31.40 -20.75 -32.57
CA SER C 276 31.35 -19.46 -31.89
C SER C 276 32.36 -18.51 -32.52
N ILE C 277 31.92 -17.29 -32.81
CA ILE C 277 32.78 -16.23 -33.36
C ILE C 277 32.79 -15.08 -32.36
N ARG C 278 33.98 -14.67 -31.95
CA ARG C 278 34.13 -13.56 -31.00
C ARG C 278 33.91 -12.26 -31.76
N ILE C 279 32.72 -11.68 -31.62
CA ILE C 279 32.35 -10.47 -32.36
C ILE C 279 32.61 -9.21 -31.53
N GLY C 280 33.35 -9.33 -30.42
CA GLY C 280 33.62 -8.20 -29.56
C GLY C 280 34.09 -8.66 -28.20
N PRO C 281 34.32 -7.72 -27.29
CA PRO C 281 34.72 -8.10 -25.93
C PRO C 281 33.59 -8.79 -25.17
N GLY C 282 33.73 -10.10 -24.97
CA GLY C 282 32.69 -10.84 -24.27
C GLY C 282 31.41 -11.04 -25.06
N GLN C 283 31.47 -10.89 -26.38
CA GLN C 283 30.30 -11.04 -27.24
C GLN C 283 30.58 -12.15 -28.24
N ALA C 284 29.71 -13.16 -28.26
CA ALA C 284 29.86 -14.34 -29.10
C ALA C 284 28.66 -14.47 -30.02
N PHE C 285 28.93 -14.74 -31.30
CA PHE C 285 27.89 -15.02 -32.29
C PHE C 285 27.99 -16.49 -32.67
N TYR C 286 26.86 -17.19 -32.57
CA TYR C 286 26.80 -18.63 -32.82
C TYR C 286 26.28 -18.85 -34.23
N ALA C 287 27.09 -19.52 -35.05
CA ALA C 287 26.80 -19.73 -36.46
C ALA C 287 26.79 -21.21 -36.78
N THR C 288 26.09 -21.56 -37.85
CA THR C 288 26.02 -22.93 -38.34
C THR C 288 27.18 -23.17 -39.29
N GLY C 289 28.18 -23.92 -38.83
CA GLY C 289 29.37 -24.17 -39.61
C GLY C 289 29.15 -25.10 -40.78
N ASP C 290 28.82 -26.36 -40.48
CA ASP C 290 28.60 -27.36 -41.52
C ASP C 290 27.62 -28.39 -41.01
N ILE C 291 27.02 -29.12 -41.95
CA ILE C 291 26.07 -30.19 -41.65
C ILE C 291 26.77 -31.51 -41.90
N ILE C 292 26.83 -32.36 -40.88
CA ILE C 292 27.50 -33.64 -40.98
C ILE C 292 26.55 -34.63 -41.66
N GLY C 293 27.00 -35.22 -42.76
CA GLY C 293 26.20 -36.18 -43.49
C GLY C 293 25.32 -35.53 -44.54
N ASP C 294 24.28 -36.25 -44.92
CA ASP C 294 23.36 -35.78 -45.94
C ASP C 294 22.51 -34.62 -45.42
N ILE C 295 22.11 -33.75 -46.34
CA ILE C 295 21.25 -32.61 -46.05
C ILE C 295 19.88 -32.89 -46.66
N ARG C 296 18.84 -32.84 -45.83
CA ARG C 296 17.49 -33.10 -46.29
C ARG C 296 16.51 -32.25 -45.50
N GLN C 297 15.34 -32.04 -46.09
CA GLN C 297 14.38 -31.09 -45.53
C GLN C 297 13.75 -31.62 -44.25
N ALA C 298 13.51 -30.71 -43.31
CA ALA C 298 12.71 -31.04 -42.14
C ALA C 298 11.25 -31.23 -42.55
N HIS C 299 10.50 -31.97 -41.74
CA HIS C 299 9.14 -32.29 -42.09
C HIS C 299 8.36 -32.66 -40.83
N CYS C 300 7.05 -32.89 -41.01
CA CYS C 300 6.19 -33.37 -39.95
C CYS C 300 5.23 -34.41 -40.50
N ASN C 301 5.13 -35.55 -39.81
CA ASN C 301 4.23 -36.63 -40.18
C ASN C 301 2.99 -36.59 -39.31
N VAL C 302 1.83 -36.78 -39.95
CA VAL C 302 0.54 -36.86 -39.27
C VAL C 302 -0.19 -38.10 -39.77
N SER C 303 -0.73 -38.88 -38.84
CA SER C 303 -1.46 -40.10 -39.22
C SER C 303 -2.63 -39.77 -40.12
N LYS C 304 -2.72 -40.47 -41.26
CA LYS C 304 -3.75 -40.16 -42.24
C LYS C 304 -5.14 -40.54 -41.74
N ALA C 305 -5.27 -41.77 -41.21
CA ALA C 305 -6.59 -42.23 -40.76
C ALA C 305 -7.08 -41.42 -39.58
N THR C 306 -6.20 -41.13 -38.61
CA THR C 306 -6.60 -40.34 -37.46
C THR C 306 -7.01 -38.93 -37.88
N TRP C 307 -6.25 -38.32 -38.78
CA TRP C 307 -6.60 -36.99 -39.25
C TRP C 307 -7.93 -36.99 -40.00
N ASN C 308 -8.16 -38.03 -40.81
CA ASN C 308 -9.43 -38.13 -41.53
C ASN C 308 -10.60 -38.28 -40.57
N GLU C 309 -10.44 -39.10 -39.53
CA GLU C 309 -11.50 -39.25 -38.53
C GLU C 309 -11.74 -37.95 -37.78
N THR C 310 -10.66 -37.23 -37.44
CA THR C 310 -10.81 -35.95 -36.76
C THR C 310 -11.56 -34.95 -37.64
N LEU C 311 -11.21 -34.90 -38.93
CA LEU C 311 -11.91 -34.00 -39.84
C LEU C 311 -13.36 -34.43 -40.03
N GLY C 312 -13.63 -35.72 -39.98
CA GLY C 312 -15.03 -36.17 -40.02
C GLY C 312 -15.82 -35.68 -38.82
N LYS C 313 -15.24 -35.78 -37.63
CA LYS C 313 -15.91 -35.22 -36.45
C LYS C 313 -16.09 -33.71 -36.59
N VAL C 314 -15.07 -33.02 -37.11
CA VAL C 314 -15.14 -31.58 -37.26
C VAL C 314 -16.26 -31.19 -38.22
N VAL C 315 -16.37 -31.91 -39.34
CA VAL C 315 -17.41 -31.60 -40.31
C VAL C 315 -18.79 -31.93 -39.74
N LYS C 316 -18.88 -33.01 -38.96
CA LYS C 316 -20.15 -33.35 -38.31
C LYS C 316 -20.60 -32.22 -37.39
N GLN C 317 -19.68 -31.66 -36.61
CA GLN C 317 -20.04 -30.58 -35.70
C GLN C 317 -20.25 -29.25 -36.44
N LEU C 318 -19.56 -29.05 -37.57
CA LEU C 318 -19.70 -27.81 -38.31
C LEU C 318 -20.99 -27.74 -39.10
N ARG C 319 -21.49 -28.87 -39.59
CA ARG C 319 -22.74 -28.86 -40.34
C ARG C 319 -23.92 -28.43 -39.48
N LYS C 320 -23.80 -28.54 -38.15
CA LYS C 320 -24.89 -28.11 -37.28
C LYS C 320 -25.14 -26.61 -37.38
N HIS C 321 -24.09 -25.81 -37.59
CA HIS C 321 -24.19 -24.36 -37.63
C HIS C 321 -24.26 -23.81 -39.06
N PHE C 322 -24.25 -24.68 -40.09
CA PHE C 322 -24.28 -24.21 -41.46
C PHE C 322 -25.19 -25.04 -42.37
N GLY C 323 -25.98 -25.95 -41.82
CA GLY C 323 -26.88 -26.76 -42.59
C GLY C 323 -26.40 -28.20 -42.73
N ASN C 324 -27.35 -29.10 -42.96
CA ASN C 324 -27.05 -30.53 -43.00
C ASN C 324 -26.69 -30.98 -44.42
N ASN C 325 -27.20 -30.29 -45.43
CA ASN C 325 -27.08 -30.71 -46.83
C ASN C 325 -26.21 -29.72 -47.58
N THR C 326 -25.13 -29.25 -46.95
CA THR C 326 -24.21 -28.28 -47.52
C THR C 326 -22.83 -28.89 -47.64
N ILE C 327 -22.18 -28.65 -48.78
CA ILE C 327 -20.82 -29.13 -48.99
C ILE C 327 -19.88 -28.38 -48.05
N ILE C 328 -18.96 -29.10 -47.42
CA ILE C 328 -17.96 -28.51 -46.54
C ILE C 328 -16.60 -28.91 -47.09
N ARG C 329 -15.83 -27.93 -47.55
CA ARG C 329 -14.52 -28.17 -48.16
C ARG C 329 -13.43 -27.50 -47.34
N PHE C 330 -12.37 -28.24 -47.06
CA PHE C 330 -11.19 -27.72 -46.37
C PHE C 330 -10.12 -27.46 -47.43
N ALA C 331 -9.68 -26.20 -47.51
CA ALA C 331 -8.72 -25.74 -48.51
C ALA C 331 -7.52 -25.08 -47.83
N ASN C 332 -6.59 -24.60 -48.65
CA ASN C 332 -5.36 -24.01 -48.16
C ASN C 332 -5.60 -22.58 -47.67
N SER C 333 -4.59 -22.04 -46.98
CA SER C 333 -4.69 -20.68 -46.46
C SER C 333 -4.74 -19.68 -47.61
N SER C 334 -5.49 -18.60 -47.39
CA SER C 334 -5.68 -17.59 -48.44
C SER C 334 -4.35 -16.94 -48.80
N GLY C 335 -3.64 -16.42 -47.81
CA GLY C 335 -2.38 -15.75 -48.06
C GLY C 335 -2.04 -14.80 -46.95
N GLY C 336 -0.82 -14.26 -47.04
CA GLY C 336 -0.31 -13.33 -46.06
C GLY C 336 1.12 -13.63 -45.63
N ASP C 337 1.44 -13.36 -44.37
CA ASP C 337 2.78 -13.61 -43.87
C ASP C 337 3.03 -15.11 -43.73
N LEU C 338 4.32 -15.46 -43.65
CA LEU C 338 4.69 -16.86 -43.49
C LEU C 338 4.16 -17.43 -42.18
N GLU C 339 4.01 -16.59 -41.16
CA GLU C 339 3.52 -17.06 -39.87
C GLU C 339 2.08 -17.58 -39.98
N VAL C 340 1.23 -16.86 -40.71
CA VAL C 340 -0.18 -17.24 -40.82
C VAL C 340 -0.43 -18.21 -41.97
N THR C 341 0.29 -18.08 -43.08
CA THR C 341 0.07 -18.95 -44.23
C THR C 341 0.57 -20.37 -44.01
N THR C 342 1.40 -20.60 -42.99
CA THR C 342 1.94 -21.91 -42.70
C THR C 342 1.88 -22.15 -41.20
N HIS C 343 1.88 -23.43 -40.82
CA HIS C 343 1.86 -23.82 -39.41
C HIS C 343 3.22 -23.47 -38.81
N SER C 344 3.28 -22.36 -38.08
CA SER C 344 4.50 -21.86 -37.48
C SER C 344 4.53 -22.24 -36.01
N PHE C 345 5.65 -22.82 -35.57
CA PHE C 345 5.78 -23.19 -34.17
C PHE C 345 7.26 -23.29 -33.82
N ASN C 346 7.53 -23.53 -32.54
CA ASN C 346 8.88 -23.70 -32.02
C ASN C 346 8.99 -25.07 -31.36
N CYS C 347 10.00 -25.83 -31.76
CA CYS C 347 10.25 -27.16 -31.21
C CYS C 347 11.73 -27.27 -30.86
N GLY C 348 12.02 -27.53 -29.60
CA GLY C 348 13.40 -27.78 -29.16
C GLY C 348 14.36 -26.68 -29.52
N GLY C 349 13.88 -25.44 -29.56
CA GLY C 349 14.69 -24.29 -29.93
C GLY C 349 14.56 -23.87 -31.38
N GLU C 350 14.41 -24.84 -32.28
CA GLU C 350 14.26 -24.52 -33.70
C GLU C 350 12.86 -23.98 -33.97
N PHE C 351 12.76 -23.17 -35.03
CA PHE C 351 11.51 -22.54 -35.42
C PHE C 351 11.07 -23.11 -36.76
N PHE C 352 10.00 -23.90 -36.73
CA PHE C 352 9.50 -24.60 -37.91
C PHE C 352 8.33 -23.82 -38.52
N TYR C 353 8.28 -23.81 -39.86
CA TYR C 353 7.13 -23.32 -40.61
C TYR C 353 6.76 -24.42 -41.60
N CYS C 354 5.63 -25.10 -41.34
CA CYS C 354 5.24 -26.28 -42.08
C CYS C 354 4.09 -25.97 -43.03
N ASN C 355 4.21 -26.45 -44.26
CA ASN C 355 3.21 -26.24 -45.30
C ASN C 355 2.07 -27.23 -45.10
N THR C 356 0.99 -26.78 -44.46
CA THR C 356 -0.15 -27.64 -44.13
C THR C 356 -1.11 -27.72 -45.32
N SER C 357 -0.58 -28.18 -46.46
CA SER C 357 -1.38 -28.31 -47.66
C SER C 357 -2.05 -29.67 -47.79
N GLY C 358 -1.41 -30.73 -47.29
CA GLY C 358 -2.01 -32.05 -47.35
C GLY C 358 -3.07 -32.28 -46.29
N LEU C 359 -3.17 -31.41 -45.29
CA LEU C 359 -4.17 -31.57 -44.25
C LEU C 359 -5.50 -30.95 -44.66
N PHE C 360 -5.51 -29.65 -44.95
CA PHE C 360 -6.73 -28.93 -45.30
C PHE C 360 -6.91 -28.93 -46.82
N ASN C 361 -7.14 -30.13 -47.36
CA ASN C 361 -7.36 -30.30 -48.78
C ASN C 361 -8.32 -31.49 -48.96
N SER C 362 -9.62 -31.19 -49.00
CA SER C 362 -10.62 -32.24 -49.13
C SER C 362 -12.00 -31.59 -49.23
N THR C 363 -12.98 -32.40 -49.60
CA THR C 363 -14.38 -31.99 -49.65
C THR C 363 -15.24 -33.05 -48.98
N TRP C 364 -16.34 -32.61 -48.39
CA TRP C 364 -17.25 -33.47 -47.66
C TRP C 364 -18.69 -33.17 -48.08
N ILE C 365 -19.42 -34.22 -48.43
CA ILE C 365 -20.81 -34.15 -48.87
C ILE C 365 -21.63 -35.07 -47.99
N SER C 366 -22.81 -34.59 -47.57
CA SER C 366 -23.69 -35.41 -46.75
C SER C 366 -24.13 -36.65 -47.51
N ASN C 367 -24.10 -37.79 -46.84
CA ASN C 367 -24.49 -39.07 -47.43
C ASN C 367 -25.34 -39.88 -46.46
N SER C 378 -3.86 -47.23 -43.18
CA SER C 378 -2.70 -48.09 -43.01
C SER C 378 -1.57 -47.32 -42.32
N ASN C 379 -0.36 -47.88 -42.36
CA ASN C 379 0.79 -47.25 -41.73
C ASN C 379 1.22 -45.96 -42.42
N ASP C 380 0.72 -45.67 -43.61
CA ASP C 380 1.09 -44.44 -44.30
C ASP C 380 0.59 -43.22 -43.54
N SER C 381 1.25 -42.09 -43.78
CA SER C 381 0.92 -40.85 -43.10
C SER C 381 1.18 -39.67 -44.03
N ILE C 382 0.52 -38.56 -43.74
CA ILE C 382 0.70 -37.33 -44.51
C ILE C 382 1.97 -36.64 -44.04
N THR C 383 2.85 -36.33 -45.00
CA THR C 383 4.12 -35.66 -44.72
C THR C 383 4.00 -34.21 -45.16
N LEU C 384 4.21 -33.29 -44.23
CA LEU C 384 4.19 -31.86 -44.49
C LEU C 384 5.62 -31.34 -44.47
N PRO C 385 6.17 -30.85 -45.58
CA PRO C 385 7.53 -30.28 -45.52
C PRO C 385 7.55 -29.02 -44.67
N CYS C 386 8.68 -28.79 -44.02
CA CYS C 386 8.85 -27.67 -43.09
C CYS C 386 10.15 -26.96 -43.37
N ARG C 387 10.12 -25.64 -43.24
CA ARG C 387 11.27 -24.76 -43.42
C ARG C 387 11.67 -24.21 -42.06
N ILE C 388 12.97 -24.21 -41.78
CA ILE C 388 13.50 -23.68 -40.53
C ILE C 388 13.91 -22.24 -40.75
N LYS C 389 13.63 -21.38 -39.77
CA LYS C 389 13.96 -19.97 -39.83
C LYS C 389 14.71 -19.57 -38.57
N GLN C 390 15.72 -18.70 -38.75
CA GLN C 390 16.53 -18.21 -37.64
C GLN C 390 16.11 -16.81 -37.20
N ILE C 391 15.79 -15.92 -38.14
CA ILE C 391 15.29 -14.60 -37.81
C ILE C 391 13.79 -14.73 -37.53
N ILE C 392 13.39 -14.42 -36.30
CA ILE C 392 12.03 -14.66 -35.83
C ILE C 392 11.39 -13.32 -35.47
N ASN C 393 10.21 -13.06 -36.05
CA ASN C 393 9.33 -11.98 -35.60
C ASN C 393 8.20 -12.67 -34.83
N MET C 394 8.42 -12.85 -33.52
CA MET C 394 7.56 -13.72 -32.73
C MET C 394 6.12 -13.20 -32.70
N TRP C 395 5.91 -12.03 -32.12
CA TRP C 395 4.58 -11.45 -32.01
C TRP C 395 4.29 -10.54 -33.20
N GLN C 396 3.04 -10.08 -33.28
CA GLN C 396 2.61 -9.18 -34.35
C GLN C 396 3.14 -7.77 -34.07
N ARG C 397 4.47 -7.65 -34.22
CA ARG C 397 5.17 -6.40 -34.00
C ARG C 397 6.20 -6.20 -35.10
N ILE C 398 6.46 -4.94 -35.42
CA ILE C 398 7.44 -4.57 -36.43
C ILE C 398 8.56 -3.80 -35.73
N GLY C 399 9.80 -4.24 -35.95
CA GLY C 399 10.96 -3.62 -35.36
C GLY C 399 11.55 -4.32 -34.16
N GLN C 400 11.06 -5.52 -33.82
CA GLN C 400 11.59 -6.32 -32.71
C GLN C 400 11.75 -7.75 -33.21
N CYS C 401 12.94 -8.07 -33.70
CA CYS C 401 13.25 -9.37 -34.27
C CYS C 401 14.29 -10.08 -33.42
N MET C 402 14.28 -11.42 -33.51
CA MET C 402 15.12 -12.28 -32.71
C MET C 402 15.85 -13.26 -33.63
N TYR C 403 17.10 -13.58 -33.26
CA TYR C 403 17.91 -14.56 -33.98
C TYR C 403 18.10 -15.77 -33.08
N ALA C 404 17.71 -16.95 -33.57
CA ALA C 404 17.83 -18.18 -32.82
C ALA C 404 19.15 -18.87 -33.16
N PRO C 405 20.04 -19.11 -32.20
CA PRO C 405 21.25 -19.86 -32.51
C PRO C 405 20.91 -21.26 -32.97
N PRO C 406 21.74 -21.85 -33.83
CA PRO C 406 21.44 -23.22 -34.31
C PRO C 406 21.52 -24.23 -33.19
N ILE C 407 20.70 -25.28 -33.32
CA ILE C 407 20.67 -26.38 -32.37
C ILE C 407 21.55 -27.50 -32.92
N GLN C 408 22.53 -27.92 -32.11
CA GLN C 408 23.48 -28.92 -32.56
C GLN C 408 22.83 -30.31 -32.62
N GLY C 409 23.08 -31.02 -33.72
CA GLY C 409 22.62 -32.38 -33.86
C GLY C 409 21.22 -32.49 -34.43
N VAL C 410 20.84 -33.74 -34.72
CA VAL C 410 19.48 -34.02 -35.19
C VAL C 410 18.49 -33.58 -34.12
N ILE C 411 17.35 -33.05 -34.54
CA ILE C 411 16.31 -32.60 -33.62
C ILE C 411 14.99 -33.23 -34.06
N ARG C 412 14.27 -33.81 -33.10
CA ARG C 412 12.99 -34.45 -33.35
C ARG C 412 12.12 -34.26 -32.13
N CYS C 413 10.82 -34.09 -32.36
CA CYS C 413 9.86 -33.93 -31.28
C CYS C 413 8.49 -34.36 -31.74
N VAL C 414 7.61 -34.62 -30.78
CA VAL C 414 6.27 -35.14 -31.02
C VAL C 414 5.29 -34.27 -30.24
N SER C 415 4.18 -33.90 -30.89
CA SER C 415 3.20 -33.00 -30.31
C SER C 415 1.79 -33.55 -30.50
N ASN C 416 0.87 -32.99 -29.73
CA ASN C 416 -0.53 -33.40 -29.69
C ASN C 416 -1.37 -32.28 -30.31
N ILE C 417 -1.82 -32.48 -31.55
CA ILE C 417 -2.81 -31.57 -32.12
C ILE C 417 -4.12 -31.83 -31.38
N THR C 418 -4.52 -30.88 -30.53
CA THR C 418 -5.75 -30.95 -29.76
C THR C 418 -6.76 -29.89 -30.17
N GLY C 419 -6.45 -29.07 -31.18
CA GLY C 419 -7.35 -28.01 -31.57
C GLY C 419 -7.06 -27.51 -32.97
N LEU C 420 -7.83 -26.51 -33.37
CA LEU C 420 -7.78 -25.99 -34.73
C LEU C 420 -8.29 -24.55 -34.72
N ILE C 421 -7.71 -23.73 -35.61
CA ILE C 421 -8.16 -22.37 -35.85
C ILE C 421 -8.52 -22.27 -37.33
N LEU C 422 -9.74 -21.85 -37.62
CA LEU C 422 -10.26 -21.83 -38.98
C LEU C 422 -10.86 -20.46 -39.29
N THR C 423 -10.92 -20.16 -40.59
CA THR C 423 -11.55 -18.95 -41.10
C THR C 423 -12.46 -19.34 -42.24
N ARG C 424 -13.70 -18.84 -42.21
CA ARG C 424 -14.68 -19.15 -43.24
C ARG C 424 -14.58 -18.13 -44.37
N ASP C 425 -14.52 -18.63 -45.60
CA ASP C 425 -14.45 -17.75 -46.76
C ASP C 425 -15.74 -16.95 -46.88
N GLY C 426 -15.62 -15.78 -47.52
CA GLY C 426 -16.75 -14.90 -47.71
C GLY C 426 -17.94 -15.56 -48.39
N GLY C 427 -17.77 -15.92 -49.66
CA GLY C 427 -18.85 -16.58 -50.37
C GLY C 427 -20.09 -15.70 -50.46
N SER C 428 -21.25 -16.33 -50.35
CA SER C 428 -22.52 -15.61 -50.37
C SER C 428 -23.60 -16.52 -49.81
N THR C 429 -24.75 -15.91 -49.49
CA THR C 429 -25.88 -16.69 -49.00
C THR C 429 -26.37 -17.67 -50.06
N ASN C 430 -26.39 -17.24 -51.33
CA ASN C 430 -26.85 -18.11 -52.40
C ASN C 430 -25.94 -19.34 -52.58
N SER C 431 -24.68 -19.25 -52.18
CA SER C 431 -23.78 -20.38 -52.32
C SER C 431 -24.24 -21.55 -51.46
N THR C 432 -24.04 -22.76 -51.98
CA THR C 432 -24.42 -23.99 -51.29
C THR C 432 -23.21 -24.72 -50.69
N THR C 433 -22.05 -24.08 -50.64
CA THR C 433 -20.84 -24.66 -50.09
C THR C 433 -20.16 -23.66 -49.17
N GLU C 434 -19.52 -24.17 -48.13
CA GLU C 434 -18.78 -23.37 -47.17
C GLU C 434 -17.33 -23.85 -47.15
N THR C 435 -16.40 -22.93 -47.40
CA THR C 435 -14.98 -23.24 -47.44
C THR C 435 -14.32 -22.70 -46.19
N PHE C 436 -13.60 -23.57 -45.48
CA PHE C 436 -12.87 -23.22 -44.27
C PHE C 436 -11.37 -23.39 -44.53
N ARG C 437 -10.60 -22.35 -44.21
CA ARG C 437 -9.16 -22.35 -44.42
C ARG C 437 -8.45 -22.22 -43.07
N PRO C 438 -7.22 -22.72 -42.95
CA PRO C 438 -6.49 -22.55 -41.68
C PRO C 438 -6.16 -21.09 -41.43
N GLY C 439 -6.10 -20.74 -40.14
CA GLY C 439 -5.85 -19.38 -39.74
C GLY C 439 -5.07 -19.33 -38.44
N GLY C 440 -4.76 -18.11 -38.01
CA GLY C 440 -4.01 -17.90 -36.79
C GLY C 440 -3.36 -16.54 -36.73
N GLY C 441 -2.07 -16.50 -36.40
CA GLY C 441 -1.35 -15.23 -36.32
C GLY C 441 -1.47 -14.58 -34.97
N ASP C 442 -2.70 -14.23 -34.58
CA ASP C 442 -2.95 -13.63 -33.28
C ASP C 442 -2.90 -14.71 -32.20
N MET C 443 -2.04 -14.52 -31.20
CA MET C 443 -1.88 -15.48 -30.13
C MET C 443 -2.94 -15.34 -29.04
N ARG C 444 -3.81 -14.33 -29.12
CA ARG C 444 -4.91 -14.23 -28.16
C ARG C 444 -5.82 -15.44 -28.23
N ASP C 445 -6.03 -15.98 -29.44
CA ASP C 445 -6.87 -17.15 -29.60
C ASP C 445 -6.25 -18.37 -28.92
N ASN C 446 -4.92 -18.47 -28.96
CA ASN C 446 -4.25 -19.61 -28.33
C ASN C 446 -4.52 -19.65 -26.84
N TRP C 447 -4.48 -18.50 -26.17
CA TRP C 447 -4.78 -18.44 -24.75
C TRP C 447 -6.28 -18.53 -24.49
N ARG C 448 -7.10 -18.04 -25.43
CA ARG C 448 -8.54 -18.16 -25.29
C ARG C 448 -8.98 -19.61 -25.28
N SER C 449 -8.36 -20.44 -26.14
CA SER C 449 -8.71 -21.85 -26.20
C SER C 449 -8.47 -22.57 -24.87
N GLU C 450 -7.58 -22.04 -24.03
CA GLU C 450 -7.29 -22.63 -22.72
C GLU C 450 -8.07 -21.96 -21.60
N LEU C 451 -8.37 -20.66 -21.72
CA LEU C 451 -9.09 -19.91 -20.70
C LEU C 451 -10.56 -19.73 -21.04
N TYR C 452 -11.11 -20.54 -21.95
CA TYR C 452 -12.50 -20.38 -22.34
C TYR C 452 -13.45 -20.68 -21.18
N LYS C 453 -13.08 -21.59 -20.30
CA LYS C 453 -13.92 -22.03 -19.19
C LYS C 453 -13.53 -21.37 -17.87
N TYR C 454 -13.12 -20.10 -17.90
CA TYR C 454 -12.66 -19.42 -16.71
C TYR C 454 -13.08 -17.95 -16.75
N LYS C 455 -13.53 -17.45 -15.59
CA LYS C 455 -13.76 -16.02 -15.42
C LYS C 455 -13.31 -15.64 -14.01
N VAL C 456 -13.13 -14.34 -13.78
CA VAL C 456 -12.63 -13.83 -12.51
C VAL C 456 -13.72 -12.96 -11.89
N VAL C 457 -13.96 -13.14 -10.59
CA VAL C 457 -14.95 -12.35 -9.86
C VAL C 457 -14.36 -11.90 -8.53
N LYS C 458 -14.90 -10.80 -8.01
CA LYS C 458 -14.49 -10.24 -6.74
C LYS C 458 -15.61 -10.44 -5.73
N ILE C 459 -15.24 -10.83 -4.51
CA ILE C 459 -16.22 -11.14 -3.47
C ILE C 459 -16.71 -9.85 -2.84
N GLU C 460 -17.99 -9.85 -2.46
CA GLU C 460 -18.65 -8.71 -1.82
C GLU C 460 -19.28 -9.21 -0.52
N PRO C 461 -18.49 -9.38 0.54
CA PRO C 461 -19.02 -10.07 1.73
C PRO C 461 -19.96 -9.23 2.59
N LEU C 462 -20.10 -7.94 2.32
CA LEU C 462 -20.92 -7.06 3.15
C LEU C 462 -22.31 -6.91 2.52
N GLY C 463 -23.34 -7.09 3.33
CA GLY C 463 -24.70 -6.91 2.87
C GLY C 463 -25.58 -6.37 3.98
N VAL C 464 -26.71 -5.81 3.60
CA VAL C 464 -27.69 -5.26 4.52
C VAL C 464 -29.05 -5.85 4.20
N ALA C 465 -29.76 -6.31 5.22
CA ALA C 465 -31.06 -6.96 5.05
C ALA C 465 -32.03 -6.42 6.10
N PRO C 466 -33.34 -6.57 5.86
CA PRO C 466 -34.31 -6.17 6.88
C PRO C 466 -34.64 -7.31 7.83
N THR C 467 -34.70 -6.99 9.13
CA THR C 467 -35.04 -7.96 10.14
C THR C 467 -35.83 -7.27 11.25
N ARG C 468 -36.58 -8.07 12.00
CA ARG C 468 -37.30 -7.56 13.17
C ARG C 468 -36.40 -7.38 14.39
N CYS C 469 -35.10 -7.70 14.26
CA CYS C 469 -34.15 -7.48 15.32
C CYS C 469 -33.92 -5.98 15.54
N LYS C 470 -33.73 -5.61 16.81
CA LYS C 470 -33.29 -4.27 17.18
C LYS C 470 -32.10 -4.40 18.12
N ARG C 471 -31.13 -3.50 17.95
CA ARG C 471 -29.93 -3.52 18.77
C ARG C 471 -30.26 -3.28 20.24
N ALA D 1 -19.24 -41.29 15.82
CA ALA D 1 -20.27 -41.88 14.97
C ALA D 1 -19.71 -42.99 14.06
N VAL D 2 -18.49 -43.43 14.34
CA VAL D 2 -17.91 -44.62 13.73
C VAL D 2 -17.91 -44.47 12.21
N GLY D 3 -18.97 -44.95 11.55
CA GLY D 3 -19.03 -44.91 10.11
C GLY D 3 -19.71 -43.63 9.65
N ILE D 4 -18.90 -42.63 9.31
CA ILE D 4 -19.43 -41.35 8.86
C ILE D 4 -18.31 -40.57 8.20
N GLY D 5 -18.62 -39.92 7.08
CA GLY D 5 -17.68 -39.07 6.39
C GLY D 5 -17.81 -37.62 6.82
N ALA D 6 -16.94 -36.78 6.23
CA ALA D 6 -16.88 -35.35 6.53
C ALA D 6 -17.16 -34.58 5.24
N VAL D 7 -18.34 -33.97 5.17
CA VAL D 7 -18.69 -33.09 4.07
C VAL D 7 -18.38 -31.65 4.48
N PHE D 8 -17.19 -31.18 4.13
CA PHE D 8 -16.78 -29.82 4.48
C PHE D 8 -17.50 -28.82 3.56
N LEU D 9 -18.27 -27.92 4.16
CA LEU D 9 -18.94 -26.90 3.37
C LEU D 9 -17.90 -26.00 2.70
N GLY D 10 -18.17 -25.63 1.45
CA GLY D 10 -17.18 -24.96 0.62
C GLY D 10 -17.38 -23.44 0.55
N PHE D 11 -16.39 -22.79 -0.04
CA PHE D 11 -16.45 -21.35 -0.23
C PHE D 11 -17.50 -21.00 -1.28
N LEU D 12 -18.37 -20.04 -0.95
CA LEU D 12 -19.46 -19.63 -1.83
C LEU D 12 -20.38 -20.81 -2.16
N GLY D 13 -20.48 -21.78 -1.25
CA GLY D 13 -21.32 -22.94 -1.51
C GLY D 13 -22.80 -22.58 -1.52
N ALA D 14 -23.22 -21.70 -0.61
CA ALA D 14 -24.62 -21.30 -0.47
C ALA D 14 -24.96 -20.05 -1.30
N ALA D 15 -24.20 -19.80 -2.37
CA ALA D 15 -24.51 -18.64 -3.21
C ALA D 15 -25.88 -18.77 -3.85
N GLY D 16 -26.21 -19.95 -4.36
CA GLY D 16 -27.51 -20.18 -4.96
C GLY D 16 -28.62 -20.51 -3.98
N SER D 17 -28.30 -20.70 -2.71
CA SER D 17 -29.31 -21.01 -1.72
C SER D 17 -30.06 -19.73 -1.33
N THR D 18 -31.20 -19.92 -0.67
CA THR D 18 -31.98 -18.78 -0.20
C THR D 18 -31.20 -18.02 0.87
N MET D 19 -31.62 -16.77 1.10
CA MET D 19 -30.92 -15.93 2.05
C MET D 19 -30.97 -16.51 3.46
N GLY D 20 -32.13 -17.07 3.83
CA GLY D 20 -32.24 -17.67 5.16
C GLY D 20 -31.28 -18.83 5.35
N ALA D 21 -31.14 -19.68 4.33
CA ALA D 21 -30.19 -20.79 4.41
C ALA D 21 -28.76 -20.32 4.21
N ALA D 22 -28.55 -19.31 3.38
CA ALA D 22 -27.19 -18.82 3.13
C ALA D 22 -26.62 -18.06 4.31
N SER D 23 -27.46 -17.51 5.19
CA SER D 23 -26.97 -16.79 6.36
C SER D 23 -26.35 -17.70 7.40
N MET D 24 -26.51 -19.02 7.27
CA MET D 24 -25.91 -19.97 8.19
C MET D 24 -24.49 -20.37 7.80
N THR D 25 -24.00 -19.95 6.64
CA THR D 25 -22.69 -20.31 6.13
C THR D 25 -21.83 -19.06 5.89
N LEU D 26 -21.96 -18.06 6.76
CA LEU D 26 -21.15 -16.86 6.63
C LEU D 26 -19.70 -17.11 7.04
N THR D 27 -19.46 -18.06 7.95
CA THR D 27 -18.11 -18.32 8.43
C THR D 27 -17.21 -18.80 7.31
N VAL D 28 -17.65 -19.78 6.53
CA VAL D 28 -16.78 -20.36 5.51
C VAL D 28 -16.35 -19.29 4.50
N GLN D 29 -17.15 -18.24 4.35
CA GLN D 29 -16.75 -17.12 3.49
C GLN D 29 -15.83 -16.16 4.22
N ALA D 30 -16.15 -15.80 5.47
CA ALA D 30 -15.43 -14.74 6.17
C ALA D 30 -14.06 -15.16 6.69
N ARG D 31 -13.85 -16.45 6.92
CA ARG D 31 -12.62 -16.91 7.58
C ARG D 31 -11.36 -16.75 6.72
N ASN D 32 -11.49 -16.75 5.39
CA ASN D 32 -10.33 -16.75 4.50
C ASN D 32 -10.48 -15.66 3.44
N LEU D 33 -10.83 -14.45 3.87
CA LEU D 33 -10.95 -13.31 2.96
C LEU D 33 -9.65 -12.53 2.80
N LEU D 34 -8.61 -12.85 3.57
CA LEU D 34 -7.33 -12.17 3.48
C LEU D 34 -6.25 -13.04 2.86
N SER D 35 -6.26 -14.33 3.15
CA SER D 35 -5.30 -15.27 2.56
C SER D 35 -5.82 -15.81 1.23
N THR D 58 10.75 -11.77 -12.81
CA THR D 58 10.61 -10.44 -12.20
C THR D 58 9.19 -9.93 -12.37
N VAL D 59 8.61 -10.19 -13.54
CA VAL D 59 7.25 -9.71 -13.82
C VAL D 59 6.24 -10.41 -12.92
N TRP D 60 6.53 -11.63 -12.46
CA TRP D 60 5.61 -12.32 -11.59
C TRP D 60 5.63 -11.73 -10.18
N GLY D 61 6.82 -11.48 -9.63
CA GLY D 61 6.90 -10.97 -8.27
C GLY D 61 6.35 -9.57 -8.13
N ILE D 62 6.61 -8.71 -9.12
CA ILE D 62 6.16 -7.32 -9.03
C ILE D 62 4.64 -7.25 -8.99
N LYS D 63 3.96 -8.12 -9.74
CA LYS D 63 2.50 -8.13 -9.72
C LYS D 63 1.95 -8.93 -8.54
N GLN D 64 2.71 -9.90 -8.03
CA GLN D 64 2.31 -10.56 -6.79
C GLN D 64 2.29 -9.55 -5.64
N LEU D 65 3.25 -8.62 -5.64
CA LEU D 65 3.30 -7.61 -4.59
C LEU D 65 2.03 -6.75 -4.59
N GLN D 66 1.63 -6.24 -5.76
CA GLN D 66 0.44 -5.40 -5.79
C GLN D 66 -0.83 -6.23 -5.62
N ALA D 67 -0.81 -7.52 -5.97
CA ALA D 67 -1.92 -8.38 -5.63
C ALA D 67 -2.09 -8.47 -4.11
N ARG D 68 -0.99 -8.68 -3.40
CA ARG D 68 -1.04 -8.71 -1.94
C ARG D 68 -1.53 -7.38 -1.38
N VAL D 69 -1.05 -6.28 -1.93
CA VAL D 69 -1.46 -4.95 -1.46
C VAL D 69 -2.95 -4.75 -1.70
N LEU D 70 -3.44 -5.15 -2.87
CA LEU D 70 -4.87 -5.01 -3.18
C LEU D 70 -5.71 -5.83 -2.20
N ALA D 71 -5.32 -7.07 -1.94
CA ALA D 71 -6.06 -7.89 -1.00
C ALA D 71 -6.07 -7.26 0.39
N VAL D 72 -4.90 -6.78 0.83
CA VAL D 72 -4.80 -6.21 2.17
C VAL D 72 -5.68 -4.97 2.30
N GLU D 73 -5.63 -4.08 1.30
CA GLU D 73 -6.40 -2.85 1.40
C GLU D 73 -7.89 -3.12 1.29
N ARG D 74 -8.29 -4.10 0.47
CA ARG D 74 -9.70 -4.46 0.39
C ARG D 74 -10.20 -4.98 1.75
N TYR D 75 -9.42 -5.88 2.36
CA TYR D 75 -9.82 -6.41 3.65
C TYR D 75 -9.88 -5.31 4.70
N LEU D 76 -8.91 -4.39 4.68
CA LEU D 76 -8.90 -3.31 5.66
C LEU D 76 -10.08 -2.36 5.47
N ARG D 77 -10.44 -2.08 4.21
CA ARG D 77 -11.61 -1.23 3.98
C ARG D 77 -12.89 -1.90 4.45
N ASP D 78 -13.02 -3.21 4.22
CA ASP D 78 -14.18 -3.93 4.72
C ASP D 78 -14.23 -3.89 6.25
N GLN D 79 -13.07 -4.09 6.89
CA GLN D 79 -13.03 -4.05 8.35
C GLN D 79 -13.37 -2.67 8.88
N GLN D 80 -12.89 -1.62 8.21
CA GLN D 80 -13.21 -0.26 8.62
C GLN D 80 -14.71 0.00 8.49
N LEU D 81 -15.31 -0.44 7.38
CA LEU D 81 -16.74 -0.26 7.20
C LEU D 81 -17.53 -0.97 8.28
N LEU D 82 -17.10 -2.19 8.64
CA LEU D 82 -17.73 -2.90 9.75
C LEU D 82 -17.57 -2.12 11.06
N GLY D 83 -16.37 -1.58 11.30
CA GLY D 83 -16.11 -0.92 12.57
C GLY D 83 -16.91 0.36 12.75
N ILE D 84 -17.00 1.17 11.71
CA ILE D 84 -17.69 2.46 11.82
C ILE D 84 -19.20 2.31 11.98
N TRP D 85 -19.74 1.11 11.76
CA TRP D 85 -21.15 0.82 12.01
C TRP D 85 -21.38 0.20 13.39
N GLY D 86 -20.33 0.01 14.18
CA GLY D 86 -20.49 -0.64 15.47
C GLY D 86 -20.67 -2.13 15.39
N CYS D 87 -20.28 -2.76 14.27
CA CYS D 87 -20.46 -4.19 14.04
C CYS D 87 -19.12 -4.89 13.90
N SER D 88 -18.07 -4.37 14.56
CA SER D 88 -16.76 -4.98 14.46
C SER D 88 -16.74 -6.36 15.12
N GLY D 89 -16.06 -7.30 14.48
CA GLY D 89 -15.95 -8.64 15.03
C GLY D 89 -17.27 -9.37 15.17
N LYS D 90 -18.14 -9.24 14.16
CA LYS D 90 -19.46 -9.88 14.18
C LYS D 90 -19.80 -10.35 12.78
N LEU D 91 -20.58 -11.44 12.73
CA LEU D 91 -21.11 -11.98 11.48
C LEU D 91 -22.51 -11.47 11.20
N ILE D 92 -23.37 -11.43 12.22
CA ILE D 92 -24.71 -10.85 12.12
C ILE D 92 -24.79 -9.76 13.19
N CYS D 93 -25.13 -8.54 12.76
CA CYS D 93 -25.12 -7.37 13.63
C CYS D 93 -26.48 -6.67 13.54
N CYS D 94 -27.25 -6.73 14.63
CA CYS D 94 -28.51 -6.03 14.71
C CYS D 94 -28.26 -4.54 14.92
N THR D 95 -28.90 -3.70 14.11
CA THR D 95 -28.69 -2.26 14.11
C THR D 95 -29.98 -1.55 14.51
N ASN D 96 -29.83 -0.27 14.86
CA ASN D 96 -30.94 0.54 15.37
C ASN D 96 -31.65 1.36 14.30
N VAL D 97 -31.13 1.42 13.09
CA VAL D 97 -31.75 2.23 12.04
C VAL D 97 -32.97 1.49 11.50
N PRO D 98 -34.11 2.14 11.34
CA PRO D 98 -35.26 1.45 10.74
C PRO D 98 -35.07 1.22 9.25
N TRP D 99 -35.76 0.20 8.75
CA TRP D 99 -35.73 -0.12 7.33
C TRP D 99 -36.84 0.65 6.62
N ASN D 100 -36.45 1.58 5.75
CA ASN D 100 -37.43 2.34 4.99
C ASN D 100 -38.09 1.45 3.95
N SER D 101 -39.42 1.46 3.91
CA SER D 101 -40.15 0.60 2.98
C SER D 101 -39.91 0.98 1.53
N SER D 102 -39.50 2.22 1.26
CA SER D 102 -39.25 2.64 -0.12
C SER D 102 -38.10 1.86 -0.74
N TRP D 103 -37.13 1.44 0.08
CA TRP D 103 -36.02 0.65 -0.45
C TRP D 103 -36.50 -0.67 -1.02
N SER D 104 -37.42 -1.34 -0.33
CA SER D 104 -37.97 -2.61 -0.81
C SER D 104 -39.32 -2.84 -0.14
N ASN D 105 -40.36 -3.04 -0.93
CA ASN D 105 -41.70 -3.32 -0.43
C ASN D 105 -41.93 -4.81 -0.19
N ARG D 106 -40.94 -5.65 -0.43
CA ARG D 106 -41.12 -7.09 -0.28
C ARG D 106 -41.21 -7.48 1.19
N ASN D 107 -41.89 -8.59 1.44
CA ASN D 107 -42.10 -9.06 2.80
C ASN D 107 -40.91 -9.89 3.28
N LEU D 108 -40.84 -10.09 4.59
CA LEU D 108 -39.75 -10.86 5.18
C LEU D 108 -39.77 -12.29 4.69
N SER D 109 -40.93 -12.94 4.70
CA SER D 109 -41.03 -14.32 4.25
C SER D 109 -40.70 -14.44 2.77
N GLU D 110 -41.00 -13.41 1.99
CA GLU D 110 -40.67 -13.44 0.57
C GLU D 110 -39.15 -13.50 0.37
N ILE D 111 -38.42 -12.56 0.97
CA ILE D 111 -36.99 -12.46 0.74
C ILE D 111 -36.22 -13.60 1.40
N TRP D 112 -36.60 -13.99 2.63
CA TRP D 112 -35.81 -14.95 3.38
C TRP D 112 -36.08 -16.40 3.00
N ASP D 113 -37.05 -16.66 2.10
CA ASP D 113 -37.38 -18.01 1.69
C ASP D 113 -37.56 -18.17 0.19
N ASN D 114 -37.58 -17.09 -0.60
CA ASN D 114 -37.76 -17.18 -2.05
C ASN D 114 -36.78 -16.28 -2.81
N MET D 115 -35.62 -15.99 -2.24
CA MET D 115 -34.65 -15.14 -2.91
C MET D 115 -33.26 -15.42 -2.34
N THR D 116 -32.25 -15.30 -3.19
CA THR D 116 -30.86 -15.51 -2.82
C THR D 116 -30.19 -14.18 -2.52
N TRP D 117 -28.99 -14.27 -1.94
CA TRP D 117 -28.25 -13.05 -1.59
C TRP D 117 -27.87 -12.26 -2.83
N LEU D 118 -27.51 -12.95 -3.92
CA LEU D 118 -27.14 -12.26 -5.15
C LEU D 118 -28.31 -11.46 -5.70
N GLN D 119 -29.50 -12.06 -5.72
CA GLN D 119 -30.68 -11.35 -6.19
C GLN D 119 -30.99 -10.14 -5.31
N TRP D 120 -30.81 -10.29 -3.99
CA TRP D 120 -31.00 -9.16 -3.08
C TRP D 120 -30.01 -8.04 -3.39
N ASP D 121 -28.75 -8.40 -3.64
CA ASP D 121 -27.75 -7.39 -3.97
C ASP D 121 -28.12 -6.66 -5.25
N LYS D 122 -28.60 -7.40 -6.25
CA LYS D 122 -29.04 -6.77 -7.49
C LYS D 122 -30.24 -5.87 -7.24
N GLU D 123 -31.13 -6.26 -6.31
CA GLU D 123 -32.33 -5.47 -6.05
C GLU D 123 -31.99 -4.14 -5.40
N ILE D 124 -31.12 -4.15 -4.39
CA ILE D 124 -30.84 -2.96 -3.58
C ILE D 124 -29.45 -2.43 -3.86
N SER D 125 -28.95 -2.65 -5.08
CA SER D 125 -27.63 -2.15 -5.44
C SER D 125 -27.58 -0.62 -5.44
N ASN D 126 -28.72 0.04 -5.63
CA ASN D 126 -28.77 1.49 -5.74
C ASN D 126 -29.16 2.16 -4.42
N TYR D 127 -29.26 1.42 -3.33
CA TYR D 127 -29.59 1.95 -2.01
C TYR D 127 -28.53 1.64 -0.96
N THR D 128 -27.41 1.03 -1.36
CA THR D 128 -26.39 0.65 -0.39
C THR D 128 -25.76 1.87 0.28
N GLN D 129 -25.47 2.91 -0.49
CA GLN D 129 -24.77 4.08 0.06
C GLN D 129 -25.62 4.80 1.10
N ILE D 130 -26.92 4.95 0.84
CA ILE D 130 -27.79 5.63 1.80
C ILE D 130 -27.88 4.82 3.09
N ILE D 131 -28.00 3.49 2.97
CA ILE D 131 -28.07 2.64 4.14
C ILE D 131 -26.78 2.74 4.95
N TYR D 132 -25.63 2.74 4.26
CA TYR D 132 -24.35 2.84 4.95
C TYR D 132 -24.22 4.18 5.67
N GLY D 133 -24.63 5.27 5.01
CA GLY D 133 -24.58 6.57 5.65
C GLY D 133 -25.46 6.65 6.88
N LEU D 134 -26.68 6.11 6.79
CA LEU D 134 -27.57 6.08 7.94
C LEU D 134 -26.97 5.23 9.06
N LEU D 135 -26.35 4.10 8.71
CA LEU D 135 -25.76 3.22 9.71
C LEU D 135 -24.63 3.92 10.47
N GLU D 136 -23.72 4.58 9.73
CA GLU D 136 -22.61 5.24 10.40
C GLU D 136 -23.09 6.44 11.21
N GLU D 137 -24.10 7.17 10.71
CA GLU D 137 -24.66 8.28 11.49
C GLU D 137 -25.29 7.77 12.78
N SER D 138 -26.01 6.65 12.70
CA SER D 138 -26.62 6.08 13.90
C SER D 138 -25.56 5.58 14.87
N GLN D 139 -24.46 5.01 14.36
CA GLN D 139 -23.38 4.60 15.23
C GLN D 139 -22.76 5.79 15.95
N ASN D 140 -22.57 6.90 15.23
CA ASN D 140 -22.05 8.11 15.87
C ASN D 140 -23.02 8.62 16.94
N GLN D 141 -24.33 8.60 16.65
CA GLN D 141 -25.32 9.02 17.63
C GLN D 141 -25.30 8.11 18.85
N GLN D 142 -25.16 6.80 18.64
CA GLN D 142 -25.07 5.86 19.75
C GLN D 142 -23.83 6.13 20.60
N GLU D 143 -22.70 6.43 19.95
CA GLU D 143 -21.50 6.76 20.70
C GLU D 143 -21.69 8.02 21.54
N LYS D 144 -22.33 9.04 20.96
CA LYS D 144 -22.61 10.26 21.71
C LYS D 144 -23.54 9.98 22.89
N ASN D 145 -24.56 9.14 22.68
CA ASN D 145 -25.47 8.78 23.76
C ASN D 145 -24.74 8.04 24.86
N GLU D 146 -23.84 7.13 24.50
CA GLU D 146 -23.07 6.41 25.51
C GLU D 146 -22.16 7.37 26.29
N GLN D 147 -21.57 8.34 25.60
CA GLN D 147 -20.77 9.34 26.30
C GLN D 147 -21.61 10.13 27.29
N ASP D 148 -22.81 10.55 26.86
CA ASP D 148 -23.69 11.29 27.76
C ASP D 148 -24.11 10.44 28.95
N LEU D 149 -24.39 9.15 28.71
CA LEU D 149 -24.75 8.25 29.81
C LEU D 149 -23.61 8.11 30.80
N LEU D 150 -22.38 7.96 30.29
CA LEU D 150 -21.22 7.86 31.17
C LEU D 150 -20.90 9.18 31.86
N ALA D 151 -21.39 10.30 31.35
CA ALA D 151 -21.19 11.59 32.01
C ALA D 151 -21.93 11.69 33.34
N LEU D 152 -22.93 10.85 33.57
CA LEU D 152 -23.69 10.87 34.82
C LEU D 152 -23.15 9.82 35.79
N ALA E 1 -12.34 20.39 42.13
CA ALA E 1 -13.71 19.92 41.94
C ALA E 1 -14.07 19.85 40.46
N GLU E 2 -13.08 19.53 39.63
CA GLU E 2 -13.27 19.45 38.18
C GLU E 2 -13.69 18.05 37.75
N ASN E 3 -12.86 17.04 38.05
CA ASN E 3 -13.12 15.65 37.66
C ASN E 3 -13.33 15.55 36.15
N LEU E 4 -12.29 15.90 35.40
CA LEU E 4 -12.26 15.80 33.95
C LEU E 4 -11.33 14.65 33.57
N TRP E 5 -11.81 13.79 32.67
CA TRP E 5 -11.08 12.60 32.25
C TRP E 5 -10.80 12.66 30.76
N VAL E 6 -9.73 11.97 30.36
CA VAL E 6 -9.35 11.92 28.95
C VAL E 6 -10.38 11.14 28.16
N THR E 7 -10.75 11.65 27.00
CA THR E 7 -11.65 10.98 26.07
C THR E 7 -11.02 11.03 24.69
N VAL E 8 -10.98 9.89 24.02
CA VAL E 8 -10.34 9.75 22.72
C VAL E 8 -11.40 9.86 21.64
N TYR E 9 -11.20 10.79 20.71
CA TYR E 9 -12.08 11.00 19.57
C TYR E 9 -11.34 10.61 18.30
N TYR E 10 -11.90 9.68 17.55
CA TYR E 10 -11.34 9.23 16.29
C TYR E 10 -12.14 9.82 15.14
N GLY E 11 -11.45 10.51 14.24
CA GLY E 11 -12.09 11.17 13.11
C GLY E 11 -12.30 12.66 13.29
N VAL E 12 -11.58 13.30 14.20
CA VAL E 12 -11.72 14.74 14.41
C VAL E 12 -11.21 15.46 13.16
N PRO E 13 -11.76 16.63 12.80
CA PRO E 13 -11.26 17.33 11.60
C PRO E 13 -10.01 18.16 11.88
N VAL E 14 -8.86 17.48 11.86
CA VAL E 14 -7.57 18.08 12.15
C VAL E 14 -6.58 17.71 11.06
N TRP E 15 -5.76 18.68 10.66
CA TRP E 15 -4.73 18.45 9.66
C TRP E 15 -3.52 19.29 9.99
N LYS E 16 -2.39 18.95 9.38
CA LYS E 16 -1.18 19.76 9.50
C LYS E 16 -0.29 19.52 8.29
N ASP E 17 0.62 20.46 8.06
CA ASP E 17 1.43 20.44 6.85
C ASP E 17 2.26 19.17 6.75
N ALA E 18 2.34 18.63 5.54
CA ALA E 18 3.08 17.40 5.28
C ALA E 18 3.51 17.37 3.82
N GLU E 19 4.49 16.50 3.54
CA GLU E 19 5.00 16.28 2.20
C GLU E 19 4.72 14.85 1.78
N THR E 20 4.09 14.68 0.62
CA THR E 20 3.73 13.37 0.10
C THR E 20 3.92 13.37 -1.41
N THR E 21 3.54 12.26 -2.05
CA THR E 21 3.68 12.06 -3.49
C THR E 21 2.29 12.16 -4.11
N LEU E 22 2.02 13.28 -4.77
CA LEU E 22 0.76 13.47 -5.47
C LEU E 22 0.78 12.69 -6.78
N PHE E 23 -0.30 11.98 -7.08
CA PHE E 23 -0.40 11.19 -8.29
C PHE E 23 -1.26 11.90 -9.33
N CYS E 24 -1.08 11.51 -10.59
CA CYS E 24 -1.64 12.23 -11.72
C CYS E 24 -2.99 11.64 -12.14
N ALA E 25 -3.87 12.53 -12.60
CA ALA E 25 -5.16 12.17 -13.15
C ALA E 25 -5.44 13.09 -14.34
N SER E 26 -5.96 12.51 -15.41
CA SER E 26 -6.24 13.24 -16.63
C SER E 26 -7.55 12.75 -17.23
N ASP E 27 -8.17 13.62 -18.02
CA ASP E 27 -9.43 13.30 -18.69
C ASP E 27 -9.19 12.22 -19.75
N HIS E 36 0.02 9.19 -28.62
CA HIS E 36 1.36 9.31 -28.08
C HIS E 36 1.66 10.76 -27.70
N ASN E 37 2.07 10.96 -26.44
CA ASN E 37 2.37 12.29 -25.92
C ASN E 37 3.60 12.21 -25.03
N VAL E 38 4.29 13.34 -24.91
CA VAL E 38 5.45 13.41 -24.02
C VAL E 38 5.01 13.19 -22.57
N TRP E 39 3.89 13.78 -22.18
CA TRP E 39 3.36 13.66 -20.82
C TRP E 39 2.45 12.44 -20.79
N ALA E 40 2.94 11.35 -20.19
CA ALA E 40 2.25 10.06 -20.23
C ALA E 40 1.01 10.13 -19.33
N THR E 41 -0.15 10.35 -19.95
CA THR E 41 -1.42 10.32 -19.25
C THR E 41 -2.10 8.96 -19.31
N HIS E 42 -1.56 8.02 -20.10
CA HIS E 42 -2.18 6.70 -20.19
C HIS E 42 -2.13 5.95 -18.87
N ALA E 43 -1.12 6.22 -18.04
CA ALA E 43 -0.95 5.54 -16.76
C ALA E 43 -1.59 6.28 -15.60
N CYS E 44 -2.31 7.37 -15.85
CA CYS E 44 -2.90 8.18 -14.80
C CYS E 44 -4.33 7.73 -14.53
N VAL E 45 -4.72 7.77 -13.26
CA VAL E 45 -6.09 7.40 -12.88
C VAL E 45 -7.07 8.39 -13.51
N PRO E 46 -8.10 7.95 -14.23
CA PRO E 46 -8.98 8.92 -14.89
C PRO E 46 -9.72 9.80 -13.88
N THR E 47 -9.88 11.07 -14.25
CA THR E 47 -10.51 12.03 -13.36
C THR E 47 -11.99 11.71 -13.16
N ASP E 48 -12.49 12.03 -11.98
CA ASP E 48 -13.90 11.81 -11.69
C ASP E 48 -14.75 12.75 -12.54
N PRO E 49 -15.94 12.33 -12.98
CA PRO E 49 -16.76 13.22 -13.81
C PRO E 49 -17.19 14.49 -13.09
N ASN E 50 -17.42 14.42 -11.78
CA ASN E 50 -17.89 15.56 -10.98
C ASN E 50 -16.95 15.75 -9.81
N PRO E 51 -15.92 16.59 -9.94
CA PRO E 51 -14.98 16.79 -8.82
C PRO E 51 -15.68 17.37 -7.60
N GLN E 52 -15.23 16.93 -6.43
CA GLN E 52 -15.84 17.32 -5.16
C GLN E 52 -14.96 18.40 -4.52
N GLU E 53 -15.55 19.58 -4.31
CA GLU E 53 -14.88 20.74 -3.74
C GLU E 53 -15.71 21.20 -2.54
N ILE E 54 -15.19 20.97 -1.33
CA ILE E 54 -15.94 21.23 -0.10
C ILE E 54 -15.38 22.48 0.55
N HIS E 55 -16.23 23.49 0.71
CA HIS E 55 -15.81 24.74 1.34
C HIS E 55 -15.66 24.55 2.84
N LEU E 56 -14.54 25.04 3.39
CA LEU E 56 -14.25 24.95 4.82
C LEU E 56 -14.57 26.29 5.46
N GLU E 57 -15.80 26.42 5.96
CA GLU E 57 -16.22 27.65 6.63
C GLU E 57 -15.52 27.78 7.98
N ASN E 58 -15.27 29.02 8.39
CA ASN E 58 -14.59 29.33 9.65
C ASN E 58 -13.21 28.69 9.71
N VAL E 59 -12.51 28.68 8.58
CA VAL E 59 -11.17 28.12 8.49
C VAL E 59 -10.27 29.13 7.79
N THR E 60 -9.24 29.59 8.51
CA THR E 60 -8.20 30.45 7.97
C THR E 60 -6.90 29.65 7.97
N GLU E 61 -6.28 29.52 6.79
CA GLU E 61 -5.12 28.65 6.61
C GLU E 61 -3.94 29.46 6.07
N GLU E 62 -2.75 29.15 6.58
CA GLU E 62 -1.54 29.84 6.14
C GLU E 62 -0.99 29.17 4.90
N PHE E 63 -0.82 29.94 3.83
CA PHE E 63 -0.27 29.47 2.57
C PHE E 63 1.07 30.13 2.29
N ASN E 64 1.90 29.45 1.49
CA ASN E 64 3.19 30.01 1.09
C ASN E 64 3.57 29.37 -0.24
N MET E 65 3.40 30.14 -1.33
CA MET E 65 3.71 29.63 -2.66
C MET E 65 5.20 29.32 -2.82
N TRP E 66 6.06 30.10 -2.16
CA TRP E 66 7.49 30.03 -2.40
C TRP E 66 8.18 28.88 -1.67
N LYS E 67 7.47 28.18 -0.78
CA LYS E 67 8.00 27.01 -0.07
C LYS E 67 7.07 25.81 -0.25
N ASN E 68 6.42 25.71 -1.39
CA ASN E 68 5.45 24.65 -1.65
C ASN E 68 6.18 23.44 -2.25
N ASN E 69 6.04 22.29 -1.61
CA ASN E 69 6.63 21.05 -2.13
C ASN E 69 5.97 20.61 -3.43
N MET E 70 4.75 21.08 -3.71
CA MET E 70 4.08 20.69 -4.94
C MET E 70 4.86 21.14 -6.17
N VAL E 71 5.47 22.33 -6.10
CA VAL E 71 6.25 22.84 -7.22
C VAL E 71 7.44 21.92 -7.51
N GLU E 72 8.15 21.53 -6.44
CA GLU E 72 9.30 20.63 -6.62
C GLU E 72 8.84 19.28 -7.16
N GLN E 73 7.73 18.75 -6.63
CA GLN E 73 7.23 17.47 -7.11
C GLN E 73 6.86 17.54 -8.58
N MET E 74 6.17 18.62 -8.99
CA MET E 74 5.79 18.76 -10.39
C MET E 74 7.01 18.91 -11.28
N HIS E 75 8.01 19.67 -10.84
CA HIS E 75 9.23 19.82 -11.64
C HIS E 75 9.90 18.47 -11.85
N THR E 76 10.09 17.71 -10.76
CA THR E 76 10.73 16.41 -10.88
C THR E 76 9.91 15.47 -11.75
N ASP E 77 8.59 15.52 -11.62
CA ASP E 77 7.72 14.66 -12.42
C ASP E 77 7.83 15.01 -13.90
N ILE E 78 7.89 16.30 -14.22
CA ILE E 78 8.00 16.71 -15.63
C ILE E 78 9.34 16.27 -16.21
N ILE E 79 10.43 16.43 -15.45
CA ILE E 79 11.73 15.99 -15.96
C ILE E 79 11.73 14.47 -16.15
N SER E 80 11.14 13.74 -15.21
CA SER E 80 11.08 12.28 -15.33
C SER E 80 10.27 11.87 -16.56
N LEU E 81 9.13 12.52 -16.79
CA LEU E 81 8.32 12.21 -17.96
C LEU E 81 9.07 12.53 -19.25
N TRP E 82 9.80 13.65 -19.28
CA TRP E 82 10.58 13.99 -20.46
C TRP E 82 11.64 12.93 -20.73
N ASP E 83 12.34 12.49 -19.68
CA ASP E 83 13.35 11.46 -19.85
C ASP E 83 12.74 10.15 -20.32
N GLN E 84 11.58 9.78 -19.77
CA GLN E 84 10.91 8.56 -20.20
C GLN E 84 10.50 8.65 -21.66
N SER E 85 9.96 9.80 -22.08
CA SER E 85 9.56 9.98 -23.47
C SER E 85 10.76 9.89 -24.40
N LEU E 86 11.90 10.45 -24.00
CA LEU E 86 13.08 10.43 -24.85
C LEU E 86 13.85 9.12 -24.79
N LYS E 87 13.56 8.24 -23.82
CA LYS E 87 14.32 6.99 -23.72
C LYS E 87 14.14 6.11 -24.94
N PRO E 88 12.92 5.79 -25.41
CA PRO E 88 12.78 4.91 -26.60
C PRO E 88 12.80 5.68 -27.91
N CYS E 89 13.98 6.23 -28.25
CA CYS E 89 14.14 6.98 -29.48
C CYS E 89 15.58 6.83 -29.98
N VAL E 90 15.79 7.23 -31.23
CA VAL E 90 17.09 7.08 -31.87
C VAL E 90 18.09 8.02 -31.19
N LYS E 91 19.31 7.52 -31.00
CA LYS E 91 20.42 8.31 -30.48
C LYS E 91 21.29 8.75 -31.65
N LEU E 92 21.49 10.07 -31.79
CA LEU E 92 22.23 10.63 -32.92
C LEU E 92 23.72 10.70 -32.61
N THR E 93 24.31 9.54 -32.37
CA THR E 93 25.75 9.43 -32.17
C THR E 93 26.50 9.48 -33.50
N PRO E 94 26.05 8.77 -34.55
CA PRO E 94 26.76 8.88 -35.84
C PRO E 94 26.71 10.27 -36.45
N LEU E 95 25.75 11.11 -36.05
CA LEU E 95 25.59 12.42 -36.67
C LEU E 95 26.79 13.34 -36.42
N CYS E 96 27.62 13.04 -35.41
CA CYS E 96 28.77 13.88 -35.10
C CYS E 96 29.88 13.57 -36.09
N VAL E 97 29.98 14.41 -37.13
CA VAL E 97 30.97 14.24 -38.18
C VAL E 97 31.34 15.61 -38.76
N THR E 98 32.41 15.62 -39.54
CA THR E 98 32.80 16.80 -40.29
C THR E 98 31.76 17.10 -41.35
N LEU E 99 31.34 18.37 -41.44
CA LEU E 99 30.29 18.80 -42.36
C LEU E 99 30.87 19.83 -43.32
N GLN E 100 30.59 19.65 -44.61
CA GLN E 100 30.94 20.62 -45.63
C GLN E 100 29.73 21.53 -45.85
N CYS E 101 29.79 22.74 -45.32
CA CYS E 101 28.64 23.63 -45.25
C CYS E 101 28.84 24.86 -46.13
N THR E 102 27.80 25.21 -46.88
CA THR E 102 27.73 26.42 -47.68
C THR E 102 26.55 27.26 -47.23
N ASN E 103 26.53 28.52 -47.67
CA ASN E 103 25.46 29.43 -47.31
C ASN E 103 24.24 29.20 -48.19
N VAL E 104 23.07 29.20 -47.57
CA VAL E 104 21.79 29.07 -48.27
C VAL E 104 21.39 30.46 -48.74
N THR E 105 21.49 30.70 -50.05
CA THR E 105 21.20 32.00 -50.65
C THR E 105 20.08 31.91 -51.70
N ASN E 106 19.26 30.86 -51.65
CA ASN E 106 18.19 30.65 -52.62
C ASN E 106 16.89 31.21 -52.06
N ASN E 107 16.46 32.36 -52.59
CA ASN E 107 15.18 32.97 -52.22
C ASN E 107 15.11 33.23 -50.72
N ILE E 108 16.01 34.10 -50.25
CA ILE E 108 16.11 34.45 -48.84
C ILE E 108 16.07 35.97 -48.70
N THR E 109 15.53 36.43 -47.58
CA THR E 109 15.41 37.85 -47.29
C THR E 109 16.67 38.37 -46.60
N ASP E 110 16.78 39.70 -46.52
CA ASP E 110 17.96 40.31 -45.93
C ASP E 110 18.12 39.95 -44.46
N ASP E 111 17.02 39.70 -43.75
CA ASP E 111 17.10 39.37 -42.34
C ASP E 111 17.45 37.90 -42.08
N MET E 112 17.49 37.07 -43.12
CA MET E 112 17.79 35.65 -42.98
C MET E 112 19.15 35.28 -43.57
N ARG E 113 20.01 36.27 -43.82
CA ARG E 113 21.32 35.99 -44.40
C ARG E 113 22.19 35.24 -43.41
N GLY E 114 22.63 34.05 -43.78
CA GLY E 114 23.53 33.26 -42.96
C GLY E 114 22.88 32.45 -41.87
N GLU E 115 21.56 32.51 -41.72
CA GLU E 115 20.90 31.77 -40.65
C GLU E 115 20.85 30.27 -40.95
N LEU E 116 20.76 29.90 -42.23
CA LEU E 116 20.67 28.51 -42.65
C LEU E 116 21.94 28.12 -43.39
N LYS E 117 22.40 26.89 -43.15
CA LYS E 117 23.60 26.35 -43.78
C LYS E 117 23.26 25.03 -44.45
N ASN E 118 23.60 24.92 -45.73
CA ASN E 118 23.43 23.68 -46.48
C ASN E 118 24.68 22.83 -46.29
N CYS E 119 24.55 21.76 -45.51
CA CYS E 119 25.69 20.96 -45.07
C CYS E 119 25.60 19.56 -45.64
N SER E 120 26.66 19.11 -46.30
CA SER E 120 26.79 17.76 -46.82
C SER E 120 27.78 16.97 -45.97
N PHE E 121 27.49 15.69 -45.80
CA PHE E 121 28.31 14.83 -44.95
C PHE E 121 28.12 13.37 -45.34
N ASN E 122 29.11 12.56 -44.98
CA ASN E 122 29.00 11.12 -45.07
C ASN E 122 28.28 10.58 -43.83
N MET E 123 27.54 9.49 -44.04
CA MET E 123 26.74 8.92 -42.96
C MET E 123 26.62 7.41 -43.16
N THR E 124 26.46 6.70 -42.05
CA THR E 124 26.32 5.26 -42.09
C THR E 124 24.98 4.85 -42.71
N THR E 125 24.92 3.60 -43.16
CA THR E 125 23.74 3.01 -43.76
C THR E 125 23.32 1.78 -42.96
N GLU E 126 22.38 1.01 -43.50
CA GLU E 126 21.96 -0.23 -42.84
C GLU E 126 23.14 -1.16 -42.64
N LEU E 127 23.96 -1.33 -43.68
CA LEU E 127 25.13 -2.18 -43.60
C LEU E 127 26.30 -1.43 -42.99
N ARG E 128 27.06 -2.13 -42.14
CA ARG E 128 28.19 -1.50 -41.46
C ARG E 128 29.28 -1.07 -42.43
N ASP E 129 29.40 -1.75 -43.56
CA ASP E 129 30.50 -1.54 -44.50
C ASP E 129 30.15 -0.60 -45.65
N LYS E 130 29.03 0.13 -45.55
CA LYS E 130 28.58 1.02 -46.61
C LYS E 130 28.32 2.40 -46.02
N LYS E 131 28.63 3.44 -46.82
CA LYS E 131 28.43 4.83 -46.42
C LYS E 131 27.69 5.56 -47.54
N GLN E 132 26.99 6.61 -47.16
CA GLN E 132 26.18 7.40 -48.08
C GLN E 132 26.47 8.88 -47.88
N LYS E 133 26.60 9.60 -48.99
CA LYS E 133 26.79 11.05 -48.96
C LYS E 133 25.41 11.72 -49.02
N VAL E 134 25.07 12.45 -47.95
CA VAL E 134 23.76 13.07 -47.82
C VAL E 134 23.96 14.55 -47.52
N TYR E 135 22.86 15.31 -47.57
CA TYR E 135 22.88 16.74 -47.31
C TYR E 135 21.67 17.11 -46.48
N SER E 136 21.77 18.26 -45.81
CA SER E 136 20.72 18.73 -44.92
C SER E 136 20.86 20.24 -44.78
N LEU E 137 19.86 20.84 -44.14
CA LEU E 137 19.86 22.25 -43.80
C LEU E 137 19.90 22.39 -42.28
N PHE E 138 20.88 23.11 -41.77
CA PHE E 138 21.08 23.29 -40.33
C PHE E 138 21.04 24.77 -39.99
N TYR E 139 20.35 25.09 -38.89
CA TYR E 139 20.30 26.47 -38.44
C TYR E 139 21.66 26.91 -37.93
N ARG E 140 21.94 28.21 -38.08
CA ARG E 140 23.25 28.74 -37.72
C ARG E 140 23.57 28.54 -36.24
N LEU E 141 22.55 28.52 -35.39
CA LEU E 141 22.77 28.29 -33.97
C LEU E 141 23.13 26.85 -33.64
N ASP E 142 22.98 25.93 -34.60
CA ASP E 142 23.21 24.51 -34.35
C ASP E 142 24.58 24.02 -34.82
N VAL E 143 25.25 24.77 -35.69
CA VAL E 143 26.52 24.35 -36.28
C VAL E 143 27.59 25.38 -35.91
N VAL E 144 28.77 24.88 -35.58
CA VAL E 144 29.92 25.72 -35.22
C VAL E 144 31.09 25.32 -36.10
N GLN E 145 31.82 26.31 -36.61
CA GLN E 145 32.96 26.05 -37.47
C GLN E 145 34.07 25.36 -36.69
N ILE E 146 34.71 24.38 -37.32
CA ILE E 146 35.81 23.66 -36.71
C ILE E 146 37.03 24.59 -36.67
N LYS E 159 34.30 26.54 -43.88
CA LYS E 159 33.51 25.50 -44.53
C LYS E 159 33.49 24.21 -43.70
N GLU E 160 34.42 24.08 -42.76
CA GLU E 160 34.50 22.92 -41.89
C GLU E 160 33.66 23.20 -40.64
N TYR E 161 32.63 22.38 -40.43
CA TYR E 161 31.65 22.62 -39.38
C TYR E 161 31.34 21.33 -38.63
N ARG E 162 30.79 21.49 -37.43
CA ARG E 162 30.31 20.36 -36.65
C ARG E 162 29.16 20.81 -35.78
N LEU E 163 28.34 19.86 -35.35
CA LEU E 163 27.21 20.18 -34.49
C LEU E 163 27.70 20.72 -33.15
N ILE E 164 26.90 21.61 -32.56
CA ILE E 164 27.32 22.32 -31.36
C ILE E 164 27.48 21.36 -30.18
N ASN E 165 26.67 20.30 -30.13
CA ASN E 165 26.63 19.40 -28.99
C ASN E 165 27.71 18.32 -29.04
N CYS E 166 28.49 18.25 -30.13
CA CYS E 166 29.43 17.13 -30.28
C CYS E 166 30.50 17.14 -29.19
N ASN E 167 30.97 18.31 -28.79
CA ASN E 167 31.99 18.43 -27.77
C ASN E 167 31.41 18.49 -26.36
N THR E 168 30.11 18.29 -26.21
CA THR E 168 29.47 18.21 -24.90
C THR E 168 28.95 16.81 -24.60
N SER E 169 28.09 16.27 -25.46
CA SER E 169 27.56 14.92 -25.29
C SER E 169 26.74 14.58 -26.53
N ALA E 170 26.30 13.32 -26.59
CA ALA E 170 25.46 12.88 -27.69
C ALA E 170 24.03 13.41 -27.51
N CYS E 171 23.29 13.41 -28.61
CA CYS E 171 21.92 13.90 -28.66
C CYS E 171 20.97 12.76 -29.02
N THR E 172 19.81 12.74 -28.35
CA THR E 172 18.76 11.78 -28.63
C THR E 172 17.68 12.47 -29.45
N GLN E 173 17.46 11.99 -30.67
CA GLN E 173 16.45 12.58 -31.53
C GLN E 173 15.05 12.38 -30.93
N ALA E 174 14.25 13.43 -30.97
CA ALA E 174 12.87 13.32 -30.51
C ALA E 174 12.06 12.50 -31.51
N CYS E 175 11.33 11.51 -31.00
CA CYS E 175 10.54 10.67 -31.89
C CYS E 175 9.42 11.51 -32.52
N PRO E 176 9.14 11.33 -33.82
CA PRO E 176 8.14 12.18 -34.47
C PRO E 176 6.72 11.94 -33.98
N LYS E 177 6.42 10.76 -33.44
CA LYS E 177 5.03 10.43 -33.11
C LYS E 177 4.57 11.16 -31.86
N VAL E 178 5.42 11.25 -30.83
CA VAL E 178 5.01 11.89 -29.59
C VAL E 178 4.81 13.37 -29.83
N SER E 179 3.69 13.90 -29.30
CA SER E 179 3.32 15.29 -29.50
C SER E 179 3.76 16.13 -28.30
N PHE E 180 4.34 17.30 -28.59
CA PHE E 180 4.81 18.21 -27.57
C PHE E 180 3.71 19.08 -26.97
N GLU E 181 2.47 18.92 -27.43
CA GLU E 181 1.38 19.78 -26.95
C GLU E 181 1.15 19.52 -25.47
N PRO E 182 1.08 20.56 -24.62
CA PRO E 182 0.74 20.32 -23.21
C PRO E 182 -0.66 19.72 -23.06
N ILE E 183 -0.79 18.87 -22.05
CA ILE E 183 -2.07 18.26 -21.70
C ILE E 183 -2.37 18.64 -20.25
N PRO E 184 -3.62 18.94 -19.88
CA PRO E 184 -3.89 19.24 -18.46
C PRO E 184 -3.55 18.06 -17.56
N ILE E 185 -2.99 18.37 -16.40
CA ILE E 185 -2.60 17.36 -15.41
C ILE E 185 -3.23 17.75 -14.08
N HIS E 186 -3.92 16.80 -13.45
CA HIS E 186 -4.53 17.00 -12.14
C HIS E 186 -3.72 16.23 -11.10
N TYR E 187 -3.34 16.91 -10.02
CA TYR E 187 -2.56 16.30 -8.95
C TYR E 187 -3.49 15.98 -7.78
N CYS E 188 -3.47 14.72 -7.34
CA CYS E 188 -4.35 14.24 -6.28
C CYS E 188 -3.52 13.59 -5.19
N ALA E 189 -3.91 13.86 -3.93
CA ALA E 189 -3.24 13.29 -2.78
C ALA E 189 -3.80 11.91 -2.47
N PRO E 190 -3.06 11.06 -1.76
CA PRO E 190 -3.57 9.72 -1.41
C PRO E 190 -4.60 9.81 -0.28
N ALA E 191 -5.04 8.64 0.16
CA ALA E 191 -5.92 8.55 1.32
C ALA E 191 -5.18 8.99 2.57
N GLY E 192 -5.89 9.68 3.47
CA GLY E 192 -5.28 10.26 4.65
C GLY E 192 -4.61 11.59 4.43
N PHE E 193 -4.62 12.11 3.19
CA PHE E 193 -4.05 13.41 2.86
C PHE E 193 -5.09 14.23 2.14
N ALA E 194 -4.99 15.56 2.26
CA ALA E 194 -5.94 16.48 1.67
C ALA E 194 -5.20 17.61 0.98
N ILE E 195 -5.86 18.19 -0.03
CA ILE E 195 -5.35 19.35 -0.75
C ILE E 195 -6.27 20.52 -0.44
N LEU E 196 -5.68 21.59 0.10
CA LEU E 196 -6.41 22.80 0.45
C LEU E 196 -6.18 23.86 -0.62
N LYS E 197 -7.28 24.47 -1.07
CA LYS E 197 -7.27 25.48 -2.12
C LYS E 197 -7.73 26.81 -1.53
N CYS E 198 -6.97 27.87 -1.77
CA CYS E 198 -7.29 29.20 -1.27
C CYS E 198 -8.17 29.89 -2.30
N LYS E 199 -9.48 29.99 -1.99
CA LYS E 199 -10.42 30.66 -2.88
C LYS E 199 -10.37 32.17 -2.77
N ASP E 200 -9.69 32.72 -1.77
CA ASP E 200 -9.66 34.16 -1.59
C ASP E 200 -8.99 34.83 -2.79
N LYS E 201 -9.68 35.81 -3.36
CA LYS E 201 -9.15 36.54 -4.50
C LYS E 201 -8.18 37.62 -4.03
N LYS E 202 -7.48 38.22 -4.99
CA LYS E 202 -6.45 39.23 -4.71
C LYS E 202 -5.37 38.67 -3.79
N PHE E 203 -5.07 37.38 -3.92
CA PHE E 203 -4.20 36.69 -2.98
C PHE E 203 -2.73 36.89 -3.35
N ASN E 204 -1.94 37.23 -2.34
CA ASN E 204 -0.50 37.46 -2.49
C ASN E 204 0.29 36.17 -2.69
N GLY E 205 -0.25 35.02 -2.29
CA GLY E 205 0.48 33.77 -2.32
C GLY E 205 1.21 33.43 -1.04
N THR E 206 1.25 34.35 -0.07
CA THR E 206 1.96 34.13 1.18
C THR E 206 1.19 34.81 2.32
N GLY E 207 0.87 34.03 3.34
CA GLY E 207 0.17 34.56 4.51
C GLY E 207 -1.14 33.85 4.76
N PRO E 208 -2.00 34.44 5.60
CA PRO E 208 -3.31 33.82 5.86
C PRO E 208 -4.23 33.88 4.65
N CYS E 209 -5.14 32.92 4.60
CA CYS E 209 -6.19 32.86 3.59
C CYS E 209 -7.48 32.49 4.32
N PRO E 210 -8.50 33.38 4.38
CA PRO E 210 -9.70 33.03 5.16
C PRO E 210 -10.67 32.15 4.39
N SER E 211 -10.70 32.29 3.07
CA SER E 211 -11.58 31.51 2.21
C SER E 211 -10.79 30.30 1.71
N VAL E 212 -11.01 29.15 2.35
CA VAL E 212 -10.26 27.93 2.06
C VAL E 212 -11.26 26.80 1.83
N SER E 213 -10.96 25.95 0.85
CA SER E 213 -11.73 24.76 0.54
C SER E 213 -10.79 23.57 0.45
N THR E 214 -11.38 22.38 0.37
CA THR E 214 -10.64 21.14 0.19
C THR E 214 -11.09 20.47 -1.09
N VAL E 215 -10.12 19.97 -1.86
CA VAL E 215 -10.35 19.35 -3.16
C VAL E 215 -9.62 18.02 -3.20
N GLN E 216 -10.26 17.02 -3.80
CA GLN E 216 -9.62 15.72 -3.99
C GLN E 216 -8.51 15.80 -5.03
N CYS E 217 -8.61 16.73 -5.99
CA CYS E 217 -7.59 16.91 -7.01
C CYS E 217 -7.53 18.39 -7.37
N THR E 218 -6.37 18.80 -7.90
CA THR E 218 -6.19 20.16 -8.37
C THR E 218 -6.78 20.31 -9.77
N HIS E 219 -6.92 21.55 -10.21
CA HIS E 219 -7.44 21.82 -11.53
C HIS E 219 -6.43 21.41 -12.59
N GLY E 220 -6.92 21.23 -13.81
CA GLY E 220 -6.06 20.84 -14.92
C GLY E 220 -5.00 21.87 -15.22
N ILE E 221 -3.75 21.53 -14.93
CA ILE E 221 -2.61 22.42 -15.14
C ILE E 221 -1.83 21.91 -16.34
N LYS E 222 -1.80 22.69 -17.40
CA LYS E 222 -1.05 22.32 -18.59
C LYS E 222 0.43 22.64 -18.40
N PRO E 223 1.34 21.65 -18.52
CA PRO E 223 2.76 21.97 -18.30
C PRO E 223 3.36 22.75 -19.46
N VAL E 224 3.05 24.05 -19.51
CA VAL E 224 3.55 24.91 -20.58
C VAL E 224 4.96 25.35 -20.23
N VAL E 225 5.89 25.13 -21.17
CA VAL E 225 7.28 25.50 -21.01
C VAL E 225 7.50 26.80 -21.76
N SER E 226 7.83 27.87 -21.02
CA SER E 226 8.07 29.17 -21.64
C SER E 226 8.95 30.00 -20.71
N THR E 227 9.61 30.98 -21.29
CA THR E 227 10.46 31.91 -20.56
C THR E 227 10.08 33.34 -20.92
N GLN E 228 10.04 34.21 -19.90
CA GLN E 228 9.74 35.63 -20.05
C GLN E 228 8.27 35.90 -20.35
N LEU E 229 7.46 34.85 -20.54
CA LEU E 229 6.05 35.01 -20.87
C LEU E 229 5.34 33.73 -20.50
N LEU E 230 4.38 33.81 -19.58
CA LEU E 230 3.59 32.65 -19.19
C LEU E 230 2.44 32.49 -20.20
N LEU E 231 2.43 31.37 -20.91
CA LEU E 231 1.50 31.15 -22.01
C LEU E 231 0.48 30.07 -21.63
N ASN E 232 -0.77 30.28 -22.04
CA ASN E 232 -1.85 29.33 -21.82
C ASN E 232 -1.99 28.99 -20.33
N GLY E 233 -1.88 30.02 -19.49
CA GLY E 233 -1.97 29.85 -18.05
C GLY E 233 -3.32 30.27 -17.50
N SER E 234 -3.35 30.51 -16.20
CA SER E 234 -4.56 30.92 -15.50
C SER E 234 -4.55 32.43 -15.30
N LEU E 235 -5.73 33.03 -15.44
CA LEU E 235 -5.89 34.48 -15.35
C LEU E 235 -6.49 34.87 -14.01
N ALA E 236 -6.04 36.01 -13.48
CA ALA E 236 -6.62 36.55 -12.26
C ALA E 236 -8.07 36.95 -12.50
N GLU E 237 -8.91 36.74 -11.48
CA GLU E 237 -10.34 36.97 -11.63
C GLU E 237 -10.76 38.41 -11.33
N GLU E 238 -9.90 39.20 -10.70
CA GLU E 238 -10.23 40.57 -10.32
C GLU E 238 -9.35 41.61 -10.99
N GLU E 239 -8.03 41.49 -10.88
CA GLU E 239 -7.12 42.46 -11.46
C GLU E 239 -5.75 41.83 -11.57
N VAL E 240 -4.81 42.59 -12.13
CA VAL E 240 -3.44 42.09 -12.28
C VAL E 240 -2.83 41.88 -10.91
N MET E 241 -2.19 40.73 -10.72
CA MET E 241 -1.63 40.34 -9.44
C MET E 241 -0.11 40.32 -9.53
N ILE E 242 0.54 40.91 -8.52
CA ILE E 242 2.00 40.91 -8.39
C ILE E 242 2.34 40.05 -7.19
N ARG E 243 3.27 39.10 -7.38
CA ARG E 243 3.68 38.18 -6.33
C ARG E 243 5.20 38.11 -6.28
N SER E 244 5.74 38.10 -5.07
CA SER E 244 7.19 38.03 -4.89
C SER E 244 7.47 37.49 -3.49
N GLU E 245 8.49 36.65 -3.38
CA GLU E 245 8.91 36.17 -2.08
C GLU E 245 9.39 37.31 -1.20
N ASN E 246 10.11 38.27 -1.78
CA ASN E 246 10.56 39.46 -1.06
C ASN E 246 10.64 40.57 -2.09
N ILE E 247 9.60 41.41 -2.16
CA ILE E 247 9.51 42.42 -3.20
C ILE E 247 10.64 43.42 -3.09
N THR E 248 11.06 43.74 -1.85
CA THR E 248 12.18 44.66 -1.66
C THR E 248 13.51 44.07 -2.09
N ASN E 249 13.60 42.75 -2.28
CA ASN E 249 14.82 42.10 -2.71
C ASN E 249 14.86 42.04 -4.23
N ASN E 250 15.88 42.66 -4.82
CA ASN E 250 16.01 42.67 -6.27
C ASN E 250 16.40 41.31 -6.83
N ALA E 251 16.92 40.40 -5.99
CA ALA E 251 17.37 39.10 -6.46
C ALA E 251 16.24 38.08 -6.58
N LYS E 252 15.02 38.42 -6.16
CA LYS E 252 13.88 37.51 -6.19
C LYS E 252 13.01 37.81 -7.41
N ASN E 253 12.64 36.78 -8.15
CA ASN E 253 11.81 36.94 -9.32
C ASN E 253 10.40 37.37 -8.92
N ILE E 254 9.80 38.21 -9.77
CA ILE E 254 8.45 38.73 -9.56
C ILE E 254 7.53 38.04 -10.57
N LEU E 255 6.47 37.41 -10.07
CA LEU E 255 5.48 36.76 -10.91
C LEU E 255 4.28 37.68 -11.08
N VAL E 256 3.96 38.02 -12.33
CA VAL E 256 2.84 38.88 -12.66
C VAL E 256 1.78 38.03 -13.33
N GLN E 257 0.54 38.12 -12.84
CA GLN E 257 -0.59 37.38 -13.39
C GLN E 257 -1.58 38.39 -13.97
N PHE E 258 -1.90 38.24 -15.24
CA PHE E 258 -2.84 39.14 -15.91
C PHE E 258 -4.28 38.78 -15.57
N ASN E 259 -5.13 39.80 -15.54
CA ASN E 259 -6.56 39.58 -15.40
C ASN E 259 -7.20 39.18 -16.72
N THR E 260 -6.63 39.63 -17.84
CA THR E 260 -7.09 39.27 -19.17
C THR E 260 -5.90 38.85 -20.02
N PRO E 261 -6.08 37.92 -20.96
CA PRO E 261 -4.96 37.46 -21.77
C PRO E 261 -4.62 38.42 -22.89
N VAL E 262 -3.41 38.28 -23.42
CA VAL E 262 -2.96 39.00 -24.60
C VAL E 262 -2.70 37.97 -25.69
N GLN E 263 -3.38 38.12 -26.82
CA GLN E 263 -3.24 37.16 -27.91
C GLN E 263 -1.92 37.39 -28.64
N ILE E 264 -1.15 36.32 -28.81
CA ILE E 264 0.11 36.36 -29.53
C ILE E 264 0.09 35.28 -30.60
N ASN E 265 0.41 35.67 -31.84
CA ASN E 265 0.38 34.77 -32.99
C ASN E 265 1.81 34.54 -33.46
N CYS E 266 2.32 33.32 -33.26
CA CYS E 266 3.70 32.97 -33.59
C CYS E 266 3.71 32.03 -34.79
N THR E 267 4.49 32.38 -35.82
CA THR E 267 4.48 31.64 -37.07
C THR E 267 5.89 31.45 -37.62
N ARG E 268 6.13 30.26 -38.18
CA ARG E 268 7.25 30.00 -39.07
C ARG E 268 6.70 29.84 -40.48
N PRO E 269 6.98 30.77 -41.41
CA PRO E 269 6.37 30.70 -42.75
C PRO E 269 7.09 29.83 -43.76
N ASN E 270 8.25 29.28 -43.42
CA ASN E 270 9.00 28.46 -44.37
C ASN E 270 8.28 27.14 -44.61
N ASN E 271 8.17 26.74 -45.88
CA ASN E 271 7.58 25.45 -46.25
C ASN E 271 8.67 24.38 -46.16
N ASN E 272 9.03 24.07 -44.92
CA ASN E 272 10.10 23.11 -44.67
C ASN E 272 9.70 21.73 -45.19
N THR E 273 10.65 21.04 -45.83
CA THR E 273 10.46 19.70 -46.34
C THR E 273 11.32 18.74 -45.53
N ARG E 274 10.69 17.74 -44.94
CA ARG E 274 11.37 16.75 -44.12
C ARG E 274 11.71 15.53 -44.98
N LYS E 275 12.99 15.18 -45.03
CA LYS E 275 13.45 13.95 -45.66
C LYS E 275 14.11 13.06 -44.62
N SER E 276 13.72 11.80 -44.59
CA SER E 276 14.22 10.85 -43.61
C SER E 276 15.25 9.93 -44.26
N ILE E 277 16.43 9.85 -43.66
CA ILE E 277 17.54 9.04 -44.16
C ILE E 277 17.78 7.90 -43.19
N ARG E 278 18.09 6.72 -43.73
CA ARG E 278 18.41 5.57 -42.90
C ARG E 278 19.85 5.69 -42.41
N ILE E 279 20.03 5.74 -41.09
CA ILE E 279 21.34 5.87 -40.47
C ILE E 279 21.82 4.58 -39.83
N GLY E 280 21.00 3.52 -39.87
CA GLY E 280 21.36 2.25 -39.27
C GLY E 280 20.21 1.28 -39.36
N PRO E 281 20.35 0.12 -38.70
CA PRO E 281 19.23 -0.85 -38.70
C PRO E 281 18.04 -0.33 -37.92
N GLY E 282 16.97 0.01 -38.63
CA GLY E 282 15.79 0.53 -37.98
C GLY E 282 15.94 1.90 -37.36
N GLN E 283 16.93 2.67 -37.81
CA GLN E 283 17.22 4.00 -37.29
C GLN E 283 17.11 5.01 -38.42
N ALA E 284 16.25 6.01 -38.23
CA ALA E 284 16.01 7.04 -39.23
C ALA E 284 16.28 8.41 -38.65
N PHE E 285 16.95 9.25 -39.44
CA PHE E 285 17.25 10.63 -39.07
C PHE E 285 16.48 11.55 -40.00
N TYR E 286 15.72 12.48 -39.41
CA TYR E 286 14.84 13.36 -40.16
C TYR E 286 15.53 14.71 -40.34
N ALA E 287 15.98 14.99 -41.56
CA ALA E 287 16.65 16.24 -41.90
C ALA E 287 15.72 17.14 -42.70
N THR E 288 16.10 18.41 -42.77
CA THR E 288 15.36 19.40 -43.56
C THR E 288 15.97 19.43 -44.96
N GLY E 289 15.24 18.87 -45.93
CA GLY E 289 15.73 18.80 -47.29
C GLY E 289 15.83 20.15 -47.96
N ASP E 290 14.69 20.79 -48.20
CA ASP E 290 14.67 22.09 -48.85
C ASP E 290 13.41 22.84 -48.41
N ILE E 291 13.45 24.15 -48.55
CA ILE E 291 12.31 25.01 -48.26
C ILE E 291 11.63 25.35 -49.58
N ILE E 292 10.35 25.00 -49.69
CA ILE E 292 9.61 25.15 -50.94
C ILE E 292 9.10 26.58 -51.01
N GLY E 293 9.74 27.41 -51.83
CA GLY E 293 9.33 28.78 -52.02
C GLY E 293 10.26 29.77 -51.33
N ASP E 294 9.72 30.92 -50.96
CA ASP E 294 10.52 31.96 -50.32
C ASP E 294 10.88 31.56 -48.89
N ILE E 295 11.98 32.13 -48.40
CA ILE E 295 12.47 31.91 -47.05
C ILE E 295 12.43 33.24 -46.31
N ARG E 296 11.82 33.25 -45.13
CA ARG E 296 11.72 34.46 -44.33
C ARG E 296 11.68 34.07 -42.86
N GLN E 297 12.03 35.03 -42.01
CA GLN E 297 12.20 34.76 -40.59
C GLN E 297 10.85 34.48 -39.92
N ALA E 298 10.84 33.50 -39.03
CA ALA E 298 9.70 33.27 -38.16
C ALA E 298 9.55 34.44 -37.19
N HIS E 299 8.31 34.75 -36.82
CA HIS E 299 8.06 35.92 -36.00
C HIS E 299 6.76 35.76 -35.22
N CYS E 300 6.62 36.60 -34.20
CA CYS E 300 5.43 36.62 -33.34
C CYS E 300 4.82 38.01 -33.35
N ASN E 301 3.52 38.08 -33.63
CA ASN E 301 2.76 39.32 -33.59
C ASN E 301 1.97 39.40 -32.29
N VAL E 302 1.94 40.60 -31.71
CA VAL E 302 1.12 40.88 -30.53
C VAL E 302 0.44 42.23 -30.71
N SER E 303 -0.82 42.32 -30.31
CA SER E 303 -1.56 43.57 -30.42
C SER E 303 -0.88 44.66 -29.59
N LYS E 304 -0.69 45.84 -30.20
CA LYS E 304 0.02 46.91 -29.51
C LYS E 304 -0.85 47.54 -28.42
N ALA E 305 -2.13 47.79 -28.72
CA ALA E 305 -3.00 48.42 -27.73
C ALA E 305 -3.22 47.52 -26.52
N THR E 306 -3.43 46.22 -26.76
CA THR E 306 -3.61 45.29 -25.65
C THR E 306 -2.36 45.21 -24.78
N TRP E 307 -1.19 45.15 -25.41
CA TRP E 307 0.05 45.12 -24.64
C TRP E 307 0.24 46.42 -23.86
N ASN E 308 -0.11 47.55 -24.49
CA ASN E 308 0.04 48.84 -23.81
C ASN E 308 -0.85 48.92 -22.57
N GLU E 309 -2.12 48.51 -22.70
CA GLU E 309 -3.02 48.58 -21.55
C GLU E 309 -2.61 47.57 -20.47
N THR E 310 -2.14 46.39 -20.88
CA THR E 310 -1.64 45.43 -19.90
C THR E 310 -0.43 45.98 -19.15
N LEU E 311 0.48 46.63 -19.87
CA LEU E 311 1.64 47.22 -19.21
C LEU E 311 1.22 48.35 -18.28
N GLY E 312 0.21 49.13 -18.68
CA GLY E 312 -0.31 50.15 -17.78
C GLY E 312 -0.87 49.58 -16.50
N LYS E 313 -1.64 48.48 -16.62
CA LYS E 313 -2.16 47.81 -15.43
C LYS E 313 -1.02 47.30 -14.55
N VAL E 314 0.00 46.71 -15.17
CA VAL E 314 1.14 46.19 -14.40
C VAL E 314 1.85 47.33 -13.69
N VAL E 315 2.02 48.47 -14.36
CA VAL E 315 2.70 49.61 -13.76
C VAL E 315 1.89 50.13 -12.58
N LYS E 316 0.57 50.23 -12.73
CA LYS E 316 -0.27 50.72 -11.65
C LYS E 316 -0.22 49.78 -10.46
N GLN E 317 -0.20 48.46 -10.71
CA GLN E 317 -0.09 47.50 -9.62
C GLN E 317 1.27 47.60 -8.93
N LEU E 318 2.34 47.74 -9.71
CA LEU E 318 3.68 47.84 -9.13
C LEU E 318 3.85 49.12 -8.33
N ARG E 319 3.13 50.19 -8.71
CA ARG E 319 3.21 51.44 -7.96
C ARG E 319 2.74 51.26 -6.53
N LYS E 320 1.82 50.32 -6.29
CA LYS E 320 1.36 50.07 -4.93
C LYS E 320 2.49 49.56 -4.05
N HIS E 321 3.44 48.83 -4.64
CA HIS E 321 4.57 48.28 -3.88
C HIS E 321 5.76 49.23 -3.85
N PHE E 322 6.04 49.92 -4.96
CA PHE E 322 7.21 50.77 -5.09
C PHE E 322 6.88 52.25 -4.99
N GLY E 323 5.73 52.59 -4.45
CA GLY E 323 5.36 54.00 -4.29
C GLY E 323 4.60 54.54 -5.48
N ASN E 324 3.70 55.48 -5.19
CA ASN E 324 2.89 56.10 -6.23
C ASN E 324 3.69 57.04 -7.12
N ASN E 325 4.74 57.67 -6.60
CA ASN E 325 5.48 58.70 -7.33
C ASN E 325 6.73 58.17 -8.05
N THR E 326 6.98 56.85 -8.00
CA THR E 326 8.17 56.32 -8.63
C THR E 326 7.98 56.22 -10.15
N ILE E 327 9.10 56.04 -10.86
CA ILE E 327 9.12 55.91 -12.31
C ILE E 327 9.31 54.43 -12.63
N ILE E 328 8.40 53.86 -13.43
CA ILE E 328 8.44 52.47 -13.82
C ILE E 328 8.80 52.39 -15.30
N ARG E 329 9.86 51.65 -15.61
CA ARG E 329 10.30 51.47 -16.99
C ARG E 329 10.58 49.99 -17.25
N PHE E 330 10.23 49.55 -18.45
CA PHE E 330 10.50 48.19 -18.92
C PHE E 330 11.60 48.26 -19.98
N ALA E 331 12.62 47.42 -19.83
CA ALA E 331 13.82 47.52 -20.65
C ALA E 331 14.31 46.15 -21.11
N ASN E 332 15.54 46.12 -21.66
CA ASN E 332 16.17 44.89 -22.14
C ASN E 332 16.19 43.80 -21.10
N SER E 333 16.40 42.56 -21.52
CA SER E 333 16.90 41.53 -20.62
C SER E 333 18.37 41.78 -20.32
N SER E 334 18.80 41.41 -19.13
CA SER E 334 20.16 41.67 -18.71
C SER E 334 21.16 40.97 -19.62
N GLY E 335 21.10 39.65 -19.68
CA GLY E 335 21.99 38.89 -20.53
C GLY E 335 22.10 37.45 -20.05
N GLY E 336 22.83 36.67 -20.84
CA GLY E 336 23.05 35.27 -20.55
C GLY E 336 22.84 34.37 -21.75
N ASP E 337 22.34 33.16 -21.51
CA ASP E 337 22.08 32.22 -22.59
C ASP E 337 20.87 32.66 -23.42
N LEU E 338 20.77 32.10 -24.62
CA LEU E 338 19.63 32.40 -25.49
C LEU E 338 18.31 31.95 -24.88
N GLU E 339 18.33 30.96 -24.00
CA GLU E 339 17.08 30.50 -23.39
C GLU E 339 16.50 31.52 -22.42
N VAL E 340 17.36 32.30 -21.75
CA VAL E 340 16.92 33.25 -20.74
C VAL E 340 16.88 34.66 -21.34
N THR E 341 17.78 34.93 -22.28
CA THR E 341 17.84 36.26 -22.88
C THR E 341 16.65 36.52 -23.79
N THR E 342 16.06 35.48 -24.37
CA THR E 342 14.96 35.60 -25.31
C THR E 342 13.81 34.73 -24.86
N HIS E 343 12.60 35.09 -25.31
CA HIS E 343 11.41 34.30 -25.00
C HIS E 343 11.49 32.96 -25.72
N SER E 344 11.75 31.90 -24.97
CA SER E 344 11.89 30.56 -25.53
C SER E 344 10.59 29.78 -25.33
N PHE E 345 10.18 29.05 -26.37
CA PHE E 345 8.98 28.22 -26.27
C PHE E 345 8.98 27.24 -27.44
N ASN E 346 7.87 26.51 -27.59
CA ASN E 346 7.70 25.53 -28.66
C ASN E 346 6.34 25.75 -29.31
N CYS E 347 6.30 25.62 -30.64
CA CYS E 347 5.07 25.80 -31.42
C CYS E 347 4.92 24.59 -32.34
N GLY E 348 4.27 23.55 -31.84
CA GLY E 348 4.02 22.37 -32.65
C GLY E 348 5.28 21.63 -33.06
N GLY E 349 6.26 21.55 -32.17
CA GLY E 349 7.49 20.81 -32.42
C GLY E 349 8.69 21.71 -32.66
N GLU E 350 8.49 22.80 -33.41
CA GLU E 350 9.58 23.73 -33.68
C GLU E 350 9.81 24.61 -32.46
N PHE E 351 11.08 24.74 -32.08
CA PHE E 351 11.47 25.45 -30.86
C PHE E 351 11.89 26.87 -31.21
N PHE E 352 11.12 27.84 -30.72
CA PHE E 352 11.28 29.25 -31.05
C PHE E 352 12.01 29.97 -29.92
N TYR E 353 12.85 30.93 -30.32
CA TYR E 353 13.47 31.88 -29.39
C TYR E 353 13.25 33.27 -29.98
N CYS E 354 12.42 34.07 -29.33
CA CYS E 354 11.96 35.34 -29.87
C CYS E 354 12.57 36.50 -29.09
N ASN E 355 13.08 37.48 -29.83
CA ASN E 355 13.76 38.65 -29.27
C ASN E 355 12.69 39.63 -28.78
N THR E 356 12.40 39.59 -27.49
CA THR E 356 11.36 40.42 -26.89
C THR E 356 11.91 41.80 -26.51
N SER E 357 12.49 42.50 -27.49
CA SER E 357 13.01 43.84 -27.28
C SER E 357 11.94 44.91 -27.43
N GLY E 358 10.98 44.71 -28.35
CA GLY E 358 9.94 45.69 -28.56
C GLY E 358 8.84 45.68 -27.51
N LEU E 359 8.76 44.63 -26.71
CA LEU E 359 7.75 44.56 -25.66
C LEU E 359 8.17 45.35 -24.44
N PHE E 360 9.28 44.95 -23.82
CA PHE E 360 9.78 45.60 -22.61
C PHE E 360 10.76 46.72 -23.00
N ASN E 361 10.18 47.76 -23.59
CA ASN E 361 10.96 48.94 -23.99
C ASN E 361 10.02 50.15 -23.91
N SER E 362 10.01 50.79 -22.74
CA SER E 362 9.16 51.95 -22.52
C SER E 362 9.40 52.47 -21.10
N THR E 363 8.90 53.67 -20.84
CA THR E 363 8.90 54.27 -19.51
C THR E 363 7.53 54.91 -19.28
N TRP E 364 7.13 54.99 -18.02
CA TRP E 364 5.82 55.50 -17.64
C TRP E 364 5.98 56.64 -16.65
N ILE E 365 5.27 57.75 -16.92
CA ILE E 365 5.31 58.94 -16.08
C ILE E 365 4.13 58.90 -15.13
N SER E 366 4.38 59.13 -13.84
CA SER E 366 3.33 59.14 -12.83
C SER E 366 2.63 60.50 -12.85
N ASN E 367 1.87 60.71 -13.92
CA ASN E 367 1.14 61.97 -14.10
C ASN E 367 -0.21 61.92 -13.38
N SER E 378 -4.34 51.44 -32.57
CA SER E 378 -4.92 51.12 -33.88
C SER E 378 -4.68 49.65 -34.21
N ASN E 379 -4.87 49.29 -35.48
CA ASN E 379 -4.77 47.90 -35.90
C ASN E 379 -3.33 47.39 -36.01
N ASP E 380 -2.33 48.28 -35.99
CA ASP E 380 -0.96 47.84 -36.10
C ASP E 380 -0.55 47.04 -34.86
N SER E 381 0.41 46.14 -35.05
CA SER E 381 0.84 45.21 -34.01
C SER E 381 2.36 45.19 -33.95
N ILE E 382 2.88 44.77 -32.80
CA ILE E 382 4.31 44.66 -32.58
C ILE E 382 4.77 43.28 -33.07
N THR E 383 5.83 43.26 -33.88
CA THR E 383 6.39 42.04 -34.45
C THR E 383 7.73 41.77 -33.79
N LEU E 384 7.88 40.56 -33.24
CA LEU E 384 9.12 40.12 -32.61
C LEU E 384 9.77 39.07 -33.49
N PRO E 385 10.97 39.29 -34.03
CA PRO E 385 11.62 38.22 -34.80
C PRO E 385 11.99 37.04 -33.92
N CYS E 386 11.97 35.86 -34.51
CA CYS E 386 12.23 34.62 -33.79
C CYS E 386 13.19 33.73 -34.57
N ARG E 387 14.04 33.02 -33.83
CA ARG E 387 14.98 32.07 -34.40
C ARG E 387 14.55 30.66 -33.99
N ILE E 388 14.53 29.76 -34.96
CA ILE E 388 14.17 28.36 -34.72
C ILE E 388 15.44 27.59 -34.42
N LYS E 389 15.35 26.64 -33.49
CA LYS E 389 16.49 25.82 -33.11
C LYS E 389 16.09 24.34 -33.09
N GLN E 390 17.05 23.48 -33.44
CA GLN E 390 16.86 22.04 -33.47
C GLN E 390 17.60 21.31 -32.36
N ILE E 391 18.83 21.72 -32.06
CA ILE E 391 19.54 21.18 -30.91
C ILE E 391 19.09 21.97 -29.69
N ILE E 392 18.53 21.28 -28.70
CA ILE E 392 17.79 21.90 -27.62
C ILE E 392 18.25 21.37 -26.28
N ASN E 393 18.13 22.20 -25.24
CA ASN E 393 18.37 21.80 -23.85
C ASN E 393 17.27 22.44 -23.01
N MET E 394 16.19 21.68 -22.78
CA MET E 394 15.04 22.19 -22.05
C MET E 394 15.41 22.57 -20.61
N TRP E 395 15.86 21.60 -19.83
CA TRP E 395 16.12 21.82 -18.42
C TRP E 395 17.55 22.31 -18.21
N GLN E 396 17.78 22.91 -17.05
CA GLN E 396 19.10 23.45 -16.72
C GLN E 396 20.07 22.33 -16.42
N ARG E 397 20.46 21.59 -17.45
CA ARG E 397 21.38 20.47 -17.32
C ARG E 397 22.43 20.56 -18.43
N ILE E 398 23.61 20.00 -18.15
CA ILE E 398 24.73 19.97 -19.08
C ILE E 398 25.03 18.52 -19.42
N GLY E 399 25.11 18.22 -20.71
CA GLY E 399 25.39 16.88 -21.17
C GLY E 399 24.19 16.06 -21.58
N GLN E 400 22.99 16.65 -21.63
CA GLN E 400 21.78 15.98 -22.07
C GLN E 400 21.07 16.90 -23.06
N CYS E 401 21.15 16.56 -24.34
CA CYS E 401 20.62 17.39 -25.42
C CYS E 401 19.65 16.56 -26.26
N MET E 402 18.91 17.27 -27.12
CA MET E 402 17.87 16.65 -27.93
C MET E 402 17.85 17.34 -29.30
N TYR E 403 17.55 16.55 -30.33
CA TYR E 403 17.38 17.06 -31.68
C TYR E 403 15.89 17.06 -32.02
N ALA E 404 15.39 18.21 -32.47
CA ALA E 404 13.98 18.35 -32.83
C ALA E 404 13.81 18.09 -34.32
N PRO E 405 13.08 17.05 -34.74
CA PRO E 405 12.87 16.84 -36.17
C PRO E 405 12.13 18.02 -36.77
N PRO E 406 12.43 18.38 -38.02
CA PRO E 406 11.71 19.50 -38.64
C PRO E 406 10.24 19.15 -38.88
N ILE E 407 9.40 20.17 -38.81
CA ILE E 407 7.96 20.04 -39.03
C ILE E 407 7.65 20.39 -40.47
N GLN E 408 6.92 19.52 -41.15
CA GLN E 408 6.63 19.72 -42.57
C GLN E 408 5.71 20.92 -42.76
N GLY E 409 6.11 21.84 -43.63
CA GLY E 409 5.25 22.93 -44.04
C GLY E 409 5.25 24.11 -43.10
N VAL E 410 4.44 25.11 -43.46
CA VAL E 410 4.22 26.28 -42.61
C VAL E 410 3.68 25.84 -41.26
N ILE E 411 4.00 26.61 -40.22
CA ILE E 411 3.41 26.38 -38.90
C ILE E 411 3.00 27.71 -38.29
N ARG E 412 1.86 27.71 -37.61
CA ARG E 412 1.36 28.90 -36.93
C ARG E 412 0.64 28.45 -35.66
N CYS E 413 0.70 29.30 -34.63
CA CYS E 413 0.02 29.03 -33.38
C CYS E 413 -0.43 30.34 -32.75
N VAL E 414 -1.49 30.25 -31.94
CA VAL E 414 -2.03 31.38 -31.21
C VAL E 414 -2.03 31.03 -29.74
N SER E 415 -1.52 31.94 -28.90
CA SER E 415 -1.37 31.69 -27.48
C SER E 415 -1.85 32.90 -26.68
N ASN E 416 -2.17 32.62 -25.41
CA ASN E 416 -2.59 33.64 -24.45
C ASN E 416 -1.42 33.95 -23.53
N ILE E 417 -0.85 35.14 -23.65
CA ILE E 417 0.06 35.64 -22.63
C ILE E 417 -0.79 36.03 -21.43
N THR E 418 -0.65 35.28 -20.33
CA THR E 418 -1.41 35.50 -19.11
C THR E 418 -0.55 35.95 -17.94
N GLY E 419 0.75 36.06 -18.12
CA GLY E 419 1.61 36.46 -17.02
C GLY E 419 3.03 36.71 -17.49
N LEU E 420 3.84 37.19 -16.54
CA LEU E 420 5.21 37.59 -16.80
C LEU E 420 6.09 37.17 -15.63
N ILE E 421 7.38 36.97 -15.93
CA ILE E 421 8.42 36.75 -14.93
C ILE E 421 9.40 37.90 -15.07
N LEU E 422 9.49 38.74 -14.04
CA LEU E 422 10.27 39.97 -14.09
C LEU E 422 11.35 39.96 -13.02
N THR E 423 12.38 40.76 -13.26
CA THR E 423 13.49 40.95 -12.34
C THR E 423 13.79 42.43 -12.23
N ARG E 424 14.08 42.89 -11.01
CA ARG E 424 14.38 44.29 -10.76
C ARG E 424 15.88 44.51 -10.81
N ASP E 425 16.30 45.48 -11.62
CA ASP E 425 17.72 45.80 -11.77
C ASP E 425 18.14 46.84 -10.73
N GLY E 426 19.35 46.66 -10.20
CA GLY E 426 19.85 47.62 -9.22
C GLY E 426 19.03 47.59 -7.96
N GLY E 427 18.55 48.77 -7.56
CA GLY E 427 17.79 48.94 -6.34
C GLY E 427 18.29 50.07 -5.46
N SER E 428 19.19 50.88 -5.98
CA SER E 428 19.74 52.00 -5.21
C SER E 428 18.66 53.05 -4.96
N THR E 429 18.75 53.70 -3.80
CA THR E 429 17.81 54.75 -3.41
C THR E 429 18.20 56.12 -3.95
N ASN E 430 19.32 56.23 -4.66
CA ASN E 430 19.73 57.53 -5.19
C ASN E 430 18.71 58.06 -6.20
N SER E 431 18.22 57.20 -7.08
CA SER E 431 17.26 57.55 -8.11
C SER E 431 15.87 57.04 -7.73
N THR E 432 14.86 57.69 -8.29
CA THR E 432 13.47 57.33 -8.07
C THR E 432 12.92 56.39 -9.14
N THR E 433 13.76 55.93 -10.06
CA THR E 433 13.34 55.08 -11.17
C THR E 433 13.57 53.61 -10.84
N GLU E 434 12.66 52.77 -11.31
CA GLU E 434 12.75 51.33 -11.14
C GLU E 434 12.75 50.67 -12.51
N THR E 435 13.70 49.76 -12.73
CA THR E 435 13.86 49.06 -13.99
C THR E 435 13.46 47.60 -13.83
N PHE E 436 12.56 47.13 -14.68
CA PHE E 436 12.10 45.75 -14.68
C PHE E 436 12.47 45.11 -16.02
N ARG E 437 13.03 43.90 -15.95
CA ARG E 437 13.51 43.19 -17.11
C ARG E 437 12.89 41.80 -17.15
N PRO E 438 12.69 41.22 -18.33
CA PRO E 438 12.13 39.86 -18.39
C PRO E 438 13.09 38.84 -17.81
N GLY E 439 12.52 37.79 -17.23
CA GLY E 439 13.28 36.72 -16.61
C GLY E 439 12.74 35.36 -17.01
N GLY E 440 13.33 34.33 -16.41
CA GLY E 440 12.93 32.96 -16.69
C GLY E 440 14.10 32.03 -16.44
N GLY E 441 14.12 30.96 -17.21
CA GLY E 441 15.16 29.93 -17.09
C GLY E 441 14.78 28.78 -16.18
N ASP E 442 14.35 29.10 -14.97
CA ASP E 442 13.91 28.09 -14.01
C ASP E 442 12.42 27.82 -14.19
N MET E 443 12.08 26.58 -14.52
CA MET E 443 10.69 26.22 -14.76
C MET E 443 9.90 26.01 -13.47
N ARG E 444 10.56 26.02 -12.31
CA ARG E 444 9.83 25.94 -11.05
C ARG E 444 8.91 27.13 -10.86
N ASP E 445 9.35 28.31 -11.29
CA ASP E 445 8.49 29.49 -11.21
C ASP E 445 7.27 29.34 -12.10
N ASN E 446 7.43 28.68 -13.26
CA ASN E 446 6.29 28.46 -14.15
C ASN E 446 5.22 27.60 -13.47
N TRP E 447 5.65 26.56 -12.75
CA TRP E 447 4.69 25.73 -12.03
C TRP E 447 4.13 26.46 -10.82
N ARG E 448 4.93 27.35 -10.21
CA ARG E 448 4.47 28.09 -9.04
C ARG E 448 3.28 28.98 -9.36
N SER E 449 3.25 29.55 -10.57
CA SER E 449 2.15 30.43 -10.95
C SER E 449 0.81 29.71 -11.00
N GLU E 450 0.82 28.38 -11.15
CA GLU E 450 -0.40 27.59 -11.20
C GLU E 450 -0.73 26.90 -9.89
N LEU E 451 0.28 26.58 -9.07
CA LEU E 451 0.10 25.90 -7.80
C LEU E 451 0.18 26.86 -6.62
N TYR E 452 0.04 28.16 -6.86
CA TYR E 452 0.18 29.14 -5.78
C TYR E 452 -0.91 28.99 -4.74
N LYS E 453 -2.12 28.63 -5.15
CA LYS E 453 -3.27 28.57 -4.26
C LYS E 453 -3.48 27.19 -3.64
N TYR E 454 -2.63 26.21 -3.93
CA TYR E 454 -2.80 24.84 -3.48
C TYR E 454 -1.73 24.48 -2.45
N LYS E 455 -2.14 23.74 -1.42
CA LYS E 455 -1.22 23.19 -0.44
C LYS E 455 -1.68 21.79 -0.08
N VAL E 456 -0.76 21.00 0.48
CA VAL E 456 -1.00 19.60 0.84
C VAL E 456 -0.84 19.47 2.34
N VAL E 457 -1.80 18.77 2.97
CA VAL E 457 -1.77 18.53 4.41
C VAL E 457 -2.10 17.07 4.68
N LYS E 458 -1.67 16.59 5.84
CA LYS E 458 -1.99 15.26 6.33
C LYS E 458 -3.00 15.38 7.46
N ILE E 459 -4.01 14.49 7.43
CA ILE E 459 -5.10 14.50 8.39
C ILE E 459 -4.69 13.69 9.62
N GLU E 460 -5.11 14.14 10.79
CA GLU E 460 -4.84 13.49 12.07
C GLU E 460 -6.18 13.21 12.74
N PRO E 461 -6.80 12.04 12.51
CA PRO E 461 -8.14 11.80 13.05
C PRO E 461 -8.18 11.51 14.54
N LEU E 462 -7.04 11.37 15.20
CA LEU E 462 -6.99 11.02 16.62
C LEU E 462 -6.83 12.27 17.46
N GLY E 463 -7.67 12.41 18.49
CA GLY E 463 -7.55 13.52 19.43
C GLY E 463 -7.94 13.09 20.82
N VAL E 464 -7.48 13.85 21.80
CA VAL E 464 -7.78 13.60 23.21
C VAL E 464 -8.33 14.90 23.80
N ALA E 465 -9.45 14.81 24.49
CA ALA E 465 -10.13 15.97 25.04
C ALA E 465 -10.58 15.68 26.47
N PRO E 466 -10.82 16.72 27.28
CA PRO E 466 -11.35 16.49 28.63
C PRO E 466 -12.87 16.42 28.66
N THR E 467 -13.41 15.43 29.34
CA THR E 467 -14.86 15.29 29.47
C THR E 467 -15.19 14.69 30.82
N ARG E 468 -16.40 14.99 31.32
CA ARG E 468 -16.83 14.44 32.59
C ARG E 468 -17.09 12.94 32.52
N CYS E 469 -17.22 12.37 31.32
CA CYS E 469 -17.50 10.95 31.19
C CYS E 469 -16.31 10.12 31.68
N LYS E 470 -16.62 8.98 32.28
CA LYS E 470 -15.63 8.07 32.84
C LYS E 470 -15.94 6.65 32.39
N ARG E 471 -14.89 5.86 32.20
CA ARG E 471 -15.03 4.48 31.80
C ARG E 471 -15.56 3.64 32.96
N ALA F 1 -38.62 28.39 6.03
CA ALA F 1 -38.58 27.29 6.99
C ALA F 1 -39.69 26.27 6.74
N VAL F 2 -40.25 26.28 5.53
CA VAL F 2 -41.29 25.33 5.13
C VAL F 2 -40.84 24.61 3.86
N GLY F 3 -40.44 25.38 2.85
CA GLY F 3 -39.84 24.80 1.66
C GLY F 3 -38.34 24.81 1.77
N ILE F 4 -37.77 23.66 2.15
CA ILE F 4 -36.33 23.58 2.42
C ILE F 4 -35.93 22.11 2.33
N GLY F 5 -34.70 21.88 1.85
CA GLY F 5 -34.12 20.56 1.75
C GLY F 5 -33.12 20.30 2.85
N ALA F 6 -32.07 19.55 2.51
CA ALA F 6 -31.02 19.24 3.47
C ALA F 6 -29.80 18.74 2.73
N VAL F 7 -28.64 19.37 2.99
CA VAL F 7 -27.37 18.96 2.42
C VAL F 7 -26.39 18.77 3.58
N PHE F 8 -25.68 17.65 3.58
CA PHE F 8 -24.75 17.30 4.65
C PHE F 8 -23.33 17.67 4.25
N LEU F 9 -22.55 18.13 5.22
CA LEU F 9 -21.19 18.58 4.96
C LEU F 9 -20.32 17.41 4.53
N GLY F 10 -19.18 17.74 3.96
CA GLY F 10 -18.28 16.77 3.33
C GLY F 10 -17.17 16.31 4.24
N PHE F 11 -15.98 16.16 3.66
CA PHE F 11 -14.87 15.52 4.37
C PHE F 11 -14.43 16.34 5.58
N LEU F 12 -14.19 17.65 5.37
CA LEU F 12 -13.65 18.51 6.42
C LEU F 12 -14.50 19.75 6.64
N GLY F 13 -15.78 19.71 6.29
CA GLY F 13 -16.64 20.86 6.45
C GLY F 13 -16.83 21.31 7.90
N ALA F 14 -16.58 20.41 8.86
CA ALA F 14 -16.73 20.71 10.27
C ALA F 14 -15.43 21.19 10.93
N ALA F 15 -14.37 21.42 10.15
CA ALA F 15 -13.10 21.81 10.74
C ALA F 15 -13.21 23.15 11.46
N GLY F 16 -13.87 24.12 10.85
CA GLY F 16 -14.02 25.43 11.48
C GLY F 16 -15.12 25.51 12.52
N SER F 17 -15.90 24.45 12.70
CA SER F 17 -16.95 24.45 13.69
C SER F 17 -16.39 24.14 15.07
N THR F 18 -17.23 24.29 16.09
CA THR F 18 -16.82 24.01 17.46
C THR F 18 -16.60 22.51 17.64
N MET F 19 -15.97 22.15 18.76
CA MET F 19 -15.70 20.75 19.04
C MET F 19 -16.98 19.95 19.15
N GLY F 20 -17.98 20.48 19.86
CA GLY F 20 -19.23 19.76 20.00
C GLY F 20 -19.93 19.53 18.68
N ALA F 21 -19.97 20.56 17.83
CA ALA F 21 -20.59 20.40 16.51
C ALA F 21 -19.80 19.43 15.65
N ALA F 22 -18.47 19.51 15.70
CA ALA F 22 -17.64 18.63 14.88
C ALA F 22 -17.63 17.19 15.37
N SER F 23 -18.02 16.96 16.63
CA SER F 23 -18.01 15.60 17.17
C SER F 23 -19.06 14.70 16.54
N MET F 24 -20.03 15.25 15.81
CA MET F 24 -21.04 14.45 15.14
C MET F 24 -20.65 14.04 13.73
N THR F 25 -19.53 14.55 13.21
CA THR F 25 -19.06 14.24 11.86
C THR F 25 -17.82 13.35 11.87
N LEU F 26 -17.60 12.62 12.96
CA LEU F 26 -16.39 11.80 13.07
C LEU F 26 -16.37 10.71 12.00
N THR F 27 -17.50 10.06 11.76
CA THR F 27 -17.54 8.98 10.78
C THR F 27 -17.21 9.48 9.38
N VAL F 28 -17.58 10.73 9.06
CA VAL F 28 -17.33 11.26 7.72
C VAL F 28 -15.83 11.34 7.47
N GLN F 29 -15.07 11.83 8.44
CA GLN F 29 -13.61 11.85 8.32
C GLN F 29 -13.05 10.44 8.36
N ALA F 30 -13.62 9.57 9.20
CA ALA F 30 -13.07 8.23 9.38
C ALA F 30 -13.15 7.41 8.09
N ARG F 31 -14.27 7.50 7.38
CA ARG F 31 -14.46 6.65 6.21
C ARG F 31 -13.51 6.99 5.06
N ASN F 32 -12.96 8.20 5.04
CA ASN F 32 -12.13 8.67 3.94
C ASN F 32 -10.64 8.45 4.18
N LEU F 33 -10.25 7.78 5.27
CA LEU F 33 -8.85 7.61 5.60
C LEU F 33 -8.17 6.49 4.80
N LEU F 34 -8.95 5.61 4.15
CA LEU F 34 -8.39 4.50 3.39
C LEU F 34 -8.55 4.65 1.88
N SER F 35 -9.54 5.42 1.42
CA SER F 35 -9.72 5.64 -0.01
C SER F 35 -10.56 6.88 -0.26
N THR F 58 5.95 3.20 -14.84
CA THR F 58 6.70 3.12 -13.59
C THR F 58 6.75 4.47 -12.89
N VAL F 59 6.64 5.55 -13.66
CA VAL F 59 6.65 6.89 -13.08
C VAL F 59 5.45 7.07 -12.15
N TRP F 60 4.29 6.55 -12.55
CA TRP F 60 3.07 6.66 -11.77
C TRP F 60 2.72 5.38 -11.02
N GLY F 61 3.32 4.24 -11.36
CA GLY F 61 2.98 2.98 -10.74
C GLY F 61 3.55 2.83 -9.34
N ILE F 62 4.88 2.95 -9.23
CA ILE F 62 5.53 2.79 -7.93
C ILE F 62 5.07 3.86 -6.97
N LYS F 63 4.84 5.08 -7.47
CA LYS F 63 4.36 6.15 -6.61
C LYS F 63 3.00 5.82 -6.02
N GLN F 64 2.08 5.34 -6.86
CA GLN F 64 0.76 4.97 -6.37
C GLN F 64 0.83 3.79 -5.39
N LEU F 65 1.68 2.81 -5.69
CA LEU F 65 1.83 1.66 -4.80
C LEU F 65 2.36 2.09 -3.43
N GLN F 66 3.39 2.95 -3.43
CA GLN F 66 3.94 3.43 -2.17
C GLN F 66 2.92 4.28 -1.42
N ALA F 67 2.12 5.08 -2.13
CA ALA F 67 1.09 5.87 -1.48
C ALA F 67 0.05 4.97 -0.82
N ARG F 68 -0.37 3.90 -1.50
CA ARG F 68 -1.31 2.97 -0.91
C ARG F 68 -0.73 2.29 0.32
N VAL F 69 0.53 1.87 0.25
CA VAL F 69 1.17 1.22 1.39
C VAL F 69 1.28 2.20 2.56
N LEU F 70 1.62 3.46 2.27
CA LEU F 70 1.74 4.47 3.33
C LEU F 70 0.39 4.72 4.00
N ALA F 71 -0.68 4.82 3.19
CA ALA F 71 -2.00 5.01 3.77
C ALA F 71 -2.40 3.83 4.64
N VAL F 72 -2.14 2.62 4.17
CA VAL F 72 -2.44 1.43 4.96
C VAL F 72 -1.68 1.45 6.27
N GLU F 73 -0.38 1.79 6.22
CA GLU F 73 0.43 1.80 7.42
C GLU F 73 -0.05 2.85 8.41
N ARG F 74 -0.40 4.04 7.93
CA ARG F 74 -0.90 5.09 8.82
C ARG F 74 -2.22 4.67 9.47
N TYR F 75 -3.14 4.12 8.67
CA TYR F 75 -4.42 3.69 9.23
C TYR F 75 -4.23 2.60 10.27
N LEU F 76 -3.34 1.65 10.00
CA LEU F 76 -3.11 0.57 10.95
C LEU F 76 -2.40 1.08 12.20
N ARG F 77 -1.52 2.08 12.07
CA ARG F 77 -0.90 2.66 13.25
C ARG F 77 -1.95 3.32 14.14
N ASP F 78 -2.86 4.09 13.53
CA ASP F 78 -3.92 4.71 14.31
C ASP F 78 -4.81 3.66 14.97
N GLN F 79 -5.17 2.61 14.23
CA GLN F 79 -6.01 1.56 14.79
C GLN F 79 -5.30 0.83 15.92
N GLN F 80 -3.99 0.59 15.79
CA GLN F 80 -3.24 -0.07 16.85
C GLN F 80 -3.17 0.80 18.09
N LEU F 81 -2.98 2.12 17.92
CA LEU F 81 -3.00 3.01 19.07
C LEU F 81 -4.35 2.95 19.77
N LEU F 82 -5.44 2.98 19.00
CA LEU F 82 -6.77 2.87 19.60
C LEU F 82 -6.93 1.55 20.33
N GLY F 83 -6.45 0.46 19.74
CA GLY F 83 -6.58 -0.84 20.38
C GLY F 83 -5.81 -0.93 21.68
N ILE F 84 -4.56 -0.46 21.70
CA ILE F 84 -3.77 -0.50 22.92
C ILE F 84 -4.25 0.50 23.97
N TRP F 85 -5.09 1.46 23.58
CA TRP F 85 -5.76 2.31 24.54
C TRP F 85 -7.07 1.73 25.04
N GLY F 86 -7.49 0.56 24.54
CA GLY F 86 -8.75 -0.03 24.91
C GLY F 86 -9.96 0.57 24.25
N CYS F 87 -9.76 1.37 23.20
CA CYS F 87 -10.85 2.04 22.48
C CYS F 87 -11.02 1.48 21.07
N SER F 88 -10.86 0.16 20.93
CA SER F 88 -10.96 -0.47 19.63
C SER F 88 -12.39 -0.40 19.11
N GLY F 89 -12.53 0.01 17.85
CA GLY F 89 -13.84 0.05 17.22
C GLY F 89 -14.81 1.02 17.87
N LYS F 90 -14.31 2.16 18.36
CA LYS F 90 -15.14 3.17 18.99
C LYS F 90 -14.70 4.55 18.52
N LEU F 91 -15.65 5.31 17.97
CA LEU F 91 -15.35 6.68 17.57
C LEU F 91 -15.12 7.57 18.79
N ILE F 92 -15.96 7.43 19.81
CA ILE F 92 -15.83 8.13 21.08
C ILE F 92 -15.67 7.08 22.17
N CYS F 93 -14.62 7.21 22.99
CA CYS F 93 -14.30 6.22 24.01
C CYS F 93 -13.78 6.94 25.24
N CYS F 94 -14.51 6.85 26.34
CA CYS F 94 -14.05 7.40 27.60
C CYS F 94 -12.92 6.55 28.17
N THR F 95 -12.07 7.19 28.98
CA THR F 95 -10.90 6.55 29.54
C THR F 95 -10.79 6.90 31.02
N ASN F 96 -10.03 6.08 31.75
CA ASN F 96 -9.86 6.25 33.18
C ASN F 96 -8.75 7.22 33.55
N VAL F 97 -8.05 7.79 32.58
CA VAL F 97 -6.94 8.70 32.86
C VAL F 97 -7.51 10.06 33.25
N PRO F 98 -7.25 10.59 34.44
CA PRO F 98 -7.76 11.92 34.77
C PRO F 98 -7.01 13.01 34.02
N TRP F 99 -7.69 14.14 33.83
CA TRP F 99 -7.13 15.30 33.15
C TRP F 99 -6.68 16.30 34.20
N ASN F 100 -5.37 16.43 34.38
CA ASN F 100 -4.83 17.41 35.31
C ASN F 100 -4.82 18.80 34.68
N SER F 101 -4.72 19.82 35.53
CA SER F 101 -4.77 21.20 35.05
C SER F 101 -3.50 21.60 34.30
N SER F 102 -2.42 20.84 34.42
CA SER F 102 -1.17 21.20 33.77
C SER F 102 -1.32 21.21 32.24
N TRP F 103 -2.00 20.21 31.70
CA TRP F 103 -2.16 20.13 30.24
C TRP F 103 -2.99 21.30 29.72
N SER F 104 -4.06 21.66 30.44
CA SER F 104 -4.92 22.74 30.02
C SER F 104 -5.70 23.25 31.22
N ASN F 105 -5.62 24.57 31.46
CA ASN F 105 -6.37 25.21 32.53
C ASN F 105 -7.75 25.67 32.10
N ARG F 106 -8.15 25.43 30.84
CA ARG F 106 -9.41 25.93 30.32
C ARG F 106 -10.56 25.03 30.77
N ASN F 107 -11.67 25.66 31.14
CA ASN F 107 -12.85 24.93 31.58
C ASN F 107 -13.60 24.35 30.37
N LEU F 108 -14.53 23.44 30.66
CA LEU F 108 -15.28 22.78 29.60
C LEU F 108 -16.18 23.76 28.84
N SER F 109 -16.63 24.83 29.49
CA SER F 109 -17.56 25.75 28.84
C SER F 109 -16.92 26.42 27.63
N GLU F 110 -15.66 26.83 27.75
CA GLU F 110 -14.94 27.47 26.66
C GLU F 110 -14.15 26.48 25.81
N ILE F 111 -14.26 25.18 26.08
CA ILE F 111 -13.58 24.17 25.28
C ILE F 111 -14.49 23.61 24.19
N TRP F 112 -15.70 23.19 24.56
CA TRP F 112 -16.62 22.53 23.65
C TRP F 112 -17.60 23.49 22.98
N ASP F 113 -17.50 24.80 23.26
CA ASP F 113 -18.43 25.77 22.70
C ASP F 113 -17.78 27.06 22.24
N ASN F 114 -16.44 27.16 22.26
CA ASN F 114 -15.77 28.40 21.88
C ASN F 114 -14.50 28.19 21.07
N MET F 115 -14.19 26.96 20.65
CA MET F 115 -12.99 26.72 19.86
C MET F 115 -13.22 25.47 19.01
N THR F 116 -12.36 25.32 18.00
CA THR F 116 -12.38 24.18 17.10
C THR F 116 -11.30 23.18 17.50
N TRP F 117 -11.24 22.07 16.75
CA TRP F 117 -10.28 21.02 17.05
C TRP F 117 -8.87 21.38 16.60
N LEU F 118 -8.72 22.17 15.54
CA LEU F 118 -7.39 22.58 15.10
C LEU F 118 -6.69 23.40 16.18
N GLN F 119 -7.41 24.33 16.81
CA GLN F 119 -6.83 25.09 17.91
C GLN F 119 -6.46 24.18 19.07
N TRP F 120 -7.26 23.14 19.31
CA TRP F 120 -6.92 22.18 20.37
C TRP F 120 -5.62 21.46 20.05
N ASP F 121 -5.46 21.02 18.80
CA ASP F 121 -4.21 20.36 18.41
C ASP F 121 -3.03 21.31 18.55
N LYS F 122 -3.23 22.59 18.21
CA LYS F 122 -2.18 23.58 18.41
C LYS F 122 -1.82 23.72 19.87
N GLU F 123 -2.83 23.74 20.75
CA GLU F 123 -2.59 24.04 22.15
C GLU F 123 -1.88 22.89 22.88
N ILE F 124 -2.35 21.66 22.68
CA ILE F 124 -1.90 20.52 23.48
C ILE F 124 -0.99 19.60 22.66
N SER F 125 -0.30 20.16 21.67
CA SER F 125 0.62 19.35 20.88
C SER F 125 1.80 18.86 21.72
N ASN F 126 2.17 19.61 22.76
CA ASN F 126 3.34 19.24 23.55
C ASN F 126 3.06 18.03 24.44
N TYR F 127 1.85 17.92 24.98
CA TYR F 127 1.50 16.91 25.97
C TYR F 127 0.84 15.68 25.36
N THR F 128 0.86 15.55 24.03
CA THR F 128 0.20 14.42 23.39
C THR F 128 0.85 13.10 23.78
N GLN F 129 2.18 13.04 23.76
CA GLN F 129 2.87 11.79 24.06
C GLN F 129 2.68 11.37 25.51
N ILE F 130 2.66 12.33 26.44
CA ILE F 130 2.43 12.01 27.84
C ILE F 130 1.04 11.39 28.01
N ILE F 131 0.04 11.99 27.37
CA ILE F 131 -1.32 11.45 27.46
C ILE F 131 -1.38 10.06 26.85
N TYR F 132 -0.68 9.86 25.73
CA TYR F 132 -0.68 8.54 25.09
C TYR F 132 -0.06 7.49 26.00
N GLY F 133 1.07 7.81 26.62
CA GLY F 133 1.71 6.87 27.53
C GLY F 133 0.85 6.57 28.75
N LEU F 134 0.21 7.61 29.29
CA LEU F 134 -0.69 7.40 30.42
C LEU F 134 -1.87 6.52 30.03
N LEU F 135 -2.40 6.72 28.82
CA LEU F 135 -3.49 5.87 28.35
C LEU F 135 -3.04 4.43 28.21
N GLU F 136 -1.85 4.20 27.66
CA GLU F 136 -1.33 2.84 27.52
C GLU F 136 -1.17 2.18 28.88
N GLU F 137 -0.58 2.89 29.85
CA GLU F 137 -0.38 2.30 31.16
C GLU F 137 -1.71 2.05 31.85
N SER F 138 -2.68 2.95 31.68
CA SER F 138 -4.00 2.75 32.27
C SER F 138 -4.69 1.55 31.67
N GLN F 139 -4.58 1.36 30.35
CA GLN F 139 -5.18 0.19 29.72
C GLN F 139 -4.52 -1.09 30.21
N ASN F 140 -3.19 -1.08 30.36
CA ASN F 140 -2.50 -2.26 30.88
C ASN F 140 -2.96 -2.58 32.30
N GLN F 141 -3.07 -1.56 33.15
CA GLN F 141 -3.52 -1.77 34.52
C GLN F 141 -4.96 -2.29 34.53
N GLN F 142 -5.81 -1.74 33.67
CA GLN F 142 -7.19 -2.20 33.60
C GLN F 142 -7.26 -3.66 33.16
N GLU F 143 -6.44 -4.04 32.17
CA GLU F 143 -6.42 -5.44 31.73
C GLU F 143 -5.96 -6.36 32.85
N LYS F 144 -4.92 -5.97 33.57
CA LYS F 144 -4.44 -6.81 34.67
C LYS F 144 -5.47 -6.92 35.79
N ASN F 145 -6.13 -5.81 36.11
CA ASN F 145 -7.18 -5.84 37.14
C ASN F 145 -8.34 -6.72 36.71
N GLU F 146 -8.74 -6.64 35.44
CA GLU F 146 -9.80 -7.48 34.93
C GLU F 146 -9.41 -8.96 35.01
N GLN F 147 -8.16 -9.27 34.64
CA GLN F 147 -7.70 -10.65 34.72
C GLN F 147 -7.71 -11.15 36.16
N ASP F 148 -7.26 -10.32 37.10
CA ASP F 148 -7.24 -10.72 38.50
C ASP F 148 -8.66 -10.94 39.03
N LEU F 149 -9.59 -10.03 38.70
CA LEU F 149 -10.96 -10.17 39.16
C LEU F 149 -11.63 -11.40 38.56
N LEU F 150 -11.37 -11.67 37.27
CA LEU F 150 -12.01 -12.80 36.60
C LEU F 150 -11.60 -14.14 37.19
N ALA F 151 -10.45 -14.21 37.85
CA ALA F 151 -10.02 -15.45 38.46
C ALA F 151 -10.95 -15.88 39.60
N LEU F 152 -11.56 -14.91 40.27
CA LEU F 152 -12.47 -15.22 41.39
C LEU F 152 -13.87 -15.48 40.88
N GLN G 1 22.08 5.02 27.87
CA GLN G 1 22.83 5.49 29.06
C GLN G 1 22.90 7.01 29.11
N VAL G 2 22.46 7.59 30.22
CA VAL G 2 22.49 9.04 30.38
C VAL G 2 23.93 9.50 30.61
N GLN G 3 24.22 10.74 30.18
CA GLN G 3 25.52 11.35 30.35
C GLN G 3 25.34 12.74 30.97
N LEU G 4 26.33 13.15 31.75
CA LEU G 4 26.29 14.41 32.48
C LEU G 4 27.57 15.18 32.18
N GLN G 5 27.45 16.49 31.94
CA GLN G 5 28.61 17.32 31.67
C GLN G 5 28.44 18.66 32.36
N VAL G 6 29.43 19.05 33.17
CA VAL G 6 29.33 20.20 34.05
C VAL G 6 30.27 21.31 33.56
N SER G 7 29.87 22.55 33.81
CA SER G 7 30.65 23.71 33.37
C SER G 7 30.41 24.87 34.32
N GLY G 8 31.33 25.83 34.27
CA GLY G 8 31.26 27.00 35.11
C GLY G 8 32.62 27.67 35.23
N PRO G 9 32.67 28.80 35.94
CA PRO G 9 33.95 29.51 36.10
C PRO G 9 34.88 28.74 37.03
N GLY G 10 36.13 28.57 36.58
CA GLY G 10 37.11 27.86 37.39
C GLY G 10 37.59 28.64 38.60
N VAL G 11 37.47 29.98 38.56
CA VAL G 11 37.88 30.84 39.66
C VAL G 11 36.73 31.81 39.95
N VAL G 12 36.36 31.91 41.22
CA VAL G 12 35.31 32.82 41.66
C VAL G 12 35.84 33.61 42.85
N LYS G 13 35.64 34.94 42.82
CA LYS G 13 36.10 35.78 43.91
C LYS G 13 35.23 35.57 45.14
N ALA G 14 35.79 35.92 46.30
CA ALA G 14 35.07 35.76 47.55
C ALA G 14 33.86 36.68 47.61
N SER G 15 32.80 36.18 48.27
CA SER G 15 31.56 36.90 48.50
C SER G 15 30.75 37.14 47.24
N GLU G 16 31.06 36.47 46.15
CA GLU G 16 30.33 36.59 44.90
C GLU G 16 29.31 35.44 44.81
N THR G 17 28.71 35.26 43.64
CA THR G 17 27.80 34.17 43.37
C THR G 17 28.49 33.16 42.46
N LEU G 18 28.64 31.92 42.95
CA LEU G 18 29.24 30.85 42.18
C LEU G 18 28.14 30.10 41.44
N SER G 19 28.18 30.14 40.11
CA SER G 19 27.16 29.52 39.26
C SER G 19 27.77 28.35 38.51
N LEU G 20 27.16 27.18 38.64
CA LEU G 20 27.57 25.98 37.91
C LEU G 20 26.38 25.45 37.12
N THR G 21 26.63 25.03 35.89
CA THR G 21 25.60 24.54 34.99
C THR G 21 25.96 23.12 34.54
N CYS G 22 25.10 22.16 34.84
CA CYS G 22 25.29 20.78 34.42
C CYS G 22 24.17 20.40 33.46
N ASP G 23 24.55 19.92 32.28
CA ASP G 23 23.59 19.48 31.27
C ASP G 23 23.60 17.95 31.17
N VAL G 24 22.43 17.42 30.82
CA VAL G 24 22.17 15.99 30.77
C VAL G 24 21.85 15.61 29.34
N SER G 25 22.44 14.52 28.87
CA SER G 25 22.20 13.96 27.54
C SER G 25 21.76 12.51 27.72
N SER G 26 20.44 12.29 27.65
CA SER G 26 19.86 10.97 27.82
C SER G 26 19.47 10.41 26.45
N ALA G 27 19.97 9.21 26.15
CA ALA G 27 19.66 8.58 24.87
C ALA G 27 18.23 8.06 24.82
N SER G 28 17.55 7.94 25.95
CA SER G 28 16.18 7.46 26.00
C SER G 28 15.22 8.63 25.85
N ASN G 29 14.44 8.62 24.77
CA ASN G 29 13.47 9.68 24.52
C ASN G 29 12.16 9.48 25.26
N THR G 30 11.97 8.34 25.91
CA THR G 30 10.76 8.12 26.69
C THR G 30 10.69 9.12 27.84
N ARG G 31 9.48 9.56 28.17
CA ARG G 31 9.31 10.59 29.20
C ARG G 31 9.56 9.96 30.56
N ASP G 32 10.62 10.42 31.22
CA ASP G 32 11.00 9.96 32.55
C ASP G 32 11.49 11.15 33.35
N TYR G 33 11.37 11.05 34.68
CA TYR G 33 11.82 12.10 35.59
C TYR G 33 12.94 11.55 36.46
N PHE G 34 14.09 12.21 36.42
CA PHE G 34 15.26 11.87 37.21
C PHE G 34 15.33 12.78 38.43
N TYR G 35 16.36 12.56 39.25
CA TYR G 35 16.70 13.43 40.37
C TYR G 35 18.11 13.96 40.12
N TRP G 36 18.24 15.27 39.93
CA TRP G 36 19.52 15.89 39.62
C TRP G 36 20.06 16.56 40.87
N SER G 37 21.26 16.17 41.29
CA SER G 37 21.85 16.60 42.55
C SER G 37 23.28 17.06 42.35
N TRP G 38 23.75 17.87 43.31
CA TRP G 38 25.11 18.40 43.32
C TRP G 38 25.83 17.90 44.56
N VAL G 39 27.06 17.42 44.38
CA VAL G 39 27.87 16.89 45.47
C VAL G 39 29.28 17.44 45.33
N ARG G 40 29.80 18.06 46.40
CA ARG G 40 31.13 18.65 46.39
C ARG G 40 32.06 17.88 47.31
N GLN G 41 33.34 17.83 46.91
CA GLN G 41 34.40 17.29 47.77
C GLN G 41 35.51 18.32 47.87
N SER G 42 35.87 18.68 49.09
CA SER G 42 36.98 19.61 49.29
C SER G 42 38.31 18.87 49.20
N PRO G 43 39.41 19.57 48.94
CA PRO G 43 40.70 18.90 48.90
C PRO G 43 41.04 18.27 50.24
N GLY G 44 41.30 16.96 50.22
CA GLY G 44 41.63 16.23 51.43
C GLY G 44 40.45 15.89 52.30
N LYS G 45 39.22 16.04 51.82
CA LYS G 45 38.02 15.77 52.58
C LYS G 45 37.10 14.86 51.77
N GLY G 46 36.04 14.38 52.44
CA GLY G 46 35.09 13.50 51.81
C GLY G 46 34.00 14.24 51.05
N LEU G 47 33.12 13.45 50.44
CA LEU G 47 32.01 14.01 49.66
C LEU G 47 30.97 14.62 50.59
N GLU G 48 30.31 15.68 50.09
CA GLU G 48 29.23 16.33 50.81
C GLU G 48 28.12 16.69 49.83
N TRP G 49 26.87 16.49 50.26
CA TRP G 49 25.70 16.69 49.42
C TRP G 49 25.20 18.12 49.58
N ILE G 50 25.23 18.88 48.48
CA ILE G 50 24.72 20.25 48.52
C ILE G 50 23.20 20.26 48.47
N GLY G 51 22.64 19.62 47.45
CA GLY G 51 21.19 19.61 47.28
C GLY G 51 20.83 18.98 45.95
N GLY G 52 19.57 19.15 45.58
CA GLY G 52 19.08 18.60 44.33
C GLY G 52 17.65 18.99 44.07
N VAL G 53 17.18 18.60 42.89
CA VAL G 53 15.82 18.89 42.44
C VAL G 53 15.35 17.76 41.53
N TYR G 54 14.04 17.54 41.52
CA TYR G 54 13.43 16.60 40.60
C TYR G 54 13.44 17.15 39.18
N SER G 55 13.25 16.26 38.21
CA SER G 55 13.28 16.62 36.80
C SER G 55 11.92 17.01 36.24
N ASN G 56 10.85 16.87 37.01
CA ASN G 56 9.49 17.18 36.53
C ASN G 56 8.75 18.13 37.47
N SER G 57 9.06 18.07 38.76
CA SER G 57 8.40 18.87 39.78
C SER G 57 9.35 19.93 40.31
N ASP G 58 8.75 20.98 40.90
CA ASP G 58 9.53 22.05 41.50
C ASP G 58 10.08 21.68 42.88
N THR G 59 9.72 20.51 43.41
CA THR G 59 10.20 20.08 44.72
C THR G 59 11.72 19.94 44.71
N SER G 60 12.40 20.79 45.45
CA SER G 60 13.86 20.78 45.56
C SER G 60 14.27 20.62 47.01
N ASN G 61 15.27 19.79 47.25
CA ASN G 61 15.79 19.51 48.58
C ASN G 61 17.17 20.13 48.74
N LYS G 62 17.44 20.67 49.93
CA LYS G 62 18.68 21.39 50.21
C LYS G 62 19.26 20.91 51.53
N ASN G 63 20.58 21.02 51.63
CA ASN G 63 21.25 20.73 52.90
C ASN G 63 20.86 21.80 53.92
N PRO G 64 20.46 21.43 55.15
CA PRO G 64 20.14 22.46 56.14
C PRO G 64 21.28 23.42 56.42
N SER G 65 22.52 22.95 56.37
CA SER G 65 23.66 23.84 56.58
C SER G 65 23.75 24.89 55.48
N LEU G 66 23.51 24.49 54.23
CA LEU G 66 23.61 25.37 53.06
C LEU G 66 22.25 25.84 52.57
N GLU G 67 21.21 25.72 53.39
CA GLU G 67 19.86 26.06 52.94
C GLU G 67 19.75 27.53 52.56
N SER G 68 20.37 28.41 53.33
CA SER G 68 20.21 29.85 53.12
C SER G 68 21.09 30.40 52.01
N ARG G 69 22.06 29.63 51.50
CA ARG G 69 23.03 30.13 50.53
C ARG G 69 22.89 29.49 49.15
N VAL G 70 22.19 28.36 49.02
CA VAL G 70 22.13 27.59 47.79
C VAL G 70 20.77 27.76 47.15
N THR G 71 20.77 27.96 45.83
CA THR G 71 19.55 27.98 45.03
C THR G 71 19.76 27.10 43.80
N ILE G 72 18.85 26.16 43.59
CA ILE G 72 18.94 25.19 42.50
C ILE G 72 17.77 25.43 41.55
N SER G 73 18.06 25.56 40.26
CA SER G 73 17.06 25.77 39.23
C SER G 73 17.27 24.76 38.11
N LYS G 74 16.27 24.62 37.25
CA LYS G 74 16.34 23.65 36.17
C LYS G 74 15.61 24.18 34.95
N ASP G 75 16.01 23.67 33.79
CA ASP G 75 15.35 23.92 32.51
C ASP G 75 15.15 22.56 31.86
N THR G 76 13.92 22.04 31.95
CA THR G 76 13.62 20.71 31.42
C THR G 76 13.50 20.73 29.90
N SER G 77 13.06 21.85 29.33
CA SER G 77 12.97 21.95 27.87
C SER G 77 14.35 21.84 27.24
N LYS G 78 15.35 22.50 27.84
CA LYS G 78 16.73 22.45 27.37
C LYS G 78 17.59 21.41 28.10
N ASN G 79 17.00 20.62 29.00
CA ASN G 79 17.65 19.47 29.63
C ASN G 79 18.95 19.85 30.36
N ARG G 80 18.84 20.84 31.25
CA ARG G 80 19.99 21.32 32.02
C ARG G 80 19.52 21.77 33.39
N PHE G 81 20.47 21.94 34.31
CA PHE G 81 20.15 22.45 35.63
C PHE G 81 21.34 23.20 36.21
N PHE G 82 21.03 24.21 37.01
CA PHE G 82 22.00 25.18 37.50
C PHE G 82 21.97 25.25 39.02
N LEU G 83 23.17 25.36 39.60
CA LEU G 83 23.37 25.56 41.03
C LEU G 83 24.00 26.92 41.25
N ARG G 84 23.48 27.68 42.21
CA ARG G 84 24.00 29.00 42.56
C ARG G 84 24.30 29.03 44.04
N LEU G 85 25.54 29.36 44.40
CA LEU G 85 25.98 29.44 45.77
C LEU G 85 26.32 30.89 46.10
N ASN G 86 25.73 31.40 47.18
CA ASN G 86 25.89 32.79 47.60
C ASN G 86 26.82 32.87 48.80
N SER G 87 27.45 34.03 48.97
CA SER G 87 28.37 34.29 50.07
C SER G 87 29.50 33.25 50.09
N VAL G 88 30.08 33.01 48.91
CA VAL G 88 31.12 32.00 48.80
C VAL G 88 32.33 32.43 49.63
N THR G 89 32.91 31.48 50.35
CA THR G 89 34.09 31.71 51.19
C THR G 89 35.21 30.77 50.75
N ALA G 90 36.37 30.95 51.39
CA ALA G 90 37.54 30.15 51.03
C ALA G 90 37.33 28.67 51.28
N ALA G 91 36.44 28.30 52.21
CA ALA G 91 36.19 26.90 52.50
C ALA G 91 35.43 26.19 51.38
N ASP G 92 34.89 26.91 50.41
CA ASP G 92 34.11 26.33 49.33
C ASP G 92 34.96 25.85 48.16
N THR G 93 36.26 26.07 48.18
CA THR G 93 37.13 25.55 47.13
C THR G 93 37.05 24.03 47.10
N ALA G 94 36.52 23.47 46.02
CA ALA G 94 36.21 22.05 46.00
C ALA G 94 35.97 21.60 44.57
N VAL G 95 35.98 20.29 44.38
CA VAL G 95 35.58 19.67 43.11
C VAL G 95 34.09 19.37 43.21
N TYR G 96 33.32 19.90 42.27
CA TYR G 96 31.88 19.73 42.23
C TYR G 96 31.51 18.70 41.18
N TYR G 97 30.62 17.77 41.55
CA TYR G 97 30.07 16.76 40.67
C TYR G 97 28.57 16.96 40.58
N CYS G 98 28.01 16.77 39.39
CA CYS G 98 26.57 16.74 39.17
C CYS G 98 26.17 15.31 38.86
N SER G 99 25.16 14.81 39.56
CA SER G 99 24.75 13.41 39.47
C SER G 99 23.26 13.32 39.17
N SER G 100 22.88 12.23 38.52
CA SER G 100 21.49 11.94 38.17
C SER G 100 21.11 10.58 38.74
N ARG G 101 19.98 10.52 39.43
CA ARG G 101 19.49 9.30 40.06
C ARG G 101 18.15 8.92 39.44
N ALA G 102 17.99 7.63 39.14
CA ALA G 102 16.74 7.08 38.64
C ALA G 102 16.59 5.66 39.13
N LYS G 103 15.34 5.22 39.27
CA LYS G 103 15.01 3.87 39.67
C LYS G 103 14.30 3.17 38.52
N ILE G 104 14.83 2.02 38.11
CA ILE G 104 14.27 1.29 36.97
C ILE G 104 12.98 0.63 37.40
N TYR G 105 11.91 0.85 36.62
CA TYR G 105 10.58 0.33 36.91
C TYR G 105 10.07 -0.42 35.69
N PHE G 106 9.43 -1.57 35.94
CA PHE G 106 8.70 -2.24 34.87
C PHE G 106 7.55 -1.36 34.40
N ALA G 107 6.82 -0.76 35.32
CA ALA G 107 5.74 0.18 35.02
C ALA G 107 5.50 1.01 36.28
N VAL G 108 4.50 1.88 36.21
CA VAL G 108 4.17 2.74 37.34
C VAL G 108 3.66 1.84 38.47
N GLY G 109 4.44 1.76 39.56
CA GLY G 109 4.06 0.98 40.73
C GLY G 109 4.65 -0.41 40.80
N TYR G 110 5.45 -0.82 39.81
CA TYR G 110 6.07 -2.15 39.78
C TYR G 110 7.58 -1.98 39.78
N ASP G 111 8.24 -2.63 40.74
CA ASP G 111 9.67 -2.46 40.96
C ASP G 111 10.45 -3.56 40.25
N SER G 112 11.46 -3.16 39.47
CA SER G 112 12.35 -4.10 38.81
C SER G 112 13.60 -4.39 39.62
N GLY G 113 14.06 -3.43 40.41
CA GLY G 113 15.23 -3.61 41.26
C GLY G 113 16.52 -3.17 40.61
N GLY G 114 16.53 -1.95 40.07
CA GLY G 114 17.73 -1.43 39.43
C GLY G 114 17.74 0.08 39.42
N ARG G 115 18.94 0.65 39.42
CA ARG G 115 19.13 2.10 39.34
C ARG G 115 20.21 2.40 38.32
N ILE G 116 20.59 3.68 38.19
CA ILE G 116 21.72 4.10 37.37
C ILE G 116 22.74 4.87 38.20
N ASP G 117 22.29 5.86 38.97
CA ASP G 117 23.11 6.65 39.87
C ASP G 117 24.40 7.13 39.19
N VAL G 118 24.22 7.85 38.08
CA VAL G 118 25.34 8.30 37.26
C VAL G 118 25.91 9.58 37.88
N TRP G 119 27.23 9.72 37.76
CA TRP G 119 27.95 10.90 38.25
C TRP G 119 28.73 11.52 37.10
N GLY G 120 28.71 12.85 37.03
CA GLY G 120 29.40 13.57 35.98
C GLY G 120 30.88 13.68 36.25
N PRO G 121 31.63 14.09 35.22
CA PRO G 121 33.09 14.19 35.38
C PRO G 121 33.52 15.18 36.45
N GLY G 122 32.77 16.27 36.62
CA GLY G 122 33.06 17.24 37.65
C GLY G 122 33.96 18.36 37.19
N VAL G 123 34.07 19.38 38.03
CA VAL G 123 34.93 20.53 37.75
C VAL G 123 35.43 21.10 39.07
N LEU G 124 36.69 21.54 39.07
CA LEU G 124 37.29 22.14 40.25
C LEU G 124 36.96 23.63 40.28
N VAL G 125 36.51 24.11 41.44
CA VAL G 125 36.25 25.52 41.67
C VAL G 125 37.15 25.97 42.80
N THR G 126 37.95 27.02 42.54
CA THR G 126 38.89 27.58 43.49
C THR G 126 38.45 28.99 43.86
N VAL G 127 38.45 29.28 45.15
CA VAL G 127 38.00 30.58 45.64
C VAL G 127 39.22 31.49 45.79
N ALA G 128 39.37 32.41 44.84
CA ALA G 128 40.55 33.27 44.77
C ALA G 128 40.33 34.57 45.52
N THR G 129 41.44 35.20 45.90
CA THR G 129 41.41 36.57 46.42
C THR G 129 42.54 37.44 45.85
N ALA G 130 43.51 36.85 45.15
CA ALA G 130 44.63 37.57 44.56
C ALA G 130 44.44 37.66 43.04
N SER G 131 45.44 38.21 42.34
CA SER G 131 45.39 38.38 40.90
C SER G 131 46.53 37.63 40.23
N THR G 132 46.62 37.72 38.90
CA THR G 132 47.62 36.97 38.16
C THR G 132 49.02 37.47 38.48
N LYS G 133 49.98 36.54 38.49
CA LYS G 133 51.37 36.86 38.76
C LYS G 133 52.27 35.67 38.44
N GLY G 134 53.46 35.94 37.90
CA GLY G 134 54.38 34.89 37.54
C GLY G 134 55.22 34.43 38.72
N PRO G 135 55.81 33.24 38.63
CA PRO G 135 56.58 32.70 39.75
C PRO G 135 57.98 33.31 39.86
N SER G 136 58.49 33.29 41.08
CA SER G 136 59.91 33.42 41.33
C SER G 136 60.50 32.02 41.54
N VAL G 137 61.61 31.75 40.86
CA VAL G 137 62.23 30.43 40.85
C VAL G 137 63.57 30.54 41.58
N PHE G 138 63.76 29.71 42.60
CA PHE G 138 64.97 29.70 43.40
C PHE G 138 65.61 28.32 43.35
N PRO G 139 66.89 28.18 42.97
CA PRO G 139 67.49 26.84 42.95
C PRO G 139 67.64 26.27 44.36
N LEU G 140 67.29 25.00 44.51
CA LEU G 140 67.51 24.23 45.74
C LEU G 140 68.78 23.43 45.49
N ALA G 141 69.90 23.95 45.97
CA ALA G 141 71.23 23.44 45.64
C ALA G 141 71.63 22.31 46.59
N PRO G 142 72.29 21.24 46.14
CA PRO G 142 72.80 20.24 47.07
C PRO G 142 73.91 20.83 47.93
N SER G 143 73.91 20.50 49.22
CA SER G 143 74.96 20.97 50.10
C SER G 143 76.30 20.36 49.69
N SER G 144 77.37 21.15 49.88
CA SER G 144 78.70 20.68 49.49
C SER G 144 79.10 19.44 50.27
N ARG G 145 78.68 19.35 51.54
CA ARG G 145 79.06 18.21 52.36
C ARG G 145 78.31 16.94 51.99
N SER G 146 77.27 17.02 51.18
CA SER G 146 76.45 15.86 50.86
C SER G 146 76.99 15.09 49.66
N THR G 147 78.26 15.31 49.30
CA THR G 147 78.89 14.56 48.23
C THR G 147 79.45 13.22 48.69
N SER G 148 79.45 12.96 50.01
CA SER G 148 79.91 11.67 50.49
C SER G 148 78.97 10.54 50.07
N GLU G 149 77.67 10.82 49.96
CA GLU G 149 76.72 9.82 49.53
C GLU G 149 76.81 9.60 48.03
N SER G 150 76.24 8.49 47.57
CA SER G 150 76.28 8.12 46.16
C SER G 150 75.22 8.82 45.33
N THR G 151 74.11 9.24 45.93
CA THR G 151 73.02 9.90 45.24
C THR G 151 72.91 11.33 45.74
N ALA G 152 72.93 12.29 44.82
CA ALA G 152 72.73 13.68 45.13
C ALA G 152 71.32 14.08 44.70
N ALA G 153 70.79 15.13 45.32
CA ALA G 153 69.47 15.64 45.00
C ALA G 153 69.53 17.15 44.81
N LEU G 154 68.79 17.66 43.84
CA LEU G 154 68.69 19.09 43.62
C LEU G 154 67.27 19.42 43.22
N GLY G 155 66.95 20.71 43.18
CA GLY G 155 65.60 21.09 42.86
C GLY G 155 65.45 22.55 42.53
N CYS G 156 64.19 22.96 42.43
CA CYS G 156 63.82 24.35 42.18
C CYS G 156 62.53 24.65 42.92
N LEU G 157 62.54 25.72 43.71
CA LEU G 157 61.38 26.21 44.42
C LEU G 157 60.69 27.23 43.53
N VAL G 158 59.46 26.90 43.11
CA VAL G 158 58.63 27.79 42.30
C VAL G 158 57.61 28.40 43.23
N LYS G 159 57.73 29.71 43.48
CA LYS G 159 57.05 30.36 44.58
C LYS G 159 56.34 31.62 44.08
N ASP G 160 55.24 31.97 44.75
CA ASP G 160 54.57 33.25 44.53
C ASP G 160 54.11 33.40 43.07
N TYR G 161 53.18 32.53 42.66
CA TYR G 161 52.51 32.64 41.37
C TYR G 161 51.02 32.45 41.55
N PHE G 162 50.25 32.87 40.54
CA PHE G 162 48.80 32.75 40.60
C PHE G 162 48.26 32.98 39.20
N PRO G 163 47.31 32.17 38.70
CA PRO G 163 46.74 30.93 39.25
C PRO G 163 47.50 29.67 38.82
N GLU G 164 46.97 28.50 39.18
CA GLU G 164 47.49 27.25 38.70
C GLU G 164 47.24 27.13 37.19
N PRO G 165 48.01 26.28 36.49
CA PRO G 165 49.11 25.41 36.92
C PRO G 165 50.47 25.93 36.46
N VAL G 166 51.54 25.29 36.95
CA VAL G 166 52.90 25.52 36.46
C VAL G 166 53.48 24.18 36.06
N THR G 167 54.13 24.13 34.90
CA THR G 167 54.77 22.91 34.42
C THR G 167 56.28 23.05 34.58
N VAL G 168 56.89 22.06 35.25
CA VAL G 168 58.31 22.08 35.55
C VAL G 168 58.96 20.89 34.85
N SER G 169 60.01 21.17 34.07
CA SER G 169 60.79 20.16 33.38
C SER G 169 62.26 20.34 33.75
N TRP G 170 63.07 19.33 33.42
CA TRP G 170 64.49 19.34 33.74
C TRP G 170 65.28 19.06 32.47
N ASN G 171 66.26 19.92 32.18
CA ASN G 171 67.11 19.81 31.00
C ASN G 171 66.28 19.74 29.73
N SER G 172 65.27 20.62 29.65
CA SER G 172 64.41 20.75 28.48
C SER G 172 63.69 19.43 28.16
N GLY G 173 63.36 18.66 29.20
CA GLY G 173 62.60 17.43 29.06
C GLY G 173 63.42 16.18 28.90
N SER G 174 64.74 16.29 28.74
CA SER G 174 65.57 15.11 28.62
C SER G 174 65.71 14.35 29.93
N LEU G 175 65.58 15.05 31.07
CA LEU G 175 65.69 14.44 32.39
C LEU G 175 64.28 14.21 32.93
N THR G 176 63.88 12.94 33.04
CA THR G 176 62.56 12.57 33.54
C THR G 176 62.65 11.56 34.67
N SER G 177 63.69 10.72 34.65
CA SER G 177 63.83 9.70 35.68
C SER G 177 64.18 10.35 37.02
N GLY G 178 63.44 9.98 38.06
CA GLY G 178 63.69 10.49 39.39
C GLY G 178 63.13 11.87 39.66
N VAL G 179 62.35 12.44 38.74
CA VAL G 179 61.82 13.79 38.90
C VAL G 179 60.50 13.72 39.67
N HIS G 180 60.39 14.55 40.70
CA HIS G 180 59.18 14.64 41.51
C HIS G 180 58.80 16.11 41.62
N THR G 181 57.65 16.47 41.04
CA THR G 181 57.08 17.81 41.14
C THR G 181 55.87 17.73 42.06
N PHE G 182 55.99 18.31 43.24
CA PHE G 182 54.96 18.14 44.25
C PHE G 182 53.73 18.99 43.96
N PRO G 183 52.56 18.60 44.45
CA PRO G 183 51.36 19.44 44.25
C PRO G 183 51.54 20.81 44.89
N ALA G 184 50.97 21.82 44.22
CA ALA G 184 51.07 23.18 44.72
C ALA G 184 50.16 23.39 45.92
N VAL G 185 50.59 24.27 46.82
CA VAL G 185 49.86 24.56 48.05
C VAL G 185 49.68 26.07 48.16
N LEU G 186 48.47 26.50 48.49
CA LEU G 186 48.18 27.92 48.65
C LEU G 186 48.85 28.44 49.92
N GLN G 187 49.53 29.58 49.80
CA GLN G 187 50.30 30.17 50.88
C GLN G 187 49.52 31.29 51.56
N SER G 188 50.01 31.70 52.73
CA SER G 188 49.36 32.77 53.47
C SER G 188 49.34 34.08 52.68
N SER G 189 50.29 34.25 51.75
CA SER G 189 50.31 35.42 50.88
C SER G 189 49.15 35.42 49.89
N GLY G 190 48.41 34.31 49.77
CA GLY G 190 47.38 34.18 48.76
C GLY G 190 47.88 33.67 47.42
N LEU G 191 49.12 33.23 47.34
CA LEU G 191 49.74 32.77 46.12
C LEU G 191 50.28 31.35 46.33
N TYR G 192 50.51 30.65 45.22
CA TYR G 192 50.86 29.24 45.27
C TYR G 192 52.39 29.05 45.34
N SER G 193 52.78 27.89 45.85
CA SER G 193 54.19 27.53 45.96
C SER G 193 54.33 26.02 45.84
N LEU G 194 55.43 25.59 45.22
CA LEU G 194 55.76 24.18 45.13
C LEU G 194 57.25 24.04 44.93
N SER G 195 57.73 22.79 44.98
CA SER G 195 59.11 22.45 44.70
C SER G 195 59.15 21.30 43.71
N SER G 196 60.11 21.34 42.79
CA SER G 196 60.37 20.25 41.86
C SER G 196 61.80 19.78 42.05
N VAL G 197 61.96 18.49 42.38
CA VAL G 197 63.24 17.94 42.78
C VAL G 197 63.58 16.77 41.88
N VAL G 198 64.86 16.43 41.83
CA VAL G 198 65.31 15.24 41.11
C VAL G 198 66.57 14.71 41.80
N THR G 199 66.66 13.38 41.82
CA THR G 199 67.82 12.65 42.34
C THR G 199 68.69 12.23 41.16
N VAL G 200 69.99 12.44 41.29
CA VAL G 200 70.96 12.17 40.22
C VAL G 200 72.20 11.53 40.82
N PRO G 201 73.03 10.91 39.99
CA PRO G 201 74.31 10.42 40.50
C PRO G 201 75.19 11.57 40.98
N SER G 202 75.70 11.45 42.21
CA SER G 202 76.56 12.48 42.75
C SER G 202 77.85 12.64 41.96
N SER G 203 78.29 11.59 41.27
CA SER G 203 79.45 11.71 40.40
C SER G 203 79.19 12.58 39.19
N SER G 204 77.92 12.70 38.76
CA SER G 204 77.57 13.55 37.64
C SER G 204 77.68 15.03 37.97
N LEU G 205 77.74 15.40 39.25
CA LEU G 205 77.91 16.79 39.63
C LEU G 205 79.27 17.29 39.13
N GLY G 206 79.25 18.39 38.37
CA GLY G 206 80.44 18.94 37.76
C GLY G 206 80.62 18.55 36.31
N THR G 207 79.96 17.46 35.87
CA THR G 207 79.95 17.04 34.48
C THR G 207 78.60 17.23 33.82
N GLN G 208 77.52 17.31 34.59
CA GLN G 208 76.17 17.46 34.08
C GLN G 208 75.67 18.88 34.37
N THR G 209 75.00 19.47 33.39
CA THR G 209 74.33 20.75 33.56
C THR G 209 72.86 20.50 33.86
N TYR G 210 72.40 21.01 35.00
CA TYR G 210 71.04 20.78 35.47
C TYR G 210 70.30 22.11 35.51
N VAL G 211 69.28 22.24 34.66
CA VAL G 211 68.48 23.45 34.53
C VAL G 211 67.02 23.06 34.70
N CYS G 212 66.31 23.79 35.56
CA CYS G 212 64.87 23.61 35.72
C CYS G 212 64.16 24.65 34.86
N ASN G 213 63.21 24.17 34.04
CA ASN G 213 62.42 25.01 33.14
C ASN G 213 61.01 25.07 33.71
N VAL G 214 60.60 26.27 34.14
CA VAL G 214 59.30 26.51 34.73
C VAL G 214 58.47 27.28 33.73
N ASN G 215 57.23 26.82 33.49
CA ASN G 215 56.31 27.43 32.55
C ASN G 215 55.02 27.78 33.27
N HIS G 216 54.56 29.03 33.12
CA HIS G 216 53.33 29.52 33.75
C HIS G 216 52.58 30.32 32.70
N LYS G 217 51.57 29.69 32.09
CA LYS G 217 50.83 30.34 31.00
C LYS G 217 50.10 31.60 31.44
N PRO G 218 49.41 31.64 32.60
CA PRO G 218 48.58 32.83 32.91
C PRO G 218 49.31 34.16 32.86
N SER G 219 50.54 34.22 33.35
CA SER G 219 51.39 35.41 33.22
C SER G 219 52.36 35.30 32.05
N ASN G 220 52.29 34.22 31.29
CA ASN G 220 53.19 33.98 30.16
C ASN G 220 54.65 34.09 30.59
N THR G 221 54.96 33.45 31.72
CA THR G 221 56.28 33.50 32.33
C THR G 221 56.96 32.15 32.17
N LYS G 222 58.08 32.14 31.42
CA LYS G 222 58.93 30.97 31.30
C LYS G 222 60.30 31.33 31.87
N VAL G 223 60.77 30.53 32.82
CA VAL G 223 62.02 30.79 33.53
C VAL G 223 62.87 29.54 33.49
N ASP G 224 64.09 29.68 32.99
CA ASP G 224 65.10 28.62 33.02
C ASP G 224 66.15 28.98 34.05
N LYS G 225 66.32 28.10 35.05
CA LYS G 225 67.22 28.38 36.17
C LYS G 225 68.23 27.25 36.29
N ARG G 226 69.51 27.61 36.22
CA ARG G 226 70.58 26.63 36.42
C ARG G 226 70.69 26.29 37.90
N VAL G 227 70.90 25.01 38.19
CA VAL G 227 71.05 24.51 39.56
C VAL G 227 72.43 23.90 39.66
N GLU G 228 73.26 24.44 40.55
CA GLU G 228 74.65 24.03 40.69
C GLU G 228 75.04 23.94 42.16
N ILE G 229 76.08 23.16 42.42
CA ILE G 229 76.64 23.03 43.77
C ILE G 229 77.22 24.38 44.17
N LYS G 230 77.49 24.54 45.47
CA LYS G 230 78.04 25.78 46.04
C LYS G 230 79.46 25.48 46.53
N THR G 231 80.44 25.73 45.67
CA THR G 231 81.83 25.55 46.04
C THR G 231 82.27 26.67 46.98
N CYS G 232 82.94 26.31 48.07
CA CYS G 232 83.45 27.28 49.03
C CYS G 232 84.92 27.57 48.78
N ASP H 1 20.53 15.30 60.89
CA ASP H 1 21.25 14.58 59.81
C ASP H 1 21.81 13.28 60.37
N ILE H 2 21.72 12.21 59.57
CA ILE H 2 22.17 10.90 60.00
C ILE H 2 23.65 10.76 59.64
N GLN H 3 24.48 10.50 60.64
CA GLN H 3 25.93 10.48 60.49
C GLN H 3 26.40 9.11 60.05
N MET H 4 27.31 9.08 59.08
CA MET H 4 27.99 7.87 58.64
C MET H 4 29.39 7.82 59.20
N THR H 5 29.83 6.62 59.60
CA THR H 5 31.22 6.37 59.98
C THR H 5 31.71 5.12 59.26
N GLN H 6 32.88 5.24 58.62
CA GLN H 6 33.45 4.16 57.83
C GLN H 6 34.77 3.72 58.44
N SER H 7 34.99 2.40 58.47
CA SER H 7 36.23 1.84 59.01
C SER H 7 36.70 0.69 58.11
N PRO H 8 38.02 0.52 57.94
CA PRO H 8 39.14 1.36 58.40
C PRO H 8 39.30 2.59 57.51
N SER H 9 39.88 3.67 58.02
CA SER H 9 40.07 4.87 57.19
C SER H 9 41.00 4.57 56.02
N ARG H 10 42.09 3.85 56.28
CA ARG H 10 43.02 3.43 55.24
C ARG H 10 43.47 2.00 55.53
N LEU H 11 43.75 1.25 54.46
CA LEU H 11 44.19 -0.12 54.59
C LEU H 11 45.08 -0.46 53.40
N SER H 12 45.90 -1.50 53.59
CA SER H 12 46.82 -1.98 52.56
C SER H 12 46.57 -3.47 52.35
N ALA H 13 46.44 -3.86 51.08
CA ALA H 13 46.21 -5.25 50.74
C ALA H 13 46.80 -5.52 49.35
N SER H 14 47.27 -6.75 49.15
CA SER H 14 47.86 -7.16 47.89
C SER H 14 46.80 -7.74 46.96
N VAL H 15 47.21 -8.01 45.72
CA VAL H 15 46.30 -8.56 44.73
C VAL H 15 45.86 -9.95 45.17
N GLY H 16 44.56 -10.20 45.11
CA GLY H 16 43.99 -11.47 45.48
C GLY H 16 43.58 -11.59 46.94
N ASP H 17 43.88 -10.58 47.76
CA ASP H 17 43.50 -10.63 49.17
C ASP H 17 42.03 -10.26 49.34
N ARG H 18 41.50 -10.58 50.52
CA ARG H 18 40.12 -10.27 50.88
C ARG H 18 40.09 -8.97 51.68
N VAL H 19 39.22 -8.05 51.28
CA VAL H 19 39.12 -6.73 51.90
C VAL H 19 37.71 -6.55 52.43
N THR H 20 37.60 -6.02 53.65
CA THR H 20 36.32 -5.75 54.29
C THR H 20 36.30 -4.31 54.79
N VAL H 21 35.17 -3.63 54.57
CA VAL H 21 34.94 -2.27 55.03
C VAL H 21 33.57 -2.22 55.69
N THR H 22 33.47 -1.53 56.81
CA THR H 22 32.23 -1.45 57.57
C THR H 22 31.75 0.00 57.61
N CYS H 23 30.48 0.21 57.28
CA CYS H 23 29.83 1.51 57.35
C CYS H 23 28.70 1.43 58.36
N ARG H 24 28.73 2.34 59.34
CA ARG H 24 27.78 2.38 60.43
C ARG H 24 27.04 3.72 60.42
N ALA H 25 25.74 3.67 60.67
CA ALA H 25 24.89 4.85 60.72
C ALA H 25 24.58 5.22 62.18
N SER H 26 24.02 6.41 62.36
CA SER H 26 23.61 6.89 63.67
C SER H 26 22.22 6.42 64.08
N GLN H 27 21.46 5.81 63.17
CA GLN H 27 20.13 5.31 63.48
C GLN H 27 19.75 4.26 62.44
N ASP H 28 18.65 3.56 62.71
CA ASP H 28 18.16 2.55 61.79
C ASP H 28 17.63 3.22 60.52
N ILE H 29 18.23 2.89 59.37
CA ILE H 29 17.86 3.48 58.09
C ILE H 29 17.42 2.38 57.13
N ASP H 30 16.98 1.25 57.69
CA ASP H 30 16.56 0.09 56.88
C ASP H 30 17.78 -0.35 56.05
N LYS H 31 17.58 -0.81 54.81
CA LYS H 31 18.64 -1.30 53.95
C LYS H 31 19.05 -0.26 52.90
N ASP H 32 18.76 1.02 53.16
CA ASP H 32 18.93 2.07 52.17
C ASP H 32 20.29 2.75 52.38
N LEU H 33 21.32 2.15 51.79
CA LEU H 33 22.67 2.73 51.82
C LEU H 33 23.48 2.08 50.71
N SER H 34 23.93 2.89 49.74
CA SER H 34 24.61 2.39 48.55
C SER H 34 26.11 2.62 48.66
N TRP H 35 26.87 1.69 48.07
CA TRP H 35 28.33 1.73 48.07
C TRP H 35 28.83 2.15 46.70
N PHE H 36 29.68 3.18 46.69
CA PHE H 36 30.23 3.80 45.49
C PHE H 36 31.75 3.68 45.51
N GLN H 37 32.32 3.63 44.29
CA GLN H 37 33.76 3.59 44.09
C GLN H 37 34.17 4.74 43.17
N GLN H 38 35.26 5.43 43.53
CA GLN H 38 35.79 6.54 42.76
C GLN H 38 37.29 6.36 42.58
N LYS H 39 37.75 6.42 41.33
CA LYS H 39 39.16 6.34 41.01
C LYS H 39 39.81 7.72 41.08
N PRO H 40 41.13 7.79 41.16
CA PRO H 40 41.79 9.11 41.19
C PRO H 40 41.50 9.91 39.93
N GLY H 41 41.02 11.14 40.12
CA GLY H 41 40.72 12.02 39.00
C GLY H 41 39.63 11.48 38.10
N LYS H 42 38.63 10.80 38.67
CA LYS H 42 37.54 10.24 37.91
C LYS H 42 36.26 10.37 38.71
N ALA H 43 35.13 10.37 38.00
CA ALA H 43 33.84 10.44 38.66
C ALA H 43 33.54 9.13 39.39
N PRO H 44 32.80 9.17 40.50
CA PRO H 44 32.43 7.91 41.17
C PRO H 44 31.54 7.05 40.28
N THR H 45 31.68 5.74 40.46
CA THR H 45 30.87 4.74 39.75
C THR H 45 30.16 3.88 40.77
N LEU H 46 28.86 3.65 40.55
CA LEU H 46 28.08 2.86 41.48
C LEU H 46 28.56 1.41 41.48
N LEU H 47 28.79 0.86 42.67
CA LEU H 47 29.14 -0.55 42.84
C LEU H 47 27.98 -1.37 43.37
N ILE H 48 27.38 -0.98 44.49
CA ILE H 48 26.30 -1.75 45.10
C ILE H 48 25.19 -0.79 45.52
N PHE H 49 23.94 -1.23 45.37
CA PHE H 49 22.78 -0.48 45.84
C PHE H 49 21.96 -1.38 46.75
N THR H 50 21.18 -0.72 47.63
CA THR H 50 20.36 -1.35 48.68
C THR H 50 21.16 -2.37 49.50
N ALA H 51 22.47 -2.19 49.58
CA ALA H 51 23.33 -2.93 50.51
C ALA H 51 23.47 -4.42 50.20
N SER H 52 22.79 -4.90 49.15
CA SER H 52 22.86 -6.31 48.78
C SER H 52 22.82 -6.58 47.29
N SER H 53 22.44 -5.61 46.45
CA SER H 53 22.25 -5.82 45.03
C SER H 53 23.45 -5.25 44.27
N LEU H 54 23.97 -6.04 43.33
CA LEU H 54 25.14 -5.64 42.55
C LEU H 54 24.69 -4.89 41.30
N GLN H 55 25.33 -3.75 41.05
CA GLN H 55 25.01 -2.96 39.87
C GLN H 55 25.43 -3.71 38.61
N THR H 56 24.68 -3.46 37.53
CA THR H 56 24.97 -4.11 36.24
C THR H 56 26.38 -3.74 35.77
N GLY H 57 27.13 -4.74 35.32
CA GLY H 57 28.48 -4.55 34.84
C GLY H 57 29.55 -4.64 35.91
N VAL H 58 29.19 -4.58 37.18
CA VAL H 58 30.17 -4.69 38.26
C VAL H 58 30.64 -6.14 38.35
N PRO H 59 31.93 -6.41 38.58
CA PRO H 59 32.35 -7.80 38.78
C PRO H 59 31.67 -8.41 40.01
N SER H 60 31.36 -9.71 39.91
CA SER H 60 30.67 -10.40 41.00
C SER H 60 31.53 -10.56 42.23
N ARG H 61 32.86 -10.36 42.11
CA ARG H 61 33.73 -10.47 43.28
C ARG H 61 33.32 -9.51 44.39
N PHE H 62 32.83 -8.33 44.03
CA PHE H 62 32.30 -7.41 45.03
C PHE H 62 31.01 -7.96 45.63
N SER H 63 30.80 -7.67 46.91
CA SER H 63 29.58 -8.12 47.58
C SER H 63 29.27 -7.20 48.75
N GLY H 64 28.03 -7.24 49.18
CA GLY H 64 27.59 -6.42 50.32
C GLY H 64 26.69 -7.23 51.23
N SER H 65 26.75 -6.89 52.52
CA SER H 65 26.00 -7.61 53.53
C SER H 65 25.67 -6.65 54.67
N GLY H 66 24.95 -7.15 55.67
CA GLY H 66 24.55 -6.37 56.82
C GLY H 66 23.21 -5.69 56.62
N SER H 67 22.72 -5.10 57.70
CA SER H 67 21.38 -4.52 57.69
C SER H 67 21.18 -3.76 58.99
N GLY H 68 20.23 -2.82 58.97
CA GLY H 68 19.93 -2.02 60.14
C GLY H 68 20.85 -0.83 60.28
N THR H 69 21.79 -0.90 61.22
CA THR H 69 22.76 0.15 61.45
C THR H 69 24.13 -0.16 60.84
N GLU H 70 24.53 -1.44 60.85
CA GLU H 70 25.84 -1.86 60.37
C GLU H 70 25.68 -2.54 59.02
N PHE H 71 26.46 -2.07 58.03
CA PHE H 71 26.57 -2.72 56.73
C PHE H 71 28.04 -2.93 56.40
N THR H 72 28.31 -3.91 55.54
CA THR H 72 29.66 -4.32 55.21
C THR H 72 29.81 -4.48 53.71
N LEU H 73 30.93 -3.97 53.18
CA LEU H 73 31.33 -4.17 51.80
C LEU H 73 32.53 -5.11 51.80
N THR H 74 32.50 -6.11 50.92
CA THR H 74 33.52 -7.14 50.85
C THR H 74 34.02 -7.28 49.42
N ILE H 75 35.35 -7.36 49.28
CA ILE H 75 36.00 -7.68 48.02
C ILE H 75 36.71 -9.02 48.24
N SER H 76 36.25 -10.06 47.54
CA SER H 76 36.77 -11.40 47.75
C SER H 76 38.15 -11.57 47.13
N SER H 77 38.35 -11.02 45.93
CA SER H 77 39.61 -11.14 45.20
C SER H 77 40.01 -9.75 44.73
N LEU H 78 40.91 -9.11 45.47
CA LEU H 78 41.39 -7.79 45.08
C LEU H 78 42.17 -7.89 43.78
N GLN H 79 42.02 -6.87 42.94
CA GLN H 79 42.64 -6.80 41.63
C GLN H 79 43.28 -5.42 41.45
N PRO H 80 44.20 -5.28 40.49
CA PRO H 80 44.83 -3.96 40.29
C PRO H 80 43.84 -2.84 40.01
N GLU H 81 42.75 -3.14 39.28
CA GLU H 81 41.77 -2.10 38.97
C GLU H 81 40.89 -1.75 40.17
N ASP H 82 40.84 -2.60 41.19
CA ASP H 82 40.02 -2.33 42.36
C ASP H 82 40.61 -1.29 43.29
N PHE H 83 41.87 -0.88 43.09
CA PHE H 83 42.51 0.08 43.98
C PHE H 83 41.96 1.47 43.75
N ALA H 84 40.82 1.78 44.39
CA ALA H 84 40.17 3.07 44.26
C ALA H 84 39.39 3.33 45.54
N THR H 85 39.12 4.61 45.81
CA THR H 85 38.45 4.96 47.06
C THR H 85 37.02 4.46 47.04
N TYR H 86 36.53 4.01 48.20
CA TYR H 86 35.17 3.54 48.36
C TYR H 86 34.47 4.38 49.42
N PHE H 87 33.19 4.67 49.20
CA PHE H 87 32.41 5.38 50.21
C PHE H 87 30.98 4.87 50.21
N CYS H 88 30.25 5.20 51.27
CA CYS H 88 28.92 4.69 51.55
C CYS H 88 27.97 5.89 51.73
N GLN H 89 27.00 6.03 50.84
CA GLN H 89 26.08 7.16 50.83
C GLN H 89 24.65 6.69 51.05
N GLN H 90 23.96 7.33 51.98
CA GLN H 90 22.63 6.90 52.41
C GLN H 90 21.55 7.71 51.70
N ASP H 91 20.35 7.11 51.62
CA ASP H 91 19.21 7.77 50.99
C ASP H 91 17.91 7.50 51.72
N TYR H 92 17.94 6.99 52.96
CA TYR H 92 16.70 6.72 53.69
C TYR H 92 15.92 8.00 53.95
N SER H 93 16.62 9.06 54.37
CA SER H 93 15.98 10.34 54.63
C SER H 93 16.99 11.45 54.36
N PHE H 94 16.46 12.63 54.04
CA PHE H 94 17.33 13.76 53.74
C PHE H 94 18.01 14.26 55.02
N PRO H 95 19.20 14.86 54.90
CA PRO H 95 20.02 15.06 53.70
C PRO H 95 20.83 13.82 53.35
N LEU H 96 21.25 13.68 52.10
CA LEU H 96 22.07 12.54 51.69
C LEU H 96 23.47 12.71 52.24
N THR H 97 23.84 11.86 53.20
CA THR H 97 25.14 11.94 53.87
C THR H 97 26.06 10.86 53.32
N PHE H 98 27.24 11.27 52.88
CA PHE H 98 28.23 10.37 52.31
C PHE H 98 29.17 9.86 53.39
N GLY H 99 29.91 8.80 53.05
CA GLY H 99 30.89 8.24 53.95
C GLY H 99 32.19 9.01 53.94
N GLY H 100 33.10 8.60 54.82
CA GLY H 100 34.39 9.25 54.95
C GLY H 100 35.43 8.83 53.94
N GLY H 101 35.12 7.87 53.07
CA GLY H 101 36.07 7.41 52.08
C GLY H 101 36.97 6.32 52.60
N THR H 102 37.36 5.38 51.73
CA THR H 102 38.23 4.26 52.10
C THR H 102 39.23 4.07 50.95
N LYS H 103 40.38 4.73 51.07
CA LYS H 103 41.43 4.60 50.07
C LYS H 103 42.16 3.27 50.24
N VAL H 104 42.35 2.56 49.13
CA VAL H 104 43.06 1.28 49.12
C VAL H 104 44.27 1.43 48.21
N ASP H 105 45.45 1.07 48.72
CA ASP H 105 46.70 1.22 48.01
C ASP H 105 47.37 -0.14 47.82
N LEU H 106 48.14 -0.26 46.74
CA LEU H 106 48.84 -1.51 46.45
C LEU H 106 49.89 -1.78 47.51
N LYS H 107 50.04 -3.05 47.87
CA LYS H 107 51.02 -3.47 48.86
C LYS H 107 52.39 -3.61 48.24
N ARG H 108 53.42 -3.33 49.03
CA ARG H 108 54.80 -3.50 48.60
C ARG H 108 55.69 -3.65 49.84
N THR H 109 56.98 -3.73 49.60
CA THR H 109 57.95 -3.88 50.67
C THR H 109 58.29 -2.52 51.28
N VAL H 110 58.92 -2.56 52.46
CA VAL H 110 59.29 -1.34 53.16
C VAL H 110 60.48 -0.69 52.44
N ALA H 111 60.39 0.62 52.24
CA ALA H 111 61.46 1.41 51.63
C ALA H 111 61.66 2.66 52.47
N ALA H 112 62.88 2.85 52.98
CA ALA H 112 63.16 4.00 53.81
C ALA H 112 63.32 5.25 52.96
N PRO H 113 62.92 6.42 53.45
CA PRO H 113 63.14 7.65 52.66
C PRO H 113 64.60 8.04 52.63
N SER H 114 64.99 8.72 51.55
CA SER H 114 66.24 9.47 51.54
C SER H 114 65.92 10.90 51.97
N VAL H 115 66.55 11.34 53.05
CA VAL H 115 66.20 12.58 53.72
C VAL H 115 67.26 13.63 53.43
N PHE H 116 66.83 14.75 52.84
CA PHE H 116 67.69 15.86 52.44
C PHE H 116 67.09 17.16 52.95
N ILE H 117 67.95 18.17 53.15
CA ILE H 117 67.52 19.51 53.53
C ILE H 117 68.23 20.53 52.66
N PHE H 118 67.50 21.57 52.27
CA PHE H 118 67.99 22.59 51.33
C PHE H 118 67.96 23.96 51.99
N PRO H 119 69.10 24.51 52.44
CA PRO H 119 69.08 25.86 53.01
C PRO H 119 68.66 26.88 51.97
N PRO H 120 67.92 27.93 52.35
CA PRO H 120 67.54 28.94 51.35
C PRO H 120 68.75 29.70 50.85
N SER H 121 68.69 30.11 49.59
CA SER H 121 69.74 30.91 49.00
C SER H 121 69.67 32.35 49.51
N GLU H 122 70.76 33.08 49.31
CA GLU H 122 70.79 34.49 49.73
C GLU H 122 69.73 35.31 48.99
N ASP H 123 69.56 35.05 47.69
CA ASP H 123 68.51 35.74 46.93
C ASP H 123 67.14 35.53 47.57
N GLN H 124 66.90 34.34 48.11
CA GLN H 124 65.67 34.10 48.86
C GLN H 124 65.60 34.98 50.11
N VAL H 125 66.75 35.16 50.78
CA VAL H 125 66.76 35.95 52.01
C VAL H 125 66.44 37.41 51.70
N LYS H 126 66.99 37.96 50.61
CA LYS H 126 66.73 39.36 50.31
C LYS H 126 65.28 39.63 49.93
N SER H 127 64.51 38.59 49.60
CA SER H 127 63.12 38.79 49.21
C SER H 127 62.21 39.11 50.40
N GLY H 128 62.69 38.94 51.63
CA GLY H 128 61.90 39.18 52.81
C GLY H 128 61.23 37.96 53.39
N THR H 129 61.10 36.89 52.60
CA THR H 129 60.57 35.62 53.06
C THR H 129 61.45 34.50 52.53
N VAL H 130 61.57 33.43 53.31
CA VAL H 130 62.41 32.30 52.98
C VAL H 130 61.64 31.01 53.20
N SER H 131 62.09 29.96 52.51
CA SER H 131 61.49 28.63 52.61
C SER H 131 62.61 27.60 52.73
N VAL H 132 62.55 26.78 53.78
CA VAL H 132 63.49 25.69 54.01
C VAL H 132 62.79 24.40 53.59
N VAL H 133 63.37 23.68 52.63
CA VAL H 133 62.73 22.52 52.04
C VAL H 133 63.44 21.27 52.56
N CYS H 134 62.69 20.37 53.19
CA CYS H 134 63.17 19.05 53.59
C CYS H 134 62.47 18.01 52.74
N LEU H 135 63.26 17.20 52.04
CA LEU H 135 62.75 16.25 51.06
C LEU H 135 62.94 14.83 51.57
N LEU H 136 61.84 14.06 51.57
CA LEU H 136 61.83 12.63 51.81
C LEU H 136 61.60 11.97 50.45
N ASN H 137 62.56 11.16 50.00
CA ASN H 137 62.54 10.61 48.65
C ASN H 137 62.28 9.10 48.70
N ASN H 138 61.26 8.66 47.97
CA ASN H 138 61.06 7.27 47.59
C ASN H 138 60.96 6.35 48.81
N PHE H 139 59.87 6.52 49.55
CA PHE H 139 59.61 5.74 50.75
C PHE H 139 58.23 5.09 50.70
N TYR H 140 58.11 4.00 51.46
CA TYR H 140 56.87 3.25 51.67
C TYR H 140 57.03 2.53 52.99
N PRO H 141 56.00 2.47 53.86
CA PRO H 141 54.61 2.95 53.74
C PRO H 141 54.44 4.46 53.80
N ARG H 142 53.22 4.92 53.51
CA ARG H 142 52.93 6.35 53.50
C ARG H 142 53.16 6.98 54.87
N GLU H 143 52.99 6.20 55.95
CA GLU H 143 53.13 6.74 57.29
C GLU H 143 54.57 7.21 57.52
N ALA H 144 54.72 8.53 57.68
CA ALA H 144 56.01 9.13 57.99
C ALA H 144 55.77 10.32 58.89
N SER H 145 56.75 10.64 59.74
CA SER H 145 56.66 11.78 60.65
C SER H 145 57.86 12.69 60.44
N VAL H 146 57.58 13.96 60.17
CA VAL H 146 58.59 14.99 59.97
C VAL H 146 58.41 16.06 61.03
N LYS H 147 59.49 16.38 61.74
CA LYS H 147 59.46 17.40 62.80
C LYS H 147 60.55 18.43 62.53
N TRP H 148 60.23 19.69 62.81
CA TRP H 148 61.15 20.80 62.60
C TRP H 148 61.71 21.26 63.94
N LYS H 149 63.04 21.29 64.04
CA LYS H 149 63.74 21.72 65.24
C LYS H 149 64.63 22.92 64.90
N VAL H 150 64.41 24.02 65.61
CA VAL H 150 65.16 25.26 65.41
C VAL H 150 65.99 25.50 66.65
N ASP H 151 67.32 25.54 66.48
CA ASP H 151 68.24 25.71 67.60
C ASP H 151 68.05 24.63 68.65
N GLY H 152 67.72 23.42 68.20
CA GLY H 152 67.58 22.27 69.06
C GLY H 152 66.20 22.11 69.70
N ALA H 153 65.32 23.09 69.54
CA ALA H 153 64.00 23.07 70.15
C ALA H 153 62.94 22.75 69.09
N LEU H 154 62.10 21.76 69.38
CA LEU H 154 60.99 21.45 68.50
C LEU H 154 60.02 22.62 68.46
N LYS H 155 59.57 22.97 67.26
CA LYS H 155 58.57 24.03 67.07
C LYS H 155 57.52 23.53 66.09
N THR H 156 56.29 24.00 66.28
CA THR H 156 55.15 23.62 65.47
C THR H 156 54.61 24.85 64.73
N GLY H 157 54.06 24.60 63.55
CA GLY H 157 53.54 25.66 62.71
C GLY H 157 54.54 26.11 61.66
N ASN H 158 54.02 26.85 60.67
CA ASN H 158 54.76 27.42 59.55
C ASN H 158 55.33 26.36 58.61
N SER H 159 55.02 25.08 58.80
CA SER H 159 55.50 24.00 57.97
C SER H 159 54.34 23.35 57.22
N GLN H 160 54.51 23.17 55.91
CA GLN H 160 53.50 22.57 55.05
C GLN H 160 54.07 21.32 54.39
N GLU H 161 53.26 20.26 54.36
CA GLU H 161 53.63 19.00 53.74
C GLU H 161 52.89 18.82 52.41
N SER H 162 53.64 18.48 51.36
CA SER H 162 53.09 18.18 50.06
C SER H 162 53.59 16.81 49.62
N VAL H 163 52.67 15.95 49.19
CA VAL H 163 52.97 14.55 48.92
C VAL H 163 52.50 14.21 47.51
N THR H 164 53.36 13.52 46.76
CA THR H 164 52.99 13.00 45.46
C THR H 164 52.17 11.72 45.61
N GLU H 165 51.46 11.35 44.56
CA GLU H 165 50.72 10.11 44.56
C GLU H 165 51.68 8.93 44.49
N GLN H 166 51.16 7.74 44.84
CA GLN H 166 51.96 6.53 44.78
C GLN H 166 52.48 6.32 43.37
N ASP H 167 53.80 6.19 43.24
CA ASP H 167 54.42 6.14 41.93
C ASP H 167 53.96 4.92 41.16
N SER H 168 53.69 5.11 39.87
CA SER H 168 53.20 4.01 39.03
C SER H 168 54.25 2.93 38.84
N LYS H 169 55.53 3.27 38.97
CA LYS H 169 56.60 2.34 38.65
C LYS H 169 57.09 1.58 39.89
N ASP H 170 57.55 2.28 40.91
CA ASP H 170 58.12 1.66 42.10
C ASP H 170 57.19 1.67 43.31
N ASN H 171 55.98 2.23 43.18
CA ASN H 171 54.98 2.21 44.25
C ASN H 171 55.48 2.86 45.53
N THR H 172 56.28 3.91 45.41
CA THR H 172 56.79 4.67 46.54
C THR H 172 56.19 6.06 46.55
N TYR H 173 56.39 6.76 47.66
CA TYR H 173 55.96 8.14 47.83
C TYR H 173 57.18 9.04 47.98
N SER H 174 56.96 10.32 47.66
CA SER H 174 57.93 11.37 47.93
C SER H 174 57.20 12.54 48.57
N LEU H 175 57.84 13.16 49.56
CA LEU H 175 57.21 14.19 50.38
C LEU H 175 58.14 15.37 50.53
N SER H 176 57.56 16.57 50.54
CA SER H 176 58.28 17.81 50.78
C SER H 176 57.67 18.54 51.96
N SER H 177 58.49 18.81 52.98
CA SER H 177 58.10 19.60 54.13
C SER H 177 58.80 20.94 54.02
N THR H 178 58.01 21.99 53.76
CA THR H 178 58.53 23.33 53.53
C THR H 178 58.20 24.21 54.72
N LEU H 179 59.23 24.74 55.36
CA LEU H 179 59.09 25.67 56.48
C LEU H 179 59.27 27.09 55.95
N THR H 180 58.19 27.86 55.95
CA THR H 180 58.19 29.22 55.40
C THR H 180 58.22 30.22 56.54
N LEU H 181 59.16 31.16 56.48
CA LEU H 181 59.34 32.16 57.53
C LEU H 181 59.66 33.50 56.91
N SER H 182 59.54 34.54 57.73
CA SER H 182 60.05 35.85 57.35
C SER H 182 61.57 35.87 57.50
N SER H 183 62.21 36.78 56.77
CA SER H 183 63.67 36.88 56.83
C SER H 183 64.14 37.28 58.22
N THR H 184 63.38 38.14 58.91
CA THR H 184 63.75 38.51 60.26
C THR H 184 63.74 37.29 61.19
N GLU H 185 62.66 36.53 61.16
CA GLU H 185 62.58 35.33 61.99
C GLU H 185 63.64 34.31 61.59
N TYR H 186 63.91 34.20 60.29
CA TYR H 186 64.94 33.27 59.84
C TYR H 186 66.32 33.65 60.39
N GLN H 187 66.64 34.94 60.35
CA GLN H 187 67.92 35.42 60.86
C GLN H 187 67.95 35.53 62.38
N SER H 188 66.80 35.36 63.05
CA SER H 188 66.76 35.32 64.51
C SER H 188 67.22 33.98 65.08
N HIS H 189 67.46 32.97 64.24
CA HIS H 189 67.94 31.67 64.68
C HIS H 189 69.07 31.22 63.77
N LYS H 190 69.83 30.22 64.24
CA LYS H 190 71.03 29.75 63.56
C LYS H 190 70.87 28.37 62.95
N VAL H 191 70.44 27.38 63.74
CA VAL H 191 70.41 25.98 63.32
C VAL H 191 68.97 25.62 62.97
N TYR H 192 68.79 25.00 61.80
CA TYR H 192 67.49 24.50 61.35
C TYR H 192 67.64 23.04 60.98
N ALA H 193 66.75 22.20 61.48
CA ALA H 193 66.85 20.76 61.30
C ALA H 193 65.48 20.17 61.01
N CYS H 194 65.43 19.22 60.09
CA CYS H 194 64.25 18.38 59.88
C CYS H 194 64.60 16.96 60.28
N GLU H 195 63.77 16.38 61.16
CA GLU H 195 63.95 15.04 61.69
C GLU H 195 62.84 14.16 61.15
N VAL H 196 63.23 13.02 60.57
CA VAL H 196 62.32 12.11 59.90
C VAL H 196 62.32 10.78 60.64
N THR H 197 61.13 10.29 60.96
CA THR H 197 60.93 8.96 61.50
C THR H 197 59.99 8.18 60.59
N HIS H 198 60.40 6.96 60.26
CA HIS H 198 59.73 6.12 59.28
C HIS H 198 59.99 4.66 59.64
N GLN H 199 59.16 3.77 59.09
CA GLN H 199 59.28 2.35 59.40
C GLN H 199 60.63 1.79 58.96
N GLY H 200 61.18 2.29 57.86
CA GLY H 200 62.42 1.78 57.32
C GLY H 200 63.68 2.34 57.94
N LEU H 201 63.57 3.24 58.91
CA LEU H 201 64.72 3.83 59.60
C LEU H 201 64.73 3.30 61.03
N SER H 202 65.81 2.60 61.39
CA SER H 202 65.92 2.08 62.74
C SER H 202 65.96 3.20 63.77
N SER H 203 66.64 4.30 63.45
CA SER H 203 66.71 5.49 64.28
C SER H 203 66.27 6.71 63.48
N PRO H 204 65.80 7.77 64.14
CA PRO H 204 65.40 8.96 63.39
C PRO H 204 66.57 9.57 62.63
N VAL H 205 66.27 10.11 61.45
CA VAL H 205 67.28 10.73 60.58
C VAL H 205 67.07 12.23 60.65
N THR H 206 68.05 12.93 61.21
CA THR H 206 68.01 14.39 61.36
C THR H 206 69.00 15.02 60.38
N LYS H 207 68.47 15.83 59.46
CA LYS H 207 69.30 16.63 58.55
C LYS H 207 69.16 18.09 58.95
N SER H 208 70.31 18.75 59.17
CA SER H 208 70.32 20.07 59.76
C SER H 208 71.41 20.91 59.11
N PHE H 209 71.26 22.23 59.26
CA PHE H 209 72.28 23.16 58.78
C PHE H 209 72.30 24.38 59.70
N ASN H 210 73.48 24.99 59.80
CA ASN H 210 73.68 26.25 60.49
C ASN H 210 73.81 27.35 59.44
N ARG H 211 73.13 28.47 59.67
CA ARG H 211 73.13 29.59 58.74
C ARG H 211 74.55 30.09 58.46
N GLN I 1 -27.42 -32.62 -3.28
CA GLN I 1 -27.87 -33.89 -2.62
C GLN I 1 -27.29 -35.10 -3.35
N VAL I 2 -26.79 -36.07 -2.57
CA VAL I 2 -26.17 -37.24 -3.18
C VAL I 2 -27.22 -38.28 -3.52
N GLN I 3 -27.01 -38.97 -4.64
CA GLN I 3 -27.93 -40.00 -5.12
C GLN I 3 -27.15 -41.29 -5.32
N LEU I 4 -27.77 -42.39 -4.92
CA LEU I 4 -27.17 -43.72 -4.95
C LEU I 4 -28.02 -44.61 -5.84
N GLN I 5 -27.36 -45.39 -6.71
CA GLN I 5 -28.08 -46.37 -7.53
C GLN I 5 -27.31 -47.68 -7.52
N VAL I 6 -28.01 -48.76 -7.19
CA VAL I 6 -27.40 -50.08 -7.06
C VAL I 6 -27.86 -50.97 -8.20
N SER I 7 -27.04 -51.98 -8.50
CA SER I 7 -27.32 -52.91 -9.58
C SER I 7 -26.58 -54.21 -9.31
N GLY I 8 -27.01 -55.26 -10.02
CA GLY I 8 -26.42 -56.56 -9.89
C GLY I 8 -27.35 -57.65 -10.38
N PRO I 9 -26.89 -58.90 -10.35
CA PRO I 9 -27.73 -60.01 -10.81
C PRO I 9 -28.86 -60.28 -9.81
N GLY I 10 -30.08 -60.39 -10.33
CA GLY I 10 -31.23 -60.65 -9.47
C GLY I 10 -31.28 -62.07 -8.94
N VAL I 11 -30.63 -63.02 -9.61
CA VAL I 11 -30.58 -64.40 -9.19
C VAL I 11 -29.14 -64.87 -9.23
N VAL I 12 -28.68 -65.49 -8.13
CA VAL I 12 -27.33 -66.02 -8.02
C VAL I 12 -27.43 -67.46 -7.51
N LYS I 13 -26.71 -68.36 -8.16
CA LYS I 13 -26.72 -69.76 -7.74
C LYS I 13 -25.97 -69.93 -6.43
N ALA I 14 -26.28 -71.02 -5.74
CA ALA I 14 -25.64 -71.31 -4.46
C ALA I 14 -24.15 -71.57 -4.65
N SER I 15 -23.37 -71.22 -3.62
CA SER I 15 -21.92 -71.38 -3.57
C SER I 15 -21.18 -70.59 -4.65
N GLU I 16 -21.82 -69.60 -5.26
CA GLU I 16 -21.19 -68.73 -6.23
C GLU I 16 -20.82 -67.41 -5.56
N THR I 17 -20.27 -66.48 -6.34
CA THR I 17 -19.89 -65.16 -5.85
C THR I 17 -20.95 -64.15 -6.25
N LEU I 18 -21.58 -63.53 -5.26
CA LEU I 18 -22.60 -62.52 -5.49
C LEU I 18 -21.94 -61.15 -5.54
N SER I 19 -22.02 -60.48 -6.69
CA SER I 19 -21.39 -59.19 -6.91
C SER I 19 -22.47 -58.12 -7.08
N LEU I 20 -22.38 -57.07 -6.28
CA LEU I 20 -23.29 -55.93 -6.34
C LEU I 20 -22.48 -54.66 -6.55
N THR I 21 -22.97 -53.77 -7.41
CA THR I 21 -22.29 -52.54 -7.76
C THR I 21 -23.20 -51.37 -7.48
N CYS I 22 -22.77 -50.45 -6.60
CA CYS I 22 -23.52 -49.24 -6.30
C CYS I 22 -22.69 -48.03 -6.71
N ASP I 23 -23.28 -47.16 -7.52
CA ASP I 23 -22.63 -45.96 -7.99
C ASP I 23 -23.25 -44.73 -7.34
N VAL I 24 -22.39 -43.73 -7.13
CA VAL I 24 -22.72 -42.48 -6.46
C VAL I 24 -22.61 -41.37 -7.49
N SER I 25 -23.57 -40.43 -7.47
CA SER I 25 -23.52 -39.27 -8.37
C SER I 25 -23.63 -38.01 -7.52
N SER I 26 -22.51 -37.62 -6.90
CA SER I 26 -22.40 -36.33 -6.21
C SER I 26 -21.02 -36.14 -5.60
N ALA I 27 -20.85 -34.99 -4.94
CA ALA I 27 -19.69 -34.65 -4.11
C ALA I 27 -19.63 -33.16 -3.80
N SER I 28 -20.36 -32.34 -4.57
CA SER I 28 -20.20 -30.90 -4.55
C SER I 28 -18.72 -30.47 -4.80
N ASN I 29 -17.88 -31.39 -5.30
CA ASN I 29 -16.45 -31.27 -5.61
C ASN I 29 -15.56 -30.86 -4.41
N THR I 30 -16.13 -30.33 -3.31
CA THR I 30 -15.33 -30.07 -2.12
C THR I 30 -14.79 -31.39 -1.63
N ARG I 31 -13.48 -31.47 -1.41
CA ARG I 31 -12.84 -32.77 -1.38
C ARG I 31 -13.25 -33.53 -0.12
N ASP I 32 -14.53 -33.89 -0.06
CA ASP I 32 -15.08 -34.60 1.07
C ASP I 32 -14.62 -36.04 1.01
N TYR I 33 -14.92 -36.78 2.08
CA TYR I 33 -14.87 -38.24 2.04
C TYR I 33 -16.18 -38.72 2.62
N PHE I 34 -16.84 -39.64 1.91
CA PHE I 34 -18.03 -40.29 2.40
C PHE I 34 -17.64 -41.67 2.93
N TYR I 35 -18.59 -42.33 3.59
CA TYR I 35 -18.44 -43.72 4.01
C TYR I 35 -19.51 -44.53 3.29
N TRP I 36 -19.07 -45.41 2.40
CA TRP I 36 -19.97 -46.20 1.57
C TRP I 36 -20.14 -47.58 2.19
N SER I 37 -21.38 -47.93 2.53
CA SER I 37 -21.68 -49.14 3.29
C SER I 37 -22.79 -49.93 2.60
N TRP I 38 -22.87 -51.21 2.98
CA TRP I 38 -23.89 -52.13 2.47
C TRP I 38 -24.69 -52.68 3.64
N VAL I 39 -26.01 -52.76 3.48
CA VAL I 39 -26.89 -53.29 4.52
C VAL I 39 -27.95 -54.16 3.85
N ARG I 40 -28.25 -55.31 4.44
CA ARG I 40 -29.22 -56.25 3.88
C ARG I 40 -30.43 -56.37 4.80
N GLN I 41 -31.58 -56.70 4.21
CA GLN I 41 -32.78 -57.05 4.96
C GLN I 41 -33.34 -58.34 4.39
N SER I 42 -33.30 -59.42 5.17
CA SER I 42 -33.89 -60.66 4.73
C SER I 42 -35.42 -60.55 4.81
N PRO I 43 -36.15 -61.35 4.03
CA PRO I 43 -37.62 -61.28 4.10
C PRO I 43 -38.13 -61.63 5.50
N GLY I 44 -38.89 -60.72 6.08
CA GLY I 44 -39.43 -60.91 7.41
C GLY I 44 -38.46 -60.69 8.54
N LYS I 45 -37.31 -60.08 8.29
CA LYS I 45 -36.28 -59.84 9.29
C LYS I 45 -35.86 -58.38 9.24
N GLY I 46 -35.06 -57.98 10.23
CA GLY I 46 -34.58 -56.62 10.33
C GLY I 46 -33.32 -56.38 9.51
N LEU I 47 -32.84 -55.15 9.59
CA LEU I 47 -31.67 -54.74 8.82
C LEU I 47 -30.39 -55.26 9.50
N GLU I 48 -29.39 -55.56 8.67
CA GLU I 48 -28.11 -56.05 9.15
C GLU I 48 -26.99 -55.44 8.32
N TRP I 49 -25.94 -54.98 9.01
CA TRP I 49 -24.84 -54.27 8.38
C TRP I 49 -23.79 -55.26 7.90
N ILE I 50 -23.53 -55.25 6.59
CA ILE I 50 -22.52 -56.14 6.02
C ILE I 50 -21.13 -55.55 6.23
N GLY I 51 -20.92 -54.32 5.78
CA GLY I 51 -19.63 -53.70 5.88
C GLY I 51 -19.63 -52.35 5.19
N GLY I 52 -18.43 -51.78 5.06
CA GLY I 52 -18.29 -50.48 4.43
C GLY I 52 -16.83 -50.14 4.23
N VAL I 53 -16.61 -49.02 3.53
CA VAL I 53 -15.28 -48.53 3.23
C VAL I 53 -15.33 -47.03 3.07
N TYR I 54 -14.21 -46.37 3.41
CA TYR I 54 -14.09 -44.94 3.21
C TYR I 54 -14.01 -44.61 1.71
N SER I 55 -14.25 -43.34 1.40
CA SER I 55 -14.22 -42.87 0.03
C SER I 55 -12.85 -42.36 -0.41
N ASN I 56 -11.88 -42.28 0.50
CA ASN I 56 -10.56 -41.75 0.18
C ASN I 56 -9.45 -42.68 0.63
N SER I 57 -9.69 -43.46 1.69
CA SER I 57 -8.69 -44.36 2.26
C SER I 57 -9.08 -45.81 2.00
N ASP I 58 -8.08 -46.68 2.09
CA ASP I 58 -8.30 -48.11 1.91
C ASP I 58 -8.87 -48.78 3.16
N THR I 59 -9.02 -48.03 4.27
CA THR I 59 -9.56 -48.60 5.48
C THR I 59 -10.98 -49.09 5.25
N SER I 60 -11.16 -50.41 5.24
CA SER I 60 -12.46 -51.04 5.04
C SER I 60 -12.79 -51.89 6.26
N ASN I 61 -14.06 -51.85 6.67
CA ASN I 61 -14.51 -52.46 7.92
C ASN I 61 -15.67 -53.41 7.64
N LYS I 62 -15.65 -54.56 8.31
CA LYS I 62 -16.50 -55.68 7.98
C LYS I 62 -17.17 -56.24 9.23
N ASN I 63 -18.33 -56.85 9.03
CA ASN I 63 -19.00 -57.55 10.12
C ASN I 63 -18.16 -58.76 10.52
N PRO I 64 -17.89 -58.97 11.82
CA PRO I 64 -17.10 -60.17 12.19
C PRO I 64 -17.73 -61.48 11.75
N SER I 65 -19.07 -61.56 11.72
CA SER I 65 -19.73 -62.78 11.25
C SER I 65 -19.43 -63.03 9.77
N LEU I 66 -19.44 -61.97 8.96
CA LEU I 66 -19.24 -62.06 7.52
C LEU I 66 -17.84 -61.63 7.10
N GLU I 67 -16.89 -61.60 8.04
CA GLU I 67 -15.55 -61.10 7.73
C GLU I 67 -14.86 -61.97 6.69
N SER I 68 -15.02 -63.29 6.78
CA SER I 68 -14.30 -64.21 5.90
C SER I 68 -14.92 -64.35 4.52
N ARG I 69 -16.14 -63.86 4.31
CA ARG I 69 -16.86 -64.05 3.06
C ARG I 69 -17.06 -62.77 2.25
N VAL I 70 -16.88 -61.60 2.84
CA VAL I 70 -17.20 -60.32 2.20
C VAL I 70 -15.91 -59.65 1.77
N THR I 71 -15.94 -59.06 0.57
CA THR I 71 -14.85 -58.24 0.05
C THR I 71 -15.46 -56.98 -0.56
N ILE I 72 -15.04 -55.82 -0.06
CA ILE I 72 -15.56 -54.53 -0.49
C ILE I 72 -14.43 -53.77 -1.19
N SER I 73 -14.70 -53.31 -2.41
CA SER I 73 -13.75 -52.54 -3.20
C SER I 73 -14.42 -51.27 -3.68
N LYS I 74 -13.60 -50.33 -4.17
CA LYS I 74 -14.12 -49.05 -4.61
C LYS I 74 -13.29 -48.54 -5.79
N ASP I 75 -13.92 -47.68 -6.58
CA ASP I 75 -13.28 -46.95 -7.68
C ASP I 75 -13.68 -45.49 -7.51
N THR I 76 -12.77 -44.69 -6.94
CA THR I 76 -13.06 -43.28 -6.70
C THR I 76 -13.01 -42.45 -7.98
N SER I 77 -12.16 -42.84 -8.93
CA SER I 77 -12.10 -42.11 -10.19
C SER I 77 -13.43 -42.19 -10.94
N LYS I 78 -14.02 -43.39 -10.96
CA LYS I 78 -15.33 -43.59 -11.59
C LYS I 78 -16.49 -43.44 -10.60
N ASN I 79 -16.20 -43.21 -9.31
CA ASN I 79 -17.22 -42.93 -8.31
C ASN I 79 -18.22 -44.08 -8.20
N ARG I 80 -17.73 -45.24 -7.76
CA ARG I 80 -18.57 -46.40 -7.57
C ARG I 80 -17.90 -47.32 -6.55
N PHE I 81 -18.66 -48.30 -6.06
CA PHE I 81 -18.12 -49.27 -5.13
C PHE I 81 -18.84 -50.60 -5.25
N PHE I 82 -18.10 -51.67 -5.00
CA PHE I 82 -18.52 -53.04 -5.29
C PHE I 82 -18.44 -53.89 -4.03
N LEU I 83 -19.44 -54.74 -3.84
CA LEU I 83 -19.50 -55.72 -2.77
C LEU I 83 -19.49 -57.11 -3.38
N ARG I 84 -18.66 -58.00 -2.83
CA ARG I 84 -18.56 -59.38 -3.28
C ARG I 84 -18.76 -60.29 -2.09
N LEU I 85 -19.74 -61.19 -2.19
CA LEU I 85 -20.04 -62.16 -1.14
C LEU I 85 -19.73 -63.56 -1.67
N ASN I 86 -18.92 -64.31 -0.91
CA ASN I 86 -18.50 -65.65 -1.28
C ASN I 86 -19.26 -66.69 -0.47
N SER I 87 -19.38 -67.88 -1.05
CA SER I 87 -20.09 -69.00 -0.41
C SER I 87 -21.52 -68.61 -0.08
N VAL I 88 -22.21 -68.03 -1.06
CA VAL I 88 -23.60 -67.61 -0.86
C VAL I 88 -24.46 -68.83 -0.60
N THR I 89 -25.34 -68.72 0.40
CA THR I 89 -26.25 -69.78 0.79
C THR I 89 -27.69 -69.27 0.69
N ALA I 90 -28.65 -70.17 0.95
CA ALA I 90 -30.05 -69.81 0.83
C ALA I 90 -30.45 -68.72 1.82
N ALA I 91 -29.73 -68.60 2.94
CA ALA I 91 -30.05 -67.61 3.94
C ALA I 91 -29.71 -66.18 3.51
N ASP I 92 -28.97 -66.01 2.41
CA ASP I 92 -28.55 -64.70 1.94
C ASP I 92 -29.57 -64.01 1.04
N THR I 93 -30.67 -64.67 0.70
CA THR I 93 -31.71 -64.03 -0.08
C THR I 93 -32.28 -62.84 0.67
N ALA I 94 -32.11 -61.64 0.13
CA ALA I 94 -32.44 -60.44 0.88
C ALA I 94 -32.47 -59.24 -0.06
N VAL I 95 -32.99 -58.13 0.47
CA VAL I 95 -32.95 -56.84 -0.21
C VAL I 95 -31.68 -56.13 0.23
N TYR I 96 -30.82 -55.79 -0.72
CA TYR I 96 -29.55 -55.12 -0.44
C TYR I 96 -29.69 -53.64 -0.74
N TYR I 97 -29.21 -52.82 0.20
CA TYR I 97 -29.19 -51.37 0.12
C TYR I 97 -27.74 -50.91 0.21
N CYS I 98 -27.37 -49.93 -0.62
CA CYS I 98 -26.07 -49.27 -0.55
C CYS I 98 -26.29 -47.87 0.00
N SER I 99 -25.35 -47.39 0.82
CA SER I 99 -25.55 -46.20 1.62
C SER I 99 -24.28 -45.35 1.61
N SER I 100 -24.47 -44.03 1.74
CA SER I 100 -23.39 -43.08 1.90
C SER I 100 -23.65 -42.27 3.17
N ARG I 101 -22.66 -42.23 4.05
CA ARG I 101 -22.75 -41.52 5.32
C ARG I 101 -21.71 -40.42 5.35
N ALA I 102 -22.12 -39.24 5.82
CA ALA I 102 -21.27 -38.05 5.83
C ALA I 102 -21.68 -37.15 6.99
N LYS I 103 -20.77 -36.27 7.38
CA LYS I 103 -20.99 -35.30 8.45
C LYS I 103 -20.64 -33.91 7.94
N ILE I 104 -21.53 -32.95 8.16
CA ILE I 104 -21.37 -31.60 7.62
C ILE I 104 -20.51 -30.79 8.57
N TYR I 105 -19.49 -30.12 8.02
CA TYR I 105 -18.60 -29.25 8.77
C TYR I 105 -18.50 -27.90 8.09
N PHE I 106 -18.34 -26.84 8.89
CA PHE I 106 -17.98 -25.55 8.33
C PHE I 106 -16.51 -25.52 7.91
N ALA I 107 -15.63 -26.06 8.74
CA ALA I 107 -14.20 -26.14 8.45
C ALA I 107 -13.68 -27.42 9.08
N VAL I 108 -12.36 -27.61 9.05
CA VAL I 108 -11.74 -28.80 9.62
C VAL I 108 -11.68 -28.59 11.13
N GLY I 109 -12.71 -29.05 11.83
CA GLY I 109 -12.83 -28.86 13.27
C GLY I 109 -14.13 -28.21 13.67
N TYR I 110 -14.60 -27.27 12.86
CA TYR I 110 -15.86 -26.57 13.12
C TYR I 110 -17.02 -27.44 12.60
N ASP I 111 -17.44 -28.38 13.44
CA ASP I 111 -18.61 -29.18 13.11
C ASP I 111 -19.87 -28.32 13.20
N SER I 112 -20.76 -28.50 12.23
CA SER I 112 -22.02 -27.77 12.17
C SER I 112 -23.19 -28.54 12.75
N GLY I 113 -23.06 -29.85 12.96
CA GLY I 113 -24.12 -30.64 13.55
C GLY I 113 -25.14 -31.11 12.54
N GLY I 114 -24.68 -31.75 11.46
CA GLY I 114 -25.58 -32.23 10.44
C GLY I 114 -24.96 -33.38 9.66
N ARG I 115 -25.84 -34.23 9.11
CA ARG I 115 -25.41 -35.36 8.28
C ARG I 115 -26.35 -35.49 7.08
N ILE I 116 -26.15 -36.54 6.27
CA ILE I 116 -27.06 -36.87 5.17
C ILE I 116 -27.61 -38.29 5.30
N ASP I 117 -26.73 -39.27 5.49
CA ASP I 117 -27.11 -40.66 5.73
C ASP I 117 -28.14 -41.15 4.71
N VAL I 118 -27.70 -41.19 3.45
CA VAL I 118 -28.59 -41.51 2.34
C VAL I 118 -28.51 -42.99 2.00
N TRP I 119 -29.60 -43.52 1.47
CA TRP I 119 -29.76 -44.93 1.13
C TRP I 119 -30.23 -45.06 -0.31
N GLY I 120 -29.71 -46.05 -1.02
CA GLY I 120 -30.10 -46.28 -2.38
C GLY I 120 -31.43 -46.98 -2.48
N PRO I 121 -31.99 -47.02 -3.70
CA PRO I 121 -33.28 -47.70 -3.88
C PRO I 121 -33.25 -49.18 -3.56
N GLY I 122 -32.09 -49.83 -3.67
CA GLY I 122 -31.93 -51.21 -3.29
C GLY I 122 -32.34 -52.18 -4.39
N VAL I 123 -31.91 -53.43 -4.24
CA VAL I 123 -32.26 -54.49 -5.18
C VAL I 123 -32.47 -55.79 -4.41
N LEU I 124 -33.41 -56.60 -4.90
CA LEU I 124 -33.68 -57.91 -4.32
C LEU I 124 -32.75 -58.94 -4.93
N VAL I 125 -32.08 -59.72 -4.08
CA VAL I 125 -31.22 -60.82 -4.51
C VAL I 125 -31.78 -62.11 -3.95
N THR I 126 -32.03 -63.08 -4.83
CA THR I 126 -32.60 -64.37 -4.47
C THR I 126 -31.59 -65.47 -4.78
N VAL I 127 -31.33 -66.32 -3.78
CA VAL I 127 -30.39 -67.43 -3.94
C VAL I 127 -31.18 -68.68 -4.32
N ALA I 128 -31.31 -68.91 -5.62
CA ALA I 128 -32.10 -70.03 -6.12
C ALA I 128 -31.23 -71.25 -6.39
N THR I 129 -31.89 -72.38 -6.62
CA THR I 129 -31.21 -73.63 -6.94
C THR I 129 -31.86 -74.39 -8.09
N ALA I 130 -33.05 -73.97 -8.55
CA ALA I 130 -33.79 -74.62 -9.62
C ALA I 130 -33.62 -73.84 -10.92
N SER I 131 -34.35 -74.24 -11.95
CA SER I 131 -34.30 -73.59 -13.27
C SER I 131 -35.68 -73.09 -13.67
N THR I 132 -35.77 -72.45 -14.84
CA THR I 132 -37.03 -71.86 -15.28
C THR I 132 -38.07 -72.95 -15.53
N LYS I 133 -39.33 -72.62 -15.22
CA LYS I 133 -40.44 -73.54 -15.42
C LYS I 133 -41.77 -72.81 -15.26
N GLY I 134 -42.77 -73.19 -16.06
CA GLY I 134 -44.06 -72.55 -16.01
C GLY I 134 -44.95 -73.15 -14.93
N PRO I 135 -45.98 -72.42 -14.52
CA PRO I 135 -46.84 -72.91 -13.44
C PRO I 135 -47.86 -73.94 -13.90
N SER I 136 -48.29 -74.75 -12.94
CA SER I 136 -49.52 -75.50 -13.03
C SER I 136 -50.61 -74.77 -12.27
N VAL I 137 -51.76 -74.61 -12.91
CA VAL I 137 -52.88 -73.85 -12.37
C VAL I 137 -54.02 -74.81 -12.04
N PHE I 138 -54.45 -74.80 -10.78
CA PHE I 138 -55.52 -75.66 -10.31
C PHE I 138 -56.68 -74.81 -9.78
N PRO I 139 -57.91 -74.97 -10.28
CA PRO I 139 -59.01 -74.16 -9.75
C PRO I 139 -59.32 -74.52 -8.31
N LEU I 140 -59.51 -73.50 -7.49
CA LEU I 140 -59.98 -73.64 -6.11
C LEU I 140 -61.48 -73.35 -6.14
N ALA I 141 -62.27 -74.42 -6.23
CA ALA I 141 -63.71 -74.34 -6.48
C ALA I 141 -64.47 -74.11 -5.17
N PRO I 142 -65.56 -73.34 -5.16
CA PRO I 142 -66.39 -73.27 -3.95
C PRO I 142 -67.12 -74.59 -3.74
N SER I 143 -67.18 -75.03 -2.49
CA SER I 143 -67.90 -76.25 -2.16
C SER I 143 -69.39 -76.07 -2.45
N SER I 144 -70.03 -77.16 -2.89
CA SER I 144 -71.45 -77.10 -3.22
C SER I 144 -72.29 -76.72 -2.01
N ARG I 145 -71.87 -77.16 -0.82
CA ARG I 145 -72.64 -76.88 0.38
C ARG I 145 -72.51 -75.43 0.85
N SER I 146 -71.56 -74.67 0.30
CA SER I 146 -71.31 -73.32 0.75
C SER I 146 -72.19 -72.30 0.03
N THR I 147 -73.25 -72.75 -0.61
CA THR I 147 -74.20 -71.86 -1.26
C THR I 147 -75.22 -71.27 -0.28
N SER I 148 -75.28 -71.78 0.95
CA SER I 148 -76.21 -71.22 1.93
C SER I 148 -75.83 -69.79 2.31
N GLU I 149 -74.53 -69.47 2.31
CA GLU I 149 -74.10 -68.13 2.62
C GLU I 149 -74.33 -67.19 1.44
N SER I 150 -74.30 -65.89 1.71
CA SER I 150 -74.55 -64.88 0.69
C SER I 150 -73.35 -64.57 -0.17
N THR I 151 -72.13 -64.81 0.32
CA THR I 151 -70.90 -64.52 -0.40
C THR I 151 -70.16 -65.83 -0.64
N ALA I 152 -69.72 -66.04 -1.88
CA ALA I 152 -68.95 -67.21 -2.27
C ALA I 152 -67.50 -66.81 -2.54
N ALA I 153 -66.58 -67.72 -2.25
CA ALA I 153 -65.16 -67.51 -2.47
C ALA I 153 -64.65 -68.55 -3.46
N LEU I 154 -63.92 -68.10 -4.48
CA LEU I 154 -63.31 -69.02 -5.44
C LEU I 154 -61.88 -68.53 -5.71
N GLY I 155 -61.09 -69.37 -6.37
CA GLY I 155 -59.73 -68.98 -6.59
C GLY I 155 -59.00 -69.88 -7.56
N CYS I 156 -57.68 -69.67 -7.64
CA CYS I 156 -56.80 -70.46 -8.47
C CYS I 156 -55.46 -70.59 -7.76
N LEU I 157 -54.99 -71.84 -7.64
CA LEU I 157 -53.69 -72.16 -7.07
C LEU I 157 -52.68 -72.20 -8.22
N VAL I 158 -51.71 -71.30 -8.19
CA VAL I 158 -50.63 -71.25 -9.17
C VAL I 158 -49.40 -71.83 -8.50
N LYS I 159 -48.96 -73.01 -8.97
CA LYS I 159 -48.02 -73.83 -8.23
C LYS I 159 -46.88 -74.25 -9.15
N ASP I 160 -45.70 -74.47 -8.56
CA ASP I 160 -44.57 -75.07 -9.27
C ASP I 160 -44.16 -74.24 -10.49
N TYR I 161 -43.69 -73.02 -10.23
CA TYR I 161 -43.09 -72.18 -11.25
C TYR I 161 -41.81 -71.54 -10.72
N PHE I 162 -40.93 -71.18 -11.64
CA PHE I 162 -39.71 -70.46 -11.29
C PHE I 162 -39.24 -69.70 -12.52
N PRO I 163 -38.66 -68.49 -12.36
CA PRO I 163 -38.56 -67.64 -11.16
C PRO I 163 -39.75 -66.70 -11.03
N GLU I 164 -39.72 -65.80 -10.05
CA GLU I 164 -40.75 -64.78 -9.93
C GLU I 164 -40.65 -63.80 -11.09
N PRO I 165 -41.72 -63.06 -11.41
CA PRO I 165 -43.06 -63.04 -10.81
C PRO I 165 -44.13 -63.71 -11.67
N VAL I 166 -45.33 -63.83 -11.12
CA VAL I 166 -46.51 -64.30 -11.85
C VAL I 166 -47.62 -63.28 -11.65
N THR I 167 -48.29 -62.90 -12.73
CA THR I 167 -49.40 -61.97 -12.65
C THR I 167 -50.71 -62.70 -12.86
N VAL I 168 -51.67 -62.47 -11.97
CA VAL I 168 -52.96 -63.15 -11.99
C VAL I 168 -54.06 -62.10 -12.12
N SER I 169 -54.94 -62.29 -13.11
CA SER I 169 -56.12 -61.46 -13.30
C SER I 169 -57.35 -62.36 -13.35
N TRP I 170 -58.53 -61.72 -13.28
CA TRP I 170 -59.80 -62.43 -13.29
C TRP I 170 -60.70 -61.85 -14.37
N ASN I 171 -61.25 -62.72 -15.21
CA ASN I 171 -62.13 -62.32 -16.31
C ASN I 171 -61.46 -61.28 -17.21
N SER I 172 -60.18 -61.55 -17.53
CA SER I 172 -59.39 -60.70 -18.42
C SER I 172 -59.28 -59.27 -17.88
N GLY I 173 -59.25 -59.12 -16.56
CA GLY I 173 -59.05 -57.84 -15.92
C GLY I 173 -60.33 -57.10 -15.56
N SER I 174 -61.49 -57.57 -16.03
CA SER I 174 -62.74 -56.90 -15.69
C SER I 174 -63.11 -57.08 -14.23
N LEU I 175 -62.68 -58.15 -13.59
CA LEU I 175 -62.97 -58.42 -12.19
C LEU I 175 -61.77 -58.02 -11.36
N THR I 176 -61.93 -56.96 -10.55
CA THR I 176 -60.86 -56.46 -9.71
C THR I 176 -61.30 -56.32 -8.26
N SER I 177 -62.59 -56.05 -8.05
CA SER I 177 -63.10 -55.88 -6.69
C SER I 177 -63.08 -57.20 -5.95
N GLY I 178 -62.51 -57.21 -4.75
CA GLY I 178 -62.46 -58.39 -3.92
C GLY I 178 -61.37 -59.38 -4.27
N VAL I 179 -60.47 -59.03 -5.20
CA VAL I 179 -59.42 -59.95 -5.65
C VAL I 179 -58.22 -59.82 -4.72
N HIS I 180 -57.73 -60.96 -4.24
CA HIS I 180 -56.54 -61.01 -3.38
C HIS I 180 -55.58 -62.04 -3.95
N THR I 181 -54.42 -61.57 -4.42
CA THR I 181 -53.35 -62.44 -4.90
C THR I 181 -52.24 -62.42 -3.86
N PHE I 182 -52.04 -63.54 -3.18
CA PHE I 182 -51.13 -63.58 -2.06
C PHE I 182 -49.68 -63.63 -2.53
N PRO I 183 -48.72 -63.16 -1.71
CA PRO I 183 -47.31 -63.25 -2.11
C PRO I 183 -46.85 -64.68 -2.30
N ALA I 184 -45.91 -64.86 -3.22
CA ALA I 184 -45.35 -66.18 -3.49
C ALA I 184 -44.47 -66.64 -2.33
N VAL I 185 -44.46 -67.95 -2.11
CA VAL I 185 -43.65 -68.58 -1.07
C VAL I 185 -42.87 -69.71 -1.70
N LEU I 186 -41.56 -69.77 -1.42
CA LEU I 186 -40.70 -70.80 -1.97
C LEU I 186 -40.99 -72.13 -1.29
N GLN I 187 -41.20 -73.18 -2.10
CA GLN I 187 -41.62 -74.49 -1.61
C GLN I 187 -40.42 -75.42 -1.47
N SER I 188 -40.64 -76.54 -0.76
CA SER I 188 -39.58 -77.52 -0.56
C SER I 188 -39.08 -78.08 -1.89
N SER I 189 -39.92 -78.06 -2.93
CA SER I 189 -39.48 -78.45 -4.26
C SER I 189 -38.50 -77.47 -4.89
N GLY I 190 -38.32 -76.29 -4.29
CA GLY I 190 -37.48 -75.26 -4.86
C GLY I 190 -38.17 -74.34 -5.84
N LEU I 191 -39.48 -74.45 -5.97
CA LEU I 191 -40.28 -73.66 -6.90
C LEU I 191 -41.35 -72.90 -6.12
N TYR I 192 -41.91 -71.88 -6.77
CA TYR I 192 -42.81 -70.96 -6.11
C TYR I 192 -44.27 -71.42 -6.22
N SER I 193 -45.07 -70.98 -5.26
CA SER I 193 -46.49 -71.30 -5.23
C SER I 193 -47.25 -70.15 -4.55
N LEU I 194 -48.44 -69.88 -5.06
CA LEU I 194 -49.32 -68.87 -4.47
C LEU I 194 -50.75 -69.21 -4.84
N SER I 195 -51.68 -68.45 -4.29
CA SER I 195 -53.10 -68.55 -4.60
C SER I 195 -53.67 -67.17 -4.87
N SER I 196 -54.58 -67.09 -5.82
CA SER I 196 -55.32 -65.87 -6.11
C SER I 196 -56.80 -66.15 -5.95
N VAL I 197 -57.45 -65.45 -5.01
CA VAL I 197 -58.83 -65.71 -4.67
C VAL I 197 -59.65 -64.45 -4.93
N VAL I 198 -60.96 -64.64 -4.99
CA VAL I 198 -61.90 -63.53 -5.12
C VAL I 198 -63.22 -63.94 -4.47
N THR I 199 -63.87 -62.95 -3.85
CA THR I 199 -65.18 -63.10 -3.25
C THR I 199 -66.21 -62.48 -4.19
N VAL I 200 -67.32 -63.19 -4.41
CA VAL I 200 -68.35 -62.78 -5.35
C VAL I 200 -69.72 -63.09 -4.76
N PRO I 201 -70.78 -62.51 -5.32
CA PRO I 201 -72.12 -62.89 -4.88
C PRO I 201 -72.41 -64.33 -5.22
N SER I 202 -72.87 -65.08 -4.21
CA SER I 202 -73.19 -66.50 -4.42
C SER I 202 -74.33 -66.67 -5.41
N SER I 203 -75.21 -65.66 -5.55
CA SER I 203 -76.26 -65.73 -6.55
C SER I 203 -75.71 -65.65 -7.96
N SER I 204 -74.53 -65.04 -8.15
CA SER I 204 -73.93 -64.97 -9.47
C SER I 204 -73.39 -66.30 -9.96
N LEU I 205 -73.24 -67.29 -9.06
CA LEU I 205 -72.79 -68.61 -9.47
C LEU I 205 -73.84 -69.23 -10.39
N GLY I 206 -73.41 -69.66 -11.58
CA GLY I 206 -74.28 -70.20 -12.59
C GLY I 206 -74.69 -69.19 -13.65
N THR I 207 -74.56 -67.89 -13.36
CA THR I 207 -74.79 -66.83 -14.33
C THR I 207 -73.51 -66.12 -14.74
N GLN I 208 -72.45 -66.22 -13.94
CA GLN I 208 -71.18 -65.56 -14.21
C GLN I 208 -70.14 -66.61 -14.57
N THR I 209 -69.33 -66.30 -15.59
CA THR I 209 -68.19 -67.13 -15.97
C THR I 209 -66.94 -66.54 -15.34
N TYR I 210 -66.27 -67.34 -14.51
CA TYR I 210 -65.11 -66.89 -13.76
C TYR I 210 -63.88 -67.64 -14.27
N VAL I 211 -62.94 -66.89 -14.84
CA VAL I 211 -61.71 -67.44 -15.40
C VAL I 211 -60.53 -66.69 -14.80
N CYS I 212 -59.56 -67.44 -14.28
CA CYS I 212 -58.31 -66.86 -13.79
C CYS I 212 -57.28 -66.93 -14.91
N ASN I 213 -56.66 -65.79 -15.21
CA ASN I 213 -55.64 -65.66 -16.24
C ASN I 213 -54.30 -65.48 -15.54
N VAL I 214 -53.41 -66.46 -15.73
CA VAL I 214 -52.09 -66.49 -15.12
C VAL I 214 -51.06 -66.22 -16.20
N ASN I 215 -50.14 -65.29 -15.93
CA ASN I 215 -49.09 -64.91 -16.86
C ASN I 215 -47.75 -65.08 -16.18
N HIS I 216 -46.82 -65.77 -16.85
CA HIS I 216 -45.48 -66.02 -16.36
C HIS I 216 -44.51 -65.79 -17.51
N LYS I 217 -43.88 -64.61 -17.51
CA LYS I 217 -42.98 -64.26 -18.62
C LYS I 217 -41.78 -65.19 -18.73
N PRO I 218 -41.09 -65.59 -17.65
CA PRO I 218 -39.83 -66.35 -17.82
C PRO I 218 -39.95 -67.60 -18.68
N SER I 219 -41.02 -68.37 -18.54
CA SER I 219 -41.29 -69.51 -19.41
C SER I 219 -42.27 -69.16 -20.53
N ASN I 220 -42.71 -67.91 -20.60
CA ASN I 220 -43.68 -67.46 -21.60
C ASN I 220 -44.95 -68.32 -21.55
N THR I 221 -45.43 -68.54 -20.33
CA THR I 221 -46.57 -69.40 -20.08
C THR I 221 -47.76 -68.56 -19.66
N LYS I 222 -48.80 -68.54 -20.50
CA LYS I 222 -50.07 -67.91 -20.17
C LYS I 222 -51.14 -69.00 -20.12
N VAL I 223 -51.85 -69.08 -18.99
CA VAL I 223 -52.84 -70.12 -18.75
C VAL I 223 -54.14 -69.46 -18.31
N ASP I 224 -55.21 -69.73 -19.05
CA ASP I 224 -56.56 -69.31 -18.67
C ASP I 224 -57.32 -70.53 -18.16
N LYS I 225 -57.77 -70.46 -16.91
CA LYS I 225 -58.42 -71.59 -16.25
C LYS I 225 -59.79 -71.17 -15.76
N ARG I 226 -60.82 -71.86 -16.23
CA ARG I 226 -62.17 -71.67 -15.70
C ARG I 226 -62.24 -72.16 -14.26
N VAL I 227 -63.10 -71.52 -13.47
CA VAL I 227 -63.39 -71.93 -12.11
C VAL I 227 -64.90 -72.00 -11.99
N GLU I 228 -65.44 -73.18 -11.68
CA GLU I 228 -66.87 -73.39 -11.54
C GLU I 228 -67.16 -74.27 -10.33
N ILE I 229 -68.42 -74.22 -9.91
CA ILE I 229 -68.91 -75.07 -8.81
C ILE I 229 -68.84 -76.53 -9.26
N LYS I 230 -68.94 -77.45 -8.31
CA LYS I 230 -68.90 -78.89 -8.56
C LYS I 230 -70.29 -79.46 -8.26
N THR I 231 -71.12 -79.56 -9.30
CA THR I 231 -72.44 -80.14 -9.13
C THR I 231 -72.33 -81.66 -8.99
N CYS I 232 -73.04 -82.21 -8.02
CA CYS I 232 -73.06 -83.65 -7.78
C CYS I 232 -74.29 -84.29 -8.41
N ASP J 1 -20.18 -57.46 19.77
CA ASP J 1 -21.18 -56.60 19.08
C ASP J 1 -22.20 -56.05 20.07
N ILE J 2 -22.63 -54.82 19.87
CA ILE J 2 -23.61 -54.18 20.75
C ILE J 2 -25.01 -54.54 20.26
N GLN J 3 -25.84 -55.04 21.18
CA GLN J 3 -27.17 -55.53 20.85
C GLN J 3 -28.21 -54.45 21.11
N MET J 4 -29.08 -54.22 20.12
CA MET J 4 -30.18 -53.29 20.23
C MET J 4 -31.48 -54.05 20.39
N THR J 5 -32.30 -53.62 21.35
CA THR J 5 -33.64 -54.16 21.55
C THR J 5 -34.63 -53.01 21.51
N GLN J 6 -35.68 -53.18 20.72
CA GLN J 6 -36.66 -52.14 20.46
C GLN J 6 -38.03 -52.62 20.93
N SER J 7 -38.78 -51.72 21.56
CA SER J 7 -40.12 -52.02 22.04
C SER J 7 -41.06 -50.85 21.75
N PRO J 8 -42.35 -51.12 21.46
CA PRO J 8 -43.02 -52.41 21.25
C PRO J 8 -42.78 -52.93 19.83
N SER J 9 -42.81 -54.25 19.62
CA SER J 9 -42.52 -54.80 18.29
C SER J 9 -43.54 -54.32 17.28
N ARG J 10 -44.82 -54.28 17.65
CA ARG J 10 -45.88 -53.75 16.81
C ARG J 10 -46.86 -52.97 17.67
N LEU J 11 -47.46 -51.95 17.06
CA LEU J 11 -48.41 -51.09 17.77
C LEU J 11 -49.43 -50.56 16.78
N SER J 12 -50.60 -50.21 17.30
CA SER J 12 -51.69 -49.65 16.50
C SER J 12 -52.09 -48.31 17.11
N ALA J 13 -52.15 -47.28 16.28
CA ALA J 13 -52.55 -45.95 16.72
C ALA J 13 -53.26 -45.24 15.58
N SER J 14 -54.17 -44.34 15.95
CA SER J 14 -54.94 -43.58 14.98
C SER J 14 -54.25 -42.24 14.68
N VAL J 15 -54.79 -41.53 13.69
CA VAL J 15 -54.23 -40.25 13.30
C VAL J 15 -54.39 -39.26 14.44
N GLY J 16 -53.30 -38.55 14.76
CA GLY J 16 -53.29 -37.58 15.83
C GLY J 16 -52.89 -38.11 17.19
N ASP J 17 -52.71 -39.42 17.32
CA ASP J 17 -52.32 -39.99 18.60
C ASP J 17 -50.82 -39.82 18.83
N ARG J 18 -50.41 -40.01 20.08
CA ARG J 18 -49.01 -39.92 20.48
C ARG J 18 -48.41 -41.31 20.53
N VAL J 19 -47.25 -41.49 19.89
CA VAL J 19 -46.58 -42.78 19.78
C VAL J 19 -45.20 -42.68 20.40
N THR J 20 -44.83 -43.70 21.16
CA THR J 20 -43.53 -43.77 21.82
C THR J 20 -42.88 -45.12 21.54
N VAL J 21 -41.57 -45.08 21.25
CA VAL J 21 -40.79 -46.28 20.99
C VAL J 21 -39.50 -46.19 21.79
N THR J 22 -39.10 -47.30 22.40
CA THR J 22 -37.91 -47.34 23.26
C THR J 22 -36.86 -48.26 22.64
N CYS J 23 -35.65 -47.74 22.47
CA CYS J 23 -34.52 -48.50 21.97
C CYS J 23 -33.45 -48.56 23.07
N ARG J 24 -33.04 -49.78 23.42
CA ARG J 24 -32.09 -50.00 24.50
C ARG J 24 -30.88 -50.79 23.96
N ALA J 25 -29.70 -50.37 24.40
CA ALA J 25 -28.45 -51.00 24.00
C ALA J 25 -27.94 -51.92 25.11
N SER J 26 -26.93 -52.72 24.76
CA SER J 26 -26.31 -53.63 25.71
C SER J 26 -25.25 -52.97 26.57
N GLN J 27 -24.83 -51.75 26.24
CA GLN J 27 -23.81 -51.05 27.01
C GLN J 27 -23.93 -49.57 26.70
N ASP J 28 -23.26 -48.76 27.51
CA ASP J 28 -23.26 -47.31 27.30
C ASP J 28 -22.61 -46.99 25.97
N ILE J 29 -23.31 -46.21 25.13
CA ILE J 29 -22.82 -45.83 23.82
C ILE J 29 -22.96 -44.32 23.64
N ASP J 30 -23.01 -43.58 24.74
CA ASP J 30 -23.14 -42.12 24.71
C ASP J 30 -24.45 -41.79 24.01
N LYS J 31 -24.51 -40.71 23.24
CA LYS J 31 -25.71 -40.30 22.52
C LYS J 31 -25.65 -40.67 21.04
N ASP J 32 -24.82 -41.65 20.68
CA ASP J 32 -24.60 -42.01 19.28
C ASP J 32 -25.57 -43.12 18.88
N LEU J 33 -26.77 -42.70 18.47
CA LEU J 33 -27.76 -43.60 17.90
C LEU J 33 -28.77 -42.80 17.11
N SER J 34 -28.98 -43.18 15.86
CA SER J 34 -29.88 -42.47 14.95
C SER J 34 -31.17 -43.25 14.74
N TRP J 35 -32.27 -42.52 14.60
CA TRP J 35 -33.60 -43.08 14.37
C TRP J 35 -34.00 -42.87 12.92
N PHE J 36 -34.43 -43.96 12.28
CA PHE J 36 -34.58 -44.05 10.83
C PHE J 36 -35.97 -44.58 10.51
N GLN J 37 -36.52 -44.11 9.38
CA GLN J 37 -37.85 -44.50 8.93
C GLN J 37 -37.77 -45.01 7.50
N GLN J 38 -38.46 -46.12 7.24
CA GLN J 38 -38.51 -46.77 5.94
C GLN J 38 -39.95 -47.12 5.61
N LYS J 39 -40.42 -46.67 4.45
CA LYS J 39 -41.76 -46.95 3.97
C LYS J 39 -41.78 -48.27 3.22
N PRO J 40 -42.95 -48.87 3.02
CA PRO J 40 -43.01 -50.14 2.27
C PRO J 40 -42.49 -49.97 0.86
N GLY J 41 -41.57 -50.84 0.47
CA GLY J 41 -41.00 -50.79 -0.87
C GLY J 41 -40.25 -49.51 -1.16
N LYS J 42 -39.59 -48.94 -0.16
CA LYS J 42 -38.85 -47.70 -0.31
C LYS J 42 -37.58 -47.77 0.53
N ALA J 43 -36.63 -46.89 0.20
CA ALA J 43 -35.39 -46.83 0.97
C ALA J 43 -35.62 -46.11 2.30
N PRO J 44 -34.80 -46.39 3.31
CA PRO J 44 -34.93 -45.64 4.57
C PRO J 44 -34.59 -44.17 4.40
N THR J 45 -35.20 -43.34 5.24
CA THR J 45 -34.97 -41.89 5.25
C THR J 45 -34.66 -41.46 6.67
N LEU J 46 -33.72 -40.53 6.82
CA LEU J 46 -33.26 -40.14 8.16
C LEU J 46 -34.28 -39.24 8.84
N LEU J 47 -34.63 -39.62 10.06
CA LEU J 47 -35.53 -38.83 10.91
C LEU J 47 -34.77 -38.07 11.97
N ILE J 48 -33.95 -38.75 12.78
CA ILE J 48 -33.22 -38.11 13.86
C ILE J 48 -31.81 -38.68 13.92
N PHE J 49 -30.83 -37.81 14.21
CA PHE J 49 -29.46 -38.22 14.45
C PHE J 49 -29.03 -37.73 15.82
N THR J 50 -28.02 -38.42 16.36
CA THR J 50 -27.49 -38.20 17.74
C THR J 50 -28.60 -38.14 18.79
N ALA J 51 -29.73 -38.81 18.53
CA ALA J 51 -30.77 -39.05 19.52
C ALA J 51 -31.52 -37.80 19.97
N SER J 52 -31.15 -36.62 19.47
CA SER J 52 -31.81 -35.39 19.86
C SER J 52 -31.94 -34.36 18.73
N SER J 53 -31.23 -34.51 17.63
CA SER J 53 -31.22 -33.52 16.56
C SER J 53 -32.10 -33.99 15.40
N LEU J 54 -32.94 -33.08 14.91
CA LEU J 54 -33.88 -33.40 13.83
C LEU J 54 -33.22 -33.13 12.49
N GLN J 55 -33.31 -34.11 11.59
CA GLN J 55 -32.76 -33.95 10.26
C GLN J 55 -33.51 -32.89 9.48
N THR J 56 -32.81 -32.24 8.56
CA THR J 56 -33.41 -31.19 7.75
C THR J 56 -34.56 -31.74 6.92
N GLY J 57 -35.67 -31.02 6.90
CA GLY J 57 -36.85 -31.41 6.15
C GLY J 57 -37.82 -32.30 6.91
N VAL J 58 -37.39 -32.87 8.03
CA VAL J 58 -38.27 -33.73 8.82
C VAL J 58 -39.29 -32.85 9.55
N PRO J 59 -40.56 -33.25 9.64
CA PRO J 59 -41.51 -32.45 10.43
C PRO J 59 -41.09 -32.37 11.90
N SER J 60 -41.34 -31.20 12.50
CA SER J 60 -40.95 -30.98 13.89
C SER J 60 -41.75 -31.82 14.87
N ARG J 61 -42.87 -32.40 14.44
CA ARG J 61 -43.66 -33.25 15.32
C ARG J 61 -42.86 -34.43 15.84
N PHE J 62 -41.90 -34.93 15.06
CA PHE J 62 -41.03 -35.99 15.51
C PHE J 62 -40.04 -35.45 16.55
N SER J 63 -39.67 -36.30 17.50
CA SER J 63 -38.72 -35.88 18.53
C SER J 63 -38.01 -37.11 19.10
N GLY J 64 -36.87 -36.86 19.72
CA GLY J 64 -36.11 -37.91 20.36
C GLY J 64 -35.56 -37.45 21.69
N SER J 65 -35.39 -38.40 22.59
CA SER J 65 -34.93 -38.11 23.95
C SER J 65 -34.18 -39.33 24.48
N GLY J 66 -33.68 -39.20 25.71
CA GLY J 66 -32.94 -40.26 26.34
C GLY J 66 -31.45 -40.19 26.05
N SER J 67 -30.70 -41.06 26.73
CA SER J 67 -29.24 -41.03 26.63
C SER J 67 -28.68 -42.18 27.43
N GLY J 68 -27.42 -42.51 27.16
CA GLY J 68 -26.77 -43.62 27.82
C GLY J 68 -27.13 -44.95 27.18
N THR J 69 -27.98 -45.72 27.85
CA THR J 69 -28.45 -47.01 27.36
C THR J 69 -29.84 -46.93 26.75
N GLU J 70 -30.73 -46.12 27.32
CA GLU J 70 -32.13 -46.04 26.91
C GLU J 70 -32.35 -44.76 26.12
N PHE J 71 -32.88 -44.90 24.91
CA PHE J 71 -33.30 -43.77 24.09
C PHE J 71 -34.76 -43.97 23.67
N THR J 72 -35.43 -42.84 23.38
CA THR J 72 -36.86 -42.84 23.10
C THR J 72 -37.14 -41.99 21.87
N LEU J 73 -38.02 -42.50 21.02
CA LEU J 73 -38.54 -41.80 19.86
C LEU J 73 -40.00 -41.49 20.10
N THR J 74 -40.40 -40.23 19.88
CA THR J 74 -41.75 -39.77 20.15
C THR J 74 -42.33 -39.11 18.92
N ILE J 75 -43.57 -39.48 18.59
CA ILE J 75 -44.37 -38.82 17.57
C ILE J 75 -45.53 -38.16 18.31
N SER J 76 -45.57 -36.83 18.30
CA SER J 76 -46.60 -36.11 19.03
C SER J 76 -47.94 -36.18 18.31
N SER J 77 -47.94 -36.06 16.98
CA SER J 77 -49.17 -36.06 16.18
C SER J 77 -48.98 -37.03 15.02
N LEU J 78 -49.49 -38.25 15.17
CA LEU J 78 -49.41 -39.23 14.09
C LEU J 78 -50.24 -38.76 12.91
N GLN J 79 -49.73 -39.00 11.70
CA GLN J 79 -50.33 -38.58 10.46
C GLN J 79 -50.34 -39.76 9.49
N PRO J 80 -51.16 -39.70 8.43
CA PRO J 80 -51.20 -40.82 7.48
C PRO J 80 -49.85 -41.13 6.85
N GLU J 81 -49.02 -40.12 6.61
CA GLU J 81 -47.72 -40.36 5.99
C GLU J 81 -46.72 -41.00 6.96
N ASP J 82 -46.97 -40.93 8.27
CA ASP J 82 -46.03 -41.45 9.25
C ASP J 82 -46.10 -42.96 9.41
N PHE J 83 -47.06 -43.62 8.78
CA PHE J 83 -47.25 -45.06 8.93
C PHE J 83 -46.16 -45.78 8.13
N ALA J 84 -45.04 -46.06 8.80
CA ALA J 84 -43.89 -46.70 8.18
C ALA J 84 -43.07 -47.37 9.26
N THR J 85 -42.15 -48.25 8.86
CA THR J 85 -41.37 -48.99 9.84
C THR J 85 -40.20 -48.13 10.33
N TYR J 86 -40.05 -48.05 11.65
CA TYR J 86 -39.02 -47.24 12.29
C TYR J 86 -38.01 -48.18 12.94
N PHE J 87 -36.72 -47.82 12.87
CA PHE J 87 -35.67 -48.62 13.49
C PHE J 87 -34.59 -47.70 14.03
N CYS J 88 -33.78 -48.27 14.93
CA CYS J 88 -32.77 -47.52 15.70
C CYS J 88 -31.40 -48.14 15.42
N GLN J 89 -30.45 -47.31 14.96
CA GLN J 89 -29.14 -47.76 14.52
C GLN J 89 -28.05 -47.12 15.38
N GLN J 90 -27.15 -47.95 15.91
CA GLN J 90 -26.04 -47.49 16.75
C GLN J 90 -24.80 -47.24 15.91
N ASP J 91 -24.02 -46.23 16.33
CA ASP J 91 -22.77 -45.91 15.68
C ASP J 91 -21.70 -45.49 16.68
N TYR J 92 -21.69 -46.06 17.89
CA TYR J 92 -20.64 -45.75 18.86
C TYR J 92 -19.38 -46.57 18.60
N SER J 93 -19.54 -47.83 18.21
CA SER J 93 -18.40 -48.67 17.85
C SER J 93 -18.85 -49.69 16.82
N PHE J 94 -17.88 -50.23 16.10
CA PHE J 94 -18.19 -51.28 15.12
C PHE J 94 -18.63 -52.56 15.83
N PRO J 95 -19.48 -53.38 15.20
CA PRO J 95 -20.15 -53.19 13.91
C PRO J 95 -21.42 -52.37 14.06
N LEU J 96 -21.93 -51.78 12.98
CA LEU J 96 -23.15 -50.98 13.05
C LEU J 96 -24.34 -51.91 13.17
N THR J 97 -24.95 -51.95 14.35
CA THR J 97 -26.06 -52.84 14.64
C THR J 97 -27.38 -52.07 14.54
N PHE J 98 -28.32 -52.62 13.78
CA PHE J 98 -29.62 -52.01 13.56
C PHE J 98 -30.64 -52.49 14.60
N GLY J 99 -31.76 -51.79 14.67
CA GLY J 99 -32.85 -52.18 15.53
C GLY J 99 -33.72 -53.25 14.88
N GLY J 100 -34.68 -53.73 15.67
CA GLY J 100 -35.58 -54.76 15.22
C GLY J 100 -36.74 -54.29 14.37
N GLY J 101 -36.88 -52.99 14.17
CA GLY J 101 -37.97 -52.45 13.37
C GLY J 101 -39.22 -52.21 14.19
N THR J 102 -40.01 -51.20 13.82
CA THR J 102 -41.24 -50.86 14.52
C THR J 102 -42.30 -50.54 13.46
N LYS J 103 -43.04 -51.57 13.05
CA LYS J 103 -44.13 -51.37 12.11
C LYS J 103 -45.32 -50.75 12.83
N VAL J 104 -45.87 -49.70 12.25
CA VAL J 104 -47.04 -49.00 12.78
C VAL J 104 -48.12 -49.01 11.69
N ASP J 105 -49.33 -49.39 12.07
CA ASP J 105 -50.43 -49.57 11.13
C ASP J 105 -51.60 -48.68 11.52
N LEU J 106 -52.40 -48.32 10.53
CA LEU J 106 -53.57 -47.47 10.77
C LEU J 106 -54.60 -48.22 11.61
N LYS J 107 -55.22 -47.49 12.53
CA LYS J 107 -56.23 -48.07 13.40
C LYS J 107 -57.58 -48.14 12.69
N ARG J 108 -58.36 -49.16 13.03
CA ARG J 108 -59.71 -49.32 12.49
C ARG J 108 -60.51 -50.19 13.45
N THR J 109 -61.74 -50.48 13.06
CA THR J 109 -62.63 -51.31 13.87
C THR J 109 -62.34 -52.78 13.63
N VAL J 110 -62.87 -53.62 14.54
CA VAL J 110 -62.68 -55.06 14.45
C VAL J 110 -63.52 -55.61 13.30
N ALA J 111 -62.92 -56.47 12.49
CA ALA J 111 -63.59 -57.14 11.39
C ALA J 111 -63.22 -58.62 11.43
N ALA J 112 -64.23 -59.49 11.53
CA ALA J 112 -63.96 -60.91 11.61
C ALA J 112 -63.65 -61.47 10.21
N PRO J 113 -62.77 -62.47 10.10
CA PRO J 113 -62.51 -63.06 8.79
C PRO J 113 -63.69 -63.86 8.27
N SER J 114 -63.82 -63.92 6.95
CA SER J 114 -64.66 -64.94 6.32
C SER J 114 -63.77 -66.13 5.99
N VAL J 115 -64.13 -67.30 6.51
CA VAL J 115 -63.28 -68.48 6.48
C VAL J 115 -63.80 -69.44 5.43
N PHE J 116 -62.91 -69.91 4.56
CA PHE J 116 -63.25 -70.91 3.56
C PHE J 116 -62.15 -71.96 3.49
N ILE J 117 -62.49 -73.15 3.01
CA ILE J 117 -61.54 -74.23 2.78
C ILE J 117 -61.80 -74.83 1.41
N PHE J 118 -60.73 -75.10 0.67
CA PHE J 118 -60.81 -75.56 -0.72
C PHE J 118 -60.19 -76.95 -0.83
N PRO J 119 -60.98 -78.02 -0.92
CA PRO J 119 -60.37 -79.35 -1.12
C PRO J 119 -59.65 -79.42 -2.46
N PRO J 120 -58.53 -80.15 -2.54
CA PRO J 120 -57.83 -80.24 -3.82
C PRO J 120 -58.66 -80.98 -4.86
N SER J 121 -58.49 -80.60 -6.11
CA SER J 121 -59.14 -81.29 -7.21
C SER J 121 -58.45 -82.63 -7.45
N GLU J 122 -59.15 -83.51 -8.19
CA GLU J 122 -58.57 -84.81 -8.52
C GLU J 122 -57.32 -84.66 -9.36
N ASP J 123 -57.31 -83.71 -10.30
CA ASP J 123 -56.12 -83.45 -11.12
C ASP J 123 -54.93 -83.14 -10.24
N GLN J 124 -55.14 -82.40 -9.15
CA GLN J 124 -54.05 -82.13 -8.21
C GLN J 124 -53.61 -83.41 -7.52
N VAL J 125 -54.55 -84.32 -7.25
CA VAL J 125 -54.19 -85.58 -6.59
C VAL J 125 -53.31 -86.43 -7.50
N LYS J 126 -53.63 -86.48 -8.80
CA LYS J 126 -52.82 -87.30 -9.70
C LYS J 126 -51.41 -86.76 -9.88
N SER J 127 -51.14 -85.52 -9.50
CA SER J 127 -49.82 -84.94 -9.66
C SER J 127 -48.80 -85.48 -8.66
N GLY J 128 -49.25 -86.19 -7.63
CA GLY J 128 -48.36 -86.72 -6.61
C GLY J 128 -48.22 -85.84 -5.38
N THR J 129 -48.55 -84.56 -5.49
CA THR J 129 -48.57 -83.64 -4.36
C THR J 129 -49.85 -82.82 -4.40
N VAL J 130 -50.36 -82.47 -3.22
CA VAL J 130 -51.61 -81.75 -3.10
C VAL J 130 -51.43 -80.60 -2.12
N SER J 131 -52.30 -79.60 -2.26
CA SER J 131 -52.30 -78.41 -1.41
C SER J 131 -53.74 -78.09 -1.03
N VAL J 132 -54.01 -78.06 0.27
CA VAL J 132 -55.32 -77.69 0.81
C VAL J 132 -55.23 -76.24 1.26
N VAL J 133 -56.11 -75.39 0.75
CA VAL J 133 -56.02 -73.95 0.98
C VAL J 133 -57.15 -73.55 1.93
N CYS J 134 -56.80 -72.88 3.03
CA CYS J 134 -57.76 -72.25 3.92
C CYS J 134 -57.60 -70.74 3.82
N LEU J 135 -58.69 -70.05 3.52
CA LEU J 135 -58.70 -68.62 3.24
C LEU J 135 -59.39 -67.87 4.36
N LEU J 136 -58.70 -66.87 4.92
CA LEU J 136 -59.27 -65.90 5.83
C LEU J 136 -59.39 -64.60 5.07
N ASN J 137 -60.61 -64.08 4.94
CA ASN J 137 -60.89 -62.95 4.07
C ASN J 137 -61.28 -61.72 4.89
N ASN J 138 -60.56 -60.62 4.69
CA ASN J 138 -60.98 -59.28 5.09
C ASN J 138 -61.23 -59.20 6.61
N PHE J 139 -60.13 -59.32 7.35
CA PHE J 139 -60.16 -59.28 8.81
C PHE J 139 -59.20 -58.23 9.34
N TYR J 140 -59.50 -57.78 10.57
CA TYR J 140 -58.67 -56.86 11.34
C TYR J 140 -59.04 -57.07 12.79
N PRO J 141 -58.08 -57.10 13.74
CA PRO J 141 -56.62 -56.87 13.64
C PRO J 141 -55.84 -58.01 12.97
N ARG J 142 -54.55 -57.74 12.73
CA ARG J 142 -53.70 -58.72 12.05
C ARG J 142 -53.59 -60.01 12.86
N GLU J 143 -53.70 -59.92 14.18
CA GLU J 143 -53.54 -61.10 15.03
C GLU J 143 -54.64 -62.11 14.72
N ALA J 144 -54.24 -63.26 14.16
CA ALA J 144 -55.15 -64.37 13.89
C ALA J 144 -54.39 -65.66 14.09
N SER J 145 -55.11 -66.71 14.49
CA SER J 145 -54.52 -68.03 14.70
C SER J 145 -55.24 -69.07 13.85
N VAL J 146 -54.48 -69.78 13.04
CA VAL J 146 -54.99 -70.84 12.16
C VAL J 146 -54.32 -72.14 12.56
N LYS J 147 -55.13 -73.16 12.82
CA LYS J 147 -54.65 -74.48 13.22
C LYS J 147 -55.21 -75.54 12.28
N TRP J 148 -54.41 -76.57 12.02
CA TRP J 148 -54.77 -77.63 11.10
C TRP J 148 -55.07 -78.90 11.88
N LYS J 149 -56.25 -79.48 11.66
CA LYS J 149 -56.67 -80.70 12.33
C LYS J 149 -56.98 -81.75 11.27
N VAL J 150 -56.30 -82.89 11.35
CA VAL J 150 -56.46 -84.00 10.42
C VAL J 150 -57.06 -85.16 11.20
N ASP J 151 -58.26 -85.58 10.80
CA ASP J 151 -58.99 -86.66 11.48
C ASP J 151 -59.20 -86.31 12.95
N GLY J 152 -59.41 -85.02 13.23
CA GLY J 152 -59.71 -84.55 14.56
C GLY J 152 -58.50 -84.26 15.43
N ALA J 153 -57.29 -84.57 14.97
CA ALA J 153 -56.08 -84.39 15.74
C ALA J 153 -55.30 -83.19 15.20
N LEU J 154 -54.96 -82.26 16.08
CA LEU J 154 -54.10 -81.15 15.70
C LEU J 154 -52.73 -81.68 15.28
N LYS J 155 -52.23 -81.16 14.16
CA LYS J 155 -50.91 -81.53 13.66
C LYS J 155 -50.21 -80.31 13.12
N THR J 156 -48.91 -80.22 13.38
CA THR J 156 -48.10 -79.05 13.05
C THR J 156 -47.13 -79.40 11.92
N GLY J 157 -46.74 -78.37 11.18
CA GLY J 157 -45.86 -78.54 10.04
C GLY J 157 -46.62 -78.70 8.74
N ASN J 158 -45.89 -78.53 7.64
CA ASN J 158 -46.38 -78.65 6.26
C ASN J 158 -47.38 -77.55 5.90
N SER J 159 -47.61 -76.57 6.77
CA SER J 159 -48.55 -75.48 6.51
C SER J 159 -47.79 -74.16 6.42
N GLN J 160 -48.09 -73.40 5.37
CA GLN J 160 -47.46 -72.10 5.13
C GLN J 160 -48.52 -71.01 5.09
N GLU J 161 -48.23 -69.89 5.75
CA GLU J 161 -49.11 -68.73 5.80
C GLU J 161 -48.58 -67.63 4.90
N SER J 162 -49.45 -67.09 4.05
CA SER J 162 -49.13 -65.96 3.18
C SER J 162 -50.16 -64.88 3.41
N VAL J 163 -49.70 -63.65 3.64
CA VAL J 163 -50.56 -62.54 4.05
C VAL J 163 -50.33 -61.36 3.12
N THR J 164 -51.42 -60.76 2.66
CA THR J 164 -51.34 -59.53 1.89
C THR J 164 -51.14 -58.33 2.82
N GLU J 165 -50.71 -57.22 2.22
CA GLU J 165 -50.55 -56.01 3.00
C GLU J 165 -51.91 -55.43 3.37
N GLN J 166 -51.92 -54.52 4.34
CA GLN J 166 -53.16 -53.87 4.75
C GLN J 166 -53.78 -53.15 3.57
N ASP J 167 -55.04 -53.49 3.28
CA ASP J 167 -55.70 -52.98 2.08
C ASP J 167 -55.82 -51.46 2.13
N SER J 168 -55.55 -50.82 0.99
CA SER J 168 -55.60 -49.36 0.94
C SER J 168 -57.00 -48.83 1.12
N LYS J 169 -58.03 -49.64 0.83
CA LYS J 169 -59.40 -49.16 0.83
C LYS J 169 -60.09 -49.41 2.17
N ASP J 170 -60.19 -50.67 2.59
CA ASP J 170 -60.91 -51.03 3.81
C ASP J 170 -60.00 -51.34 4.99
N ASN J 171 -58.68 -51.27 4.81
CA ASN J 171 -57.72 -51.43 5.91
C ASN J 171 -57.84 -52.79 6.59
N THR J 172 -58.15 -53.83 5.81
CA THR J 172 -58.26 -55.20 6.30
C THR J 172 -57.13 -56.05 5.73
N TYR J 173 -56.97 -57.23 6.32
CA TYR J 173 -56.00 -58.22 5.86
C TYR J 173 -56.73 -59.45 5.33
N SER J 174 -56.05 -60.17 4.44
CA SER J 174 -56.47 -61.48 3.99
C SER J 174 -55.28 -62.42 4.03
N LEU J 175 -55.53 -63.67 4.42
CA LEU J 175 -54.48 -64.64 4.70
C LEU J 175 -54.83 -65.97 4.05
N SER J 176 -53.81 -66.67 3.58
CA SER J 176 -53.95 -68.01 3.03
C SER J 176 -53.03 -68.96 3.78
N SER J 177 -53.63 -70.00 4.36
CA SER J 177 -52.89 -71.07 5.03
C SER J 177 -52.99 -72.31 4.14
N THR J 178 -51.86 -72.68 3.53
CA THR J 178 -51.82 -73.78 2.58
C THR J 178 -51.08 -74.95 3.21
N LEU J 179 -51.78 -76.07 3.33
CA LEU J 179 -51.20 -77.32 3.82
C LEU J 179 -50.82 -78.17 2.62
N THR J 180 -49.52 -78.38 2.44
CA THR J 180 -48.98 -79.11 1.30
C THR J 180 -48.53 -80.48 1.75
N LEU J 181 -49.02 -81.53 1.07
CA LEU J 181 -48.70 -82.90 1.43
C LEU J 181 -48.46 -83.72 0.16
N SER J 182 -47.90 -84.91 0.35
CA SER J 182 -47.85 -85.89 -0.72
C SER J 182 -49.21 -86.54 -0.90
N SER J 183 -49.45 -87.07 -2.09
CA SER J 183 -50.73 -87.73 -2.37
C SER J 183 -50.93 -88.93 -1.48
N THR J 184 -49.86 -89.68 -1.19
CA THR J 184 -49.98 -90.83 -0.30
C THR J 184 -50.42 -90.40 1.09
N GLU J 185 -49.76 -89.38 1.66
CA GLU J 185 -50.14 -88.89 2.97
C GLU J 185 -51.54 -88.30 2.95
N TYR J 186 -51.90 -87.62 1.87
CA TYR J 186 -53.24 -87.06 1.76
C TYR J 186 -54.31 -88.15 1.78
N GLN J 187 -54.08 -89.23 1.04
CA GLN J 187 -55.01 -90.34 1.00
C GLN J 187 -54.91 -91.24 2.22
N SER J 188 -53.91 -91.04 3.09
CA SER J 188 -53.82 -91.76 4.34
C SER J 188 -54.76 -91.22 5.41
N HIS J 189 -55.45 -90.10 5.16
CA HIS J 189 -56.40 -89.52 6.09
C HIS J 189 -57.66 -89.12 5.34
N LYS J 190 -58.73 -88.89 6.10
CA LYS J 190 -60.05 -88.62 5.56
C LYS J 190 -60.51 -87.18 5.76
N VAL J 191 -60.48 -86.68 6.99
CA VAL J 191 -61.05 -85.38 7.35
C VAL J 191 -59.90 -84.38 7.49
N TYR J 192 -60.06 -83.22 6.85
CA TYR J 192 -59.11 -82.12 6.96
C TYR J 192 -59.87 -80.86 7.35
N ALA J 193 -59.37 -80.15 8.36
CA ALA J 193 -60.06 -78.98 8.90
C ALA J 193 -59.07 -77.88 9.22
N CYS J 194 -59.45 -76.64 8.91
CA CYS J 194 -58.74 -75.45 9.37
C CYS J 194 -59.62 -74.73 10.38
N GLU J 195 -59.06 -74.47 11.55
CA GLU J 195 -59.75 -73.80 12.65
C GLU J 195 -59.14 -72.42 12.82
N VAL J 196 -59.99 -71.40 12.83
CA VAL J 196 -59.57 -70.00 12.87
C VAL J 196 -60.08 -69.39 14.15
N THR J 197 -59.18 -68.73 14.89
CA THR J 197 -59.53 -67.94 16.06
C THR J 197 -59.04 -66.51 15.85
N HIS J 198 -59.93 -65.56 16.11
CA HIS J 198 -59.71 -64.15 15.82
C HIS J 198 -60.53 -63.32 16.81
N GLN J 199 -60.16 -62.04 16.93
CA GLN J 199 -60.85 -61.16 17.88
C GLN J 199 -62.32 -61.01 17.55
N GLY J 200 -62.67 -61.02 16.27
CA GLY J 200 -64.04 -60.80 15.84
C GLY J 200 -64.92 -62.03 15.85
N LEU J 201 -64.40 -63.18 16.25
CA LEU J 201 -65.17 -64.42 16.33
C LEU J 201 -65.33 -64.79 17.79
N SER J 202 -66.58 -64.86 18.25
CA SER J 202 -66.84 -65.21 19.65
C SER J 202 -66.36 -66.63 19.94
N SER J 203 -66.55 -67.54 18.99
CA SER J 203 -66.08 -68.92 19.09
C SER J 203 -65.22 -69.26 17.88
N PRO J 204 -64.32 -70.24 17.99
CA PRO J 204 -63.50 -70.60 16.83
C PRO J 204 -64.36 -71.09 15.67
N VAL J 205 -63.93 -70.76 14.45
CA VAL J 205 -64.63 -71.13 13.23
C VAL J 205 -63.83 -72.23 12.56
N THR J 206 -64.43 -73.42 12.46
CA THR J 206 -63.79 -74.58 11.85
C THR J 206 -64.44 -74.86 10.50
N LYS J 207 -63.63 -74.86 9.45
CA LYS J 207 -64.08 -75.27 8.11
C LYS J 207 -63.35 -76.54 7.73
N SER J 208 -64.10 -77.59 7.41
CA SER J 208 -63.56 -78.93 7.26
C SER J 208 -64.24 -79.64 6.11
N PHE J 209 -63.57 -80.68 5.62
CA PHE J 209 -64.13 -81.53 4.57
C PHE J 209 -63.61 -82.95 4.74
N ASN J 210 -64.43 -83.90 4.30
CA ASN J 210 -64.06 -85.31 4.22
C ASN J 210 -63.76 -85.64 2.76
N ARG J 211 -62.68 -86.36 2.52
CA ARG J 211 -62.26 -86.72 1.17
C ARG J 211 -63.36 -87.47 0.42
N GLN K 1 -20.89 23.06 -6.30
CA GLN K 1 -22.00 24.05 -6.21
C GLN K 1 -23.14 23.67 -7.15
N VAL K 2 -24.36 23.67 -6.62
CA VAL K 2 -25.52 23.34 -7.43
C VAL K 2 -25.76 24.45 -8.45
N GLN K 3 -25.97 24.06 -9.71
CA GLN K 3 -26.24 24.98 -10.79
C GLN K 3 -27.54 24.60 -11.47
N LEU K 4 -28.33 25.61 -11.85
CA LEU K 4 -29.66 25.41 -12.42
C LEU K 4 -29.69 26.07 -13.79
N GLN K 5 -30.23 25.35 -14.78
CA GLN K 5 -30.37 25.87 -16.14
C GLN K 5 -31.81 25.72 -16.59
N VAL K 6 -32.41 26.82 -17.04
CA VAL K 6 -33.81 26.85 -17.46
C VAL K 6 -33.88 26.76 -18.98
N SER K 7 -34.94 26.12 -19.47
CA SER K 7 -35.16 25.99 -20.90
C SER K 7 -36.65 25.89 -21.17
N GLY K 8 -37.03 26.22 -22.39
CA GLY K 8 -38.41 26.19 -22.81
C GLY K 8 -38.66 27.07 -24.02
N PRO K 9 -39.89 27.07 -24.53
CA PRO K 9 -40.19 27.90 -25.70
C PRO K 9 -40.21 29.37 -25.34
N GLY K 10 -39.58 30.19 -26.20
CA GLY K 10 -39.55 31.62 -25.95
C GLY K 10 -40.88 32.29 -26.19
N VAL K 11 -41.70 31.74 -27.08
CA VAL K 11 -43.02 32.27 -27.40
C VAL K 11 -44.01 31.12 -27.36
N VAL K 12 -45.13 31.34 -26.66
CA VAL K 12 -46.20 30.37 -26.53
C VAL K 12 -47.51 31.05 -26.89
N LYS K 13 -48.34 30.37 -27.67
CA LYS K 13 -49.61 30.95 -28.09
C LYS K 13 -50.59 31.00 -26.92
N ALA K 14 -51.57 31.90 -27.03
CA ALA K 14 -52.55 32.07 -25.99
C ALA K 14 -53.44 30.83 -25.86
N SER K 15 -53.88 30.57 -24.64
CA SER K 15 -54.76 29.44 -24.32
C SER K 15 -54.09 28.09 -24.57
N GLU K 16 -52.75 28.06 -24.64
CA GLU K 16 -51.99 26.83 -24.79
C GLU K 16 -51.27 26.52 -23.48
N THR K 17 -50.55 25.40 -23.46
CA THR K 17 -49.82 24.95 -22.29
C THR K 17 -48.36 25.35 -22.42
N LEU K 18 -47.87 26.10 -21.43
CA LEU K 18 -46.47 26.50 -21.38
C LEU K 18 -45.69 25.48 -20.56
N SER K 19 -44.67 24.89 -21.17
CA SER K 19 -43.82 23.89 -20.53
C SER K 19 -42.43 24.46 -20.36
N LEU K 20 -41.95 24.49 -19.12
CA LEU K 20 -40.60 24.94 -18.79
C LEU K 20 -39.88 23.81 -18.06
N THR K 21 -38.60 23.64 -18.36
CA THR K 21 -37.80 22.59 -17.73
C THR K 21 -36.54 23.20 -17.13
N CYS K 22 -36.31 22.94 -15.85
CA CYS K 22 -35.11 23.38 -15.16
C CYS K 22 -34.29 22.15 -14.80
N ASP K 23 -33.06 22.10 -15.29
CA ASP K 23 -32.13 21.01 -14.99
C ASP K 23 -31.19 21.43 -13.88
N VAL K 24 -30.78 20.45 -13.07
CA VAL K 24 -29.95 20.66 -11.89
C VAL K 24 -28.67 19.87 -12.07
N SER K 25 -27.54 20.53 -11.87
CA SER K 25 -26.22 19.89 -11.91
C SER K 25 -25.54 20.13 -10.57
N SER K 26 -25.26 19.05 -9.85
CA SER K 26 -24.67 19.11 -8.52
C SER K 26 -23.35 18.34 -8.54
N ALA K 27 -22.32 18.96 -7.97
CA ALA K 27 -20.99 18.33 -7.90
C ALA K 27 -20.86 17.35 -6.75
N SER K 28 -21.83 17.28 -5.85
CA SER K 28 -21.79 16.40 -4.70
C SER K 28 -22.68 15.18 -4.95
N ASN K 29 -22.10 13.99 -4.80
CA ASN K 29 -22.81 12.74 -5.10
C ASN K 29 -23.45 12.09 -3.88
N THR K 30 -23.24 12.63 -2.69
CA THR K 30 -23.89 12.07 -1.51
C THR K 30 -25.39 12.31 -1.57
N ARG K 31 -26.15 11.50 -0.84
CA ARG K 31 -27.60 11.58 -0.90
C ARG K 31 -28.07 12.87 -0.21
N ASP K 32 -28.71 13.75 -0.98
CA ASP K 32 -29.25 15.00 -0.49
C ASP K 32 -30.54 15.30 -1.24
N TYR K 33 -31.51 15.86 -0.52
CA TYR K 33 -32.78 16.28 -1.12
C TYR K 33 -32.88 17.79 -0.99
N PHE K 34 -33.08 18.47 -2.12
CA PHE K 34 -33.32 19.90 -2.16
C PHE K 34 -34.81 20.17 -2.31
N TYR K 35 -35.19 21.43 -2.09
CA TYR K 35 -36.54 21.90 -2.36
C TYR K 35 -36.48 22.80 -3.58
N TRP K 36 -37.05 22.34 -4.69
CA TRP K 36 -37.05 23.09 -5.92
C TRP K 36 -38.33 23.92 -6.03
N SER K 37 -38.23 25.07 -6.69
CA SER K 37 -39.37 25.97 -6.80
C SER K 37 -39.25 26.79 -8.08
N TRP K 38 -40.40 27.30 -8.53
CA TRP K 38 -40.50 28.16 -9.70
C TRP K 38 -40.97 29.54 -9.26
N VAL K 39 -40.28 30.59 -9.72
CA VAL K 39 -40.61 31.96 -9.38
C VAL K 39 -40.63 32.78 -10.65
N ARG K 40 -41.74 33.49 -10.91
CA ARG K 40 -41.90 34.31 -12.08
C ARG K 40 -42.04 35.78 -11.69
N GLN K 41 -41.46 36.66 -12.48
CA GLN K 41 -41.56 38.10 -12.29
C GLN K 41 -42.03 38.73 -13.59
N SER K 42 -43.14 39.44 -13.54
CA SER K 42 -43.65 40.12 -14.72
C SER K 42 -42.81 41.36 -15.01
N PRO K 43 -42.87 41.89 -16.24
CA PRO K 43 -42.06 43.08 -16.56
C PRO K 43 -42.45 44.27 -15.69
N GLY K 44 -41.51 44.71 -14.86
CA GLY K 44 -41.71 45.87 -14.02
C GLY K 44 -42.48 45.62 -12.74
N LYS K 45 -42.82 44.36 -12.43
CA LYS K 45 -43.59 44.01 -11.26
C LYS K 45 -42.73 43.20 -10.30
N GLY K 46 -43.30 42.86 -9.14
CA GLY K 46 -42.61 42.06 -8.17
C GLY K 46 -42.63 40.58 -8.50
N LEU K 47 -41.79 39.83 -7.81
CA LEU K 47 -41.69 38.40 -8.03
C LEU K 47 -42.92 37.67 -7.48
N GLU K 48 -43.26 36.56 -8.12
CA GLU K 48 -44.39 35.73 -7.74
C GLU K 48 -43.93 34.29 -7.61
N TRP K 49 -44.41 33.61 -6.57
CA TRP K 49 -44.07 32.21 -6.31
C TRP K 49 -45.15 31.31 -6.91
N ILE K 50 -44.75 30.47 -7.85
CA ILE K 50 -45.70 29.56 -8.50
C ILE K 50 -45.92 28.32 -7.65
N GLY K 51 -44.86 27.55 -7.43
CA GLY K 51 -44.97 26.32 -6.66
C GLY K 51 -43.63 25.64 -6.56
N GLY K 52 -43.57 24.67 -5.64
CA GLY K 52 -42.35 23.95 -5.37
C GLY K 52 -42.63 22.50 -5.03
N VAL K 53 -41.54 21.71 -5.06
CA VAL K 53 -41.61 20.27 -4.81
C VAL K 53 -40.30 19.83 -4.19
N TYR K 54 -40.38 18.79 -3.36
CA TYR K 54 -39.20 18.19 -2.77
C TYR K 54 -38.48 17.30 -3.79
N SER K 55 -37.19 17.08 -3.56
CA SER K 55 -36.35 16.27 -4.44
C SER K 55 -36.30 14.81 -4.06
N ASN K 56 -37.03 14.40 -3.02
CA ASN K 56 -37.05 13.00 -2.58
C ASN K 56 -38.44 12.47 -2.30
N SER K 57 -39.49 13.29 -2.39
CA SER K 57 -40.86 12.87 -2.13
C SER K 57 -41.78 13.63 -3.06
N ASP K 58 -43.00 13.11 -3.20
CA ASP K 58 -44.01 13.71 -4.07
C ASP K 58 -44.70 14.91 -3.42
N THR K 59 -44.30 15.30 -2.21
CA THR K 59 -44.91 16.45 -1.54
C THR K 59 -44.63 17.72 -2.33
N SER K 60 -45.65 18.27 -2.98
CA SER K 60 -45.56 19.48 -3.77
C SER K 60 -46.55 20.50 -3.23
N ASN K 61 -46.11 21.74 -3.09
CA ASN K 61 -46.92 22.83 -2.56
C ASN K 61 -47.05 23.91 -3.63
N LYS K 62 -48.30 24.30 -3.92
CA LYS K 62 -48.62 25.22 -5.00
C LYS K 62 -49.32 26.45 -4.44
N ASN K 63 -49.19 27.56 -5.17
CA ASN K 63 -49.82 28.81 -4.77
C ASN K 63 -51.34 28.66 -4.88
N PRO K 64 -52.12 28.89 -3.82
CA PRO K 64 -53.58 28.70 -3.95
C PRO K 64 -54.21 29.60 -5.00
N SER K 65 -53.68 30.81 -5.20
CA SER K 65 -54.17 31.68 -6.27
C SER K 65 -53.80 31.17 -7.65
N LEU K 66 -52.86 30.22 -7.75
CA LEU K 66 -52.42 29.69 -9.03
C LEU K 66 -52.25 28.17 -8.94
N GLU K 67 -53.16 27.51 -8.22
CA GLU K 67 -53.09 26.06 -8.04
C GLU K 67 -53.90 25.27 -9.05
N SER K 68 -54.85 25.90 -9.75
CA SER K 68 -55.75 25.19 -10.64
C SER K 68 -55.28 25.15 -12.09
N ARG K 69 -54.15 25.78 -12.41
CA ARG K 69 -53.68 25.89 -13.79
C ARG K 69 -52.29 25.30 -14.02
N VAL K 70 -51.60 24.83 -12.99
CA VAL K 70 -50.22 24.38 -13.10
C VAL K 70 -50.06 22.98 -12.53
N THR K 71 -49.12 22.23 -13.10
CA THR K 71 -48.66 20.97 -12.53
C THR K 71 -47.14 20.95 -12.60
N ILE K 72 -46.52 20.59 -11.49
CA ILE K 72 -45.07 20.55 -11.36
C ILE K 72 -44.66 19.10 -11.13
N SER K 73 -43.76 18.60 -11.98
CA SER K 73 -43.26 17.24 -11.87
C SER K 73 -41.74 17.29 -11.82
N LYS K 74 -41.15 16.19 -11.34
CA LYS K 74 -39.71 16.09 -11.17
C LYS K 74 -39.23 14.76 -11.71
N ASP K 75 -37.93 14.70 -12.01
CA ASP K 75 -37.30 13.47 -12.49
C ASP K 75 -35.88 13.50 -11.93
N THR K 76 -35.68 12.78 -10.82
CA THR K 76 -34.43 12.83 -10.08
C THR K 76 -33.33 12.00 -10.74
N SER K 77 -33.70 10.99 -11.53
CA SER K 77 -32.68 10.18 -12.19
C SER K 77 -31.83 11.02 -13.12
N LYS K 78 -32.46 11.92 -13.87
CA LYS K 78 -31.76 12.87 -14.74
C LYS K 78 -31.57 14.23 -14.09
N ASN K 79 -32.01 14.41 -12.84
CA ASN K 79 -31.81 15.64 -12.08
C ASN K 79 -32.41 16.84 -12.81
N ARG K 80 -33.73 16.82 -12.96
CA ARG K 80 -34.43 17.92 -13.62
C ARG K 80 -35.86 17.95 -13.13
N PHE K 81 -36.57 19.02 -13.48
CA PHE K 81 -37.97 19.12 -13.12
C PHE K 81 -38.68 20.12 -14.04
N PHE K 82 -39.95 19.82 -14.30
CA PHE K 82 -40.75 20.53 -15.29
C PHE K 82 -41.95 21.19 -14.63
N LEU K 83 -42.30 22.37 -15.13
CA LEU K 83 -43.52 23.09 -14.78
C LEU K 83 -44.37 23.21 -16.04
N ARG K 84 -45.64 22.81 -15.93
CA ARG K 84 -46.59 22.89 -17.04
C ARG K 84 -47.76 23.76 -16.59
N LEU K 85 -47.87 24.94 -17.19
CA LEU K 85 -48.92 25.91 -16.88
C LEU K 85 -49.98 25.88 -17.97
N ASN K 86 -51.24 25.74 -17.56
CA ASN K 86 -52.36 25.61 -18.48
C ASN K 86 -53.10 26.93 -18.61
N SER K 87 -53.63 27.17 -19.81
CA SER K 87 -54.44 28.35 -20.10
C SER K 87 -53.65 29.63 -19.84
N VAL K 88 -52.56 29.79 -20.60
CA VAL K 88 -51.75 30.99 -20.50
C VAL K 88 -52.56 32.19 -20.97
N THR K 89 -52.32 33.35 -20.34
CA THR K 89 -53.05 34.58 -20.65
C THR K 89 -52.09 35.74 -20.86
N ALA K 90 -52.64 36.95 -20.99
CA ALA K 90 -51.80 38.12 -21.22
C ALA K 90 -50.87 38.39 -20.05
N ALA K 91 -51.38 38.23 -18.83
CA ALA K 91 -50.58 38.52 -17.63
C ALA K 91 -49.48 37.51 -17.38
N ASP K 92 -49.48 36.37 -18.08
CA ASP K 92 -48.48 35.33 -17.85
C ASP K 92 -47.14 35.62 -18.49
N THR K 93 -47.06 36.64 -19.35
CA THR K 93 -45.77 37.04 -19.92
C THR K 93 -44.86 37.53 -18.81
N ALA K 94 -43.71 36.87 -18.63
CA ALA K 94 -42.86 37.16 -17.48
C ALA K 94 -41.52 36.44 -17.65
N VAL K 95 -40.59 36.78 -16.77
CA VAL K 95 -39.30 36.10 -16.68
C VAL K 95 -39.43 35.03 -15.60
N TYR K 96 -39.17 33.78 -15.97
CA TYR K 96 -39.28 32.64 -15.07
C TYR K 96 -37.90 32.18 -14.65
N TYR K 97 -37.73 31.95 -13.35
CA TYR K 97 -36.51 31.38 -12.79
C TYR K 97 -36.86 30.16 -11.96
N CYS K 98 -35.91 29.24 -11.87
CA CYS K 98 -36.01 28.07 -11.02
C CYS K 98 -34.98 28.18 -9.91
N SER K 99 -35.41 27.88 -8.67
CA SER K 99 -34.56 28.03 -7.50
C SER K 99 -34.54 26.73 -6.72
N SER K 100 -33.45 26.52 -5.98
CA SER K 100 -33.27 25.35 -5.14
C SER K 100 -32.82 25.81 -3.76
N ARG K 101 -33.51 25.32 -2.72
CA ARG K 101 -33.23 25.66 -1.34
C ARG K 101 -32.85 24.41 -0.57
N ALA K 102 -31.79 24.51 0.22
CA ALA K 102 -31.37 23.43 1.10
C ALA K 102 -30.64 24.02 2.30
N LYS K 103 -30.87 23.43 3.47
CA LYS K 103 -30.26 23.89 4.71
C LYS K 103 -29.10 22.96 5.08
N ILE K 104 -27.94 23.53 5.35
CA ILE K 104 -26.76 22.73 5.64
C ILE K 104 -26.88 22.11 7.02
N TYR K 105 -26.60 20.82 7.12
CA TYR K 105 -26.70 20.06 8.37
C TYR K 105 -25.39 19.32 8.63
N PHE K 106 -24.97 19.33 9.89
CA PHE K 106 -23.88 18.44 10.29
C PHE K 106 -24.30 16.98 10.18
N ALA K 107 -25.49 16.67 10.67
CA ALA K 107 -26.09 15.34 10.55
C ALA K 107 -27.60 15.51 10.67
N VAL K 108 -28.32 14.39 10.71
CA VAL K 108 -29.77 14.44 10.83
C VAL K 108 -30.12 14.97 12.21
N GLY K 109 -30.78 16.12 12.27
CA GLY K 109 -31.15 16.76 13.51
C GLY K 109 -30.17 17.77 14.04
N TYR K 110 -28.98 17.91 13.42
CA TYR K 110 -27.97 18.87 13.83
C TYR K 110 -27.80 19.89 12.71
N ASP K 111 -28.16 21.14 12.99
CA ASP K 111 -28.16 22.20 12.01
C ASP K 111 -26.92 23.08 12.17
N SER K 112 -26.17 23.25 11.09
CA SER K 112 -25.01 24.12 11.10
C SER K 112 -25.39 25.59 11.04
N GLY K 113 -26.49 25.92 10.38
CA GLY K 113 -26.94 27.30 10.24
C GLY K 113 -26.51 27.93 8.93
N GLY K 114 -26.75 27.22 7.82
CA GLY K 114 -26.38 27.70 6.51
C GLY K 114 -27.47 27.41 5.48
N ARG K 115 -27.26 27.93 4.28
CA ARG K 115 -28.21 27.77 3.19
C ARG K 115 -27.49 28.01 1.88
N ILE K 116 -28.19 27.74 0.78
CA ILE K 116 -27.64 27.96 -0.56
C ILE K 116 -28.47 29.00 -1.30
N ASP K 117 -29.80 28.80 -1.35
CA ASP K 117 -30.72 29.70 -2.04
C ASP K 117 -30.22 30.07 -3.44
N VAL K 118 -29.92 29.03 -4.22
CA VAL K 118 -29.37 29.22 -5.56
C VAL K 118 -30.52 29.45 -6.54
N TRP K 119 -30.41 30.52 -7.33
CA TRP K 119 -31.40 30.87 -8.34
C TRP K 119 -30.80 30.73 -9.73
N GLY K 120 -31.59 30.20 -10.66
CA GLY K 120 -31.15 30.01 -12.02
C GLY K 120 -31.25 31.29 -12.82
N PRO K 121 -30.58 31.34 -13.98
CA PRO K 121 -30.64 32.55 -14.81
C PRO K 121 -32.05 32.86 -15.30
N GLY K 122 -32.85 31.84 -15.60
CA GLY K 122 -34.22 32.05 -16.04
C GLY K 122 -34.30 32.43 -17.50
N VAL K 123 -35.54 32.45 -18.00
CA VAL K 123 -35.83 32.81 -19.39
C VAL K 123 -37.09 33.64 -19.44
N LEU K 124 -37.18 34.49 -20.46
CA LEU K 124 -38.35 35.34 -20.66
C LEU K 124 -39.34 34.64 -21.57
N VAL K 125 -40.60 34.56 -21.13
CA VAL K 125 -41.68 33.96 -21.90
C VAL K 125 -42.68 35.06 -22.21
N THR K 126 -43.00 35.21 -23.50
CA THR K 126 -43.96 36.19 -23.98
C THR K 126 -45.10 35.46 -24.69
N VAL K 127 -46.33 35.71 -24.26
CA VAL K 127 -47.49 35.06 -24.84
C VAL K 127 -47.82 35.70 -26.17
N ALA K 128 -48.57 34.98 -27.02
CA ALA K 128 -48.92 35.43 -28.35
C ALA K 128 -50.42 35.39 -28.55
N THR K 129 -50.99 36.52 -28.97
CA THR K 129 -52.39 36.60 -29.36
C THR K 129 -52.57 36.70 -30.87
N ALA K 130 -51.55 37.13 -31.59
CA ALA K 130 -51.57 37.25 -33.05
C ALA K 130 -50.44 36.40 -33.64
N SER K 131 -50.28 36.48 -34.95
CA SER K 131 -49.27 35.72 -35.68
C SER K 131 -48.09 36.62 -36.02
N THR K 132 -47.06 36.00 -36.59
CA THR K 132 -45.85 36.74 -36.98
C THR K 132 -46.18 37.79 -38.03
N LYS K 133 -45.67 39.00 -37.81
CA LYS K 133 -45.93 40.12 -38.71
C LYS K 133 -44.79 41.12 -38.58
N GLY K 134 -44.43 41.74 -39.70
CA GLY K 134 -43.34 42.70 -39.73
C GLY K 134 -43.81 44.09 -39.37
N PRO K 135 -42.88 44.96 -38.97
CA PRO K 135 -43.26 46.30 -38.53
C PRO K 135 -43.56 47.24 -39.70
N SER K 136 -44.34 48.27 -39.38
CA SER K 136 -44.45 49.47 -40.20
C SER K 136 -43.58 50.55 -39.57
N VAL K 137 -42.75 51.19 -40.38
CA VAL K 137 -41.78 52.17 -39.90
C VAL K 137 -42.19 53.54 -40.42
N PHE K 138 -42.39 54.48 -39.51
CA PHE K 138 -42.80 55.84 -39.83
C PHE K 138 -41.74 56.83 -39.33
N PRO K 139 -41.18 57.69 -40.19
CA PRO K 139 -40.19 58.64 -39.68
C PRO K 139 -40.82 59.68 -38.76
N LEU K 140 -40.17 59.90 -37.62
CA LEU K 140 -40.52 60.98 -36.69
C LEU K 140 -39.60 62.14 -37.03
N ALA K 141 -40.10 63.07 -37.85
CA ALA K 141 -39.31 64.13 -38.43
C ALA K 141 -39.19 65.32 -37.46
N PRO K 142 -38.08 66.06 -37.47
CA PRO K 142 -38.05 67.31 -36.68
C PRO K 142 -38.91 68.37 -37.34
N SER K 143 -39.65 69.11 -36.52
CA SER K 143 -40.46 70.20 -37.03
C SER K 143 -39.56 71.28 -37.63
N SER K 144 -40.06 71.91 -38.69
CA SER K 144 -39.27 72.94 -39.37
C SER K 144 -38.96 74.11 -38.44
N ARG K 145 -39.90 74.42 -37.52
CA ARG K 145 -39.69 75.55 -36.63
C ARG K 145 -38.68 75.25 -35.52
N SER K 146 -38.28 73.99 -35.35
CA SER K 146 -37.39 73.63 -34.25
C SER K 146 -35.92 73.76 -34.64
N THR K 147 -35.63 74.50 -35.71
CA THR K 147 -34.27 74.77 -36.13
C THR K 147 -33.61 75.86 -35.28
N SER K 148 -34.42 76.68 -34.59
CA SER K 148 -33.85 77.76 -33.78
C SER K 148 -32.95 77.22 -32.67
N GLU K 149 -33.25 76.04 -32.15
CA GLU K 149 -32.42 75.45 -31.12
C GLU K 149 -31.15 74.86 -31.74
N SER K 150 -30.16 74.61 -30.89
CA SER K 150 -28.87 74.10 -31.34
C SER K 150 -28.86 72.59 -31.54
N THR K 151 -29.73 71.85 -30.85
CA THR K 151 -29.82 70.40 -30.95
C THR K 151 -31.17 70.02 -31.53
N ALA K 152 -31.16 69.11 -32.50
CA ALA K 152 -32.37 68.60 -33.12
C ALA K 152 -32.56 67.13 -32.75
N ALA K 153 -33.82 66.70 -32.69
CA ALA K 153 -34.17 65.32 -32.38
C ALA K 153 -34.97 64.74 -33.52
N LEU K 154 -34.59 63.55 -33.98
CA LEU K 154 -35.36 62.85 -34.99
C LEU K 154 -35.48 61.39 -34.57
N GLY K 155 -36.31 60.64 -35.28
CA GLY K 155 -36.50 59.25 -34.89
C GLY K 155 -37.24 58.44 -35.92
N CYS K 156 -37.51 57.19 -35.54
CA CYS K 156 -38.34 56.29 -36.33
C CYS K 156 -39.27 55.54 -35.38
N LEU K 157 -40.55 55.48 -35.75
CA LEU K 157 -41.57 54.78 -34.99
C LEU K 157 -41.80 53.43 -35.63
N VAL K 158 -41.51 52.36 -34.90
CA VAL K 158 -41.63 50.99 -35.37
C VAL K 158 -42.88 50.41 -34.73
N LYS K 159 -43.87 50.07 -35.55
CA LYS K 159 -45.22 49.78 -35.07
C LYS K 159 -45.71 48.45 -35.62
N ASP K 160 -46.65 47.84 -34.87
CA ASP K 160 -47.49 46.76 -35.39
C ASP K 160 -46.65 45.58 -35.90
N TYR K 161 -45.76 45.10 -35.04
CA TYR K 161 -44.96 43.91 -35.33
C TYR K 161 -45.16 42.90 -34.21
N PHE K 162 -44.93 41.63 -34.55
CA PHE K 162 -44.99 40.57 -33.56
C PHE K 162 -44.20 39.39 -34.06
N PRO K 163 -43.48 38.64 -33.18
CA PRO K 163 -43.18 38.89 -31.76
C PRO K 163 -41.91 39.73 -31.57
N GLU K 164 -41.49 39.92 -30.33
CA GLU K 164 -40.22 40.57 -30.05
C GLU K 164 -39.08 39.69 -30.53
N PRO K 165 -37.88 40.27 -30.76
CA PRO K 165 -37.48 41.68 -30.65
C PRO K 165 -37.29 42.35 -32.01
N VAL K 166 -37.05 43.66 -31.99
CA VAL K 166 -36.69 44.43 -33.18
C VAL K 166 -35.42 45.21 -32.85
N THR K 167 -34.44 45.17 -33.75
CA THR K 167 -33.19 45.90 -33.56
C THR K 167 -33.16 47.10 -34.48
N VAL K 168 -32.84 48.27 -33.90
CA VAL K 168 -32.85 49.54 -34.64
C VAL K 168 -31.45 50.13 -34.58
N SER K 169 -30.90 50.46 -35.74
CA SER K 169 -29.63 51.14 -35.87
C SER K 169 -29.81 52.40 -36.71
N TRP K 170 -28.79 53.26 -36.69
CA TRP K 170 -28.83 54.53 -37.40
C TRP K 170 -27.61 54.64 -38.30
N ASN K 171 -27.84 54.96 -39.58
CA ASN K 171 -26.77 55.10 -40.56
C ASN K 171 -25.91 53.83 -40.63
N SER K 172 -26.59 52.68 -40.63
CA SER K 172 -25.93 51.37 -40.73
C SER K 172 -24.95 51.14 -39.59
N GLY K 173 -25.26 51.67 -38.41
CA GLY K 173 -24.47 51.45 -37.22
C GLY K 173 -23.40 52.50 -36.96
N SER K 174 -23.15 53.40 -37.91
CA SER K 174 -22.14 54.43 -37.69
C SER K 174 -22.58 55.47 -36.66
N LEU K 175 -23.88 55.69 -36.52
CA LEU K 175 -24.43 56.65 -35.56
C LEU K 175 -24.89 55.90 -34.32
N THR K 176 -24.18 56.11 -33.21
CA THR K 176 -24.48 55.44 -31.95
C THR K 176 -24.63 56.45 -30.81
N SER K 177 -23.90 57.57 -30.89
CA SER K 177 -23.96 58.58 -29.84
C SER K 177 -25.33 59.26 -29.84
N GLY K 178 -25.96 59.31 -28.67
CA GLY K 178 -27.24 59.97 -28.53
C GLY K 178 -28.44 59.14 -28.95
N VAL K 179 -28.25 57.87 -29.28
CA VAL K 179 -29.33 57.02 -29.77
C VAL K 179 -30.04 56.40 -28.57
N HIS K 180 -31.37 56.50 -28.56
CA HIS K 180 -32.20 55.92 -27.52
C HIS K 180 -33.31 55.11 -28.19
N THR K 181 -33.28 53.79 -28.02
CA THR K 181 -34.32 52.89 -28.50
C THR K 181 -35.12 52.42 -27.29
N PHE K 182 -36.37 52.87 -27.19
CA PHE K 182 -37.15 52.62 -26.00
C PHE K 182 -37.68 51.18 -25.98
N PRO K 183 -37.96 50.62 -24.80
CA PRO K 183 -38.52 49.27 -24.76
C PRO K 183 -39.87 49.18 -25.45
N ALA K 184 -40.15 48.01 -26.02
CA ALA K 184 -41.41 47.77 -26.68
C ALA K 184 -42.55 47.67 -25.66
N VAL K 185 -43.74 48.10 -26.09
CA VAL K 185 -44.94 48.04 -25.27
C VAL K 185 -46.04 47.39 -26.09
N LEU K 186 -46.73 46.41 -25.49
CA LEU K 186 -47.83 45.75 -26.17
C LEU K 186 -49.01 46.71 -26.29
N GLN K 187 -49.62 46.75 -27.47
CA GLN K 187 -50.71 47.66 -27.77
C GLN K 187 -52.06 46.94 -27.64
N SER K 188 -53.13 47.74 -27.69
CA SER K 188 -54.47 47.18 -27.67
C SER K 188 -54.72 46.30 -28.89
N SER K 189 -54.06 46.59 -30.01
CA SER K 189 -54.18 45.77 -31.20
C SER K 189 -53.57 44.38 -31.03
N GLY K 190 -52.77 44.16 -29.99
CA GLY K 190 -52.10 42.89 -29.80
C GLY K 190 -50.73 42.78 -30.42
N LEU K 191 -50.17 43.90 -30.90
CA LEU K 191 -48.84 43.94 -31.50
C LEU K 191 -47.98 44.96 -30.76
N TYR K 192 -46.68 44.87 -30.97
CA TYR K 192 -45.71 45.70 -30.27
C TYR K 192 -45.42 46.98 -31.04
N SER K 193 -44.98 47.99 -30.30
CA SER K 193 -44.56 49.26 -30.90
C SER K 193 -43.50 49.90 -30.02
N LEU K 194 -42.63 50.67 -30.66
CA LEU K 194 -41.61 51.44 -29.95
C LEU K 194 -41.16 52.57 -30.85
N SER K 195 -40.31 53.44 -30.30
CA SER K 195 -39.68 54.51 -31.04
C SER K 195 -38.19 54.49 -30.77
N SER K 196 -37.40 54.80 -31.80
CA SER K 196 -35.97 54.95 -31.68
C SER K 196 -35.59 56.35 -32.13
N VAL K 197 -35.01 57.13 -31.22
CA VAL K 197 -34.73 58.54 -31.48
C VAL K 197 -33.23 58.77 -31.35
N VAL K 198 -32.78 59.89 -31.91
CA VAL K 198 -31.41 60.33 -31.76
C VAL K 198 -31.38 61.86 -31.83
N THR K 199 -30.49 62.43 -31.02
CA THR K 199 -30.23 63.86 -30.98
C THR K 199 -28.97 64.14 -31.79
N VAL K 200 -29.03 65.14 -32.65
CA VAL K 200 -27.94 65.49 -33.56
C VAL K 200 -27.78 66.99 -33.60
N PRO K 201 -26.64 67.47 -34.10
CA PRO K 201 -26.50 68.93 -34.30
C PRO K 201 -27.49 69.42 -35.35
N SER K 202 -28.23 70.47 -35.00
CA SER K 202 -29.20 71.03 -35.93
C SER K 202 -28.53 71.60 -37.18
N SER K 203 -27.27 72.01 -37.07
CA SER K 203 -26.54 72.46 -38.25
C SER K 203 -26.24 71.31 -39.21
N SER K 204 -26.17 70.08 -38.70
CA SER K 204 -25.95 68.92 -39.57
C SER K 204 -27.13 68.60 -40.46
N LEU K 205 -28.31 69.15 -40.17
CA LEU K 205 -29.48 68.91 -41.01
C LEU K 205 -29.29 69.57 -42.36
N GLY K 206 -29.48 68.81 -43.43
CA GLY K 206 -29.24 69.25 -44.79
C GLY K 206 -27.91 68.81 -45.36
N THR K 207 -26.95 68.46 -44.50
CA THR K 207 -25.67 67.90 -44.92
C THR K 207 -25.45 66.47 -44.46
N GLN K 208 -26.26 65.98 -43.52
CA GLN K 208 -26.20 64.61 -43.03
C GLN K 208 -27.42 63.84 -43.51
N THR K 209 -27.20 62.61 -43.97
CA THR K 209 -28.27 61.69 -44.33
C THR K 209 -28.53 60.77 -43.16
N TYR K 210 -29.75 60.78 -42.64
CA TYR K 210 -30.13 60.03 -41.45
C TYR K 210 -31.12 58.95 -41.86
N VAL K 211 -30.71 57.69 -41.72
CA VAL K 211 -31.53 56.54 -42.08
C VAL K 211 -31.62 55.62 -40.88
N CYS K 212 -32.83 55.21 -40.53
CA CYS K 212 -33.04 54.21 -39.49
C CYS K 212 -33.20 52.84 -40.15
N ASN K 213 -32.42 51.87 -39.66
CA ASN K 213 -32.43 50.50 -40.14
C ASN K 213 -33.10 49.64 -39.07
N VAL K 214 -34.26 49.09 -39.39
CA VAL K 214 -35.05 48.25 -38.49
C VAL K 214 -34.95 46.82 -38.96
N ASN K 215 -34.65 45.91 -38.04
CA ASN K 215 -34.50 44.49 -38.33
C ASN K 215 -35.44 43.70 -37.43
N HIS K 216 -36.22 42.80 -38.04
CA HIS K 216 -37.18 41.95 -37.33
C HIS K 216 -37.05 40.54 -37.90
N LYS K 217 -36.32 39.68 -37.16
CA LYS K 217 -36.06 38.32 -37.66
C LYS K 217 -37.32 37.50 -37.84
N PRO K 218 -38.31 37.52 -36.91
CA PRO K 218 -39.44 36.58 -37.04
C PRO K 218 -40.17 36.62 -38.37
N SER K 219 -40.40 37.81 -38.92
CA SER K 219 -40.96 37.95 -40.27
C SER K 219 -39.89 38.18 -41.32
N ASN K 220 -38.62 38.17 -40.93
CA ASN K 220 -37.50 38.42 -41.83
C ASN K 220 -37.69 39.75 -42.59
N THR K 221 -38.05 40.78 -41.81
CA THR K 221 -38.35 42.09 -42.34
C THR K 221 -37.25 43.06 -41.96
N LYS K 222 -36.54 43.58 -42.96
CA LYS K 222 -35.55 44.64 -42.78
C LYS K 222 -36.00 45.86 -43.57
N VAL K 223 -36.11 46.99 -42.88
CA VAL K 223 -36.63 48.22 -43.46
C VAL K 223 -35.65 49.35 -43.18
N ASP K 224 -35.21 50.03 -44.23
CA ASP K 224 -34.38 51.22 -44.13
C ASP K 224 -35.22 52.43 -44.51
N LYS K 225 -35.35 53.38 -43.59
CA LYS K 225 -36.22 54.54 -43.78
C LYS K 225 -35.42 55.81 -43.59
N ARG K 226 -35.46 56.68 -44.60
CA ARG K 226 -34.82 57.98 -44.50
C ARG K 226 -35.65 58.92 -43.64
N VAL K 227 -34.97 59.76 -42.86
CA VAL K 227 -35.61 60.73 -41.96
C VAL K 227 -35.09 62.11 -42.35
N GLU K 228 -36.00 63.02 -42.68
CA GLU K 228 -35.63 64.33 -43.20
C GLU K 228 -36.61 65.39 -42.71
N ILE K 229 -36.16 66.65 -42.78
CA ILE K 229 -36.99 67.80 -42.45
C ILE K 229 -38.09 67.93 -43.49
N LYS K 230 -39.24 68.47 -43.08
CA LYS K 230 -40.38 68.73 -43.96
C LYS K 230 -40.32 70.20 -44.37
N THR K 231 -39.64 70.48 -45.48
CA THR K 231 -39.56 71.85 -45.99
C THR K 231 -40.91 72.25 -46.57
N CYS K 232 -41.35 73.46 -46.23
CA CYS K 232 -42.62 73.99 -46.72
C CYS K 232 -42.40 74.92 -47.91
N ASP L 1 -52.75 33.95 1.92
CA ASP L 1 -51.34 34.36 1.65
C ASP L 1 -50.93 35.49 2.59
N ILE L 2 -49.62 35.72 2.70
CA ILE L 2 -49.07 36.78 3.53
C ILE L 2 -48.68 37.95 2.61
N GLN L 3 -49.05 39.16 3.02
CA GLN L 3 -48.71 40.36 2.27
C GLN L 3 -47.44 40.96 2.86
N MET L 4 -46.41 41.08 2.03
CA MET L 4 -45.09 41.56 2.46
C MET L 4 -44.81 42.84 1.69
N THR L 5 -44.52 43.92 2.43
CA THR L 5 -44.35 45.25 1.84
C THR L 5 -42.94 45.75 2.09
N GLN L 6 -42.26 46.15 1.02
CA GLN L 6 -40.92 46.73 1.10
C GLN L 6 -41.01 48.25 1.02
N SER L 7 -40.13 48.93 1.75
CA SER L 7 -40.02 50.38 1.68
C SER L 7 -38.56 50.77 1.85
N PRO L 8 -38.10 51.85 1.20
CA PRO L 8 -38.79 52.68 0.19
C PRO L 8 -38.86 51.95 -1.15
N SER L 9 -39.83 52.26 -2.01
CA SER L 9 -39.90 51.62 -3.31
C SER L 9 -38.67 51.95 -4.15
N ARG L 10 -38.13 53.16 -3.98
CA ARG L 10 -36.94 53.59 -4.69
C ARG L 10 -36.22 54.63 -3.87
N LEU L 11 -34.90 54.67 -4.01
CA LEU L 11 -34.07 55.63 -3.30
C LEU L 11 -32.83 55.92 -4.12
N SER L 12 -32.15 57.00 -3.77
CA SER L 12 -30.92 57.42 -4.43
C SER L 12 -29.87 57.76 -3.38
N ALA L 13 -28.65 57.31 -3.62
CA ALA L 13 -27.56 57.54 -2.68
C ALA L 13 -26.24 57.51 -3.44
N SER L 14 -25.21 58.05 -2.80
CA SER L 14 -23.88 58.13 -3.37
C SER L 14 -22.99 57.02 -2.81
N VAL L 15 -21.76 56.94 -3.33
CA VAL L 15 -20.83 55.91 -2.87
C VAL L 15 -20.43 56.21 -1.44
N GLY L 16 -20.50 55.19 -0.58
CA GLY L 16 -20.15 55.32 0.82
C GLY L 16 -21.30 55.75 1.73
N ASP L 17 -22.45 56.09 1.16
CA ASP L 17 -23.59 56.48 1.98
C ASP L 17 -24.23 55.25 2.62
N ARG L 18 -24.89 55.48 3.75
CA ARG L 18 -25.58 54.42 4.47
C ARG L 18 -26.98 54.25 3.92
N VAL L 19 -27.34 53.00 3.59
CA VAL L 19 -28.62 52.67 2.99
C VAL L 19 -29.41 51.79 3.96
N THR L 20 -30.70 52.07 4.10
CA THR L 20 -31.59 51.32 4.97
C THR L 20 -32.86 50.98 4.21
N VAL L 21 -33.27 49.71 4.29
CA VAL L 21 -34.48 49.23 3.62
C VAL L 21 -35.28 48.40 4.62
N THR L 22 -36.55 48.73 4.81
CA THR L 22 -37.40 48.07 5.80
C THR L 22 -38.47 47.24 5.09
N CYS L 23 -38.55 45.96 5.44
CA CYS L 23 -39.56 45.06 4.89
C CYS L 23 -40.46 44.61 6.03
N ARG L 24 -41.78 44.66 5.79
CA ARG L 24 -42.78 44.50 6.82
C ARG L 24 -43.77 43.41 6.44
N ALA L 25 -44.11 42.57 7.41
CA ALA L 25 -45.08 41.49 7.22
C ALA L 25 -46.46 41.93 7.72
N SER L 26 -47.48 41.14 7.36
CA SER L 26 -48.82 41.39 7.86
C SER L 26 -49.00 40.91 9.29
N GLN L 27 -48.32 39.83 9.68
CA GLN L 27 -48.37 39.30 11.03
C GLN L 27 -47.00 38.73 11.39
N ASP L 28 -46.91 38.14 12.59
CA ASP L 28 -45.65 37.56 13.04
C ASP L 28 -45.23 36.41 12.14
N ILE L 29 -43.96 36.41 11.76
CA ILE L 29 -43.38 35.31 10.99
C ILE L 29 -42.05 34.87 11.62
N ASP L 30 -41.82 35.26 12.86
CA ASP L 30 -40.57 34.91 13.58
C ASP L 30 -39.41 35.53 12.80
N LYS L 31 -38.23 34.90 12.78
CA LYS L 31 -37.06 35.42 12.08
C LYS L 31 -36.88 34.79 10.70
N ASP L 32 -37.89 34.04 10.21
CA ASP L 32 -37.77 33.34 8.93
C ASP L 32 -37.99 34.34 7.80
N LEU L 33 -36.95 35.15 7.56
CA LEU L 33 -36.94 36.10 6.46
C LEU L 33 -35.55 36.14 5.85
N SER L 34 -35.49 36.42 4.56
CA SER L 34 -34.24 36.49 3.82
C SER L 34 -34.22 37.75 2.97
N TRP L 35 -33.02 38.16 2.57
CA TRP L 35 -32.80 39.31 1.71
C TRP L 35 -31.97 38.88 0.51
N PHE L 36 -32.44 39.23 -0.69
CA PHE L 36 -31.82 38.86 -1.94
C PHE L 36 -31.52 40.10 -2.77
N GLN L 37 -30.44 40.02 -3.54
CA GLN L 37 -30.02 41.05 -4.48
C GLN L 37 -30.17 40.49 -5.89
N GLN L 38 -30.76 41.30 -6.78
CA GLN L 38 -30.93 40.93 -8.18
C GLN L 38 -30.39 42.09 -9.03
N LYS L 39 -29.34 41.83 -9.79
CA LYS L 39 -28.80 42.80 -10.71
C LYS L 39 -29.62 42.84 -11.99
N PRO L 40 -29.49 43.89 -12.80
CA PRO L 40 -30.26 43.95 -14.05
C PRO L 40 -29.91 42.79 -14.98
N GLY L 41 -30.91 41.96 -15.26
CA GLY L 41 -30.73 40.88 -16.22
C GLY L 41 -29.91 39.70 -15.72
N LYS L 42 -29.80 39.53 -14.40
CA LYS L 42 -29.06 38.42 -13.82
C LYS L 42 -29.91 37.74 -12.75
N ALA L 43 -29.50 36.52 -12.39
CA ALA L 43 -30.23 35.77 -11.39
C ALA L 43 -30.08 36.44 -10.01
N PRO L 44 -31.11 36.37 -9.16
CA PRO L 44 -30.95 36.87 -7.79
C PRO L 44 -29.89 36.08 -7.03
N THR L 45 -29.22 36.77 -6.11
CA THR L 45 -28.20 36.18 -5.26
C THR L 45 -28.58 36.44 -3.80
N LEU L 46 -28.49 35.39 -2.98
CA LEU L 46 -28.80 35.54 -1.56
C LEU L 46 -27.81 36.47 -0.89
N LEU L 47 -28.32 37.37 -0.05
CA LEU L 47 -27.51 38.22 0.81
C LEU L 47 -27.65 37.85 2.28
N ILE L 48 -28.88 37.72 2.78
CA ILE L 48 -29.12 37.42 4.19
C ILE L 48 -30.14 36.29 4.27
N PHE L 49 -29.94 35.38 5.22
CA PHE L 49 -30.92 34.36 5.55
C PHE L 49 -31.15 34.40 7.07
N THR L 50 -32.41 34.19 7.46
CA THR L 50 -32.88 34.31 8.84
C THR L 50 -32.90 35.75 9.33
N ALA L 51 -32.67 36.72 8.44
CA ALA L 51 -32.77 38.15 8.75
C ALA L 51 -31.61 38.65 9.61
N SER L 52 -30.70 37.77 10.03
CA SER L 52 -29.56 38.16 10.84
C SER L 52 -28.26 37.45 10.49
N SER L 53 -28.31 36.36 9.72
CA SER L 53 -27.12 35.59 9.36
C SER L 53 -26.64 36.00 7.98
N LEU L 54 -25.36 36.36 7.89
CA LEU L 54 -24.79 36.81 6.63
C LEU L 54 -24.34 35.61 5.80
N GLN L 55 -24.72 35.59 4.53
CA GLN L 55 -24.36 34.50 3.64
C GLN L 55 -22.85 34.50 3.39
N THR L 56 -22.31 33.30 3.19
CA THR L 56 -20.88 33.16 2.95
C THR L 56 -20.52 33.81 1.61
N GLY L 57 -19.40 34.55 1.61
CA GLY L 57 -18.91 35.22 0.43
C GLY L 57 -19.46 36.61 0.19
N VAL L 58 -20.43 37.04 0.99
CA VAL L 58 -21.02 38.38 0.85
C VAL L 58 -20.12 39.36 1.61
N PRO L 59 -19.87 40.57 1.11
CA PRO L 59 -19.09 41.53 1.90
C PRO L 59 -19.79 41.89 3.21
N SER L 60 -18.98 42.21 4.22
CA SER L 60 -19.49 42.46 5.57
C SER L 60 -20.31 43.73 5.67
N ARG L 61 -20.28 44.60 4.66
CA ARG L 61 -21.04 45.85 4.74
C ARG L 61 -22.54 45.59 4.87
N PHE L 62 -23.04 44.55 4.20
CA PHE L 62 -24.45 44.19 4.34
C PHE L 62 -24.72 43.65 5.73
N SER L 63 -25.86 44.04 6.30
CA SER L 63 -26.26 43.52 7.60
C SER L 63 -27.78 43.50 7.69
N GLY L 64 -28.29 42.64 8.56
CA GLY L 64 -29.72 42.49 8.74
C GLY L 64 -30.09 42.55 10.21
N SER L 65 -31.27 43.11 10.47
CA SER L 65 -31.76 43.25 11.83
C SER L 65 -33.28 43.16 11.80
N GLY L 66 -33.87 43.12 12.99
CA GLY L 66 -35.31 43.04 13.15
C GLY L 66 -35.80 41.62 13.35
N SER L 67 -37.11 41.51 13.58
CA SER L 67 -37.72 40.22 13.89
C SER L 67 -39.22 40.40 13.94
N GLY L 68 -39.93 39.30 13.67
CA GLY L 68 -41.38 39.31 13.76
C GLY L 68 -42.05 39.93 12.56
N THR L 69 -42.62 41.12 12.75
CA THR L 69 -43.34 41.83 11.70
C THR L 69 -42.46 42.78 10.89
N GLU L 70 -41.34 43.23 11.46
CA GLU L 70 -40.52 44.27 10.86
C GLU L 70 -39.07 43.79 10.77
N PHE L 71 -38.47 43.95 9.59
CA PHE L 71 -37.08 43.56 9.33
C PHE L 71 -36.40 44.68 8.56
N THR L 72 -35.08 44.75 8.68
CA THR L 72 -34.31 45.84 8.10
C THR L 72 -32.99 45.34 7.53
N LEU L 73 -32.65 45.84 6.35
CA LEU L 73 -31.35 45.64 5.72
C LEU L 73 -30.59 46.96 5.77
N THR L 74 -29.34 46.90 6.21
CA THR L 74 -28.48 48.07 6.33
C THR L 74 -27.20 47.84 5.54
N ILE L 75 -26.86 48.80 4.69
CA ILE L 75 -25.59 48.83 3.96
C ILE L 75 -24.80 50.00 4.55
N SER L 76 -23.67 49.69 5.19
CA SER L 76 -22.88 50.71 5.86
C SER L 76 -22.21 51.65 4.86
N SER L 77 -21.72 51.10 3.75
CA SER L 77 -21.03 51.89 2.74
C SER L 77 -21.44 51.36 1.37
N LEU L 78 -22.27 52.12 0.67
CA LEU L 78 -22.70 51.72 -0.68
C LEU L 78 -21.53 51.80 -1.65
N GLN L 79 -21.30 50.71 -2.37
CA GLN L 79 -20.22 50.61 -3.35
C GLN L 79 -20.79 50.70 -4.77
N PRO L 80 -19.94 50.93 -5.77
CA PRO L 80 -20.45 50.97 -7.15
C PRO L 80 -21.12 49.68 -7.60
N GLU L 81 -20.70 48.54 -7.05
CA GLU L 81 -21.26 47.25 -7.44
C GLU L 81 -22.55 46.92 -6.70
N ASP L 82 -22.97 47.75 -5.74
CA ASP L 82 -24.14 47.47 -4.91
C ASP L 82 -25.44 48.04 -5.50
N PHE L 83 -25.39 48.65 -6.67
CA PHE L 83 -26.58 49.25 -7.27
C PHE L 83 -27.36 48.17 -8.02
N ALA L 84 -28.41 47.67 -7.37
CA ALA L 84 -29.22 46.59 -7.92
C ALA L 84 -30.52 46.56 -7.11
N THR L 85 -31.49 45.78 -7.59
CA THR L 85 -32.80 45.74 -6.96
C THR L 85 -32.80 44.69 -5.84
N TYR L 86 -33.12 45.12 -4.63
CA TYR L 86 -33.06 44.28 -3.44
C TYR L 86 -34.48 43.95 -3.00
N PHE L 87 -34.73 42.69 -2.65
CA PHE L 87 -36.06 42.29 -2.22
C PHE L 87 -35.97 41.31 -1.06
N CYS L 88 -36.95 41.41 -0.15
CA CYS L 88 -37.04 40.53 1.01
C CYS L 88 -37.99 39.39 0.68
N GLN L 89 -37.73 38.23 1.28
CA GLN L 89 -38.51 37.02 1.04
C GLN L 89 -38.92 36.42 2.38
N GLN L 90 -40.16 35.95 2.45
CA GLN L 90 -40.70 35.30 3.64
C GLN L 90 -40.75 33.80 3.39
N ASP L 91 -40.29 33.02 4.37
CA ASP L 91 -40.33 31.57 4.30
C ASP L 91 -40.75 30.98 5.64
N TYR L 92 -41.76 31.58 6.26
CA TYR L 92 -42.29 31.10 7.54
C TYR L 92 -43.44 30.12 7.34
N SER L 93 -44.42 30.50 6.52
CA SER L 93 -45.55 29.64 6.20
C SER L 93 -45.82 29.73 4.71
N PHE L 94 -46.28 28.63 4.13
CA PHE L 94 -46.61 28.61 2.72
C PHE L 94 -47.80 29.54 2.47
N PRO L 95 -47.88 30.17 1.28
CA PRO L 95 -46.96 30.11 0.14
C PRO L 95 -45.78 31.08 0.32
N LEU L 96 -44.67 30.86 -0.37
CA LEU L 96 -43.57 31.80 -0.32
C LEU L 96 -43.96 33.09 -1.02
N THR L 97 -43.58 34.22 -0.42
CA THR L 97 -43.92 35.55 -0.92
C THR L 97 -42.68 36.43 -0.92
N PHE L 98 -42.66 37.40 -1.81
CA PHE L 98 -41.54 38.32 -2.01
C PHE L 98 -42.00 39.75 -1.80
N GLY L 99 -41.03 40.62 -1.56
CA GLY L 99 -41.29 42.04 -1.37
C GLY L 99 -41.53 42.75 -2.69
N GLY L 100 -41.86 44.04 -2.58
CA GLY L 100 -42.15 44.85 -3.75
C GLY L 100 -40.94 45.36 -4.50
N GLY L 101 -39.74 45.12 -4.00
CA GLY L 101 -38.53 45.56 -4.65
C GLY L 101 -38.08 46.93 -4.18
N THR L 102 -36.76 47.16 -4.28
CA THR L 102 -36.17 48.44 -3.89
C THR L 102 -34.99 48.70 -4.81
N LYS L 103 -35.21 49.53 -5.82
CA LYS L 103 -34.16 49.88 -6.78
C LYS L 103 -33.30 50.98 -6.21
N VAL L 104 -31.98 50.80 -6.28
CA VAL L 104 -31.00 51.76 -5.77
C VAL L 104 -30.32 52.40 -6.98
N ASP L 105 -30.38 53.73 -7.04
CA ASP L 105 -29.81 54.50 -8.14
C ASP L 105 -28.74 55.44 -7.60
N LEU L 106 -27.81 55.80 -8.49
CA LEU L 106 -26.72 56.71 -8.12
C LEU L 106 -27.18 58.15 -8.22
N LYS L 107 -26.87 58.93 -7.18
CA LYS L 107 -27.21 60.35 -7.15
C LYS L 107 -26.28 61.09 -8.09
N ARG L 108 -26.85 61.94 -8.94
CA ARG L 108 -26.08 62.82 -9.82
C ARG L 108 -26.69 64.22 -9.77
N THR L 109 -26.13 65.12 -10.57
CA THR L 109 -26.64 66.48 -10.63
C THR L 109 -27.96 66.52 -11.41
N VAL L 110 -28.77 67.53 -11.10
CA VAL L 110 -30.06 67.68 -11.77
C VAL L 110 -29.83 68.02 -13.24
N ALA L 111 -30.59 67.36 -14.11
CA ALA L 111 -30.52 67.59 -15.55
C ALA L 111 -31.94 67.69 -16.09
N ALA L 112 -32.27 68.82 -16.69
CA ALA L 112 -33.61 69.00 -17.22
C ALA L 112 -33.78 68.26 -18.54
N PRO L 113 -34.97 67.73 -18.85
CA PRO L 113 -35.15 67.07 -20.15
C PRO L 113 -35.15 68.06 -21.30
N SER L 114 -34.72 67.57 -22.47
CA SER L 114 -35.02 68.27 -23.71
C SER L 114 -36.30 67.69 -24.28
N VAL L 115 -37.30 68.56 -24.50
CA VAL L 115 -38.65 68.14 -24.82
C VAL L 115 -38.89 68.37 -26.31
N PHE L 116 -39.41 67.34 -26.98
CA PHE L 116 -39.79 67.44 -28.38
C PHE L 116 -41.14 66.75 -28.59
N ILE L 117 -41.83 67.15 -29.65
CA ILE L 117 -43.09 66.53 -30.05
C ILE L 117 -43.04 66.27 -31.55
N PHE L 118 -43.53 65.10 -31.96
CA PHE L 118 -43.44 64.65 -33.35
C PHE L 118 -44.84 64.46 -33.92
N PRO L 119 -45.37 65.38 -34.74
CA PRO L 119 -46.68 65.14 -35.34
C PRO L 119 -46.65 63.93 -36.25
N PRO L 120 -47.74 63.14 -36.30
CA PRO L 120 -47.73 61.98 -37.19
C PRO L 120 -47.69 62.40 -38.66
N SER L 121 -47.04 61.58 -39.47
CA SER L 121 -46.98 61.84 -40.90
C SER L 121 -48.32 61.50 -41.55
N GLU L 122 -48.49 61.98 -42.78
CA GLU L 122 -49.72 61.69 -43.52
C GLU L 122 -49.87 60.21 -43.77
N ASP L 123 -48.78 59.52 -44.11
CA ASP L 123 -48.82 58.08 -44.32
C ASP L 123 -49.37 57.37 -43.09
N GLN L 124 -49.00 57.84 -41.90
CA GLN L 124 -49.55 57.28 -40.67
C GLN L 124 -51.05 57.57 -40.57
N VAL L 125 -51.48 58.74 -41.03
CA VAL L 125 -52.91 59.07 -40.98
C VAL L 125 -53.71 58.13 -41.86
N LYS L 126 -53.21 57.82 -43.06
CA LYS L 126 -53.95 56.94 -43.96
C LYS L 126 -54.07 55.53 -43.44
N SER L 127 -53.24 55.13 -42.46
CA SER L 127 -53.29 53.78 -41.94
C SER L 127 -54.50 53.53 -41.04
N GLY L 128 -55.23 54.57 -40.64
CA GLY L 128 -56.38 54.43 -39.78
C GLY L 128 -56.10 54.63 -38.30
N THR L 129 -54.84 54.52 -37.89
CA THR L 129 -54.43 54.81 -36.52
C THR L 129 -53.16 55.65 -36.56
N VAL L 130 -53.02 56.53 -35.57
CA VAL L 130 -51.89 57.46 -35.50
C VAL L 130 -51.32 57.46 -34.10
N SER L 131 -50.07 57.88 -33.98
CA SER L 131 -49.35 57.98 -32.72
C SER L 131 -48.60 59.30 -32.68
N VAL L 132 -48.82 60.07 -31.61
CA VAL L 132 -48.11 61.32 -31.37
C VAL L 132 -47.06 61.04 -30.31
N VAL L 133 -45.79 61.25 -30.66
CA VAL L 133 -44.67 60.89 -29.79
C VAL L 133 -44.10 62.17 -29.19
N CYS L 134 -44.08 62.23 -27.85
CA CYS L 134 -43.42 63.31 -27.13
C CYS L 134 -42.20 62.73 -26.41
N LEU L 135 -41.05 63.32 -26.66
CA LEU L 135 -39.76 62.80 -26.22
C LEU L 135 -39.18 63.71 -25.14
N LEU L 136 -38.82 63.11 -24.00
CA LEU L 136 -38.03 63.76 -22.96
C LEU L 136 -36.63 63.15 -23.02
N ASN L 137 -35.63 63.99 -23.26
CA ASN L 137 -34.28 63.52 -23.55
C ASN L 137 -33.33 63.90 -22.42
N ASN L 138 -32.64 62.89 -21.87
CA ASN L 138 -31.45 63.06 -21.03
C ASN L 138 -31.75 63.93 -19.80
N PHE L 139 -32.57 63.37 -18.91
CA PHE L 139 -32.99 64.04 -17.69
C PHE L 139 -32.68 63.20 -16.46
N TYR L 140 -32.57 63.90 -15.33
CA TYR L 140 -32.40 63.31 -14.01
C TYR L 140 -32.91 64.34 -13.02
N PRO L 141 -33.63 63.95 -11.94
CA PRO L 141 -34.01 62.61 -11.47
C PRO L 141 -35.09 61.94 -12.31
N ARG L 142 -35.39 60.67 -11.98
CA ARG L 142 -36.37 59.91 -12.73
C ARG L 142 -37.75 60.54 -12.65
N GLU L 143 -38.06 61.21 -11.55
CA GLU L 143 -39.40 61.76 -11.35
C GLU L 143 -39.71 62.80 -12.41
N ALA L 144 -40.67 62.50 -13.28
CA ALA L 144 -41.11 63.40 -14.32
C ALA L 144 -42.63 63.30 -14.42
N SER L 145 -43.27 64.39 -14.87
CA SER L 145 -44.71 64.38 -15.11
C SER L 145 -44.99 64.87 -16.52
N VAL L 146 -45.70 64.05 -17.29
CA VAL L 146 -46.08 64.34 -18.67
C VAL L 146 -47.60 64.34 -18.74
N LYS L 147 -48.16 65.40 -19.31
CA LYS L 147 -49.61 65.52 -19.46
C LYS L 147 -49.94 65.85 -20.92
N TRP L 148 -51.02 65.25 -21.42
CA TRP L 148 -51.47 65.47 -22.80
C TRP L 148 -52.67 66.39 -22.80
N LYS L 149 -52.58 67.49 -23.56
CA LYS L 149 -53.65 68.46 -23.69
C LYS L 149 -54.08 68.53 -25.15
N VAL L 150 -55.36 68.28 -25.39
CA VAL L 150 -55.94 68.32 -26.73
C VAL L 150 -56.90 69.50 -26.78
N ASP L 151 -56.60 70.46 -27.66
CA ASP L 151 -57.41 71.67 -27.82
C ASP L 151 -57.47 72.45 -26.50
N GLY L 152 -56.38 72.41 -25.74
CA GLY L 152 -56.28 73.14 -24.50
C GLY L 152 -56.85 72.42 -23.29
N ALA L 153 -57.52 71.29 -23.48
CA ALA L 153 -58.14 70.55 -22.39
C ALA L 153 -57.31 69.31 -22.06
N LEU L 154 -56.96 69.17 -20.79
CA LEU L 154 -56.26 67.97 -20.35
C LEU L 154 -57.16 66.75 -20.55
N LYS L 155 -56.59 65.69 -21.12
CA LYS L 155 -57.29 64.44 -21.32
C LYS L 155 -56.40 63.29 -20.89
N THR L 156 -57.01 62.27 -20.29
CA THR L 156 -56.30 61.12 -19.76
C THR L 156 -56.65 59.87 -20.56
N GLY L 157 -55.71 58.92 -20.58
CA GLY L 157 -55.87 57.71 -21.34
C GLY L 157 -55.27 57.81 -22.73
N ASN L 158 -55.10 56.64 -23.36
CA ASN L 158 -54.54 56.46 -24.70
C ASN L 158 -53.08 56.85 -24.79
N SER L 159 -52.42 57.18 -23.68
CA SER L 159 -51.01 57.56 -23.67
C SER L 159 -50.21 56.52 -22.91
N GLN L 160 -49.10 56.09 -23.50
CA GLN L 160 -48.20 55.09 -22.91
C GLN L 160 -46.81 55.68 -22.75
N GLU L 161 -46.20 55.44 -21.59
CA GLU L 161 -44.86 55.90 -21.28
C GLU L 161 -43.88 54.72 -21.34
N SER L 162 -42.77 54.93 -22.07
CA SER L 162 -41.69 53.96 -22.16
C SER L 162 -40.39 54.65 -21.78
N VAL L 163 -39.64 54.03 -20.87
CA VAL L 163 -38.46 54.65 -20.27
C VAL L 163 -37.27 53.70 -20.43
N THR L 164 -36.14 54.26 -20.86
CA THR L 164 -34.89 53.51 -20.90
C THR L 164 -34.28 53.43 -19.51
N GLU L 165 -33.35 52.50 -19.34
CA GLU L 165 -32.64 52.38 -18.07
C GLU L 165 -31.68 53.56 -17.90
N GLN L 166 -31.23 53.74 -16.66
CA GLN L 166 -30.27 54.81 -16.38
C GLN L 166 -29.01 54.61 -17.21
N ASP L 167 -28.67 55.64 -17.99
CA ASP L 167 -27.59 55.52 -18.95
C ASP L 167 -26.26 55.27 -18.25
N SER L 168 -25.47 54.37 -18.82
CA SER L 168 -24.22 53.95 -18.19
C SER L 168 -23.19 55.08 -18.17
N LYS L 169 -23.29 56.02 -19.10
CA LYS L 169 -22.31 57.09 -19.24
C LYS L 169 -22.71 58.33 -18.45
N ASP L 170 -23.82 58.99 -18.82
CA ASP L 170 -24.21 60.24 -18.20
C ASP L 170 -25.28 60.08 -17.11
N ASN L 171 -25.71 58.86 -16.80
CA ASN L 171 -26.59 58.60 -15.67
C ASN L 171 -27.91 59.37 -15.76
N THR L 172 -28.40 59.57 -16.98
CA THR L 172 -29.67 60.24 -17.23
C THR L 172 -30.68 59.25 -17.79
N TYR L 173 -31.95 59.66 -17.78
CA TYR L 173 -33.04 58.90 -18.36
C TYR L 173 -33.57 59.61 -19.59
N SER L 174 -34.19 58.82 -20.47
CA SER L 174 -34.96 59.33 -21.59
C SER L 174 -36.28 58.60 -21.63
N LEU L 175 -37.34 59.33 -21.98
CA LEU L 175 -38.70 58.83 -21.88
C LEU L 175 -39.47 59.20 -23.15
N SER L 176 -40.36 58.31 -23.57
CA SER L 176 -41.25 58.55 -24.69
C SER L 176 -42.69 58.36 -24.24
N SER L 177 -43.51 59.40 -24.39
CA SER L 177 -44.93 59.33 -24.15
C SER L 177 -45.63 59.33 -25.50
N THR L 178 -46.27 58.23 -25.85
CA THR L 178 -46.92 58.04 -27.14
C THR L 178 -48.43 58.04 -26.93
N LEU L 179 -49.11 58.99 -27.56
CA LEU L 179 -50.57 59.07 -27.55
C LEU L 179 -51.08 58.43 -28.83
N THR L 180 -51.75 57.29 -28.69
CA THR L 180 -52.23 56.51 -29.83
C THR L 180 -53.73 56.71 -29.96
N LEU L 181 -54.18 57.09 -31.16
CA LEU L 181 -55.58 57.36 -31.41
C LEU L 181 -55.97 56.81 -32.78
N SER L 182 -57.27 56.72 -33.01
CA SER L 182 -57.79 56.45 -34.34
C SER L 182 -57.69 57.70 -35.20
N SER L 183 -57.64 57.50 -36.52
CA SER L 183 -57.56 58.64 -37.43
C SER L 183 -58.77 59.55 -37.32
N THR L 184 -59.96 58.98 -37.11
CA THR L 184 -61.16 59.79 -36.93
C THR L 184 -61.02 60.70 -35.71
N GLU L 185 -60.65 60.12 -34.57
CA GLU L 185 -60.48 60.91 -33.35
C GLU L 185 -59.35 61.92 -33.53
N TYR L 186 -58.28 61.53 -34.23
CA TYR L 186 -57.17 62.45 -34.47
C TYR L 186 -57.63 63.67 -35.27
N GLN L 187 -58.42 63.44 -36.31
CA GLN L 187 -58.93 64.52 -37.14
C GLN L 187 -60.11 65.25 -36.51
N SER L 188 -60.64 64.75 -35.41
CA SER L 188 -61.70 65.44 -34.66
C SER L 188 -61.17 66.59 -33.82
N HIS L 189 -59.86 66.77 -33.73
CA HIS L 189 -59.26 67.86 -32.96
C HIS L 189 -58.15 68.50 -33.78
N LYS L 190 -57.69 69.67 -33.32
CA LYS L 190 -56.74 70.50 -34.07
C LYS L 190 -55.37 70.61 -33.40
N VAL L 191 -55.30 70.98 -32.12
CA VAL L 191 -54.04 71.17 -31.41
C VAL L 191 -53.80 69.99 -30.48
N TYR L 192 -52.57 69.48 -30.49
CA TYR L 192 -52.12 68.45 -29.57
C TYR L 192 -50.84 68.93 -28.89
N ALA L 193 -50.79 68.82 -27.56
CA ALA L 193 -49.68 69.35 -26.79
C ALA L 193 -49.27 68.34 -25.71
N CYS L 194 -47.96 68.21 -25.51
CA CYS L 194 -47.42 67.49 -24.36
C CYS L 194 -46.73 68.50 -23.45
N GLU L 195 -47.12 68.48 -22.17
CA GLU L 195 -46.60 69.38 -21.16
C GLU L 195 -45.76 68.57 -20.19
N VAL L 196 -44.54 69.04 -19.95
CA VAL L 196 -43.55 68.35 -19.14
C VAL L 196 -43.25 69.20 -17.92
N THR L 197 -43.34 68.60 -16.73
CA THR L 197 -42.91 69.21 -15.49
C THR L 197 -41.86 68.33 -14.84
N HIS L 198 -40.78 68.97 -14.39
CA HIS L 198 -39.59 68.29 -13.89
C HIS L 198 -38.89 69.20 -12.88
N GLN L 199 -37.97 68.61 -12.12
CA GLN L 199 -37.20 69.37 -11.15
C GLN L 199 -36.31 70.41 -11.83
N GLY L 200 -35.75 70.07 -13.00
CA GLY L 200 -34.83 70.95 -13.70
C GLY L 200 -35.47 72.04 -14.52
N LEU L 201 -36.80 72.11 -14.58
CA LEU L 201 -37.52 73.14 -15.32
C LEU L 201 -38.22 74.05 -14.31
N SER L 202 -37.88 75.34 -14.34
CA SER L 202 -38.51 76.28 -13.43
C SER L 202 -40.01 76.40 -13.70
N SER L 203 -40.39 76.37 -14.97
CA SER L 203 -41.78 76.39 -15.40
C SER L 203 -42.06 75.20 -16.31
N PRO L 204 -43.32 74.75 -16.41
CA PRO L 204 -43.62 73.62 -17.30
C PRO L 204 -43.29 73.96 -18.74
N VAL L 205 -42.81 72.96 -19.48
CA VAL L 205 -42.43 73.09 -20.87
C VAL L 205 -43.49 72.40 -21.72
N THR L 206 -44.21 73.18 -22.52
CA THR L 206 -45.27 72.67 -23.38
C THR L 206 -44.79 72.68 -24.82
N LYS L 207 -44.82 71.51 -25.47
CA LYS L 207 -44.54 71.39 -26.89
C LYS L 207 -45.81 70.93 -27.58
N SER L 208 -46.26 71.72 -28.56
CA SER L 208 -47.58 71.54 -29.15
C SER L 208 -47.52 71.77 -30.65
N PHE L 209 -48.52 71.25 -31.34
CA PHE L 209 -48.65 71.48 -32.78
C PHE L 209 -50.12 71.49 -33.16
N ASN L 210 -50.43 72.26 -34.19
CA ASN L 210 -51.75 72.29 -34.81
C ASN L 210 -51.71 71.45 -36.08
N ARG L 211 -52.75 70.66 -36.31
CA ARG L 211 -52.81 69.79 -37.48
C ARG L 211 -52.70 70.59 -38.78
C1 NAG M . 54.15 5.94 9.64
C2 NAG M . 55.33 5.60 10.54
C3 NAG M . 55.24 6.35 11.86
C4 NAG M . 55.02 7.84 11.62
C5 NAG M . 53.81 8.02 10.70
C6 NAG M . 53.51 9.47 10.38
C7 NAG M . 56.16 3.33 10.02
C8 NAG M . 56.09 1.89 10.43
N2 NAG M . 55.41 4.18 10.75
O3 NAG M . 56.40 6.09 12.60
O4 NAG M . 54.83 8.45 12.87
O5 NAG M . 54.04 7.33 9.49
O6 NAG M . 52.37 9.55 9.55
O7 NAG M . 56.87 3.69 9.08
C1 NAG M . 56.05 9.11 13.27
C2 NAG M . 55.69 10.39 14.02
C3 NAG M . 56.97 11.08 14.48
C4 NAG M . 57.83 10.12 15.29
C5 NAG M . 58.07 8.85 14.46
C6 NAG M . 58.88 7.80 15.19
C7 NAG M . 53.61 11.60 13.47
C8 NAG M . 52.98 12.55 12.47
N2 NAG M . 54.88 11.27 13.22
O3 NAG M . 56.61 12.22 15.23
O4 NAG M . 59.04 10.78 15.57
O5 NAG M . 56.82 8.28 14.09
O6 NAG M . 59.80 7.20 14.31
O7 NAG M . 52.97 11.19 14.43
C1 NAG N . 44.23 3.68 14.49
C2 NAG N . 43.04 4.62 14.25
C3 NAG N . 43.07 5.79 15.24
C4 NAG N . 43.12 5.24 16.65
C5 NAG N . 44.35 4.33 16.78
C6 NAG N . 44.50 3.70 18.15
C7 NAG N . 42.30 4.57 11.89
C8 NAG N . 42.46 5.22 10.54
N2 NAG N . 43.04 5.10 12.89
O3 NAG N . 41.92 6.57 15.02
O4 NAG N . 43.19 6.34 17.53
O5 NAG N . 44.26 3.28 15.83
O6 NAG N . 43.39 2.85 18.40
O7 NAG N . 41.55 3.62 12.05
C1 NAG N . 41.96 6.41 18.28
C2 NAG N . 42.23 7.06 19.63
C3 NAG N . 40.94 7.15 20.43
C4 NAG N . 39.85 7.83 19.61
C5 NAG N . 39.73 7.14 18.24
C6 NAG N . 38.70 7.77 17.32
C7 NAG N . 44.54 6.70 20.44
C8 NAG N . 45.41 5.77 21.26
N2 NAG N . 43.24 6.34 20.36
O3 NAG N . 41.21 7.84 21.62
O4 NAG N . 38.65 7.74 20.34
O5 NAG N . 40.99 7.17 17.60
O6 NAG N . 37.45 7.17 17.52
O7 NAG N . 45.01 7.69 19.90
C1 NAG O . 47.48 4.28 -36.62
C2 NAG O . 48.69 3.34 -36.44
C3 NAG O . 49.69 3.52 -37.57
C4 NAG O . 48.99 3.38 -38.91
C5 NAG O . 47.84 4.38 -38.97
C6 NAG O . 47.05 4.33 -40.27
C7 NAG O . 49.37 2.69 -34.15
C8 NAG O . 50.10 3.16 -32.92
N2 NAG O . 49.33 3.57 -35.16
O3 NAG O . 50.71 2.58 -37.39
O4 NAG O . 49.96 3.62 -39.91
O5 NAG O . 46.95 4.11 -37.91
O6 NAG O . 46.40 3.08 -40.39
O7 NAG O . 48.84 1.59 -34.18
C1 NAG O . 50.01 2.48 -40.80
C2 NAG O . 50.55 2.97 -42.15
C3 NAG O . 50.65 1.79 -43.11
C4 NAG O . 51.47 0.67 -42.48
C5 NAG O . 50.90 0.32 -41.10
C6 NAG O . 51.68 -0.76 -40.37
C7 NAG O . 49.94 5.32 -42.56
C8 NAG O . 48.91 6.22 -43.21
N2 NAG O . 49.71 4.00 -42.69
O3 NAG O . 51.21 2.25 -44.31
O4 NAG O . 51.43 -0.43 -43.36
O5 NAG O . 50.87 1.48 -40.30
O6 NAG O . 51.05 -1.05 -39.15
O7 NAG O . 50.89 5.79 -41.96
C1 NAG P . 17.37 -11.37 37.49
C2 NAG P . 16.15 -10.64 38.05
C3 NAG P . 16.27 -10.47 39.57
C4 NAG P . 16.57 -11.81 40.23
C5 NAG P . 17.83 -12.39 39.59
C6 NAG P . 18.26 -13.72 40.15
C7 NAG P . 15.33 -9.14 36.28
C8 NAG P . 15.30 -7.70 35.81
N2 NAG P . 16.02 -9.36 37.42
O3 NAG P . 15.05 -9.93 40.03
O4 NAG P . 16.74 -11.57 41.61
O5 NAG P . 17.61 -12.55 38.21
O6 NAG P . 17.85 -14.75 39.29
O7 NAG P . 14.75 -10.01 35.67
C1 NAG P . 15.63 -12.16 42.32
C2 NAG P . 16.13 -12.64 43.70
C3 NAG P . 14.97 -13.25 44.47
C4 NAG P . 13.79 -12.29 44.52
C5 NAG P . 13.44 -11.82 43.11
C6 NAG P . 12.32 -10.82 43.07
C7 NAG P . 18.52 -13.26 43.70
C8 NAG P . 19.48 -14.40 43.51
N2 NAG P . 17.21 -13.56 43.57
O3 NAG P . 15.44 -13.59 45.76
O4 NAG P . 12.71 -12.98 45.12
O5 NAG P . 14.58 -11.24 42.52
O6 NAG P . 12.40 -10.05 41.90
O7 NAG P . 18.92 -12.13 43.95
C1 NAG Q . 35.92 -30.21 12.00
C2 NAG Q . 34.68 -31.07 12.26
C3 NAG Q . 35.11 -32.53 12.47
C4 NAG Q . 35.95 -33.01 11.30
C5 NAG Q . 37.12 -32.04 11.08
C6 NAG Q . 37.98 -32.38 9.90
C7 NAG Q . 32.70 -30.09 13.36
C8 NAG Q . 32.14 -29.65 14.70
N2 NAG Q . 33.95 -30.60 13.40
O3 NAG Q . 33.94 -33.30 12.63
O4 NAG Q . 36.41 -34.31 11.64
O5 NAG Q . 36.61 -30.74 10.89
O6 NAG Q . 38.96 -31.38 9.71
O7 NAG Q . 32.05 -29.96 12.33
C1 NAG Q . 36.33 -35.18 10.49
C2 NAG Q . 37.37 -36.29 10.65
C3 NAG Q . 37.30 -37.24 9.46
C4 NAG Q . 35.88 -37.76 9.31
C5 NAG Q . 34.90 -36.58 9.22
C6 NAG Q . 33.46 -37.00 9.11
C7 NAG Q . 39.32 -35.50 11.95
C8 NAG Q . 40.70 -34.92 11.84
N2 NAG Q . 38.69 -35.74 10.78
O3 NAG Q . 38.22 -38.28 9.68
O4 NAG Q . 35.85 -38.55 8.14
O5 NAG Q . 35.05 -35.76 10.36
O6 NAG Q . 33.31 -37.92 8.06
O7 NAG Q . 38.82 -35.75 13.04
C1 NAG R . 58.10 -11.55 -2.58
C2 NAG R . 58.36 -12.08 -4.00
C3 NAG R . 59.36 -13.23 -3.97
C4 NAG R . 60.63 -12.78 -3.27
C5 NAG R . 60.25 -12.30 -1.86
C6 NAG R . 61.44 -11.82 -1.06
C7 NAG R . 56.77 -12.13 -5.88
C8 NAG R . 55.43 -12.68 -6.34
N2 NAG R . 57.14 -12.49 -4.64
O3 NAG R . 59.60 -13.64 -5.28
O4 NAG R . 61.53 -13.86 -3.24
O5 NAG R . 59.33 -11.24 -1.96
O6 NAG R . 62.18 -10.88 -1.81
O7 NAG R . 57.43 -11.40 -6.61
C1 NAG R . 62.69 -13.49 -4.00
C2 NAG R . 63.90 -14.26 -3.44
C3 NAG R . 65.14 -13.90 -4.24
C4 NAG R . 64.90 -14.13 -5.74
C5 NAG R . 63.63 -13.40 -6.17
C6 NAG R . 63.27 -13.60 -7.62
C7 NAG R . 63.81 -14.82 -1.04
C8 NAG R . 64.09 -14.29 0.35
N2 NAG R . 64.09 -13.97 -2.05
O3 NAG R . 66.21 -14.67 -3.76
O4 NAG R . 66.03 -13.67 -6.42
O5 NAG R . 62.54 -13.82 -5.37
O6 NAG R . 63.06 -12.36 -8.25
O7 NAG R . 63.36 -15.94 -1.21
C1 NAG S . 42.13 4.00 6.76
C2 NAG S . 42.22 4.04 5.22
C3 NAG S . 43.23 5.09 4.78
C4 NAG S . 42.89 6.43 5.42
C5 NAG S . 42.79 6.28 6.93
C6 NAG S . 42.43 7.54 7.67
C7 NAG S . 41.83 2.03 3.83
C8 NAG S . 42.43 0.71 3.42
N2 NAG S . 42.58 2.75 4.69
O3 NAG S . 43.23 5.15 3.39
O4 NAG S . 43.90 7.34 5.04
O5 NAG S . 41.82 5.29 7.24
O6 NAG S . 41.14 7.95 7.30
O7 NAG S . 40.75 2.40 3.40
C1 NAG S . 43.30 8.49 4.40
C2 NAG S . 44.26 9.68 4.55
C3 NAG S . 43.62 10.91 3.91
C4 NAG S . 43.26 10.60 2.45
C5 NAG S . 42.41 9.32 2.38
C6 NAG S . 42.09 8.89 0.97
C7 NAG S . 45.71 9.51 6.55
C8 NAG S . 45.82 9.86 8.01
N2 NAG S . 44.57 9.91 5.94
O3 NAG S . 44.53 11.97 4.01
O4 NAG S . 42.54 11.72 1.97
O5 NAG S . 43.09 8.27 3.03
O6 NAG S . 43.29 8.60 0.29
O7 NAG S . 46.60 8.91 5.96
C1 BMA S . 43.17 12.24 0.78
C2 BMA S . 42.12 13.06 0.04
C3 BMA S . 42.75 13.77 -1.18
C4 BMA S . 44.13 14.44 -0.92
C5 BMA S . 44.98 13.85 0.21
C6 BMA S . 45.75 14.90 1.00
O2 BMA S . 41.54 13.95 0.95
O3 BMA S . 41.79 14.67 -1.68
O4 BMA S . 44.81 14.31 -2.14
O5 BMA S . 44.30 13.00 1.13
O6 BMA S . 44.84 15.75 1.64
C1 MAN S . 41.63 14.36 -3.09
C2 MAN S . 40.89 15.52 -3.77
C3 MAN S . 39.47 15.62 -3.22
C4 MAN S . 38.74 14.30 -3.39
C5 MAN S . 39.57 13.18 -2.75
C6 MAN S . 38.99 11.81 -3.07
O2 MAN S . 40.87 15.20 -5.15
O3 MAN S . 38.82 16.67 -3.91
O4 MAN S . 37.48 14.43 -2.78
O5 MAN S . 40.89 13.18 -3.25
O6 MAN S . 39.81 10.84 -2.48
C1 MAN S . 41.55 16.22 -5.89
C2 MAN S . 40.95 16.25 -7.30
C3 MAN S . 41.25 14.95 -8.03
C4 MAN S . 42.76 14.67 -8.04
C5 MAN S . 43.27 14.71 -6.60
C6 MAN S . 44.78 14.58 -6.55
O2 MAN S . 41.51 17.36 -7.97
O3 MAN S . 40.74 15.05 -9.34
O4 MAN S . 42.94 13.41 -8.64
O5 MAN S . 42.93 15.93 -5.98
O6 MAN S . 45.35 15.71 -7.17
C1 NAG T . 56.28 7.95 -24.26
C2 NAG T . 57.34 8.86 -23.64
C3 NAG T . 57.05 10.31 -24.03
C4 NAG T . 56.96 10.44 -25.55
C5 NAG T . 55.95 9.41 -26.09
C6 NAG T . 55.84 9.39 -27.60
C7 NAG T . 58.28 7.96 -21.55
C8 NAG T . 58.11 7.90 -20.05
N2 NAG T . 57.36 8.69 -22.21
O3 NAG T . 58.06 11.12 -23.49
O4 NAG T . 56.57 11.76 -25.84
O5 NAG T . 56.31 8.11 -25.66
O6 NAG T . 56.41 8.21 -28.09
O7 NAG T . 59.19 7.36 -22.11
C1 NAG T . 57.62 12.42 -26.58
C2 NAG T . 56.97 13.41 -27.56
C3 NAG T . 58.05 14.15 -28.33
C4 NAG T . 59.01 14.82 -27.36
C5 NAG T . 59.56 13.76 -26.40
C6 NAG T . 60.52 14.32 -25.36
C7 NAG T . 54.73 12.86 -28.47
C8 NAG T . 54.01 12.05 -29.51
N2 NAG T . 56.07 12.73 -28.46
O3 NAG T . 57.43 15.09 -29.17
O4 NAG T . 60.05 15.39 -28.12
O5 NAG T . 58.49 13.13 -25.73
O6 NAG T . 61.15 13.28 -24.67
O7 NAG T . 54.12 13.57 -27.68
C1 NAG U . 59.57 3.35 4.08
C2 NAG U . 59.40 4.84 3.80
C3 NAG U . 60.53 5.35 2.91
C4 NAG U . 61.86 4.99 3.56
C5 NAG U . 61.92 3.48 3.82
C6 NAG U . 63.20 3.01 4.47
C7 NAG U . 57.03 5.49 3.87
C8 NAG U . 55.79 5.67 3.03
N2 NAG U . 58.11 5.08 3.20
O3 NAG U . 60.38 6.73 2.74
O4 NAG U . 62.88 5.40 2.67
O5 NAG U . 60.83 3.12 4.66
O6 NAG U . 63.12 1.62 4.71
O7 NAG U . 57.01 5.72 5.07
C1 NAG U . 63.40 6.66 3.15
C2 NAG U . 64.77 6.90 2.49
C3 NAG U . 65.33 8.22 2.97
C4 NAG U . 64.32 9.35 2.74
C5 NAG U . 62.97 8.95 3.36
C6 NAG U . 61.88 9.98 3.15
C7 NAG U . 65.80 4.71 2.04
C8 NAG U . 66.79 3.69 2.55
N2 NAG U . 65.65 5.80 2.79
O3 NAG U . 66.53 8.46 2.27
O4 NAG U . 64.84 10.51 3.34
O5 NAG U . 62.54 7.72 2.81
O6 NAG U . 61.60 10.65 4.35
O7 NAG U . 65.18 4.52 1.00
C1 NAG V . 57.39 -17.86 -1.67
C2 NAG V . 57.07 -16.64 -2.52
C3 NAG V . 57.88 -16.89 -3.78
C4 NAG V . 59.36 -17.19 -3.46
C5 NAG V . 59.60 -17.98 -2.15
C6 NAG V . 61.00 -17.84 -1.60
C7 NAG V . 55.04 -15.31 -2.95
C8 NAG V . 53.56 -15.39 -3.25
N2 NAG V . 55.66 -16.50 -2.81
O3 NAG V . 57.75 -15.76 -4.61
O4 NAG V . 59.81 -17.99 -4.52
O5 NAG V . 58.67 -17.64 -1.14
O6 NAG V . 60.98 -17.02 -0.46
O7 NAG V . 55.61 -14.23 -2.84
C1 NAG V . 60.43 -17.22 -5.56
C2 NAG V . 61.59 -18.06 -6.10
C3 NAG V . 62.27 -17.33 -7.26
C4 NAG V . 61.23 -16.99 -8.32
C5 NAG V . 60.08 -16.19 -7.68
C6 NAG V . 58.97 -15.86 -8.64
C7 NAG V . 62.69 -19.58 -4.50
C8 NAG V . 63.74 -19.66 -3.42
N2 NAG V . 62.54 -18.36 -5.06
O3 NAG V . 63.28 -18.14 -7.77
O4 NAG V . 61.88 -16.23 -9.31
O5 NAG V . 59.53 -16.94 -6.60
O6 NAG V . 58.40 -17.04 -9.14
O7 NAG V . 62.04 -20.56 -4.82
C1 NAG W . 5.21 -40.88 -34.21
C2 NAG W . 4.48 -41.90 -35.09
C3 NAG W . 3.97 -43.05 -34.23
C4 NAG W . 5.11 -43.64 -33.42
C5 NAG W . 5.76 -42.53 -32.60
C6 NAG W . 6.93 -42.98 -31.75
C7 NAG W . 3.49 -40.84 -37.08
C8 NAG W . 2.23 -40.20 -37.63
N2 NAG W . 3.40 -41.27 -35.81
O3 NAG W . 3.38 -44.01 -35.09
O4 NAG W . 4.57 -44.65 -32.60
O5 NAG W . 6.22 -41.52 -33.46
O6 NAG W . 7.97 -43.42 -32.58
O7 NAG W . 4.50 -40.94 -37.76
C1 NAG W . 5.32 -45.87 -32.83
C2 NAG W . 5.20 -46.76 -31.59
C3 NAG W . 5.95 -48.06 -31.82
C4 NAG W . 5.49 -48.72 -33.12
C5 NAG W . 5.59 -47.71 -34.27
C6 NAG W . 5.11 -48.26 -35.60
C7 NAG W . 4.93 -45.33 -29.59
C8 NAG W . 5.67 -44.69 -28.44
N2 NAG W . 5.69 -46.06 -30.43
O3 NAG W . 5.75 -48.89 -30.71
O4 NAG W . 6.32 -49.84 -33.33
O5 NAG W . 4.82 -46.57 -33.95
O6 NAG W . 3.76 -48.66 -35.48
O7 NAG W . 3.72 -45.19 -29.73
C1 NAG X . -1.04 -36.65 -25.97
C2 NAG X . -0.26 -36.41 -24.68
C3 NAG X . -0.17 -37.69 -23.86
C4 NAG X . -1.58 -38.22 -23.63
C5 NAG X . -2.25 -38.46 -24.98
C6 NAG X . -3.66 -38.99 -24.88
C7 NAG X . 1.39 -34.60 -24.91
C8 NAG X . 2.83 -34.27 -25.27
N2 NAG X . 1.05 -35.90 -24.97
O3 NAG X . 0.50 -37.41 -22.66
O4 NAG X . -1.47 -39.41 -22.87
O5 NAG X . -2.29 -37.23 -25.69
O6 NAG X . -4.46 -38.07 -24.16
O7 NAG X . 0.61 -33.71 -24.60
C1 NAG X . -2.04 -39.18 -21.57
C2 NAG X . -2.51 -40.51 -20.99
C3 NAG X . -3.11 -40.27 -19.61
C4 NAG X . -2.14 -39.50 -18.72
C5 NAG X . -1.66 -38.25 -19.45
C6 NAG X . -0.64 -37.43 -18.68
C7 NAG X . -3.16 -42.12 -22.74
C8 NAG X . -4.31 -42.63 -23.57
N2 NAG X . -3.46 -41.14 -21.87
O3 NAG X . -3.45 -41.52 -19.06
O4 NAG X . -2.82 -39.19 -17.53
O5 NAG X . -1.09 -38.62 -20.70
O6 NAG X . -1.30 -36.60 -17.76
O7 NAG X . -2.03 -42.58 -22.89
C1 NAG Y . 36.54 -8.13 -46.29
C2 NAG Y . 35.94 -8.49 -47.65
C3 NAG Y . 37.02 -8.50 -48.73
C4 NAG Y . 37.77 -7.18 -48.71
C5 NAG Y . 38.34 -6.96 -47.31
C6 NAG Y . 39.15 -5.69 -47.15
C7 NAG Y . 33.97 -9.98 -47.70
C8 NAG Y . 33.55 -11.43 -47.62
N2 NAG Y . 35.30 -9.78 -47.59
O3 NAG Y . 36.41 -8.73 -49.96
O4 NAG Y . 38.78 -7.25 -49.69
O5 NAG Y . 37.28 -6.92 -46.39
O6 NAG Y . 38.29 -4.57 -47.25
O7 NAG Y . 33.15 -9.09 -47.85
C1 NAG Y . 38.66 -6.13 -50.58
C2 NAG Y . 40.02 -5.89 -51.24
C3 NAG Y . 39.91 -4.72 -52.22
C4 NAG Y . 38.78 -4.97 -53.21
C5 NAG Y . 37.49 -5.27 -52.44
C6 NAG Y . 36.30 -5.57 -53.33
C7 NAG Y . 41.82 -6.59 -49.71
C8 NAG Y . 42.80 -6.10 -48.67
N2 NAG Y . 41.02 -5.64 -50.25
O3 NAG Y . 41.14 -4.58 -52.87
O4 NAG Y . 38.65 -3.81 -53.99
O5 NAG Y . 37.70 -6.38 -51.59
O6 NAG Y . 35.16 -5.83 -52.55
O7 NAG Y . 41.75 -7.76 -50.01
C1 NAG Z . -31.02 -25.38 -4.79
C2 NAG Z . -30.55 -25.43 -3.32
C3 NAG Z . -31.14 -26.64 -2.57
C4 NAG Z . -32.64 -26.75 -2.79
C5 NAG Z . -32.88 -26.86 -4.29
C6 NAG Z . -34.34 -26.98 -4.65
C7 NAG Z . -28.41 -25.22 -2.12
C8 NAG Z . -26.92 -25.44 -2.24
N2 NAG Z . -29.13 -25.54 -3.21
O3 NAG Z . -30.83 -26.51 -1.22
O4 NAG Z . -33.09 -27.90 -2.10
O5 NAG Z . -32.38 -25.69 -4.91
O6 NAG Z . -34.59 -26.26 -5.83
O7 NAG Z . -28.90 -24.77 -1.09
C1 NAG Z . -34.16 -27.51 -1.21
C2 NAG Z . -35.22 -28.61 -1.20
C3 NAG Z . -36.35 -28.23 -0.25
C4 NAG Z . -35.78 -27.95 1.13
C5 NAG Z . -34.68 -26.89 1.03
C6 NAG Z . -34.01 -26.57 2.34
C7 NAG Z . -35.69 -30.03 -3.19
C8 NAG Z . -36.31 -30.03 -4.56
N2 NAG Z . -35.75 -28.86 -2.52
O3 NAG Z . -37.29 -29.28 -0.23
O4 NAG Z . -36.84 -27.53 1.95
O5 NAG Z . -33.69 -27.33 0.11
O6 NAG Z . -33.10 -27.60 2.68
O7 NAG Z . -35.17 -31.03 -2.73
C1 NAG AA . -23.19 -11.68 -36.69
C2 NAG AA . -24.10 -10.69 -35.96
C3 NAG AA . -25.32 -10.37 -36.83
C4 NAG AA . -24.86 -9.91 -38.21
C5 NAG AA . -23.94 -10.96 -38.82
C6 NAG AA . -23.40 -10.61 -40.19
C7 NAG AA . -24.31 -10.62 -33.50
C8 NAG AA . -24.84 -11.36 -32.30
N2 NAG AA . -24.52 -11.21 -34.69
O3 NAG AA . -26.07 -9.38 -36.17
O4 NAG AA . -26.03 -9.72 -38.98
O5 NAG AA . -22.84 -11.14 -37.95
O6 NAG AA . -22.76 -9.36 -40.14
O7 NAG AA . -23.71 -9.55 -33.36
C1 NAG AA . -25.88 -8.53 -39.78
C2 NAG AA . -26.82 -8.65 -40.98
C3 NAG AA . -26.72 -7.39 -41.83
C4 NAG AA . -26.97 -6.15 -40.96
C5 NAG AA . -26.04 -6.18 -39.74
C6 NAG AA . -26.24 -5.02 -38.79
C7 NAG AA . -27.05 -11.03 -41.57
C8 NAG AA . -26.56 -12.12 -42.51
N2 NAG AA . -26.49 -9.82 -41.75
O3 NAG AA . -27.64 -7.48 -42.87
O4 NAG AA . -26.73 -5.02 -41.77
O5 NAG AA . -26.23 -7.38 -39.04
O6 NAG AA . -26.11 -3.80 -39.49
O7 NAG AA . -27.90 -11.26 -40.72
C1 NAG BA . 2.50 -26.59 -50.19
C2 NAG BA . 3.10 -25.57 -51.17
C3 NAG BA . 2.35 -25.59 -52.49
C4 NAG BA . 2.33 -27.02 -53.04
C5 NAG BA . 1.67 -27.91 -51.99
C6 NAG BA . 1.55 -29.36 -52.43
C7 NAG BA . 4.16 -23.41 -50.60
C8 NAG BA . 3.91 -22.07 -49.95
N2 NAG BA . 3.10 -24.24 -50.62
O3 NAG BA . 2.99 -24.71 -53.37
O4 NAG BA . 1.63 -27.00 -54.26
O5 NAG BA . 2.43 -27.86 -50.80
O6 NAG BA . 2.80 -29.81 -52.90
O7 NAG BA . 5.25 -23.70 -51.06
C1 NAG BA . 2.54 -27.46 -55.29
C2 NAG BA . 1.72 -28.07 -56.44
C3 NAG BA . 2.68 -28.56 -57.53
C4 NAG BA . 3.62 -27.45 -57.94
C5 NAG BA . 4.30 -26.85 -56.70
C6 NAG BA . 5.24 -25.70 -57.01
C7 NAG BA . -0.46 -29.18 -56.04
C8 NAG BA . -1.10 -30.42 -55.48
N2 NAG BA . 0.89 -29.14 -55.97
O3 NAG BA . 1.91 -29.03 -58.60
O4 NAG BA . 4.57 -28.01 -58.83
O5 NAG BA . 3.31 -26.40 -55.81
O6 NAG BA . 6.50 -26.20 -57.36
O7 NAG BA . -1.13 -28.28 -56.54
C1 NAG CA . 4.67 -30.90 -26.67
C2 NAG CA . 5.81 -30.09 -27.29
C3 NAG CA . 6.92 -31.01 -27.73
C4 NAG CA . 7.37 -31.89 -26.57
C5 NAG CA . 6.14 -32.63 -26.02
C6 NAG CA . 6.45 -33.54 -24.84
C7 NAG CA . 5.33 -27.95 -28.46
C8 NAG CA . 4.80 -27.36 -29.74
N2 NAG CA . 5.34 -29.30 -28.41
O3 NAG CA . 7.98 -30.22 -28.22
O4 NAG CA . 8.34 -32.79 -27.07
O5 NAG CA . 5.17 -31.68 -25.62
O6 NAG CA . 6.86 -32.76 -23.75
O7 NAG CA . 5.73 -27.23 -27.54
C1 NAG CA . 9.52 -32.69 -26.26
C2 NAG CA . 10.35 -33.96 -26.44
C3 NAG CA . 11.60 -33.88 -25.57
C4 NAG CA . 12.37 -32.61 -25.90
C5 NAG CA . 11.44 -31.40 -25.80
C6 NAG CA . 12.11 -30.09 -26.19
C7 NAG CA . 8.98 -35.93 -27.04
C8 NAG CA . 8.19 -37.09 -26.48
N2 NAG CA . 9.56 -35.12 -26.13
O3 NAG CA . 12.37 -35.04 -25.80
O4 NAG CA . 13.44 -32.52 -24.99
O5 NAG CA . 10.32 -31.58 -26.63
O6 NAG CA . 12.50 -30.15 -27.55
O7 NAG CA . 9.06 -35.74 -28.25
C1 BMA CA . 14.69 -32.38 -25.69
C2 BMA CA . 15.71 -31.88 -24.69
C3 BMA CA . 17.12 -31.84 -25.33
C4 BMA CA . 17.51 -33.11 -26.11
C5 BMA CA . 16.35 -33.89 -26.77
C6 BMA CA . 16.57 -35.40 -26.79
O2 BMA CA . 15.66 -32.69 -23.54
O3 BMA CA . 18.04 -31.51 -24.31
O4 BMA CA . 18.40 -32.66 -27.10
O5 BMA CA . 15.06 -33.62 -26.26
O6 BMA CA . 16.53 -35.87 -25.46
C1 MAN CA . 18.81 -30.39 -24.81
C2 MAN CA . 20.08 -30.23 -23.96
C3 MAN CA . 19.73 -29.85 -22.53
C4 MAN CA . 18.89 -28.58 -22.52
C5 MAN CA . 17.67 -28.77 -23.43
C6 MAN CA . 16.89 -27.48 -23.61
O2 MAN CA . 20.85 -29.23 -24.58
O3 MAN CA . 20.94 -29.68 -21.83
O4 MAN CA . 18.51 -28.34 -21.19
O5 MAN CA . 18.07 -29.20 -24.72
O6 MAN CA . 15.90 -27.67 -24.59
C1 MAN CA . 22.14 -29.76 -24.95
C2 MAN CA . 23.13 -28.60 -24.93
C3 MAN CA . 22.81 -27.60 -26.04
C4 MAN CA . 22.76 -28.31 -27.38
C5 MAN CA . 21.75 -29.47 -27.30
C6 MAN CA . 21.74 -30.29 -28.56
O2 MAN CA . 24.42 -29.15 -25.08
O3 MAN CA . 23.80 -26.59 -26.01
O4 MAN CA . 22.37 -27.35 -28.34
O5 MAN CA . 22.10 -30.33 -26.23
O6 MAN CA . 22.99 -30.94 -28.69
C1 NAG DA . 31.29 -22.97 -46.92
C2 NAG DA . 31.61 -24.46 -47.05
C3 NAG DA . 32.90 -24.77 -46.29
C4 NAG DA . 34.02 -23.86 -46.79
C5 NAG DA . 33.58 -22.41 -46.67
C6 NAG DA . 34.60 -21.40 -47.19
C7 NAG DA . 29.56 -25.78 -47.36
C8 NAG DA . 28.49 -26.56 -46.64
N2 NAG DA . 30.51 -25.24 -46.56
O3 NAG DA . 33.20 -26.13 -46.50
O4 NAG DA . 35.15 -24.13 -45.99
O5 NAG DA . 32.38 -22.21 -47.41
O6 NAG DA . 34.19 -20.92 -48.45
O7 NAG DA . 29.54 -25.65 -48.57
C1 NAG DA . 36.21 -24.66 -46.81
C2 NAG DA . 37.54 -24.21 -46.20
C3 NAG DA . 38.70 -24.79 -47.02
C4 NAG DA . 38.55 -26.30 -47.14
C5 NAG DA . 37.16 -26.63 -47.70
C6 NAG DA . 36.89 -28.11 -47.83
C7 NAG DA . 37.46 -22.05 -45.01
C8 NAG DA . 37.59 -20.56 -45.19
N2 NAG DA . 37.63 -22.78 -46.13
O3 NAG DA . 39.90 -24.43 -46.40
O4 NAG DA . 39.57 -26.76 -47.99
O5 NAG DA . 36.17 -26.06 -46.86
O6 NAG DA . 35.69 -28.32 -48.53
O7 NAG DA . 37.20 -22.54 -43.92
C1 NAG EA . 7.91 -39.48 -41.78
C2 NAG EA . 9.10 -40.07 -41.03
C3 NAG EA . 10.20 -40.44 -42.03
C4 NAG EA . 9.62 -41.35 -43.09
C5 NAG EA . 8.41 -40.68 -43.74
C6 NAG EA . 7.75 -41.51 -44.82
C7 NAG EA . 9.22 -39.18 -38.74
C8 NAG EA . 9.81 -38.10 -37.87
N2 NAG EA . 9.56 -39.14 -40.04
O3 NAG EA . 11.26 -41.05 -41.31
O4 NAG EA . 10.64 -41.62 -44.03
O5 NAG EA . 7.46 -40.41 -42.74
O6 NAG EA . 6.46 -41.00 -45.08
O7 NAG EA . 8.47 -40.03 -38.26
C1 NAG EA . 11.22 -42.89 -43.70
C2 NAG EA . 12.03 -43.40 -44.91
C3 NAG EA . 12.67 -44.74 -44.56
C4 NAG EA . 13.47 -44.64 -43.26
C5 NAG EA . 12.59 -44.03 -42.15
C6 NAG EA . 13.30 -43.82 -40.83
C7 NAG EA . 11.01 -42.54 -46.98
C8 NAG EA . 10.08 -42.89 -48.12
N2 NAG EA . 11.18 -43.51 -46.07
O3 NAG EA . 13.48 -45.13 -45.64
O4 NAG EA . 13.90 -45.93 -42.92
O5 NAG EA . 12.10 -42.78 -42.60
O6 NAG EA . 12.87 -44.78 -39.90
O7 NAG EA . 11.57 -41.46 -46.92
C1 NAG FA . -2.64 -24.67 -51.55
C2 NAG FA . -1.26 -24.01 -51.43
C3 NAG FA . -0.93 -23.19 -52.68
C4 NAG FA . -1.11 -24.03 -53.94
C5 NAG FA . -2.53 -24.59 -53.94
C6 NAG FA . -2.85 -25.47 -55.13
C7 NAG FA . -0.23 -23.19 -49.34
C8 NAG FA . -0.39 -22.20 -48.20
N2 NAG FA . -1.20 -23.16 -50.27
O3 NAG FA . 0.39 -22.73 -52.55
O4 NAG FA . -0.88 -23.19 -55.05
O5 NAG FA . -2.73 -25.36 -52.77
O6 NAG FA . -1.91 -26.51 -55.19
O7 NAG FA . 0.73 -23.96 -49.38
C1 NAG FA . 0.39 -23.52 -55.67
C2 NAG FA . 0.17 -23.67 -57.19
C3 NAG FA . 1.50 -23.88 -57.90
C4 NAG FA . 2.45 -22.75 -57.54
C5 NAG FA . 2.60 -22.71 -56.02
C6 NAG FA . 3.55 -21.64 -55.53
C7 NAG FA . -1.62 -24.75 -58.49
C8 NAG FA . -2.44 -26.02 -58.63
N2 NAG FA . -0.72 -24.77 -57.49
O3 NAG FA . 1.25 -23.95 -59.28
O4 NAG FA . 3.68 -23.01 -58.19
O5 NAG FA . 1.33 -22.50 -55.43
O6 NAG FA . 3.65 -21.70 -54.13
O7 NAG FA . -1.79 -23.80 -59.24
C1 NAG GA . -4.03 36.52 -34.35
C2 NAG GA . -4.37 38.01 -34.54
C3 NAG GA . -5.88 38.25 -34.40
C4 NAG GA . -6.65 37.29 -35.30
C5 NAG GA . -6.20 35.85 -35.02
C6 NAG GA . -6.89 34.81 -35.88
C7 NAG GA . -2.50 39.47 -33.85
C8 NAG GA . -1.92 40.25 -32.70
N2 NAG GA . -3.65 38.82 -33.59
O3 NAG GA . -6.13 39.59 -34.71
O4 NAG GA . -8.02 37.47 -35.03
O5 NAG GA . -4.81 35.75 -35.22
O6 NAG GA . -6.48 33.53 -35.48
O7 NAG GA . -1.94 39.44 -34.94
C1 NAG GA . -8.61 38.29 -36.07
C2 NAG GA . -10.02 37.75 -36.36
C3 NAG GA . -10.68 38.62 -37.42
C4 NAG GA . -10.65 40.08 -37.01
C5 NAG GA . -9.21 40.49 -36.68
C6 NAG GA . -9.08 41.92 -36.21
C7 NAG GA . -10.58 35.36 -36.09
C8 NAG GA . -10.41 34.00 -36.71
N2 NAG GA . -10.00 36.37 -36.75
O3 NAG GA . -11.99 38.15 -37.62
O4 NAG GA . -11.17 40.83 -38.08
O5 NAG GA . -8.70 39.63 -35.68
O6 NAG GA . -7.97 42.53 -36.80
O7 NAG GA . -11.19 35.51 -35.04
C1 NAG HA . -7.43 32.53 -24.36
C2 NAG HA . -7.94 31.09 -24.30
C3 NAG HA . -9.41 31.02 -24.69
C4 NAG HA . -10.20 31.97 -23.80
C5 NAG HA . -9.63 33.38 -23.95
C6 NAG HA . -10.33 34.42 -23.10
C7 NAG HA . -6.12 29.48 -24.73
C8 NAG HA . -5.42 28.69 -25.81
N2 NAG HA . -7.14 30.25 -25.15
O3 NAG HA . -9.84 29.69 -24.54
O4 NAG HA . -11.56 31.90 -24.20
O5 NAG HA . -8.27 33.36 -23.58
O6 NAG HA . -10.17 34.11 -21.74
O7 NAG HA . -5.77 29.41 -23.56
C1 NAG HA . -12.31 31.26 -23.14
C2 NAG HA . -13.75 31.77 -23.20
C3 NAG HA . -14.57 31.11 -22.10
C4 NAG HA . -14.43 29.58 -22.18
C5 NAG HA . -12.94 29.21 -22.22
C6 NAG HA . -12.69 27.72 -22.35
C7 NAG HA . -13.96 34.07 -24.10
C8 NAG HA . -13.96 35.53 -23.73
N2 NAG HA . -13.79 33.21 -23.08
O3 NAG HA . -15.90 31.52 -22.23
O4 NAG HA . -15.07 29.05 -21.05
O5 NAG HA . -12.33 29.86 -23.30
O6 NAG HA . -12.67 27.12 -21.07
O7 NAG HA . -14.10 33.71 -25.26
C1 NAG IA . 32.99 11.54 -47.71
C2 NAG IA . 33.49 12.99 -47.76
C3 NAG IA . 34.41 13.20 -48.96
C4 NAG IA . 35.52 12.15 -48.96
C5 NAG IA . 34.88 10.77 -48.93
C6 NAG IA . 35.87 9.62 -48.93
C7 NAG IA . 32.11 14.85 -46.88
C8 NAG IA . 30.93 15.72 -47.20
N2 NAG IA . 32.40 13.93 -47.82
O3 NAG IA . 34.92 14.50 -48.91
O4 NAG IA . 36.28 12.35 -50.13
O5 NAG IA . 34.08 10.65 -47.77
O6 NAG IA . 36.75 9.76 -47.83
O7 NAG IA . 32.74 14.97 -45.84
C1 NAG IA . 37.68 12.33 -49.78
C2 NAG IA . 38.48 11.97 -51.03
C3 NAG IA . 39.97 11.99 -50.72
C4 NAG IA . 40.35 13.33 -50.11
C5 NAG IA . 39.45 13.61 -48.90
C6 NAG IA . 39.73 14.94 -48.23
C7 NAG IA . 37.11 10.49 -52.47
C8 NAG IA . 36.84 9.06 -52.84
N2 NAG IA . 38.07 10.68 -51.54
O3 NAG IA . 40.67 11.73 -51.91
O4 NAG IA . 41.71 13.24 -49.74
O5 NAG IA . 38.10 13.59 -49.32
O6 NAG IA . 39.34 15.99 -49.08
O7 NAG IA . 36.50 11.41 -53.00
C1 NAG JA . -18.86 29.82 12.14
C2 NAG JA . -19.97 28.77 12.34
C3 NAG JA . -21.28 29.45 12.68
C4 NAG JA . -21.10 30.37 13.88
C5 NAG JA . -19.95 31.35 13.59
C6 NAG JA . -19.66 32.29 14.73
C7 NAG JA . -19.95 26.61 11.15
C8 NAG JA . -20.15 25.94 9.81
N2 NAG JA . -20.11 27.95 11.17
O3 NAG JA . -22.23 28.44 12.93
O4 NAG JA . -22.33 31.03 14.11
O5 NAG JA . -18.78 30.62 13.29
O6 NAG JA . -18.28 32.57 14.78
O7 NAG JA . -19.66 25.95 12.14
C1 NAG JA . -22.68 30.85 15.50
C2 NAG JA . -23.46 32.09 15.97
C3 NAG JA . -23.86 31.93 17.42
C4 NAG JA . -24.61 30.61 17.62
C5 NAG JA . -23.78 29.46 17.04
C6 NAG JA . -24.46 28.11 17.15
C7 NAG JA . -22.98 34.29 14.93
C8 NAG JA . -22.01 35.45 14.92
N2 NAG JA . -22.67 33.29 15.78
O3 NAG JA . -24.63 33.03 17.79
O4 NAG JA . -24.82 30.46 19.00
O5 NAG JA . -23.50 29.72 15.68
O6 NAG JA . -24.46 27.47 15.89
O7 NAG JA . -23.98 34.30 14.22
C1 NAG KA . 14.08 41.28 1.89
C2 NAG KA . 14.31 40.81 3.33
C3 NAG KA . 14.97 41.92 4.14
C4 NAG KA . 16.24 42.39 3.44
C5 NAG KA . 15.90 42.79 2.00
C6 NAG KA . 17.09 43.25 1.19
C7 NAG KA . 12.80 39.19 4.45
C8 NAG KA . 11.42 39.03 5.05
N2 NAG KA . 13.07 40.42 3.95
O3 NAG KA . 15.23 41.43 5.43
O4 NAG KA . 16.76 43.47 4.17
O5 NAG KA . 15.31 41.69 1.34
O6 NAG KA . 18.09 42.24 1.20
O7 NAG KA . 13.60 38.27 4.43
C1 NAG KA . 18.18 43.31 4.30
C2 NAG KA . 18.78 44.71 4.54
C3 NAG KA . 20.30 44.58 4.72
C4 NAG KA . 20.61 43.58 5.82
C5 NAG KA . 19.91 42.25 5.52
C6 NAG KA . 20.12 41.20 6.58
C7 NAG KA . 17.39 46.39 3.41
C8 NAG KA . 17.24 47.23 2.16
N2 NAG KA . 18.46 45.58 3.45
O3 NAG KA . 20.80 45.86 5.01
O4 NAG KA . 22.01 43.43 5.85
O5 NAG KA . 18.51 42.47 5.38
O6 NAG KA . 21.50 41.06 6.85
O7 NAG KA . 16.56 46.45 4.31
C1 NAG LA . 16.58 42.51 -30.57
C2 NAG LA . 18.07 42.35 -30.93
C3 NAG LA . 18.80 43.68 -30.80
C4 NAG LA . 18.09 44.73 -31.65
C5 NAG LA . 16.63 44.81 -31.17
C6 NAG LA . 15.82 45.84 -31.92
C7 NAG LA . 19.46 40.34 -30.60
C8 NAG LA . 20.02 39.40 -29.56
N2 NAG LA . 18.70 41.35 -30.12
O3 NAG LA . 20.14 43.50 -31.19
O4 NAG LA . 18.78 45.94 -31.49
O5 NAG LA . 16.03 43.55 -31.32
O6 NAG LA . 15.99 45.66 -33.31
O7 NAG LA . 19.70 40.18 -31.78
C1 NAG LA . 19.29 46.34 -32.78
C2 NAG LA . 19.40 47.87 -32.81
C3 NAG LA . 19.97 48.32 -34.16
C4 NAG LA . 21.28 47.60 -34.44
C5 NAG LA . 21.07 46.08 -34.31
C6 NAG LA . 22.32 45.28 -34.54
C7 NAG LA . 17.78 49.16 -31.45
C8 NAG LA . 16.38 49.70 -31.43
N2 NAG LA . 18.12 48.48 -32.57
O3 NAG LA . 20.12 49.71 -34.12
O4 NAG LA . 21.69 47.96 -35.74
O5 NAG LA . 20.57 45.79 -33.03
O6 NAG LA . 22.05 44.19 -35.39
O7 NAG LA . 18.54 49.32 -30.50
C1 NAG MA . -1.68 27.32 -26.36
C2 NAG MA . -0.48 26.65 -27.05
C3 NAG MA . -0.67 26.69 -28.56
C4 NAG MA . -2.01 26.06 -28.94
C5 NAG MA . -3.12 26.78 -28.17
C6 NAG MA . -4.51 26.24 -28.44
C7 NAG MA . 1.76 26.71 -26.01
C8 NAG MA . 2.95 27.59 -25.73
N2 NAG MA . 0.75 27.30 -26.68
O3 NAG MA . 0.41 26.01 -29.15
O4 NAG MA . -2.16 26.20 -30.34
O5 NAG MA . -2.87 26.68 -26.79
O6 NAG MA . -4.60 24.92 -27.95
O7 NAG MA . 1.74 25.55 -25.63
C1 NAG MA . -2.39 24.91 -30.93
C2 NAG MA . -3.15 25.13 -32.24
C3 NAG MA . -3.47 23.76 -32.86
C4 NAG MA . -2.17 22.97 -33.04
C5 NAG MA . -1.40 22.92 -31.71
C6 NAG MA . -0.07 22.23 -31.82
C7 NAG MA . -4.49 27.20 -32.29
C8 NAG MA . -5.84 27.80 -31.98
N2 NAG MA . -4.36 25.88 -32.03
O3 NAG MA . -4.13 23.96 -34.08
O4 NAG MA . -2.52 21.68 -33.48
O5 NAG MA . -1.20 24.24 -31.23
O6 NAG MA . 0.93 22.99 -31.18
O7 NAG MA . -3.59 27.89 -32.74
C1 BMA MA . -1.85 21.39 -34.73
C2 BMA MA . -1.85 19.88 -34.90
C3 BMA MA . -1.28 19.50 -36.28
C4 BMA MA . -1.76 20.36 -37.47
C5 BMA MA . -2.25 21.77 -37.16
C6 BMA MA . -3.45 22.21 -37.98
O2 BMA MA . -3.16 19.41 -34.71
O3 BMA MA . -1.49 18.12 -36.46
O4 BMA MA . -0.65 20.42 -38.33
O5 BMA MA . -2.52 22.05 -35.78
O6 BMA MA . -4.54 21.37 -37.68
C1 MAN MA . -0.21 17.52 -36.73
C2 MAN MA . -0.41 16.13 -37.34
C3 MAN MA . -1.08 15.20 -36.32
C4 MAN MA . -0.24 15.14 -35.06
C5 MAN MA . -0.01 16.56 -34.52
C6 MAN MA . 0.98 16.56 -33.38
O2 MAN MA . 0.86 15.67 -37.69
O3 MAN MA . -1.22 13.94 -36.93
O4 MAN MA . -0.94 14.34 -34.13
O5 MAN MA . 0.54 17.39 -35.54
O6 MAN MA . 1.13 17.87 -32.89
C1 MAN MA . 0.90 15.34 -39.09
C2 MAN MA . 1.93 14.22 -39.29
C3 MAN MA . 3.33 14.74 -38.98
C4 MAN MA . 3.63 15.99 -39.79
C5 MAN MA . 2.53 17.03 -39.55
C6 MAN MA . 2.72 18.24 -40.45
O2 MAN MA . 1.82 13.81 -40.63
O3 MAN MA . 4.23 13.70 -39.26
O4 MAN MA . 4.90 16.45 -39.38
O5 MAN MA . 1.27 16.48 -39.85
O6 MAN MA . 2.57 17.85 -41.78
C1 NAG NA . 21.84 22.01 -50.86
C2 NAG NA . 20.87 22.60 -51.88
C3 NAG NA . 20.34 21.51 -52.79
C4 NAG NA . 21.50 20.74 -53.42
C5 NAG NA . 22.44 20.24 -52.31
C6 NAG NA . 23.67 19.52 -52.82
C7 NAG NA . 19.76 24.63 -51.02
C8 NAG NA . 18.56 25.14 -50.28
N2 NAG NA . 19.81 23.29 -51.20
O3 NAG NA . 19.52 22.10 -53.76
O4 NAG NA . 20.96 19.68 -54.17
O5 NAG NA . 22.87 21.34 -51.53
O6 NAG NA . 24.77 20.39 -52.81
O7 NAG NA . 20.63 25.40 -51.41
C1 NAG NA . 21.31 19.84 -55.55
C2 NAG NA . 21.40 18.46 -56.19
C3 NAG NA . 21.70 18.59 -57.68
C4 NAG NA . 20.67 19.50 -58.34
C5 NAG NA . 20.63 20.84 -57.58
C6 NAG NA . 19.61 21.83 -58.13
C7 NAG NA . 22.16 16.71 -54.61
C8 NAG NA . 23.38 16.02 -54.06
N2 NAG NA . 22.40 17.67 -55.54
O3 NAG NA . 21.70 17.31 -58.25
O4 NAG NA . 21.06 19.68 -59.67
O5 NAG NA . 20.33 20.60 -56.22
O6 NAG NA . 18.31 21.43 -57.73
O7 NAG NA . 21.03 16.42 -54.23
C1 NAG OA . 2.36 39.46 -38.49
C2 NAG OA . 1.64 38.51 -39.46
C3 NAG OA . 2.17 38.72 -40.86
C4 NAG OA . 2.01 40.19 -41.24
C5 NAG OA . 2.73 41.05 -40.20
C6 NAG OA . 2.63 42.54 -40.45
C7 NAG OA . 0.89 36.47 -38.30
C8 NAG OA . 1.27 35.05 -37.95
N2 NAG OA . 1.80 37.15 -39.01
O3 NAG OA . 1.46 37.88 -41.73
O4 NAG OA . 2.55 40.36 -42.53
O5 NAG OA . 2.17 40.79 -38.92
O6 NAG OA . 3.08 43.25 -39.32
O7 NAG OA . -0.19 36.94 -37.94
C1 NAG OA . 1.45 40.36 -43.46
C2 NAG OA . 1.91 40.97 -44.78
C3 NAG OA . 0.77 40.94 -45.79
C4 NAG OA . 0.17 39.54 -45.89
C5 NAG OA . -0.16 39.01 -44.50
C6 NAG OA . -0.72 37.60 -44.48
C7 NAG OA . 3.69 42.61 -44.29
C8 NAG OA . 3.98 44.07 -44.11
N2 NAG OA . 2.41 42.30 -44.58
O3 NAG OA . 1.26 41.41 -47.02
O4 NAG OA . -0.97 39.64 -46.71
O5 NAG OA . 1.00 39.05 -43.70
O6 NAG OA . -2.11 37.64 -44.31
O7 NAG OA . 4.57 41.78 -44.17
C1 NAG PA . 19.67 45.58 -25.70
C2 NAG PA . 19.58 44.39 -26.66
C3 NAG PA . 20.82 44.57 -27.52
C4 NAG PA . 20.90 45.98 -28.11
C5 NAG PA . 20.34 47.12 -27.22
C6 NAG PA . 19.94 48.35 -28.00
C7 NAG PA . 18.84 42.05 -26.40
C8 NAG PA . 18.97 40.81 -25.55
N2 NAG PA . 19.55 43.12 -25.99
O3 NAG PA . 20.81 43.59 -28.53
O4 NAG PA . 22.28 46.23 -28.28
O5 NAG PA . 19.25 46.70 -26.44
O6 NAG PA . 18.54 48.41 -28.13
O7 NAG PA . 18.11 42.08 -27.39
C1 NAG PA . 22.74 45.89 -29.59
C2 NAG PA . 23.81 46.92 -29.96
C3 NAG PA . 24.37 46.60 -31.34
C4 NAG PA . 24.90 45.17 -31.35
C5 NAG PA . 23.79 44.20 -30.90
C6 NAG PA . 24.24 42.77 -30.80
C7 NAG PA . 23.50 49.15 -28.93
C8 NAG PA . 22.81 50.48 -29.08
N2 NAG PA . 23.25 48.25 -29.91
O3 NAG PA . 25.38 47.53 -31.63
O4 NAG PA . 25.33 44.88 -32.65
O5 NAG PA . 23.30 44.60 -29.62
O6 NAG PA . 25.05 42.60 -29.66
O7 NAG PA . 24.23 48.91 -27.98
C1 NAG QA . 34.47 -21.14 21.15
C2 NAG QA . 33.50 -21.04 22.34
C3 NAG QA . 33.11 -22.46 22.77
C4 NAG QA . 32.61 -23.26 21.57
C5 NAG QA . 33.63 -23.19 20.43
C6 NAG QA . 33.21 -23.93 19.18
C7 NAG QA . 33.35 -19.76 24.44
C8 NAG QA . 34.16 -19.04 25.49
N2 NAG QA . 34.06 -20.31 23.43
O3 NAG QA . 32.14 -22.36 23.77
O4 NAG QA . 32.41 -24.59 22.02
O5 NAG QA . 33.84 -21.84 20.10
O6 NAG QA . 32.86 -25.26 19.51
O7 NAG QA . 32.14 -19.82 24.51
C1 NAG RA . 62.61 -14.95 5.94
C2 NAG RA . 63.37 -13.87 5.16
C3 NAG RA . 64.78 -14.37 4.85
C4 NAG RA . 65.47 -14.73 6.16
C5 NAG RA . 64.61 -15.74 6.93
C6 NAG RA . 65.21 -16.11 8.28
C7 NAG RA . 62.00 -12.35 3.79
C8 NAG RA . 61.32 -12.20 2.45
N2 NAG RA . 62.66 -13.51 3.97
O3 NAG RA . 65.45 -13.36 4.15
O4 NAG RA . 66.73 -15.28 5.82
O5 NAG RA . 63.31 -15.21 7.15
O6 NAG RA . 64.63 -17.31 8.75
O7 NAG RA . 61.93 -11.47 4.63
C1 NAG SA . 54.71 16.68 -8.99
C2 NAG SA . 55.22 17.47 -7.77
C3 NAG SA . 54.53 18.83 -7.70
C4 NAG SA . 54.69 19.56 -9.02
C5 NAG SA . 54.20 18.67 -10.16
C6 NAG SA . 54.35 19.30 -11.54
C7 NAG SA . 55.98 16.17 -5.81
C8 NAG SA . 55.51 15.45 -4.57
N2 NAG SA . 55.01 16.74 -6.55
O3 NAG SA . 55.09 19.54 -6.63
O4 NAG SA . 53.96 20.76 -8.93
O5 NAG SA . 54.91 17.45 -10.15
O6 NAG SA . 55.70 19.56 -11.79
O7 NAG SA . 57.16 16.22 -6.10
C1 NAG TA . 42.43 -14.10 -22.47
C2 NAG TA . 41.95 -15.50 -22.07
C3 NAG TA . 42.79 -16.03 -20.91
C4 NAG TA . 44.27 -15.97 -21.26
C5 NAG TA . 44.63 -14.54 -21.68
C6 NAG TA . 46.07 -14.37 -22.09
C7 NAG TA . 39.56 -15.89 -22.53
C8 NAG TA . 38.17 -15.78 -21.94
N2 NAG TA . 40.55 -15.49 -21.72
O3 NAG TA . 42.38 -17.36 -20.63
O4 NAG TA . 45.00 -16.38 -20.12
O5 NAG TA . 43.81 -14.15 -22.77
O6 NAG TA . 46.14 -13.93 -23.42
O7 NAG TA . 39.73 -16.32 -23.66
C1 NAG UA . 50.14 -24.07 28.29
C2 NAG UA . 48.92 -24.52 29.13
C3 NAG UA . 48.44 -23.36 29.99
C4 NAG UA . 49.61 -22.87 30.83
C5 NAG UA . 50.79 -22.53 29.91
C6 NAG UA . 51.98 -21.97 30.65
C7 NAG UA . 47.30 -26.24 28.43
C8 NAG UA . 46.22 -26.57 27.42
N2 NAG UA . 47.87 -25.04 28.29
O3 NAG UA . 47.37 -23.81 30.78
O4 NAG UA . 49.16 -21.74 31.54
O5 NAG UA . 51.18 -23.69 29.18
O6 NAG UA . 51.60 -20.78 31.30
O7 NAG UA . 47.61 -27.05 29.29
C1 NAG VA . 61.58 -4.56 -21.55
C2 NAG VA . 62.19 -5.41 -22.67
C3 NAG VA . 61.98 -6.89 -22.33
C4 NAG VA . 62.57 -7.19 -20.96
C5 NAG VA . 61.94 -6.25 -19.93
C6 NAG VA . 62.48 -6.43 -18.53
C7 NAG VA . 62.02 -4.29 -24.93
C8 NAG VA . 63.35 -3.59 -24.74
N2 NAG VA . 61.57 -5.10 -23.94
O3 NAG VA . 62.58 -7.64 -23.35
O4 NAG VA . 62.29 -8.55 -20.68
O5 NAG VA . 62.18 -4.91 -20.32
O6 NAG VA . 63.76 -5.86 -18.44
O7 NAG VA . 61.38 -4.12 -25.96
C1 NAG WA . -24.33 -20.41 -27.45
C2 NAG WA . -25.83 -20.08 -27.43
C3 NAG WA . -26.30 -19.54 -28.79
C4 NAG WA . -25.39 -18.40 -29.22
C5 NAG WA . -23.94 -18.89 -29.24
C6 NAG WA . -22.95 -17.86 -29.69
C7 NAG WA . -27.39 -21.31 -25.96
C8 NAG WA . -28.09 -22.64 -25.77
N2 NAG WA . -26.61 -21.23 -27.05
O3 NAG WA . -27.63 -19.15 -28.66
O4 NAG WA . -25.82 -17.98 -30.50
O5 NAG WA . -23.60 -19.32 -27.94
O6 NAG WA . -23.54 -16.99 -30.63
O7 NAG WA . -27.54 -20.40 -25.16
C1 NAG XA . -5.55 -32.34 -52.79
C2 NAG XA . -4.20 -32.95 -53.19
C3 NAG XA . -4.23 -33.31 -54.67
C4 NAG XA . -5.42 -34.22 -54.95
C5 NAG XA . -6.72 -33.59 -54.41
C6 NAG XA . -7.93 -34.48 -54.58
C7 NAG XA . -2.37 -32.14 -51.77
C8 NAG XA . -1.30 -31.10 -51.63
N2 NAG XA . -3.13 -32.06 -52.88
O3 NAG XA . -3.01 -33.91 -55.00
O4 NAG XA . -5.48 -34.41 -56.34
O5 NAG XA . -6.56 -33.28 -53.03
O6 NAG XA . -8.90 -33.81 -55.37
O7 NAG XA . -2.52 -33.00 -50.90
C1 NAG YA . 26.36 -35.93 -35.93
C2 NAG YA . 26.05 -37.40 -35.63
C3 NAG YA . 26.87 -37.86 -34.43
C4 NAG YA . 28.34 -37.59 -34.66
C5 NAG YA . 28.54 -36.11 -35.01
C6 NAG YA . 29.98 -35.74 -35.31
C7 NAG YA . 23.81 -38.25 -36.24
C8 NAG YA . 22.38 -38.33 -35.78
N2 NAG YA . 24.65 -37.60 -35.41
O3 NAG YA . 26.61 -39.23 -34.23
O4 NAG YA . 29.04 -37.94 -33.48
O5 NAG YA . 27.75 -35.79 -36.14
O6 NAG YA . 30.45 -36.52 -36.39
O7 NAG YA . 24.16 -38.73 -37.31
C1 NAG ZA . 12.79 -3.98 -46.06
C2 NAG ZA . 11.51 -3.17 -46.29
C3 NAG ZA . 10.42 -4.06 -46.86
C4 NAG ZA . 10.92 -4.79 -48.10
C5 NAG ZA . 12.19 -5.55 -47.74
C6 NAG ZA . 12.81 -6.30 -48.90
C7 NAG ZA . 11.41 -1.30 -44.68
C8 NAG ZA . 10.85 -0.87 -43.34
N2 NAG ZA . 11.09 -2.55 -45.06
O3 NAG ZA . 9.30 -3.25 -47.13
O4 NAG ZA . 9.89 -5.64 -48.54
O5 NAG ZA . 13.16 -4.65 -47.24
O6 NAG ZA . 13.64 -5.42 -49.64
O7 NAG ZA . 12.10 -0.56 -45.35
C1 NAG AB . -29.14 -33.58 -39.62
C2 NAG AB . -30.36 -33.02 -38.88
C3 NAG AB . -30.60 -33.74 -37.56
C4 NAG AB . -30.67 -35.24 -37.84
C5 NAG AB . -29.39 -35.66 -38.57
C6 NAG AB . -29.27 -37.15 -38.80
C7 NAG AB . -30.89 -30.66 -39.39
C8 NAG AB . -30.51 -29.24 -39.09
N2 NAG AB . -30.18 -31.60 -38.74
O3 NAG AB . -31.79 -33.24 -37.01
O4 NAG AB . -30.81 -35.89 -36.60
O5 NAG AB . -29.31 -34.96 -39.81
O6 NAG AB . -28.96 -37.78 -37.57
O7 NAG AB . -31.78 -30.92 -40.19
C1 NAG BB . 21.16 -20.84 -56.38
C2 NAG BB . 21.40 -20.02 -57.66
C3 NAG BB . 20.12 -19.27 -58.03
C4 NAG BB . 18.96 -20.26 -58.14
C5 NAG BB . 18.84 -21.06 -56.84
C6 NAG BB . 17.75 -22.09 -56.85
C7 NAG BB . 23.77 -19.17 -57.88
C8 NAG BB . 24.21 -20.39 -58.64
N2 NAG BB . 22.49 -19.08 -57.47
O3 NAG BB . 20.35 -18.58 -59.22
O4 NAG BB . 17.80 -19.51 -58.40
O5 NAG BB . 20.07 -21.71 -56.59
O6 NAG BB . 18.14 -23.19 -57.64
O7 NAG BB . 24.58 -18.29 -57.64
C1 NAG CB . 0.84 39.23 1.29
C2 NAG CB . 0.10 40.12 2.31
C3 NAG CB . 0.96 41.29 2.78
C4 NAG CB . 2.33 40.80 3.20
C5 NAG CB . 2.95 40.08 2.01
C6 NAG CB . 4.38 39.63 2.24
C7 NAG CB . -2.36 40.22 2.15
C8 NAG CB . -3.52 40.87 1.42
N2 NAG CB . -1.13 40.60 1.76
O3 NAG CB . 0.27 41.92 3.84
O4 NAG CB . 3.08 41.92 3.62
O5 NAG CB . 2.15 38.96 1.71
O6 NAG CB . 4.62 39.52 3.63
O7 NAG CB . -2.56 39.40 3.04
C1 NAG DB . 12.38 51.41 -27.95
C2 NAG DB . 12.37 51.13 -29.46
C3 NAG DB . 13.02 52.29 -30.19
C4 NAG DB . 12.30 53.58 -29.82
C5 NAG DB . 12.25 53.74 -28.30
C6 NAG DB . 11.50 54.97 -27.86
C7 NAG DB . 12.37 48.73 -30.00
C8 NAG DB . 13.25 47.54 -30.28
N2 NAG DB . 13.02 49.88 -29.74
O3 NAG DB . 12.98 52.02 -31.56
O4 NAG DB . 13.00 54.64 -30.44
O5 NAG DB . 11.66 52.60 -27.71
O6 NAG DB . 11.66 55.17 -26.47
O7 NAG DB . 11.15 48.63 -30.04
C1 NAG EB . 4.23 23.52 -49.28
C2 NAG EB . 2.85 24.10 -49.63
C3 NAG EB . 1.90 22.98 -50.04
C4 NAG EB . 2.51 22.16 -51.16
C5 NAG EB . 3.89 21.66 -50.74
C6 NAG EB . 4.60 20.86 -51.81
C7 NAG EB . 2.15 26.19 -48.52
C8 NAG EB . 1.55 26.75 -47.25
N2 NAG EB . 2.31 24.86 -48.54
O3 NAG EB . 0.67 23.55 -50.40
O4 NAG EB . 1.63 21.08 -51.42
O5 NAG EB . 4.70 22.78 -50.39
O6 NAG EB . 5.04 21.72 -52.83
O7 NAG EB . 2.46 26.92 -49.45
C1 NAG FB . 32.41 23.19 -26.80
C2 NAG FB . 32.89 23.61 -25.41
C3 NAG FB . 32.37 25.01 -25.08
C4 NAG FB . 32.75 25.98 -26.20
C5 NAG FB . 32.26 25.43 -27.54
C6 NAG FB . 32.62 26.30 -28.73
C7 NAG FB . 33.24 21.72 -23.85
C8 NAG FB . 32.55 20.84 -22.83
N2 NAG FB . 32.46 22.67 -24.41
O3 NAG FB . 32.90 25.39 -23.84
O4 NAG FB . 32.16 27.23 -25.90
O5 NAG FB . 32.82 24.14 -27.74
O6 NAG FB . 33.42 25.58 -29.62
O7 NAG FB . 34.41 21.56 -24.13
C1 NAG GB . -1.56 56.44 -5.58
C2 NAG GB . -1.46 56.31 -4.03
C3 NAG GB . -2.80 55.83 -3.45
C4 NAG GB . -3.97 56.68 -3.90
C5 NAG GB . -3.99 56.69 -5.43
C6 NAG GB . -5.07 57.58 -5.99
C7 NAG GB . 0.14 55.39 -2.40
C8 NAG GB . 1.11 54.26 -2.14
N2 NAG GB . -0.50 55.33 -3.58
O3 NAG GB . -2.70 55.82 -2.05
O4 NAG GB . -5.13 56.11 -3.37
O5 NAG GB . -2.74 57.15 -5.90
O6 NAG GB . -5.28 57.30 -7.35
O7 NAG GB . -0.03 56.28 -1.58
C1 NAG HB . 27.72 33.25 -45.12
C2 NAG HB . 29.20 33.59 -45.38
C3 NAG HB . 29.79 34.24 -44.13
C4 NAG HB . 28.95 35.44 -43.72
C5 NAG HB . 27.49 35.01 -43.55
C6 NAG HB . 26.56 36.14 -43.19
C7 NAG HB . 30.30 31.95 -46.96
C8 NAG HB . 29.89 32.75 -48.17
N2 NAG HB . 29.94 32.40 -45.73
O3 NAG HB . 31.12 34.58 -44.41
O4 NAG HB . 29.49 35.93 -42.52
O5 NAG HB . 27.03 34.42 -44.75
O6 NAG HB . 26.34 36.95 -44.31
O7 NAG HB . 30.94 30.92 -47.09
#